data_2J6L
#
_entry.id   2J6L
#
_cell.length_a   155.289
_cell.length_b   162.326
_cell.length_c   159.016
_cell.angle_alpha   90.00
_cell.angle_beta   94.17
_cell.angle_gamma   90.00
#
_symmetry.space_group_name_H-M   'C 1 2 1'
#
loop_
_entity.id
_entity.type
_entity.pdbx_description
1 polymer 'ALDEHYDE DEHYDROGENASE FAMILY 7 MEMBER A1'
2 non-polymer '1,4-DIHYDRONICOTINAMIDE ADENINE DINUCLEOTIDE'
3 non-polymer 'BROMIDE ION'
4 non-polymer 'SODIUM ION'
5 water water
#
_entity_poly.entity_id   1
_entity_poly.type   'polypeptide(L)'
_entity_poly.pdbx_seq_one_letter_code
;SMSTLLINQPQYAWLKELGLREENEGVYNGSWGGRGEVITTYCPANNEPIARVRQASVADYEETVKKAREAWKIWADIPA
PKRGEIVRQIGDALREKIQVLGSLVSLEMGKILVEGVGEVQEYVDICDYAVGLSRMIGGPILPSERSGHALIEQWNPVGL
VGIITAFNFPVAVYGWNNAIAMICGNVCLWKGAPTTSLISVAVTKIIAKVLEDNKLPGAICSLTCGGADIGTAMAKDERV
NLLSFTGSTQVGKQVGLMVQERFGRSLLELGGNNAIIAFEDADLSLVVPSALFAAVGTAGQRCTTARRLFIHESIHDEVV
NRLKKAYAQIRVGNPWDPNVLYGPLHTKQAVSMFLGAVEEAKKEGGTVVYGGKVMDRPGNYVEPTIVTGLGHDASIAHTE
TFAPILYVFKFQNEEEVFAWNNEVKQGLSSSIFTKDLGRIFRWLGPKGSDCGIVNVNIPTSGAEIGGAFGGEKHTGGGRE
SGSDAWKQYMRRSTCTINYS
;
_entity_poly.pdbx_strand_id   A,B,C,D,E,F,G,H
#
# COMPACT_ATOMS: atom_id res chain seq x y z
N THR A 4 -6.96 20.60 40.48
CA THR A 4 -6.97 21.98 39.92
C THR A 4 -5.83 22.19 38.89
N LEU A 5 -6.10 23.05 37.92
CA LEU A 5 -5.14 23.32 36.87
C LEU A 5 -3.93 24.05 37.41
N LEU A 6 -2.74 23.56 37.04
CA LEU A 6 -1.52 24.26 37.47
C LEU A 6 -1.54 25.75 37.11
N ILE A 7 -2.08 26.13 35.95
CA ILE A 7 -2.09 27.54 35.53
C ILE A 7 -2.91 28.42 36.47
N ASN A 8 -3.80 27.82 37.25
CA ASN A 8 -4.64 28.53 38.22
C ASN A 8 -4.01 28.64 39.61
N GLN A 9 -2.83 28.04 39.80
CA GLN A 9 -2.11 28.13 41.07
C GLN A 9 -1.10 29.29 41.02
N PRO A 10 -0.97 30.06 42.14
CA PRO A 10 -0.07 31.23 42.13
C PRO A 10 1.36 30.99 41.74
N GLN A 11 1.95 29.83 42.05
CA GLN A 11 3.36 29.61 41.68
C GLN A 11 3.59 29.36 40.17
N TYR A 12 2.49 29.24 39.41
CA TYR A 12 2.54 29.09 37.94
C TYR A 12 2.08 30.33 37.19
N ALA A 13 2.00 31.45 37.89
CA ALA A 13 1.45 32.66 37.31
C ALA A 13 2.35 33.11 36.15
N TRP A 14 3.59 32.65 36.11
CA TRP A 14 4.48 32.99 34.99
C TRP A 14 3.99 32.47 33.63
N LEU A 15 3.10 31.49 33.64
CA LEU A 15 2.51 30.99 32.39
C LEU A 15 1.75 32.11 31.66
N LYS A 16 1.21 33.04 32.43
CA LYS A 16 0.46 34.12 31.86
C LYS A 16 1.36 35.11 31.11
N GLU A 17 2.66 35.07 31.36
CA GLU A 17 3.61 35.87 30.55
C GLU A 17 3.68 35.43 29.10
N LEU A 18 3.20 34.22 28.83
CA LEU A 18 3.11 33.69 27.49
C LEU A 18 1.69 33.84 26.93
N GLY A 19 0.83 34.53 27.67
CA GLY A 19 -0.52 34.79 27.24
C GLY A 19 -1.46 33.62 27.38
N LEU A 20 -1.03 32.61 28.14
CA LEU A 20 -1.81 31.41 28.34
C LEU A 20 -2.84 31.67 29.43
N ARG A 21 -4.00 31.04 29.25
CA ARG A 21 -5.10 31.07 30.22
C ARG A 21 -5.53 29.63 30.52
N GLU A 22 -6.55 29.48 31.35
CA GLU A 22 -6.99 28.12 31.69
C GLU A 22 -7.48 27.34 30.44
N GLU A 23 -8.12 28.00 29.50
CA GLU A 23 -8.49 27.35 28.24
C GLU A 23 -8.12 28.26 27.08
N ASN A 24 -7.40 27.69 26.11
CA ASN A 24 -6.75 28.44 25.06
C ASN A 24 -7.19 28.03 23.68
N GLU A 25 -7.31 29.00 22.79
CA GLU A 25 -7.59 28.72 21.37
C GLU A 25 -6.38 28.02 20.75
N GLY A 26 -6.66 26.92 20.06
CA GLY A 26 -5.67 26.10 19.41
C GLY A 26 -5.64 26.23 17.88
N VAL A 27 -6.40 27.19 17.35
CA VAL A 27 -6.42 27.46 15.92
C VAL A 27 -6.10 28.94 15.75
N TYR A 28 -5.11 29.24 14.90
CA TYR A 28 -4.80 30.59 14.53
C TYR A 28 -4.62 30.66 13.03
N ASN A 29 -5.27 31.65 12.43
CA ASN A 29 -5.20 31.89 11.01
C ASN A 29 -5.38 33.39 10.67
N GLY A 30 -4.99 34.23 11.61
CA GLY A 30 -5.35 35.64 11.59
C GLY A 30 -6.36 35.93 12.69
N SER A 31 -7.20 34.93 12.95
CA SER A 31 -8.15 34.94 14.06
C SER A 31 -7.88 33.69 14.87
N TRP A 32 -8.24 33.72 16.15
CA TRP A 32 -8.06 32.59 17.06
C TRP A 32 -9.39 31.89 17.30
N GLY A 33 -9.34 30.56 17.34
CA GLY A 33 -10.52 29.74 17.63
C GLY A 33 -10.16 28.30 17.92
N GLY A 34 -11.08 27.41 17.55
CA GLY A 34 -10.93 25.96 17.76
C GLY A 34 -12.28 25.41 18.24
N ARG A 35 -12.93 24.69 17.33
CA ARG A 35 -14.25 24.09 17.59
C ARG A 35 -14.18 22.58 17.75
N GLY A 36 -12.96 22.05 17.75
CA GLY A 36 -12.77 20.62 17.93
C GLY A 36 -12.73 20.23 19.39
N GLU A 37 -12.21 19.06 19.69
CA GLU A 37 -12.17 18.58 21.05
C GLU A 37 -11.23 19.42 21.89
N VAL A 38 -11.59 19.63 23.15
CA VAL A 38 -10.74 20.34 24.11
C VAL A 38 -9.80 19.33 24.75
N ILE A 39 -8.51 19.57 24.60
CA ILE A 39 -7.51 18.69 25.21
C ILE A 39 -6.96 19.37 26.46
N THR A 40 -6.73 18.57 27.50
CA THR A 40 -6.00 19.04 28.63
C THR A 40 -4.61 18.44 28.54
N THR A 41 -3.57 19.27 28.72
CA THR A 41 -2.22 18.71 28.78
C THR A 41 -1.73 18.64 30.23
N TYR A 42 -0.84 17.67 30.47
CA TYR A 42 -0.41 17.29 31.81
C TYR A 42 1.09 17.43 31.93
N CYS A 43 1.56 17.81 33.11
CA CYS A 43 2.99 17.86 33.40
C CYS A 43 3.47 16.42 33.63
N PRO A 44 4.45 15.94 32.83
CA PRO A 44 4.93 14.58 33.03
C PRO A 44 5.70 14.30 34.29
N ALA A 45 6.12 15.34 35.01
CA ALA A 45 6.85 15.16 36.28
C ALA A 45 5.96 14.80 37.45
N ASN A 46 4.66 15.02 37.29
CA ASN A 46 3.69 14.83 38.37
C ASN A 46 2.27 14.47 37.95
N ASN A 47 2.04 14.35 36.63
CA ASN A 47 0.72 13.98 36.07
C ASN A 47 -0.41 14.93 36.48
N GLU A 48 -0.05 16.17 36.81
CA GLU A 48 -1.03 17.23 37.06
C GLU A 48 -1.42 17.98 35.80
N PRO A 49 -2.71 18.34 35.67
CA PRO A 49 -3.17 19.10 34.51
C PRO A 49 -2.65 20.56 34.54
N ILE A 50 -2.19 21.05 33.39
CA ILE A 50 -1.60 22.37 33.29
C ILE A 50 -2.67 23.38 32.86
N ALA A 51 -3.24 23.14 31.69
CA ALA A 51 -4.27 24.01 31.13
C ALA A 51 -4.85 23.27 29.91
N ARG A 52 -5.81 23.88 29.22
CA ARG A 52 -6.54 23.24 28.16
C ARG A 52 -6.39 23.99 26.82
N VAL A 53 -6.56 23.26 25.71
CA VAL A 53 -6.44 23.86 24.37
C VAL A 53 -7.60 23.35 23.55
N ARG A 54 -8.31 24.28 22.90
CA ARG A 54 -9.40 23.96 21.99
C ARG A 54 -8.82 23.62 20.62
N GLN A 55 -8.90 22.35 20.23
CA GLN A 55 -8.31 21.89 18.98
C GLN A 55 -9.13 22.26 17.76
N ALA A 56 -8.59 21.95 16.59
CA ALA A 56 -9.20 22.23 15.30
C ALA A 56 -10.24 21.19 14.91
N SER A 57 -11.44 21.64 14.55
CA SER A 57 -12.40 20.79 13.83
C SER A 57 -11.99 20.75 12.35
N VAL A 58 -12.64 19.85 11.60
CA VAL A 58 -12.51 19.83 10.16
C VAL A 58 -12.81 21.18 9.52
N ALA A 59 -13.88 21.85 9.97
CA ALA A 59 -14.22 23.16 9.44
C ALA A 59 -13.13 24.21 9.70
N ASP A 60 -12.55 24.16 10.91
CA ASP A 60 -11.43 25.02 11.27
C ASP A 60 -10.25 24.79 10.34
N TYR A 61 -9.97 23.52 10.06
CA TYR A 61 -8.83 23.16 9.22
C TYR A 61 -9.05 23.73 7.81
N GLU A 62 -10.24 23.46 7.28
CA GLU A 62 -10.59 23.92 5.93
C GLU A 62 -10.49 25.43 5.81
N GLU A 63 -11.04 26.15 6.78
CA GLU A 63 -11.00 27.62 6.77
C GLU A 63 -9.57 28.12 6.85
N THR A 64 -8.77 27.47 7.68
CA THR A 64 -7.40 27.85 7.85
C THR A 64 -6.56 27.67 6.58
N VAL A 65 -6.65 26.50 5.94
CA VAL A 65 -5.93 26.25 4.68
C VAL A 65 -6.33 27.32 3.63
N LYS A 66 -7.62 27.60 3.52
CA LYS A 66 -8.09 28.63 2.59
C LYS A 66 -7.48 30.00 2.91
N LYS A 67 -7.47 30.35 4.20
CA LYS A 67 -6.90 31.65 4.58
C LYS A 67 -5.40 31.72 4.37
N ALA A 68 -4.72 30.61 4.60
CA ALA A 68 -3.29 30.53 4.39
C ALA A 68 -2.98 30.71 2.90
N ARG A 69 -3.72 30.03 2.02
CA ARG A 69 -3.47 30.21 0.59
C ARG A 69 -3.77 31.64 0.09
N GLU A 70 -4.76 32.32 0.65
CA GLU A 70 -5.03 33.71 0.35
C GLU A 70 -3.86 34.57 0.84
N ALA A 71 -3.38 34.30 2.05
CA ALA A 71 -2.24 35.05 2.60
C ALA A 71 -1.01 34.90 1.71
N TRP A 72 -0.83 33.71 1.13
CA TRP A 72 0.34 33.45 0.29
C TRP A 72 0.45 34.41 -0.90
N LYS A 73 -0.71 34.81 -1.42
CA LYS A 73 -0.73 35.75 -2.54
C LYS A 73 0.05 37.03 -2.20
N ILE A 74 -0.14 37.49 -0.97
CA ILE A 74 0.50 38.68 -0.46
C ILE A 74 1.97 38.41 -0.15
N TRP A 75 2.19 37.33 0.59
CA TRP A 75 3.51 37.02 1.17
C TRP A 75 4.54 36.77 0.05
N ALA A 76 4.15 35.98 -0.95
CA ALA A 76 5.07 35.64 -2.04
C ALA A 76 5.47 36.87 -2.87
N ASP A 77 4.71 37.94 -2.79
CA ASP A 77 5.05 39.18 -3.49
C ASP A 77 6.00 40.08 -2.70
N ILE A 78 6.28 39.74 -1.43
CA ILE A 78 7.23 40.49 -0.61
C ILE A 78 8.64 40.01 -0.91
N PRO A 79 9.55 40.93 -1.28
CA PRO A 79 10.93 40.53 -1.57
C PRO A 79 11.52 39.68 -0.46
N ALA A 80 12.30 38.67 -0.83
CA ALA A 80 12.89 37.75 0.17
C ALA A 80 13.60 38.52 1.30
N PRO A 81 14.42 39.53 0.99
CA PRO A 81 15.07 40.25 2.10
C PRO A 81 14.07 40.89 3.08
N LYS A 82 12.92 41.36 2.58
CA LYS A 82 11.89 41.93 3.45
C LYS A 82 11.18 40.82 4.25
N ARG A 83 11.08 39.63 3.68
CA ARG A 83 10.61 38.49 4.47
C ARG A 83 11.62 38.19 5.57
N GLY A 84 12.91 38.29 5.24
CA GLY A 84 13.96 38.11 6.22
C GLY A 84 13.86 39.07 7.40
N GLU A 85 13.43 40.29 7.12
CA GLU A 85 13.20 41.29 8.15
C GLU A 85 12.12 40.86 9.14
N ILE A 86 11.06 40.23 8.65
CA ILE A 86 10.02 39.65 9.51
C ILE A 86 10.59 38.54 10.39
N VAL A 87 11.38 37.67 9.78
CA VAL A 87 12.05 36.59 10.52
C VAL A 87 13.04 37.14 11.58
N ARG A 88 13.74 38.22 11.26
CA ARG A 88 14.59 38.88 12.25
C ARG A 88 13.75 39.29 13.47
N GLN A 89 12.61 39.92 13.21
CA GLN A 89 11.72 40.30 14.29
C GLN A 89 11.15 39.11 15.07
N ILE A 90 10.86 38.00 14.40
CA ILE A 90 10.44 36.80 15.13
C ILE A 90 11.56 36.34 16.07
N GLY A 91 12.81 36.38 15.60
CA GLY A 91 13.94 35.97 16.44
C GLY A 91 14.06 36.86 17.68
N ASP A 92 13.93 38.18 17.52
CA ASP A 92 13.97 39.05 18.68
C ASP A 92 12.79 38.83 19.63
N ALA A 93 11.60 38.61 19.10
CA ALA A 93 10.45 38.32 19.94
C ALA A 93 10.63 37.04 20.76
N LEU A 94 11.23 36.02 20.16
CA LEU A 94 11.58 34.78 20.87
C LEU A 94 12.62 35.05 21.96
N ARG A 95 13.63 35.84 21.65
CA ARG A 95 14.64 36.27 22.66
C ARG A 95 14.01 36.87 23.89
N GLU A 96 13.00 37.73 23.72
CA GLU A 96 12.35 38.39 24.87
C GLU A 96 11.68 37.38 25.81
N LYS A 97 11.29 36.22 25.30
CA LYS A 97 10.51 35.24 26.02
C LYS A 97 11.25 33.96 26.28
N ILE A 98 12.57 33.99 26.09
CA ILE A 98 13.35 32.75 26.13
C ILE A 98 13.23 31.99 27.45
N GLN A 99 13.32 32.68 28.58
CA GLN A 99 13.26 32.00 29.85
C GLN A 99 11.90 31.39 30.14
N VAL A 100 10.83 32.16 29.96
CA VAL A 100 9.49 31.62 30.25
C VAL A 100 9.06 30.55 29.23
N LEU A 101 9.37 30.74 27.96
CA LEU A 101 9.06 29.69 26.98
C LEU A 101 9.85 28.41 27.29
N GLY A 102 11.14 28.57 27.61
CA GLY A 102 11.94 27.42 28.02
C GLY A 102 11.37 26.68 29.23
N SER A 103 10.89 27.47 30.20
CA SER A 103 10.17 26.93 31.37
C SER A 103 8.91 26.13 31.00
N LEU A 104 8.16 26.60 30.02
CA LEU A 104 7.01 25.87 29.54
C LEU A 104 7.38 24.55 28.88
N VAL A 105 8.47 24.57 28.10
CA VAL A 105 8.97 23.35 27.50
C VAL A 105 9.32 22.34 28.62
N SER A 106 9.99 22.79 29.67
CA SER A 106 10.30 21.88 30.80
C SER A 106 9.05 21.34 31.49
N LEU A 107 8.04 22.19 31.65
CA LEU A 107 6.81 21.81 32.33
C LEU A 107 5.94 20.85 31.52
N GLU A 108 5.67 21.19 30.26
CA GLU A 108 4.73 20.42 29.46
C GLU A 108 5.39 19.23 28.78
N MET A 109 6.62 19.41 28.33
CA MET A 109 7.34 18.35 27.65
C MET A 109 8.15 17.48 28.62
N GLY A 110 8.88 18.11 29.55
CA GLY A 110 9.57 17.39 30.63
C GLY A 110 11.09 17.34 30.58
N LYS A 111 11.72 17.99 29.58
CA LYS A 111 13.17 18.07 29.53
C LYS A 111 13.66 19.14 30.50
N ILE A 112 14.91 19.02 30.90
CA ILE A 112 15.46 19.92 31.92
C ILE A 112 15.52 21.38 31.40
N LEU A 113 15.63 22.29 32.33
CA LEU A 113 15.50 23.70 31.99
C LEU A 113 16.55 24.18 31.00
N VAL A 114 17.82 23.81 31.16
CA VAL A 114 18.84 24.26 30.18
C VAL A 114 18.49 23.81 28.75
N GLU A 115 17.87 22.63 28.61
CA GLU A 115 17.48 22.15 27.28
C GLU A 115 16.23 22.84 26.74
N GLY A 116 15.30 23.16 27.62
CA GLY A 116 14.15 23.99 27.21
C GLY A 116 14.56 25.35 26.67
N VAL A 117 15.42 26.02 27.43
CA VAL A 117 15.93 27.32 27.03
C VAL A 117 16.79 27.15 25.77
N GLY A 118 17.64 26.12 25.76
CA GLY A 118 18.45 25.84 24.57
C GLY A 118 17.65 25.63 23.29
N GLU A 119 16.49 25.00 23.45
CA GLU A 119 15.63 24.75 22.30
C GLU A 119 15.10 26.06 21.70
N VAL A 120 14.69 26.97 22.57
CA VAL A 120 14.22 28.25 22.13
C VAL A 120 15.40 28.97 21.48
N GLN A 121 16.62 28.82 22.04
CA GLN A 121 17.79 29.52 21.48
C GLN A 121 18.09 29.02 20.07
N GLU A 122 17.83 27.73 19.84
CA GLU A 122 17.98 27.15 18.49
C GLU A 122 17.08 27.86 17.47
N TYR A 123 15.84 28.11 17.85
CA TYR A 123 14.91 28.87 16.97
C TYR A 123 15.42 30.29 16.76
N VAL A 124 15.81 30.94 17.84
CA VAL A 124 16.39 32.27 17.67
C VAL A 124 17.56 32.24 16.68
N ASP A 125 18.45 31.26 16.84
CA ASP A 125 19.67 31.19 16.03
C ASP A 125 19.36 30.92 14.54
N ILE A 126 18.43 30.00 14.25
CA ILE A 126 17.99 29.78 12.84
C ILE A 126 17.30 31.03 12.26
N CYS A 127 16.55 31.79 13.07
CA CYS A 127 16.05 33.08 12.59
C CYS A 127 17.20 33.98 12.18
N ASP A 128 18.25 34.06 13.01
CA ASP A 128 19.36 34.99 12.75
C ASP A 128 20.07 34.57 11.47
N TYR A 129 20.23 33.26 11.26
CA TYR A 129 20.85 32.68 10.07
C TYR A 129 20.03 32.96 8.83
N ALA A 130 18.72 32.83 8.98
CA ALA A 130 17.79 33.00 7.86
C ALA A 130 17.72 34.45 7.32
N VAL A 131 17.98 35.43 8.20
CA VAL A 131 17.99 36.83 7.75
C VAL A 131 19.03 37.01 6.65
N GLY A 132 20.20 36.45 6.88
CA GLY A 132 21.26 36.51 5.86
C GLY A 132 20.92 35.68 4.61
N LEU A 133 20.39 34.50 4.84
CA LEU A 133 20.08 33.59 3.75
C LEU A 133 19.01 34.20 2.82
N SER A 134 18.14 35.08 3.35
CA SER A 134 17.09 35.74 2.56
C SER A 134 17.63 36.66 1.50
N ARG A 135 18.91 36.99 1.59
CA ARG A 135 19.61 37.81 0.57
C ARG A 135 20.48 36.97 -0.35
N MET A 136 20.42 35.63 -0.19
CA MET A 136 21.30 34.72 -0.88
C MET A 136 20.58 33.69 -1.76
N ILE A 137 19.39 33.26 -1.34
CA ILE A 137 18.71 32.15 -1.95
C ILE A 137 18.51 32.40 -3.44
N GLY A 138 18.76 31.36 -4.24
CA GLY A 138 18.60 31.48 -5.69
C GLY A 138 19.48 30.49 -6.38
N GLY A 139 19.57 30.64 -7.69
CA GLY A 139 20.34 29.74 -8.51
C GLY A 139 21.22 30.45 -9.48
N PRO A 140 22.01 29.67 -10.23
CA PRO A 140 22.97 30.30 -11.13
C PRO A 140 22.35 30.85 -12.42
N ILE A 141 22.98 31.87 -12.93
CA ILE A 141 22.88 32.22 -14.36
C ILE A 141 23.97 31.46 -15.10
N LEU A 142 23.55 30.66 -16.08
CA LEU A 142 24.35 29.62 -16.70
C LEU A 142 24.67 30.05 -18.13
N PRO A 143 25.79 29.59 -18.67
CA PRO A 143 26.14 30.00 -20.03
C PRO A 143 25.43 29.10 -21.03
N SER A 144 24.50 29.65 -21.79
CA SER A 144 23.77 28.91 -22.78
C SER A 144 24.67 28.53 -23.94
N GLU A 145 24.44 27.34 -24.47
CA GLU A 145 25.12 26.92 -25.71
C GLU A 145 24.54 27.65 -26.95
N ARG A 146 23.42 28.37 -26.75
CA ARG A 146 22.70 29.05 -27.83
C ARG A 146 23.09 30.53 -27.85
N SER A 147 23.64 31.00 -28.96
CA SER A 147 23.86 32.43 -29.14
C SER A 147 22.56 33.20 -28.97
N GLY A 148 22.66 34.35 -28.29
CA GLY A 148 21.53 35.23 -28.09
C GLY A 148 20.46 34.70 -27.15
N HIS A 149 20.83 33.74 -26.30
CA HIS A 149 19.92 33.22 -25.30
C HIS A 149 20.58 33.28 -23.95
N ALA A 150 19.76 33.52 -22.94
CA ALA A 150 20.14 33.44 -21.54
C ALA A 150 19.55 32.16 -20.94
N LEU A 151 20.21 31.62 -19.92
CA LEU A 151 19.80 30.40 -19.26
C LEU A 151 19.93 30.68 -17.77
N ILE A 152 18.79 30.60 -17.07
CA ILE A 152 18.75 30.95 -15.67
C ILE A 152 18.03 29.87 -14.89
N GLU A 153 18.58 29.55 -13.71
CA GLU A 153 17.91 28.69 -12.77
C GLU A 153 17.22 29.57 -11.73
N GLN A 154 15.88 29.55 -11.71
CA GLN A 154 15.08 30.31 -10.76
C GLN A 154 14.53 29.37 -9.69
N TRP A 155 14.34 29.94 -8.49
CA TRP A 155 13.72 29.25 -7.39
C TRP A 155 12.55 30.11 -6.88
N ASN A 156 11.41 29.47 -6.71
CA ASN A 156 10.20 30.13 -6.24
C ASN A 156 9.59 29.33 -5.11
N PRO A 157 8.76 29.97 -4.27
CA PRO A 157 8.11 29.22 -3.20
C PRO A 157 7.24 28.08 -3.70
N VAL A 158 7.11 27.05 -2.88
CA VAL A 158 6.18 25.99 -3.22
C VAL A 158 4.74 26.37 -2.90
N GLY A 159 4.57 27.27 -1.92
CA GLY A 159 3.24 27.73 -1.58
C GLY A 159 2.98 27.56 -0.09
N LEU A 160 2.18 26.54 0.23
CA LEU A 160 1.84 26.19 1.62
C LEU A 160 2.68 25.04 2.09
N VAL A 161 3.38 25.29 3.19
CA VAL A 161 4.22 24.26 3.80
C VAL A 161 3.51 23.84 5.10
N GLY A 162 3.00 22.62 5.11
CA GLY A 162 2.46 22.04 6.33
C GLY A 162 3.62 21.48 7.14
N ILE A 163 3.57 21.70 8.44
CA ILE A 163 4.64 21.28 9.33
C ILE A 163 4.03 20.47 10.49
N ILE A 164 4.32 19.17 10.52
CA ILE A 164 3.86 18.30 11.60
C ILE A 164 5.10 18.01 12.44
N THR A 165 4.99 18.17 13.77
CA THR A 165 6.13 18.05 14.64
C THR A 165 5.88 17.05 15.78
N ALA A 166 6.98 16.51 16.29
CA ALA A 166 7.00 15.51 17.35
C ALA A 166 6.96 16.20 18.71
N PHE A 167 6.69 15.41 19.74
CA PHE A 167 6.61 15.98 21.09
C PHE A 167 7.97 16.44 21.65
N ASN A 168 9.07 15.85 21.15
CA ASN A 168 10.33 15.91 21.91
C ASN A 168 11.19 17.15 21.67
N PHE A 169 11.00 17.78 20.53
CA PHE A 169 11.54 19.11 20.24
C PHE A 169 10.37 19.97 19.80
N PRO A 170 9.54 20.35 20.77
CA PRO A 170 8.27 21.02 20.44
C PRO A 170 8.38 22.46 19.97
N VAL A 171 9.55 23.06 20.11
CA VAL A 171 9.82 24.43 19.60
C VAL A 171 10.76 24.40 18.37
N ALA A 172 11.91 23.73 18.52
CA ALA A 172 13.02 23.87 17.58
C ALA A 172 12.75 23.29 16.20
N VAL A 173 12.04 22.17 16.13
CA VAL A 173 11.74 21.55 14.82
C VAL A 173 10.82 22.48 14.02
N TYR A 174 9.77 22.97 14.65
CA TYR A 174 8.94 23.96 14.01
C TYR A 174 9.79 25.17 13.56
N GLY A 175 10.65 25.64 14.46
CA GLY A 175 11.46 26.80 14.18
C GLY A 175 12.33 26.68 12.95
N TRP A 176 13.03 25.55 12.85
CA TRP A 176 13.90 25.30 11.66
C TRP A 176 13.08 25.38 10.39
N ASN A 177 11.90 24.78 10.42
CA ASN A 177 11.07 24.74 9.24
C ASN A 177 10.49 26.12 8.94
N ASN A 178 9.99 26.77 9.98
CA ASN A 178 9.38 28.09 9.87
C ASN A 178 10.33 29.12 9.30
N ALA A 179 11.53 29.22 9.87
CA ALA A 179 12.40 30.30 9.49
C ALA A 179 12.78 30.17 8.02
N ILE A 180 13.13 28.97 7.62
CA ILE A 180 13.55 28.66 6.27
C ILE A 180 12.33 28.81 5.31
N ALA A 181 11.22 28.19 5.64
CA ALA A 181 10.03 28.25 4.76
C ALA A 181 9.62 29.72 4.49
N MET A 182 9.68 30.55 5.54
CA MET A 182 9.24 31.93 5.49
C MET A 182 10.11 32.75 4.58
N ILE A 183 11.42 32.67 4.73
CA ILE A 183 12.26 33.52 3.89
C ILE A 183 12.14 33.06 2.43
N CYS A 184 11.84 31.77 2.24
CA CYS A 184 11.67 31.18 0.91
C CYS A 184 10.28 31.53 0.29
N GLY A 185 9.48 32.35 0.98
CA GLY A 185 8.24 32.88 0.41
C GLY A 185 7.04 32.00 0.55
N ASN A 186 7.12 31.01 1.45
CA ASN A 186 5.98 30.14 1.75
C ASN A 186 5.18 30.61 2.95
N VAL A 187 3.91 30.21 2.98
CA VAL A 187 3.13 30.29 4.20
C VAL A 187 3.18 28.90 4.87
N CYS A 188 2.93 28.89 6.19
CA CYS A 188 3.12 27.69 7.06
C CYS A 188 1.82 27.32 7.77
N LEU A 189 1.59 26.01 7.94
CA LEU A 189 0.50 25.49 8.73
C LEU A 189 1.12 24.47 9.66
N TRP A 190 1.08 24.75 10.95
CA TRP A 190 1.68 23.90 12.01
C TRP A 190 0.60 23.05 12.68
N LYS A 191 0.85 21.75 12.79
CA LYS A 191 0.14 20.88 13.72
C LYS A 191 1.19 20.21 14.59
N GLY A 192 1.33 20.66 15.83
CA GLY A 192 2.29 20.02 16.71
C GLY A 192 1.69 18.80 17.41
N ALA A 193 2.50 18.21 18.27
CA ALA A 193 2.12 17.02 19.06
C ALA A 193 1.02 17.45 20.02
N PRO A 194 -0.08 16.66 20.10
CA PRO A 194 -1.15 17.09 21.00
C PRO A 194 -0.72 17.26 22.46
N THR A 195 0.24 16.47 22.93
CA THR A 195 0.71 16.53 24.31
C THR A 195 1.66 17.73 24.53
N THR A 196 1.93 18.50 23.47
CA THR A 196 2.68 19.74 23.62
C THR A 196 1.90 20.92 23.06
N SER A 197 0.58 20.87 23.19
CA SER A 197 -0.30 21.91 22.66
C SER A 197 -0.04 23.34 23.21
N LEU A 198 0.20 23.44 24.51
CA LEU A 198 0.41 24.73 25.10
C LEU A 198 1.66 25.39 24.50
N ILE A 199 2.71 24.60 24.30
CA ILE A 199 3.93 25.08 23.67
C ILE A 199 3.62 25.59 22.26
N SER A 200 2.89 24.81 21.47
CA SER A 200 2.57 25.26 20.11
C SER A 200 1.77 26.58 20.10
N VAL A 201 0.81 26.68 21.03
CA VAL A 201 0.05 27.90 21.21
C VAL A 201 0.91 29.09 21.59
N ALA A 202 1.79 28.86 22.57
CA ALA A 202 2.65 29.91 23.08
C ALA A 202 3.57 30.47 21.96
N VAL A 203 4.14 29.56 21.17
CA VAL A 203 5.03 29.98 20.07
C VAL A 203 4.21 30.76 19.05
N THR A 204 3.05 30.24 18.72
CA THR A 204 2.16 30.89 17.74
C THR A 204 1.74 32.30 18.18
N LYS A 205 1.48 32.50 19.46
CA LYS A 205 1.15 33.85 19.98
C LYS A 205 2.30 34.85 19.73
N ILE A 206 3.53 34.39 19.91
CA ILE A 206 4.72 35.22 19.71
C ILE A 206 4.83 35.63 18.24
N ILE A 207 4.68 34.65 17.36
CA ILE A 207 4.76 34.95 15.90
C ILE A 207 3.60 35.82 15.43
N ALA A 208 2.38 35.50 15.88
CA ALA A 208 1.17 36.22 15.49
C ALA A 208 1.31 37.70 15.80
N LYS A 209 1.87 38.02 16.96
CA LYS A 209 2.04 39.42 17.33
C LYS A 209 3.00 40.12 16.35
N VAL A 210 4.08 39.45 15.94
CA VAL A 210 5.00 40.03 14.95
C VAL A 210 4.28 40.28 13.63
N LEU A 211 3.54 39.30 13.15
CA LEU A 211 2.86 39.45 11.86
C LEU A 211 1.83 40.58 11.94
N GLU A 212 1.03 40.59 13.00
CA GLU A 212 0.01 41.61 13.15
C GLU A 212 0.60 43.02 13.34
N ASP A 213 1.68 43.14 14.11
CA ASP A 213 2.42 44.41 14.25
C ASP A 213 2.90 44.96 12.91
N ASN A 214 3.21 44.06 11.97
CA ASN A 214 3.70 44.41 10.65
C ASN A 214 2.58 44.46 9.60
N LYS A 215 1.33 44.41 10.09
CA LYS A 215 0.15 44.51 9.24
C LYS A 215 0.17 43.47 8.11
N LEU A 216 0.65 42.27 8.44
CA LEU A 216 0.67 41.11 7.53
C LEU A 216 -0.43 40.12 7.96
N PRO A 217 -0.98 39.37 7.00
CA PRO A 217 -2.02 38.42 7.36
C PRO A 217 -1.46 37.31 8.26
N GLY A 218 -2.12 37.06 9.38
CA GLY A 218 -1.56 36.11 10.33
C GLY A 218 -1.53 34.69 9.81
N ALA A 219 -2.34 34.37 8.80
CA ALA A 219 -2.32 32.98 8.28
C ALA A 219 -1.00 32.59 7.58
N ILE A 220 -0.10 33.56 7.42
CA ILE A 220 1.25 33.25 6.99
C ILE A 220 1.91 32.23 7.93
N CYS A 221 1.58 32.34 9.22
CA CYS A 221 1.99 31.29 10.17
C CYS A 221 0.79 30.77 10.94
N SER A 222 0.08 29.86 10.28
CA SER A 222 -1.14 29.29 10.80
C SER A 222 -0.87 28.13 11.75
N LEU A 223 -1.84 27.88 12.66
CA LEU A 223 -1.79 26.82 13.64
C LEU A 223 -3.14 26.12 13.62
N THR A 224 -3.10 24.79 13.48
CA THR A 224 -4.26 23.94 13.70
C THR A 224 -3.95 22.75 14.65
N CYS A 225 -4.13 22.96 15.96
CA CYS A 225 -3.80 21.91 16.93
C CYS A 225 -4.72 20.73 16.67
N GLY A 226 -4.15 19.55 16.70
CA GLY A 226 -4.97 18.32 16.65
C GLY A 226 -4.05 17.12 16.58
N GLY A 227 -4.69 15.97 16.32
CA GLY A 227 -3.99 14.71 16.38
C GLY A 227 -3.82 14.11 15.03
N ALA A 228 -3.97 12.78 14.99
CA ALA A 228 -3.77 12.04 13.75
C ALA A 228 -4.75 12.49 12.66
N ASP A 229 -5.96 12.85 13.08
CA ASP A 229 -6.98 13.30 12.10
C ASP A 229 -6.53 14.50 11.28
N ILE A 230 -6.04 15.53 11.96
CA ILE A 230 -5.61 16.75 11.26
C ILE A 230 -4.33 16.45 10.45
N GLY A 231 -3.44 15.64 11.02
CA GLY A 231 -2.18 15.26 10.38
C GLY A 231 -2.45 14.52 9.08
N THR A 232 -3.44 13.62 9.13
CA THR A 232 -3.83 12.86 7.93
C THR A 232 -4.46 13.74 6.89
N ALA A 233 -5.29 14.67 7.34
CA ALA A 233 -5.87 15.63 6.39
C ALA A 233 -4.77 16.36 5.66
N MET A 234 -3.76 16.78 6.40
CA MET A 234 -2.65 17.50 5.79
C MET A 234 -1.90 16.65 4.75
N ALA A 235 -1.65 15.39 5.10
CA ALA A 235 -0.96 14.44 4.22
C ALA A 235 -1.73 14.23 2.93
N LYS A 236 -3.05 14.34 2.99
CA LYS A 236 -3.90 14.06 1.82
C LYS A 236 -4.29 15.29 1.01
N ASP A 237 -3.98 16.47 1.56
CA ASP A 237 -4.44 17.73 1.01
C ASP A 237 -3.55 18.26 -0.11
N GLU A 238 -4.09 18.28 -1.33
CA GLU A 238 -3.37 18.82 -2.48
C GLU A 238 -3.01 20.31 -2.33
N ARG A 239 -3.68 21.00 -1.43
CA ARG A 239 -3.36 22.42 -1.16
C ARG A 239 -2.11 22.58 -0.29
N VAL A 240 -1.65 21.49 0.33
CA VAL A 240 -0.44 21.50 1.12
C VAL A 240 0.71 21.06 0.22
N ASN A 241 1.43 22.05 -0.31
CA ASN A 241 2.43 21.79 -1.34
C ASN A 241 3.62 20.99 -0.87
N LEU A 242 4.10 21.30 0.34
CA LEU A 242 5.16 20.54 0.98
C LEU A 242 4.66 20.18 2.35
N LEU A 243 4.79 18.90 2.74
CA LEU A 243 4.54 18.50 4.12
C LEU A 243 5.85 18.06 4.74
N SER A 244 6.27 18.83 5.74
CA SER A 244 7.42 18.49 6.57
C SER A 244 6.88 17.75 7.78
N PHE A 245 7.33 16.52 7.92
CA PHE A 245 6.90 15.64 8.97
C PHE A 245 8.04 15.11 9.80
N THR A 246 7.96 15.39 11.09
CA THR A 246 8.91 14.91 12.05
C THR A 246 8.16 14.04 13.06
N GLY A 247 8.60 12.78 13.14
CA GLY A 247 7.95 11.81 13.97
C GLY A 247 8.47 10.41 13.75
N SER A 248 7.66 9.46 14.17
CA SER A 248 8.05 8.04 14.07
C SER A 248 8.15 7.58 12.62
N THR A 249 8.98 6.57 12.40
CA THR A 249 9.08 5.95 11.07
C THR A 249 7.75 5.36 10.67
N GLN A 250 7.06 4.72 11.62
CA GLN A 250 5.81 4.07 11.33
C GLN A 250 4.79 5.06 10.75
N VAL A 251 4.64 6.20 11.40
CA VAL A 251 3.66 7.19 10.95
C VAL A 251 4.20 7.88 9.68
N GLY A 252 5.48 8.23 9.71
CA GLY A 252 6.11 8.86 8.57
C GLY A 252 6.01 8.11 7.24
N LYS A 253 6.09 6.78 7.30
CA LYS A 253 5.96 5.95 6.09
C LYS A 253 4.58 6.21 5.47
N GLN A 254 3.54 6.24 6.29
CA GLN A 254 2.19 6.47 5.78
C GLN A 254 1.98 7.90 5.23
N VAL A 255 2.53 8.89 5.95
CA VAL A 255 2.52 10.25 5.47
C VAL A 255 3.22 10.34 4.12
N GLY A 256 4.36 9.69 4.00
CA GLY A 256 5.10 9.71 2.74
C GLY A 256 4.32 9.12 1.59
N LEU A 257 3.63 8.00 1.86
CA LEU A 257 2.84 7.35 0.81
C LEU A 257 1.66 8.21 0.44
N MET A 258 0.98 8.79 1.43
CA MET A 258 -0.16 9.68 1.13
C MET A 258 0.28 10.86 0.26
N VAL A 259 1.39 11.48 0.62
CA VAL A 259 1.89 12.63 -0.15
C VAL A 259 2.27 12.21 -1.59
N GLN A 260 2.96 11.09 -1.72
CA GLN A 260 3.34 10.55 -3.04
C GLN A 260 2.13 10.24 -3.93
N GLU A 261 1.07 9.68 -3.34
CA GLU A 261 -0.17 9.39 -4.06
C GLU A 261 -0.73 10.62 -4.81
N ARG A 262 -0.57 11.80 -4.22
CA ARG A 262 -1.14 13.03 -4.78
C ARG A 262 -0.04 13.89 -5.44
N PHE A 263 1.13 13.30 -5.61
CA PHE A 263 2.25 14.02 -6.23
C PHE A 263 2.54 15.33 -5.51
N GLY A 264 2.53 15.28 -4.19
CA GLY A 264 3.03 16.39 -3.41
C GLY A 264 4.50 16.19 -3.09
N ARG A 265 5.04 17.07 -2.25
CA ARG A 265 6.39 16.93 -1.77
C ARG A 265 6.32 16.63 -0.30
N SER A 266 7.20 15.75 0.17
CA SER A 266 7.37 15.52 1.60
C SER A 266 8.82 15.72 1.99
N LEU A 267 8.97 16.12 3.25
CA LEU A 267 10.27 16.24 3.85
C LEU A 267 10.10 15.40 5.14
N LEU A 268 10.69 14.22 5.16
CA LEU A 268 10.53 13.29 6.27
C LEU A 268 11.75 13.21 7.18
N GLU A 269 11.50 13.38 8.47
CA GLU A 269 12.51 13.37 9.54
C GLU A 269 12.05 12.37 10.57
N LEU A 270 12.48 11.13 10.42
CA LEU A 270 11.91 10.04 11.14
C LEU A 270 12.86 9.44 12.17
N GLY A 271 12.70 8.17 12.49
CA GLY A 271 13.36 7.61 13.66
C GLY A 271 14.84 7.36 13.50
N GLY A 272 15.48 7.14 14.65
CA GLY A 272 16.89 6.84 14.70
C GLY A 272 17.17 5.63 15.57
N ASN A 273 18.33 5.02 15.36
CA ASN A 273 18.83 3.95 16.21
C ASN A 273 20.37 4.11 16.28
N ASN A 274 20.77 5.19 16.93
CA ASN A 274 22.09 5.73 16.67
C ASN A 274 23.19 5.08 17.47
N ALA A 275 24.31 4.79 16.81
CA ALA A 275 25.43 4.08 17.41
C ALA A 275 26.61 5.03 17.71
N ILE A 276 27.25 4.77 18.85
CA ILE A 276 28.59 5.26 19.16
C ILE A 276 29.49 4.06 19.07
N ILE A 277 30.66 4.27 18.47
CA ILE A 277 31.68 3.21 18.39
C ILE A 277 32.97 3.72 19.01
N ALA A 278 33.49 2.99 20.00
CA ALA A 278 34.72 3.34 20.68
C ALA A 278 35.81 2.35 20.29
N PHE A 279 36.81 2.86 19.55
CA PHE A 279 37.98 2.05 19.15
C PHE A 279 39.02 1.97 20.28
N GLU A 280 40.00 1.06 20.16
CA GLU A 280 40.95 0.85 21.24
C GLU A 280 41.76 2.08 21.57
N ASP A 281 41.97 2.96 20.59
CA ASP A 281 42.74 4.20 20.80
C ASP A 281 41.91 5.39 21.27
N ALA A 282 40.63 5.16 21.56
CA ALA A 282 39.77 6.25 22.02
C ALA A 282 40.25 6.84 23.34
N ASP A 283 40.04 8.14 23.49
CA ASP A 283 40.19 8.83 24.78
C ASP A 283 38.98 8.49 25.68
N LEU A 284 39.20 7.63 26.68
CA LEU A 284 38.06 7.15 27.50
C LEU A 284 37.48 8.25 28.38
N SER A 285 38.29 9.24 28.75
CA SER A 285 37.82 10.38 29.52
C SER A 285 36.85 11.24 28.68
N LEU A 286 36.91 11.05 27.36
CA LEU A 286 35.96 11.65 26.43
C LEU A 286 34.77 10.73 26.10
N VAL A 287 35.05 9.46 25.84
CA VAL A 287 34.00 8.49 25.53
C VAL A 287 32.95 8.42 26.62
N VAL A 288 33.38 8.33 27.88
CA VAL A 288 32.40 8.06 28.94
C VAL A 288 31.38 9.19 29.10
N PRO A 289 31.84 10.43 29.31
CA PRO A 289 30.85 11.51 29.41
C PRO A 289 30.04 11.74 28.09
N SER A 290 30.65 11.46 26.94
CA SER A 290 29.92 11.64 25.67
C SER A 290 28.83 10.60 25.55
N ALA A 291 29.14 9.36 25.92
CA ALA A 291 28.14 8.28 25.87
C ALA A 291 27.00 8.54 26.87
N LEU A 292 27.37 8.89 28.09
CA LEU A 292 26.41 9.34 29.12
C LEU A 292 25.40 10.38 28.59
N PHE A 293 25.91 11.49 28.08
CA PHE A 293 25.07 12.59 27.59
C PHE A 293 24.22 12.14 26.42
N ALA A 294 24.85 11.44 25.48
CA ALA A 294 24.14 11.01 24.27
C ALA A 294 23.07 9.98 24.58
N ALA A 295 23.31 9.13 25.56
CA ALA A 295 22.33 8.09 25.90
C ALA A 295 21.17 8.55 26.81
N VAL A 296 21.47 9.42 27.77
CA VAL A 296 20.55 9.71 28.84
C VAL A 296 20.04 11.15 28.81
N GLY A 297 20.67 11.99 28.01
CA GLY A 297 20.16 13.35 27.81
C GLY A 297 18.74 13.34 27.31
N THR A 298 17.94 14.29 27.80
CA THR A 298 16.51 14.34 27.46
C THR A 298 15.82 13.00 27.79
N ALA A 299 16.32 12.32 28.83
CA ALA A 299 15.80 11.03 29.26
C ALA A 299 15.70 10.06 28.10
N GLY A 300 16.69 10.10 27.19
CA GLY A 300 16.71 9.14 26.07
C GLY A 300 15.71 9.39 24.96
N GLN A 301 15.18 10.61 24.92
CA GLN A 301 14.10 11.00 24.01
C GLN A 301 14.50 12.05 22.99
N ARG A 302 15.77 12.01 22.55
CA ARG A 302 16.14 12.71 21.30
C ARG A 302 16.08 11.73 20.14
N CYS A 303 15.76 12.23 18.95
CA CYS A 303 15.91 11.39 17.78
C CYS A 303 17.33 10.93 17.59
N THR A 304 18.29 11.77 18.01
CA THR A 304 19.72 11.53 17.90
C THR A 304 20.31 10.83 19.13
N THR A 305 19.48 10.38 20.09
CA THR A 305 19.98 9.66 21.29
C THR A 305 20.78 8.43 20.89
N ALA A 306 21.86 8.18 21.61
CA ALA A 306 22.67 6.99 21.40
C ALA A 306 21.92 5.80 21.98
N ARG A 307 21.67 4.80 21.14
CA ARG A 307 20.95 3.60 21.58
C ARG A 307 21.80 2.36 21.48
N ARG A 308 22.89 2.41 20.73
CA ARG A 308 23.83 1.31 20.55
C ARG A 308 25.20 1.84 20.85
N LEU A 309 25.96 1.12 21.67
CA LEU A 309 27.36 1.48 21.98
C LEU A 309 28.24 0.26 21.74
N PHE A 310 29.08 0.36 20.69
CA PHE A 310 30.02 -0.66 20.33
C PHE A 310 31.36 -0.26 20.92
N ILE A 311 31.96 -1.17 21.70
CA ILE A 311 33.23 -0.90 22.35
C ILE A 311 34.23 -1.99 21.96
N HIS A 312 35.44 -1.58 21.57
CA HIS A 312 36.44 -2.57 21.28
C HIS A 312 36.61 -3.52 22.46
N GLU A 313 36.78 -4.79 22.17
CA GLU A 313 36.93 -5.81 23.23
C GLU A 313 37.93 -5.46 24.34
N SER A 314 39.04 -4.82 23.96
CA SER A 314 40.14 -4.46 24.89
C SER A 314 39.70 -3.52 26.01
N ILE A 315 38.69 -2.69 25.70
CA ILE A 315 38.27 -1.62 26.60
C ILE A 315 36.80 -1.70 27.04
N HIS A 316 36.08 -2.72 26.55
CA HIS A 316 34.64 -2.90 26.85
C HIS A 316 34.33 -2.87 28.33
N ASP A 317 34.96 -3.76 29.09
CA ASP A 317 34.59 -3.84 30.51
C ASP A 317 34.88 -2.55 31.26
N GLU A 318 36.01 -1.89 30.98
CA GLU A 318 36.34 -0.63 31.66
C GLU A 318 35.32 0.43 31.31
N VAL A 319 35.00 0.59 30.02
CA VAL A 319 34.00 1.55 29.62
C VAL A 319 32.65 1.30 30.27
N VAL A 320 32.20 0.04 30.28
CA VAL A 320 30.91 -0.30 30.95
C VAL A 320 30.97 0.02 32.45
N ASN A 321 32.08 -0.32 33.10
CA ASN A 321 32.21 -0.04 34.55
C ASN A 321 32.15 1.46 34.83
N ARG A 322 32.82 2.25 34.00
CA ARG A 322 32.83 3.69 34.18
C ARG A 322 31.46 4.29 33.90
N LEU A 323 30.75 3.74 32.90
CA LEU A 323 29.41 4.23 32.60
C LEU A 323 28.46 3.91 33.75
N LYS A 324 28.56 2.72 34.33
CA LYS A 324 27.63 2.34 35.41
C LYS A 324 27.78 3.28 36.56
N LYS A 325 29.02 3.62 36.87
CA LYS A 325 29.33 4.58 37.91
C LYS A 325 28.76 5.95 37.61
N ALA A 326 28.94 6.39 36.37
CA ALA A 326 28.39 7.68 35.93
C ALA A 326 26.87 7.72 36.01
N TYR A 327 26.21 6.65 35.60
CA TYR A 327 24.75 6.56 35.68
C TYR A 327 24.28 6.69 37.13
N ALA A 328 25.01 6.05 38.05
CA ALA A 328 24.64 6.15 39.46
C ALA A 328 24.70 7.56 40.03
N GLN A 329 25.43 8.48 39.39
CA GLN A 329 25.54 9.87 39.88
C GLN A 329 24.55 10.81 39.18
N ILE A 330 23.70 10.29 38.30
CA ILE A 330 22.68 11.15 37.67
C ILE A 330 21.70 11.72 38.68
N ARG A 331 21.50 13.05 38.64
CA ARG A 331 20.55 13.72 39.53
C ARG A 331 19.18 13.78 38.89
N VAL A 332 18.26 13.11 39.54
CA VAL A 332 16.89 12.91 39.08
C VAL A 332 15.96 13.84 39.85
N GLY A 333 14.98 14.39 39.13
CA GLY A 333 13.94 15.15 39.78
C GLY A 333 13.11 16.01 38.87
N ASN A 334 12.52 17.05 39.44
CA ASN A 334 11.69 17.95 38.66
C ASN A 334 12.57 18.64 37.65
N PRO A 335 12.13 18.66 36.39
CA PRO A 335 13.02 19.26 35.38
C PRO A 335 13.16 20.79 35.47
N TRP A 336 12.35 21.43 36.33
CA TRP A 336 12.53 22.86 36.67
C TRP A 336 13.47 23.10 37.87
N ASP A 337 13.84 22.03 38.57
CA ASP A 337 14.89 22.15 39.58
C ASP A 337 16.24 22.33 38.90
N PRO A 338 16.94 23.45 39.20
CA PRO A 338 18.13 23.79 38.43
C PRO A 338 19.30 22.80 38.53
N ASN A 339 19.33 21.95 39.56
CA ASN A 339 20.38 20.94 39.69
C ASN A 339 20.01 19.56 39.17
N VAL A 340 18.79 19.43 38.66
CA VAL A 340 18.34 18.15 38.08
C VAL A 340 18.92 17.98 36.65
N LEU A 341 19.44 16.80 36.35
CA LEU A 341 19.94 16.48 35.02
C LEU A 341 19.05 15.46 34.27
N TYR A 342 18.09 14.87 34.97
CA TYR A 342 17.28 13.79 34.45
C TYR A 342 15.83 13.87 34.94
N GLY A 343 14.92 14.12 33.99
CA GLY A 343 13.52 14.22 34.25
C GLY A 343 12.73 12.99 33.82
N PRO A 344 11.40 13.14 33.68
CA PRO A 344 10.53 12.03 33.35
C PRO A 344 10.50 11.77 31.83
N LEU A 345 10.03 10.59 31.46
CA LEU A 345 9.61 10.35 30.11
C LEU A 345 8.34 11.17 29.88
N HIS A 346 8.02 11.40 28.61
CA HIS A 346 6.96 12.31 28.27
C HIS A 346 5.56 11.82 28.60
N THR A 347 5.32 10.50 28.51
CA THR A 347 4.01 9.95 28.76
C THR A 347 4.12 8.67 29.56
N LYS A 348 2.98 8.21 30.10
CA LYS A 348 2.89 6.88 30.73
C LYS A 348 3.04 5.78 29.69
N GLN A 349 2.56 5.99 28.47
CA GLN A 349 2.75 4.99 27.43
C GLN A 349 4.21 4.73 27.19
N ALA A 350 5.02 5.78 27.27
CA ALA A 350 6.47 5.67 27.07
C ALA A 350 7.09 4.78 28.17
N VAL A 351 6.58 4.92 29.39
CA VAL A 351 7.00 4.06 30.50
C VAL A 351 6.68 2.60 30.22
N SER A 352 5.47 2.35 29.71
CA SER A 352 5.10 1.00 29.35
C SER A 352 5.98 0.39 28.24
N MET A 353 6.30 1.20 27.24
CA MET A 353 7.15 0.74 26.14
C MET A 353 8.58 0.47 26.61
N PHE A 354 9.08 1.33 27.52
CA PHE A 354 10.37 1.13 28.15
C PHE A 354 10.43 -0.21 28.84
N LEU A 355 9.44 -0.46 29.69
CA LEU A 355 9.42 -1.68 30.48
C LEU A 355 9.36 -2.92 29.59
N GLY A 356 8.58 -2.86 28.53
CA GLY A 356 8.45 -3.95 27.60
C GLY A 356 9.73 -4.24 26.83
N ALA A 357 10.48 -3.19 26.47
CA ALA A 357 11.76 -3.32 25.81
C ALA A 357 12.78 -3.94 26.76
N VAL A 358 12.77 -3.50 28.03
CA VAL A 358 13.70 -4.09 29.01
C VAL A 358 13.43 -5.57 29.20
N GLU A 359 12.18 -5.95 29.34
CA GLU A 359 11.91 -7.35 29.53
C GLU A 359 12.15 -8.17 28.23
N GLU A 360 11.93 -7.56 27.06
CA GLU A 360 12.29 -8.20 25.81
C GLU A 360 13.82 -8.41 25.68
N ALA A 361 14.58 -7.45 26.16
CA ALA A 361 16.04 -7.55 26.06
C ALA A 361 16.49 -8.75 26.89
N LYS A 362 15.88 -8.91 28.05
CA LYS A 362 16.25 -10.05 28.89
C LYS A 362 15.87 -11.39 28.22
N LYS A 363 14.67 -11.43 27.65
CA LYS A 363 14.16 -12.62 26.99
C LYS A 363 15.06 -13.00 25.79
N GLU A 364 15.65 -11.99 25.17
CA GLU A 364 16.57 -12.17 24.04
C GLU A 364 18.02 -12.47 24.49
N GLY A 365 18.23 -12.59 25.80
CA GLY A 365 19.55 -12.97 26.30
C GLY A 365 20.44 -11.87 26.82
N GLY A 366 19.91 -10.66 26.90
CA GLY A 366 20.66 -9.53 27.44
C GLY A 366 20.67 -9.52 28.96
N THR A 367 21.66 -8.84 29.50
CA THR A 367 21.81 -8.60 30.93
C THR A 367 21.69 -7.11 31.22
N VAL A 368 20.75 -6.75 32.07
CA VAL A 368 20.65 -5.41 32.60
C VAL A 368 21.72 -5.21 33.68
N VAL A 369 22.78 -4.47 33.32
CA VAL A 369 23.88 -4.16 34.20
C VAL A 369 23.67 -2.90 35.01
N TYR A 370 22.76 -2.03 34.56
CA TYR A 370 22.32 -0.85 35.33
C TYR A 370 20.86 -0.52 35.02
N GLY A 371 20.07 -0.23 36.04
CA GLY A 371 18.69 0.29 35.82
C GLY A 371 17.63 -0.77 35.49
N GLY A 372 16.76 -0.46 34.51
CA GLY A 372 15.77 -1.40 34.04
C GLY A 372 14.41 -1.31 34.70
N LYS A 373 14.28 -0.45 35.71
CA LYS A 373 13.03 -0.38 36.47
C LYS A 373 12.37 0.97 36.33
N VAL A 374 11.05 0.95 36.53
CA VAL A 374 10.24 2.16 36.67
C VAL A 374 10.46 2.69 38.09
N MET A 375 10.67 4.00 38.21
CA MET A 375 10.92 4.61 39.52
C MET A 375 9.64 4.78 40.29
N ASP A 376 9.70 4.52 41.59
CA ASP A 376 8.56 4.67 42.47
C ASP A 376 8.49 6.13 42.96
N ARG A 377 7.86 6.95 42.13
CA ARG A 377 7.67 8.38 42.42
C ARG A 377 6.62 8.93 41.47
N PRO A 378 5.99 10.08 41.79
CA PRO A 378 5.09 10.78 40.87
C PRO A 378 5.74 11.00 39.50
N GLY A 379 4.89 11.03 38.47
CA GLY A 379 5.34 11.34 37.10
C GLY A 379 5.86 10.11 36.39
N ASN A 380 6.38 10.28 35.18
CA ASN A 380 6.70 9.14 34.30
C ASN A 380 8.18 8.78 34.34
N TYR A 381 8.69 8.55 35.54
CA TYR A 381 10.10 8.30 35.70
C TYR A 381 10.51 6.84 35.56
N VAL A 382 11.58 6.63 34.80
CA VAL A 382 12.27 5.34 34.66
C VAL A 382 13.74 5.43 34.88
N GLU A 383 14.37 4.35 35.31
CA GLU A 383 15.82 4.37 35.49
C GLU A 383 16.54 4.28 34.13
N PRO A 384 17.54 5.15 33.89
CA PRO A 384 18.30 4.98 32.66
C PRO A 384 19.01 3.64 32.71
N THR A 385 19.06 2.96 31.56
CA THR A 385 19.35 1.54 31.54
C THR A 385 20.48 1.16 30.58
N ILE A 386 21.33 0.24 31.02
CA ILE A 386 22.41 -0.30 30.21
C ILE A 386 22.26 -1.81 30.12
N VAL A 387 22.28 -2.32 28.87
CA VAL A 387 22.10 -3.75 28.59
C VAL A 387 23.29 -4.32 27.83
N THR A 388 23.95 -5.33 28.43
CA THR A 388 25.09 -5.99 27.78
C THR A 388 24.67 -7.37 27.29
N GLY A 389 25.54 -7.95 26.48
CA GLY A 389 25.44 -9.35 26.13
C GLY A 389 24.51 -9.74 24.99
N LEU A 390 23.72 -8.81 24.48
CA LEU A 390 22.99 -9.11 23.25
C LEU A 390 23.93 -9.19 22.03
N GLY A 391 23.47 -9.93 21.03
CA GLY A 391 24.09 -9.92 19.74
C GLY A 391 23.73 -8.59 19.07
N HIS A 392 24.64 -8.12 18.24
CA HIS A 392 24.41 -6.84 17.56
C HIS A 392 23.13 -6.83 16.74
N ASP A 393 22.71 -8.01 16.26
CA ASP A 393 21.53 -8.14 15.41
C ASP A 393 20.30 -8.66 16.16
N ALA A 394 20.34 -8.60 17.49
CA ALA A 394 19.19 -8.91 18.30
C ALA A 394 18.03 -8.00 17.89
N SER A 395 16.86 -8.59 17.64
CA SER A 395 15.63 -7.85 17.25
C SER A 395 15.37 -6.58 18.07
N ILE A 396 15.43 -6.68 19.40
CA ILE A 396 15.10 -5.51 20.23
C ILE A 396 16.14 -4.39 20.03
N ALA A 397 17.39 -4.75 19.72
CA ALA A 397 18.44 -3.75 19.45
C ALA A 397 18.27 -3.03 18.12
N HIS A 398 17.59 -3.68 17.18
CA HIS A 398 17.32 -3.10 15.86
C HIS A 398 16.08 -2.21 15.84
N THR A 399 15.33 -2.23 16.93
CA THR A 399 14.11 -1.46 17.14
C THR A 399 14.43 -0.15 17.86
N GLU A 400 13.83 0.96 17.42
CA GLU A 400 13.87 2.19 18.17
C GLU A 400 12.83 2.16 19.29
N THR A 401 13.28 2.04 20.53
CA THR A 401 12.44 2.24 21.70
C THR A 401 12.82 3.60 22.24
N PHE A 402 11.82 4.49 22.31
CA PHE A 402 12.08 5.91 22.59
C PHE A 402 12.18 6.14 24.11
N ALA A 403 13.28 5.66 24.69
CA ALA A 403 13.47 5.61 26.14
C ALA A 403 14.95 5.36 26.37
N PRO A 404 15.41 5.60 27.61
CA PRO A 404 16.82 5.52 27.90
C PRO A 404 17.30 4.10 28.14
N ILE A 405 17.47 3.37 27.05
CA ILE A 405 18.03 1.99 27.05
C ILE A 405 19.22 1.99 26.08
N LEU A 406 20.41 1.70 26.58
CA LEU A 406 21.61 1.67 25.78
C LEU A 406 22.07 0.23 25.70
N TYR A 407 22.07 -0.30 24.47
CA TYR A 407 22.58 -1.63 24.17
C TYR A 407 24.05 -1.59 23.88
N VAL A 408 24.83 -2.37 24.61
CA VAL A 408 26.26 -2.42 24.49
C VAL A 408 26.77 -3.70 23.82
N PHE A 409 27.71 -3.54 22.89
CA PHE A 409 28.29 -4.62 22.14
C PHE A 409 29.81 -4.53 22.09
N LYS A 410 30.44 -5.69 22.06
CA LYS A 410 31.86 -5.82 21.81
C LYS A 410 32.09 -5.84 20.30
N PHE A 411 33.27 -5.41 19.86
CA PHE A 411 33.75 -5.69 18.54
C PHE A 411 35.30 -5.81 18.53
N GLN A 412 35.83 -6.30 17.40
CA GLN A 412 37.27 -6.47 17.20
C GLN A 412 37.78 -5.55 16.10
N ASN A 413 37.15 -5.58 14.93
CA ASN A 413 37.71 -4.86 13.79
C ASN A 413 36.80 -3.80 13.19
N GLU A 414 37.45 -2.87 12.49
CA GLU A 414 36.80 -1.72 11.92
C GLU A 414 35.74 -2.09 10.88
N GLU A 415 36.09 -3.00 9.97
CA GLU A 415 35.16 -3.32 8.90
C GLU A 415 33.85 -3.88 9.45
N GLU A 416 33.93 -4.84 10.37
CA GLU A 416 32.70 -5.41 10.90
C GLU A 416 31.86 -4.36 11.68
N VAL A 417 32.49 -3.49 12.45
CA VAL A 417 31.74 -2.55 13.28
C VAL A 417 31.10 -1.46 12.44
N PHE A 418 31.76 -1.03 11.36
CA PHE A 418 31.12 -0.11 10.42
C PHE A 418 29.87 -0.79 9.80
N ALA A 419 30.03 -2.04 9.39
CA ALA A 419 28.85 -2.81 8.91
C ALA A 419 27.72 -2.87 9.97
N TRP A 420 28.07 -3.13 11.21
CA TRP A 420 27.08 -3.18 12.26
C TRP A 420 26.42 -1.82 12.53
N ASN A 421 27.18 -0.71 12.45
CA ASN A 421 26.54 0.62 12.47
C ASN A 421 25.42 0.68 11.39
N ASN A 422 25.78 0.20 10.21
CA ASN A 422 24.96 0.37 8.99
C ASN A 422 23.85 -0.63 8.81
N GLU A 423 23.80 -1.70 9.63
CA GLU A 423 22.94 -2.84 9.30
C GLU A 423 21.47 -2.61 9.66
N VAL A 424 21.23 -1.64 10.54
CA VAL A 424 19.87 -1.30 10.96
C VAL A 424 19.11 -0.54 9.84
N LYS A 425 17.80 -0.39 10.02
CA LYS A 425 16.96 0.29 9.04
C LYS A 425 17.04 1.81 9.17
N GLN A 426 17.32 2.31 10.35
CA GLN A 426 17.41 3.74 10.59
C GLN A 426 18.76 4.27 10.05
N GLY A 427 18.86 5.57 9.88
CA GLY A 427 20.04 6.16 9.28
C GLY A 427 20.28 7.62 9.68
N LEU A 428 20.08 7.92 10.96
CA LEU A 428 20.11 9.33 11.39
C LEU A 428 21.52 9.76 11.76
N SER A 429 22.01 9.35 12.92
CA SER A 429 23.27 9.78 13.44
C SER A 429 24.16 8.62 13.81
N SER A 430 25.45 8.93 13.93
CA SER A 430 26.49 7.97 14.14
C SER A 430 27.75 8.70 14.62
N SER A 431 28.57 8.03 15.44
CA SER A 431 29.81 8.59 15.97
C SER A 431 30.86 7.54 16.19
N ILE A 432 32.10 7.84 15.81
CA ILE A 432 33.24 7.06 16.25
C ILE A 432 34.13 7.88 17.17
N PHE A 433 34.71 7.18 18.15
CA PHE A 433 35.79 7.73 19.00
C PHE A 433 37.08 7.03 18.69
N THR A 434 38.06 7.78 18.16
CA THR A 434 39.32 7.26 17.75
C THR A 434 40.23 8.42 17.47
N LYS A 435 41.53 8.14 17.40
CA LYS A 435 42.56 9.12 17.06
C LYS A 435 43.23 8.82 15.70
N ASP A 436 42.83 7.71 15.09
CA ASP A 436 43.43 7.21 13.86
C ASP A 436 42.94 7.97 12.61
N LEU A 437 43.85 8.69 11.99
CA LEU A 437 43.56 9.56 10.87
C LEU A 437 42.86 8.87 9.69
N GLY A 438 43.42 7.74 9.26
CA GLY A 438 42.87 6.97 8.18
C GLY A 438 41.48 6.45 8.49
N ARG A 439 41.29 5.95 9.71
CA ARG A 439 39.97 5.41 10.11
C ARG A 439 38.90 6.49 10.06
N ILE A 440 39.31 7.70 10.44
CA ILE A 440 38.40 8.84 10.44
C ILE A 440 37.92 9.14 8.99
N PHE A 441 38.85 9.27 8.05
CA PHE A 441 38.49 9.53 6.70
C PHE A 441 37.73 8.37 6.07
N ARG A 442 38.06 7.13 6.44
CA ARG A 442 37.30 6.02 5.92
C ARG A 442 35.86 6.05 6.44
N TRP A 443 35.70 6.46 7.69
CA TRP A 443 34.36 6.59 8.29
C TRP A 443 33.47 7.58 7.54
N LEU A 444 34.12 8.64 7.06
CA LEU A 444 33.48 9.72 6.31
C LEU A 444 33.26 9.35 4.82
N GLY A 445 33.84 8.24 4.38
CA GLY A 445 33.90 7.85 2.99
C GLY A 445 32.82 6.86 2.60
N PRO A 446 32.93 6.31 1.36
CA PRO A 446 31.87 5.47 0.84
C PRO A 446 31.67 4.13 1.51
N LYS A 447 32.69 3.67 2.24
CA LYS A 447 32.59 2.44 2.98
C LYS A 447 32.46 2.70 4.50
N GLY A 448 32.16 3.96 4.85
CA GLY A 448 31.97 4.39 6.21
C GLY A 448 30.50 4.38 6.62
N SER A 449 30.15 5.29 7.52
CA SER A 449 28.80 5.40 7.99
C SER A 449 27.85 5.74 6.87
N ASP A 450 26.68 5.12 6.92
CA ASP A 450 25.62 5.37 5.97
C ASP A 450 24.60 6.40 6.45
N CYS A 451 24.91 7.07 7.55
CA CYS A 451 23.91 7.94 8.18
C CYS A 451 24.02 9.39 7.67
N GLY A 452 23.02 10.19 8.01
CA GLY A 452 23.01 11.60 7.61
C GLY A 452 23.91 12.50 8.44
N ILE A 453 24.20 12.07 9.67
CA ILE A 453 25.11 12.73 10.62
C ILE A 453 26.21 11.74 10.94
N VAL A 454 27.46 12.15 10.69
CA VAL A 454 28.64 11.24 10.76
C VAL A 454 29.69 11.95 11.57
N ASN A 455 29.74 11.61 12.87
CA ASN A 455 30.55 12.39 13.81
C ASN A 455 31.78 11.65 14.27
N VAL A 456 32.75 12.42 14.73
CA VAL A 456 34.03 11.90 15.25
C VAL A 456 34.37 12.58 16.57
N ASN A 457 34.52 11.77 17.62
CA ASN A 457 34.93 12.25 18.91
C ASN A 457 33.94 13.26 19.57
N ILE A 458 32.71 13.18 19.11
CA ILE A 458 31.59 13.93 19.66
C ILE A 458 30.45 12.97 19.48
N PRO A 459 29.51 12.94 20.42
CA PRO A 459 28.49 11.91 20.31
C PRO A 459 27.39 12.22 19.27
N THR A 460 26.40 11.35 19.24
CA THR A 460 25.40 11.31 18.19
C THR A 460 24.44 12.51 18.16
N SER A 461 24.35 13.22 19.29
CA SER A 461 23.49 14.38 19.36
CA SER A 461 23.50 14.41 19.36
C SER A 461 24.22 15.68 18.93
N GLY A 462 25.45 15.51 18.39
CA GLY A 462 26.29 16.60 17.84
C GLY A 462 25.87 17.11 16.46
N ALA A 463 25.27 18.31 16.47
CA ALA A 463 24.79 19.02 15.27
C ALA A 463 24.56 20.52 15.58
N GLU A 464 24.67 21.32 14.55
CA GLU A 464 24.52 22.77 14.67
C GLU A 464 23.79 23.29 13.45
N ILE A 465 23.30 24.51 13.54
CA ILE A 465 22.40 25.02 12.50
C ILE A 465 23.02 25.23 11.12
N GLY A 466 24.34 25.42 11.04
CA GLY A 466 24.98 25.68 9.75
C GLY A 466 24.96 24.53 8.74
N GLY A 467 24.81 23.31 9.24
CA GLY A 467 24.71 22.09 8.45
C GLY A 467 23.29 21.67 8.19
N ALA A 468 23.09 20.88 7.16
CA ALA A 468 21.79 20.26 6.92
C ALA A 468 21.59 19.12 7.92
N PHE A 469 20.38 19.00 8.47
CA PHE A 469 20.10 18.00 9.51
C PHE A 469 19.07 16.99 9.03
N GLY A 470 19.38 15.70 9.11
CA GLY A 470 18.45 14.63 8.79
C GLY A 470 19.20 13.36 8.52
N GLY A 471 18.47 12.33 8.10
CA GLY A 471 19.03 11.03 7.92
C GLY A 471 18.59 10.36 6.64
N GLU A 472 19.09 9.16 6.50
CA GLU A 472 18.89 8.30 5.33
C GLU A 472 18.08 7.07 5.69
N LYS A 473 17.81 6.23 4.69
CA LYS A 473 17.11 4.98 4.95
C LYS A 473 15.74 5.23 5.61
N HIS A 474 15.38 4.48 6.65
CA HIS A 474 14.07 4.67 7.28
C HIS A 474 13.95 5.96 8.07
N THR A 475 15.04 6.75 8.16
CA THR A 475 14.93 8.10 8.72
C THR A 475 14.26 9.09 7.75
N GLY A 476 14.15 8.72 6.48
CA GLY A 476 13.24 9.40 5.57
C GLY A 476 13.78 10.34 4.53
N GLY A 477 15.02 10.78 4.69
CA GLY A 477 15.71 11.48 3.61
C GLY A 477 15.71 12.98 3.64
N GLY A 478 14.80 13.56 4.42
CA GLY A 478 14.64 14.99 4.39
C GLY A 478 15.80 15.66 5.12
N ARG A 479 16.00 16.95 4.84
CA ARG A 479 16.92 17.76 5.61
C ARG A 479 16.30 19.08 6.05
N GLU A 480 16.79 19.55 7.19
CA GLU A 480 16.36 20.82 7.76
C GLU A 480 17.57 21.69 8.08
N SER A 481 17.29 22.99 8.24
CA SER A 481 18.22 24.01 8.78
C SER A 481 19.22 24.49 7.69
N GLY A 482 20.45 24.01 7.70
CA GLY A 482 21.53 24.69 6.97
C GLY A 482 21.91 24.10 5.63
N SER A 483 23.11 24.48 5.17
CA SER A 483 23.57 24.21 3.82
C SER A 483 22.46 24.64 2.84
N ASP A 484 22.16 23.83 1.84
CA ASP A 484 21.07 24.12 0.88
C ASP A 484 19.80 23.36 1.17
N ALA A 485 19.54 23.11 2.45
CA ALA A 485 18.25 22.55 2.83
C ALA A 485 17.05 23.41 2.34
N TRP A 486 17.27 24.72 2.19
CA TRP A 486 16.24 25.65 1.77
C TRP A 486 15.61 25.24 0.45
N LYS A 487 16.39 24.57 -0.42
CA LYS A 487 15.88 24.17 -1.75
C LYS A 487 14.67 23.23 -1.63
N GLN A 488 14.53 22.51 -0.52
CA GLN A 488 13.38 21.63 -0.33
C GLN A 488 12.08 22.40 -0.20
N TYR A 489 12.20 23.68 0.15
CA TYR A 489 11.03 24.53 0.38
C TYR A 489 10.72 25.42 -0.82
N MET A 490 11.36 25.13 -1.94
CA MET A 490 11.17 25.93 -3.15
C MET A 490 11.11 24.99 -4.38
N ARG A 491 10.60 25.53 -5.48
CA ARG A 491 10.59 24.83 -6.76
C ARG A 491 11.59 25.47 -7.70
N ARG A 492 12.37 24.59 -8.32
CA ARG A 492 13.38 24.96 -9.29
C ARG A 492 12.75 25.10 -10.67
N SER A 493 13.12 26.12 -11.42
CA SER A 493 12.81 26.14 -12.84
C SER A 493 14.09 26.46 -13.63
N THR A 494 14.22 25.84 -14.79
CA THR A 494 15.30 26.04 -15.70
C THR A 494 14.73 26.82 -16.88
N CYS A 495 15.26 28.02 -17.07
CA CYS A 495 14.58 29.05 -17.89
C CYS A 495 15.48 29.51 -19.03
N THR A 496 15.09 29.22 -20.26
CA THR A 496 15.84 29.70 -21.44
C THR A 496 15.09 30.89 -22.03
N ILE A 497 15.80 32.00 -22.19
CA ILE A 497 15.19 33.23 -22.69
C ILE A 497 15.91 33.59 -23.98
N ASN A 498 15.17 33.50 -25.07
CA ASN A 498 15.69 33.97 -26.36
C ASN A 498 15.40 35.46 -26.46
N TYR A 499 16.46 36.24 -26.28
CA TYR A 499 16.39 37.71 -26.34
C TYR A 499 16.79 38.29 -27.68
N SER A 500 17.05 37.44 -28.65
CA SER A 500 17.58 37.91 -29.90
C SER A 500 16.52 38.01 -30.98
N SER B 3 14.86 -13.65 -44.91
CA SER B 3 14.61 -12.27 -45.47
C SER B 3 13.51 -11.50 -44.73
N THR B 4 12.83 -12.12 -43.78
CA THR B 4 11.72 -11.48 -43.11
C THR B 4 12.28 -10.33 -42.21
N LEU B 5 13.36 -10.60 -41.49
CA LEU B 5 13.98 -9.64 -40.57
C LEU B 5 14.80 -8.58 -41.30
N LEU B 6 14.59 -7.30 -40.97
CA LEU B 6 15.38 -6.24 -41.62
C LEU B 6 16.87 -6.48 -41.47
N ILE B 7 17.33 -7.02 -40.33
CA ILE B 7 18.77 -7.22 -40.14
C ILE B 7 19.33 -8.24 -41.13
N ASN B 8 18.47 -9.09 -41.71
CA ASN B 8 18.91 -10.09 -42.69
C ASN B 8 18.72 -9.60 -44.16
N GLN B 9 18.31 -8.35 -44.33
CA GLN B 9 18.15 -7.75 -45.64
C GLN B 9 19.38 -6.87 -45.93
N PRO B 10 19.88 -6.94 -47.18
CA PRO B 10 21.14 -6.25 -47.45
C PRO B 10 21.17 -4.75 -47.21
N GLN B 11 20.05 -4.04 -47.42
CA GLN B 11 20.07 -2.59 -47.28
C GLN B 11 20.24 -2.13 -45.81
N TYR B 12 20.15 -3.05 -44.87
CA TYR B 12 20.30 -2.71 -43.43
C TYR B 12 21.51 -3.39 -42.81
N ALA B 13 22.50 -3.74 -43.62
CA ALA B 13 23.70 -4.42 -43.11
C ALA B 13 24.51 -3.56 -42.14
N TRP B 14 24.32 -2.24 -42.20
CA TRP B 14 24.93 -1.31 -41.29
C TRP B 14 24.60 -1.60 -39.83
N LEU B 15 23.45 -2.26 -39.58
CA LEU B 15 23.08 -2.65 -38.20
C LEU B 15 24.18 -3.50 -37.54
N LYS B 16 24.88 -4.30 -38.33
CA LYS B 16 25.92 -5.19 -37.81
C LYS B 16 27.16 -4.44 -37.27
N GLU B 17 27.32 -3.18 -37.72
CA GLU B 17 28.36 -2.29 -37.22
C GLU B 17 28.16 -1.97 -35.75
N LEU B 18 26.94 -2.19 -35.26
CA LEU B 18 26.65 -2.04 -33.85
C LEU B 18 26.77 -3.33 -33.06
N GLY B 19 27.21 -4.41 -33.70
CA GLY B 19 27.30 -5.70 -33.04
C GLY B 19 26.02 -6.49 -32.95
N LEU B 20 24.98 -5.99 -33.61
CA LEU B 20 23.68 -6.65 -33.60
C LEU B 20 23.65 -7.82 -34.58
N ARG B 21 22.88 -8.84 -34.20
CA ARG B 21 22.64 -10.03 -34.98
C ARG B 21 21.14 -10.35 -35.02
N GLU B 22 20.79 -11.43 -35.68
CA GLU B 22 19.41 -11.86 -35.78
C GLU B 22 18.77 -11.96 -34.39
N GLU B 23 19.49 -12.57 -33.48
CA GLU B 23 19.05 -12.70 -32.09
C GLU B 23 20.17 -12.21 -31.16
N ASN B 24 19.79 -11.39 -30.18
CA ASN B 24 20.75 -10.67 -29.34
C ASN B 24 20.46 -10.93 -27.87
N GLU B 25 21.52 -11.07 -27.10
CA GLU B 25 21.40 -11.18 -25.65
C GLU B 25 20.95 -9.84 -25.08
N GLY B 26 19.93 -9.83 -24.22
CA GLY B 26 19.47 -8.57 -23.63
C GLY B 26 19.75 -8.39 -22.15
N VAL B 27 20.63 -9.23 -21.60
CA VAL B 27 21.15 -9.08 -20.25
C VAL B 27 22.65 -8.89 -20.32
N TYR B 28 23.18 -7.89 -19.61
CA TYR B 28 24.62 -7.75 -19.46
C TYR B 28 24.91 -7.42 -18.01
N ASN B 29 25.86 -8.18 -17.46
CA ASN B 29 26.35 -7.92 -16.13
C ASN B 29 27.83 -8.25 -16.00
N GLY B 30 28.56 -8.06 -17.10
CA GLY B 30 29.91 -8.56 -17.25
C GLY B 30 29.88 -9.76 -18.18
N SER B 31 28.82 -10.56 -18.07
CA SER B 31 28.50 -11.65 -18.98
C SER B 31 27.25 -11.23 -19.76
N TRP B 32 27.12 -11.70 -21.00
CA TRP B 32 25.90 -11.49 -21.77
C TRP B 32 25.00 -12.71 -21.69
N GLY B 33 23.69 -12.47 -21.59
CA GLY B 33 22.76 -13.57 -21.53
C GLY B 33 21.32 -13.13 -21.74
N GLY B 34 20.39 -13.92 -21.19
CA GLY B 34 18.97 -13.68 -21.33
C GLY B 34 18.19 -14.97 -21.47
N ARG B 35 17.64 -15.44 -20.36
CA ARG B 35 16.85 -16.66 -20.32
C ARG B 35 15.37 -16.39 -20.27
N GLY B 36 14.99 -15.11 -20.37
CA GLY B 36 13.60 -14.74 -20.38
C GLY B 36 12.99 -14.79 -21.78
N GLU B 37 11.87 -14.10 -21.92
CA GLU B 37 11.09 -14.10 -23.16
C GLU B 37 11.85 -13.41 -24.26
N VAL B 38 11.85 -14.01 -25.44
CA VAL B 38 12.41 -13.37 -26.61
C VAL B 38 11.38 -12.40 -27.20
N ILE B 39 11.81 -11.17 -27.46
CA ILE B 39 11.03 -10.13 -28.07
C ILE B 39 11.63 -9.81 -29.45
N THR B 40 10.75 -9.55 -30.41
CA THR B 40 11.13 -9.05 -31.72
C THR B 40 10.66 -7.61 -31.82
N THR B 41 11.58 -6.70 -32.13
CA THR B 41 11.19 -5.32 -32.29
C THR B 41 10.92 -5.02 -33.75
N TYR B 42 10.05 -4.03 -33.96
CA TYR B 42 9.55 -3.69 -35.29
C TYR B 42 9.88 -2.26 -35.66
N CYS B 43 10.14 -2.06 -36.92
CA CYS B 43 10.29 -0.73 -37.52
C CYS B 43 8.95 -0.05 -37.75
N PRO B 44 8.67 1.07 -37.06
CA PRO B 44 7.39 1.72 -37.23
C PRO B 44 7.13 2.34 -38.60
N ALA B 45 8.18 2.58 -39.38
CA ALA B 45 8.03 3.17 -40.73
C ALA B 45 7.50 2.20 -41.78
N ASN B 46 7.72 0.91 -41.56
CA ASN B 46 7.28 -0.12 -42.51
C ASN B 46 6.66 -1.37 -41.90
N ASN B 47 6.51 -1.36 -40.56
CA ASN B 47 5.91 -2.46 -39.83
C ASN B 47 6.59 -3.82 -40.04
N GLU B 48 7.88 -3.77 -40.35
CA GLU B 48 8.65 -4.99 -40.52
C GLU B 48 9.50 -5.31 -39.27
N PRO B 49 9.69 -6.59 -38.94
CA PRO B 49 10.51 -6.96 -37.80
C PRO B 49 11.98 -6.72 -38.08
N ILE B 50 12.70 -6.18 -37.09
CA ILE B 50 14.13 -5.83 -37.24
C ILE B 50 15.02 -6.99 -36.83
N ALA B 51 14.87 -7.45 -35.58
CA ALA B 51 15.73 -8.45 -34.98
C ALA B 51 15.15 -8.75 -33.64
N ARG B 52 15.78 -9.68 -32.94
CA ARG B 52 15.25 -10.21 -31.70
C ARG B 52 16.19 -9.98 -30.52
N VAL B 53 15.59 -9.88 -29.35
CA VAL B 53 16.34 -9.71 -28.09
C VAL B 53 15.81 -10.66 -27.03
N ARG B 54 16.74 -11.40 -26.40
CA ARG B 54 16.45 -12.30 -25.28
C ARG B 54 16.44 -11.51 -23.98
N GLN B 55 15.26 -11.36 -23.38
CA GLN B 55 15.10 -10.55 -22.21
C GLN B 55 15.50 -11.30 -20.94
N ALA B 56 15.45 -10.57 -19.83
CA ALA B 56 15.84 -11.10 -18.53
C ALA B 56 14.73 -11.94 -17.90
N SER B 57 15.12 -13.13 -17.44
CA SER B 57 14.31 -13.87 -16.50
C SER B 57 14.52 -13.34 -15.09
N VAL B 58 13.70 -13.81 -14.14
CA VAL B 58 13.93 -13.46 -12.73
C VAL B 58 15.33 -13.84 -12.28
N ALA B 59 15.76 -15.04 -12.64
CA ALA B 59 17.10 -15.52 -12.29
C ALA B 59 18.16 -14.61 -12.85
N ASP B 60 17.96 -14.14 -14.09
CA ASP B 60 18.92 -13.18 -14.69
C ASP B 60 18.98 -11.89 -13.88
N TYR B 61 17.79 -11.38 -13.54
CA TYR B 61 17.68 -10.16 -12.74
C TYR B 61 18.45 -10.29 -11.41
N GLU B 62 18.20 -11.40 -10.73
CA GLU B 62 18.81 -11.66 -9.42
C GLU B 62 20.33 -11.70 -9.55
N GLU B 63 20.81 -12.43 -10.56
CA GLU B 63 22.23 -12.55 -10.78
C GLU B 63 22.89 -11.21 -11.10
N THR B 64 22.18 -10.40 -11.87
CA THR B 64 22.72 -9.13 -12.29
C THR B 64 22.78 -8.13 -11.13
N VAL B 65 21.73 -8.07 -10.32
CA VAL B 65 21.77 -7.18 -9.16
C VAL B 65 22.95 -7.58 -8.23
N LYS B 66 23.14 -8.88 -8.01
CA LYS B 66 24.22 -9.36 -7.16
C LYS B 66 25.61 -8.96 -7.73
N LYS B 67 25.80 -9.16 -9.03
CA LYS B 67 27.05 -8.78 -9.66
C LYS B 67 27.26 -7.29 -9.66
N ALA B 68 26.20 -6.52 -9.83
CA ALA B 68 26.31 -5.07 -9.77
C ALA B 68 26.76 -4.58 -8.38
N ARG B 69 26.20 -5.18 -7.35
CA ARG B 69 26.53 -4.78 -6.00
C ARG B 69 27.96 -5.21 -5.63
N GLU B 70 28.44 -6.34 -6.15
CA GLU B 70 29.84 -6.70 -5.94
C GLU B 70 30.73 -5.69 -6.68
N ALA B 71 30.35 -5.36 -7.91
CA ALA B 71 31.09 -4.39 -8.71
C ALA B 71 31.17 -3.04 -8.03
N TRP B 72 30.12 -2.69 -7.31
CA TRP B 72 30.10 -1.39 -6.63
C TRP B 72 31.24 -1.24 -5.61
N LYS B 73 31.60 -2.35 -4.98
CA LYS B 73 32.64 -2.29 -3.96
C LYS B 73 33.97 -1.85 -4.58
N ILE B 74 34.21 -2.27 -5.83
CA ILE B 74 35.40 -1.86 -6.55
C ILE B 74 35.29 -0.42 -7.08
N TRP B 75 34.16 -0.12 -7.72
CA TRP B 75 33.91 1.16 -8.39
C TRP B 75 33.92 2.32 -7.41
N ALA B 76 33.27 2.15 -6.27
CA ALA B 76 33.19 3.25 -5.29
C ALA B 76 34.55 3.59 -4.70
N ASP B 77 35.50 2.65 -4.76
CA ASP B 77 36.86 2.90 -4.29
C ASP B 77 37.73 3.63 -5.32
N ILE B 78 37.24 3.78 -6.55
CA ILE B 78 37.99 4.49 -7.57
C ILE B 78 37.76 6.00 -7.40
N PRO B 79 38.84 6.81 -7.34
CA PRO B 79 38.66 8.26 -7.20
C PRO B 79 37.73 8.83 -8.27
N ALA B 80 36.93 9.83 -7.90
CA ALA B 80 35.94 10.35 -8.85
C ALA B 80 36.56 10.82 -10.17
N PRO B 81 37.69 11.55 -10.10
CA PRO B 81 38.32 11.92 -11.37
C PRO B 81 38.69 10.74 -12.25
N LYS B 82 39.07 9.60 -11.67
CA LYS B 82 39.37 8.42 -12.47
C LYS B 82 38.09 7.76 -13.01
N ARG B 83 36.98 7.87 -12.25
CA ARG B 83 35.66 7.47 -12.79
C ARG B 83 35.34 8.37 -13.98
N GLY B 84 35.69 9.66 -13.87
CA GLY B 84 35.49 10.64 -14.91
C GLY B 84 36.20 10.22 -16.19
N GLU B 85 37.41 9.70 -16.04
CA GLU B 85 38.19 9.25 -17.19
C GLU B 85 37.50 8.10 -17.91
N ILE B 86 36.82 7.24 -17.18
CA ILE B 86 36.07 6.16 -17.82
C ILE B 86 34.91 6.75 -18.63
N VAL B 87 34.22 7.72 -18.03
CA VAL B 87 33.12 8.41 -18.69
C VAL B 87 33.60 9.15 -19.94
N ARG B 88 34.79 9.73 -19.89
CA ARG B 88 35.42 10.38 -21.06
C ARG B 88 35.52 9.38 -22.21
N GLN B 89 36.01 8.20 -21.89
CA GLN B 89 36.18 7.17 -22.88
C GLN B 89 34.84 6.66 -23.42
N ILE B 90 33.83 6.57 -22.57
CA ILE B 90 32.47 6.27 -23.05
C ILE B 90 32.02 7.31 -24.08
N GLY B 91 32.27 8.59 -23.80
CA GLY B 91 31.92 9.67 -24.74
C GLY B 91 32.57 9.46 -26.09
N ASP B 92 33.87 9.16 -26.08
CA ASP B 92 34.59 8.90 -27.33
C ASP B 92 34.11 7.64 -28.08
N ALA B 93 33.75 6.60 -27.34
CA ALA B 93 33.24 5.36 -27.95
C ALA B 93 31.90 5.64 -28.62
N LEU B 94 31.06 6.46 -27.98
CA LEU B 94 29.79 6.87 -28.57
C LEU B 94 30.01 7.73 -29.82
N ARG B 95 30.98 8.64 -29.73
CA ARG B 95 31.35 9.50 -30.88
C ARG B 95 31.64 8.66 -32.12
N GLU B 96 32.34 7.55 -31.92
CA GLU B 96 32.79 6.65 -33.02
C GLU B 96 31.61 5.99 -33.74
N LYS B 97 30.49 5.82 -33.04
CA LYS B 97 29.34 5.10 -33.56
C LYS B 97 28.12 5.99 -33.77
N ILE B 98 28.33 7.31 -33.78
CA ILE B 98 27.24 8.25 -33.69
C ILE B 98 26.29 8.10 -34.89
N GLN B 99 26.84 7.99 -36.10
CA GLN B 99 25.94 7.96 -37.27
C GLN B 99 25.09 6.68 -37.31
N VAL B 100 25.73 5.53 -37.06
CA VAL B 100 25.04 4.26 -37.12
C VAL B 100 24.09 4.08 -35.93
N LEU B 101 24.48 4.50 -34.72
CA LEU B 101 23.56 4.40 -33.56
C LEU B 101 22.38 5.40 -33.75
N GLY B 102 22.67 6.60 -34.26
CA GLY B 102 21.56 7.50 -34.65
C GLY B 102 20.58 6.88 -35.63
N SER B 103 21.12 6.21 -36.63
CA SER B 103 20.29 5.57 -37.61
C SER B 103 19.42 4.47 -37.00
N LEU B 104 19.97 3.69 -36.06
CA LEU B 104 19.17 2.68 -35.35
C LEU B 104 18.04 3.33 -34.55
N VAL B 105 18.29 4.47 -33.90
CA VAL B 105 17.24 5.22 -33.24
C VAL B 105 16.13 5.55 -34.21
N SER B 106 16.50 6.02 -35.41
CA SER B 106 15.49 6.32 -36.41
C SER B 106 14.76 5.10 -36.89
N LEU B 107 15.48 3.98 -37.01
CA LEU B 107 14.86 2.72 -37.50
C LEU B 107 13.91 2.05 -36.50
N GLU B 108 14.36 1.92 -35.24
CA GLU B 108 13.61 1.15 -34.26
C GLU B 108 12.59 2.02 -33.54
N MET B 109 12.95 3.27 -33.28
CA MET B 109 12.05 4.16 -32.57
C MET B 109 11.16 4.99 -33.50
N GLY B 110 11.72 5.53 -34.58
CA GLY B 110 10.94 6.27 -35.58
C GLY B 110 11.16 7.75 -35.73
N LYS B 111 11.98 8.36 -34.87
CA LYS B 111 12.25 9.80 -35.01
C LYS B 111 13.25 10.06 -36.15
N ILE B 112 13.23 11.27 -36.71
CA ILE B 112 14.11 11.60 -37.82
C ILE B 112 15.60 11.58 -37.46
N LEU B 113 16.41 11.43 -38.49
CA LEU B 113 17.83 11.13 -38.34
C LEU B 113 18.58 12.17 -37.53
N VAL B 114 18.35 13.45 -37.80
CA VAL B 114 19.02 14.50 -37.03
C VAL B 114 18.70 14.40 -35.54
N GLU B 115 17.51 13.88 -35.21
CA GLU B 115 17.13 13.73 -33.82
C GLU B 115 17.73 12.46 -33.22
N GLY B 116 17.77 11.37 -33.99
CA GLY B 116 18.45 10.17 -33.52
C GLY B 116 19.93 10.41 -33.28
N VAL B 117 20.61 11.02 -34.27
CA VAL B 117 21.98 11.44 -34.11
C VAL B 117 22.14 12.40 -32.91
N GLY B 118 21.20 13.33 -32.80
CA GLY B 118 21.13 14.30 -31.72
C GLY B 118 21.09 13.67 -30.36
N GLU B 119 20.37 12.56 -30.20
CA GLU B 119 20.34 11.90 -28.90
C GLU B 119 21.70 11.36 -28.51
N VAL B 120 22.36 10.72 -29.48
CA VAL B 120 23.68 10.20 -29.23
C VAL B 120 24.61 11.37 -28.91
N GLN B 121 24.49 12.48 -29.63
CA GLN B 121 25.32 13.66 -29.32
C GLN B 121 25.09 14.19 -27.90
N GLU B 122 23.83 14.13 -27.44
CA GLU B 122 23.46 14.55 -26.07
C GLU B 122 24.21 13.69 -25.05
N TYR B 123 24.22 12.38 -25.28
CA TYR B 123 24.94 11.46 -24.40
C TYR B 123 26.43 11.77 -24.44
N VAL B 124 27.01 11.96 -25.65
CA VAL B 124 28.42 12.35 -25.77
C VAL B 124 28.67 13.63 -24.93
N ASP B 125 27.78 14.60 -25.07
CA ASP B 125 27.93 15.91 -24.43
C ASP B 125 27.83 15.83 -22.91
N ILE B 126 26.89 15.04 -22.39
CA ILE B 126 26.80 14.86 -20.92
C ILE B 126 28.04 14.11 -20.39
N CYS B 127 28.54 13.15 -21.16
CA CYS B 127 29.81 12.52 -20.80
C CYS B 127 30.92 13.56 -20.66
N ASP B 128 31.03 14.48 -21.61
CA ASP B 128 32.10 15.50 -21.57
C ASP B 128 31.92 16.44 -20.38
N TYR B 129 30.67 16.80 -20.10
CA TYR B 129 30.31 17.59 -18.92
C TYR B 129 30.69 16.88 -17.63
N ALA B 130 30.37 15.60 -17.56
CA ALA B 130 30.62 14.80 -16.36
C ALA B 130 32.11 14.62 -16.04
N VAL B 131 32.97 14.64 -17.04
CA VAL B 131 34.42 14.54 -16.81
C VAL B 131 34.87 15.72 -15.92
N GLY B 132 34.42 16.94 -16.23
CA GLY B 132 34.74 18.10 -15.38
C GLY B 132 34.08 17.99 -14.00
N LEU B 133 32.82 17.61 -14.02
CA LEU B 133 32.05 17.51 -12.79
C LEU B 133 32.72 16.54 -11.81
N SER B 134 33.43 15.53 -12.33
CA SER B 134 34.02 14.49 -11.51
C SER B 134 35.18 15.03 -10.66
N ARG B 135 35.66 16.23 -10.98
CA ARG B 135 36.68 16.88 -10.20
C ARG B 135 36.08 17.96 -9.30
N MET B 136 34.73 18.05 -9.27
CA MET B 136 34.05 19.14 -8.60
C MET B 136 33.05 18.71 -7.50
N ILE B 137 32.43 17.53 -7.64
CA ILE B 137 31.34 17.12 -6.80
C ILE B 137 31.82 17.03 -5.34
N GLY B 138 30.97 17.48 -4.43
CA GLY B 138 31.33 17.57 -3.03
C GLY B 138 30.48 18.65 -2.39
N GLY B 139 30.74 18.91 -1.11
CA GLY B 139 30.01 19.91 -0.32
C GLY B 139 30.95 20.88 0.33
N PRO B 140 30.40 21.88 1.02
CA PRO B 140 31.22 22.86 1.73
C PRO B 140 31.89 22.30 3.01
N ILE B 141 33.05 22.87 3.29
CA ILE B 141 33.61 22.83 4.64
C ILE B 141 33.12 24.12 5.30
N LEU B 142 32.42 23.97 6.41
CA LEU B 142 31.62 25.02 7.06
C LEU B 142 32.33 25.41 8.36
N PRO B 143 32.15 26.65 8.83
CA PRO B 143 32.74 27.08 10.08
C PRO B 143 31.94 26.59 11.27
N SER B 144 32.48 25.64 12.04
CA SER B 144 31.78 25.15 13.22
C SER B 144 31.66 26.24 14.29
N GLU B 145 30.55 26.24 15.02
CA GLU B 145 30.42 27.11 16.22
C GLU B 145 31.29 26.64 17.37
N ARG B 146 31.79 25.40 17.28
CA ARG B 146 32.59 24.76 18.32
C ARG B 146 34.10 24.93 18.10
N SER B 147 34.82 25.50 19.07
CA SER B 147 36.29 25.55 19.00
C SER B 147 36.85 24.13 18.84
N GLY B 148 37.88 24.00 18.02
CA GLY B 148 38.58 22.74 17.89
C GLY B 148 37.78 21.66 17.20
N HIS B 149 36.76 22.08 16.44
CA HIS B 149 35.96 21.15 15.66
C HIS B 149 35.92 21.58 14.20
N ALA B 150 35.89 20.59 13.30
CA ALA B 150 35.61 20.82 11.88
C ALA B 150 34.17 20.40 11.62
N LEU B 151 33.57 21.02 10.59
CA LEU B 151 32.23 20.69 10.11
C LEU B 151 32.32 20.57 8.59
N ILE B 152 32.00 19.40 8.10
CA ILE B 152 32.16 19.10 6.67
C ILE B 152 30.91 18.45 6.12
N GLU B 153 30.45 18.93 4.96
CA GLU B 153 29.39 18.27 4.22
C GLU B 153 30.01 17.35 3.17
N GLN B 154 29.83 16.05 3.38
CA GLN B 154 30.37 15.00 2.46
C GLN B 154 29.24 14.43 1.61
N TRP B 155 29.57 14.01 0.39
CA TRP B 155 28.61 13.34 -0.51
C TRP B 155 29.24 12.03 -0.91
N ASN B 156 28.46 10.96 -0.86
CA ASN B 156 28.92 9.63 -1.23
C ASN B 156 27.89 8.97 -2.16
N PRO B 157 28.32 7.97 -2.95
CA PRO B 157 27.35 7.25 -3.81
C PRO B 157 26.24 6.63 -2.99
N VAL B 158 25.07 6.58 -3.60
CA VAL B 158 23.96 5.83 -3.01
C VAL B 158 24.10 4.32 -3.20
N GLY B 159 24.81 3.90 -4.25
CA GLY B 159 25.12 2.51 -4.49
C GLY B 159 24.70 2.06 -5.87
N LEU B 160 23.56 1.37 -5.94
CA LEU B 160 23.02 0.88 -7.22
C LEU B 160 21.89 1.81 -7.66
N VAL B 161 22.04 2.39 -8.84
CA VAL B 161 21.01 3.25 -9.45
C VAL B 161 20.33 2.46 -10.56
N GLY B 162 19.07 2.11 -10.32
CA GLY B 162 18.27 1.52 -11.40
C GLY B 162 17.74 2.63 -12.28
N ILE B 163 17.67 2.38 -13.57
CA ILE B 163 17.28 3.40 -14.55
C ILE B 163 16.29 2.73 -15.50
N ILE B 164 15.05 3.20 -15.44
CA ILE B 164 13.97 2.75 -16.31
C ILE B 164 13.69 3.92 -17.26
N THR B 165 13.65 3.60 -18.55
CA THR B 165 13.48 4.64 -19.56
C THR B 165 12.34 4.35 -20.50
N ALA B 166 11.89 5.41 -21.17
CA ALA B 166 10.75 5.40 -22.05
C ALA B 166 11.20 5.14 -23.48
N PHE B 167 10.24 4.81 -24.35
CA PHE B 167 10.60 4.53 -25.75
C PHE B 167 11.11 5.73 -26.50
N ASN B 168 10.69 6.92 -26.07
CA ASN B 168 10.77 8.06 -26.97
C ASN B 168 12.10 8.75 -26.99
N PHE B 169 12.91 8.61 -25.90
CA PHE B 169 14.32 9.06 -25.85
C PHE B 169 15.15 7.88 -25.40
N PRO B 170 15.30 6.90 -26.30
CA PRO B 170 15.85 5.61 -25.91
C PRO B 170 17.36 5.57 -25.69
N VAL B 171 18.07 6.66 -26.02
CA VAL B 171 19.48 6.82 -25.72
C VAL B 171 19.77 7.94 -24.73
N ALA B 172 19.18 9.11 -24.93
CA ALA B 172 19.61 10.29 -24.17
C ALA B 172 19.28 10.23 -22.68
N VAL B 173 18.10 9.73 -22.33
CA VAL B 173 17.71 9.72 -20.92
C VAL B 173 18.60 8.76 -20.13
N TYR B 174 18.85 7.58 -20.66
CA TYR B 174 19.82 6.70 -20.01
C TYR B 174 21.15 7.41 -19.89
N GLY B 175 21.57 8.07 -20.96
CA GLY B 175 22.89 8.73 -20.97
C GLY B 175 23.03 9.77 -19.88
N TRP B 176 22.02 10.63 -19.73
CA TRP B 176 22.08 11.63 -18.63
C TRP B 176 22.22 10.96 -17.28
N ASN B 177 21.43 9.94 -17.04
CA ASN B 177 21.52 9.24 -15.73
C ASN B 177 22.83 8.49 -15.56
N ASN B 178 23.25 7.80 -16.60
CA ASN B 178 24.48 7.02 -16.58
C ASN B 178 25.72 7.82 -16.29
N ALA B 179 25.91 8.86 -17.08
CA ALA B 179 27.10 9.66 -16.96
C ALA B 179 27.23 10.26 -15.55
N ILE B 180 26.13 10.82 -15.06
CA ILE B 180 26.12 11.45 -13.75
C ILE B 180 26.26 10.39 -12.64
N ALA B 181 25.46 9.35 -12.69
CA ALA B 181 25.52 8.30 -11.67
C ALA B 181 26.92 7.72 -11.58
N MET B 182 27.57 7.52 -12.73
CA MET B 182 28.89 6.91 -12.77
C MET B 182 29.93 7.78 -12.10
N ILE B 183 30.00 9.04 -12.46
CA ILE B 183 31.04 9.88 -11.83
C ILE B 183 30.77 10.05 -10.32
N CYS B 184 29.50 9.93 -9.92
CA CYS B 184 29.13 9.97 -8.48
C CYS B 184 29.40 8.67 -7.73
N GLY B 185 30.02 7.70 -8.39
CA GLY B 185 30.43 6.43 -7.75
C GLY B 185 29.40 5.34 -7.59
N ASN B 186 28.33 5.44 -8.39
CA ASN B 186 27.27 4.43 -8.40
C ASN B 186 27.50 3.45 -9.51
N VAL B 187 26.96 2.25 -9.33
CA VAL B 187 26.75 1.32 -10.42
C VAL B 187 25.33 1.47 -10.93
N CYS B 188 25.10 1.06 -12.18
CA CYS B 188 23.79 1.31 -12.85
C CYS B 188 23.17 0.01 -13.35
N LEU B 189 21.84 -0.06 -13.33
CA LEU B 189 21.11 -1.18 -13.92
C LEU B 189 20.02 -0.60 -14.78
N TRP B 190 20.14 -0.81 -16.09
CA TRP B 190 19.19 -0.20 -17.05
C TRP B 190 18.14 -1.23 -17.49
N LYS B 191 16.86 -0.82 -17.45
CA LYS B 191 15.77 -1.54 -18.11
C LYS B 191 15.08 -0.50 -19.05
N GLY B 192 15.40 -0.58 -20.33
CA GLY B 192 14.79 0.31 -21.31
C GLY B 192 13.42 -0.13 -21.77
N ALA B 193 12.78 0.68 -22.61
CA ALA B 193 11.49 0.30 -23.19
C ALA B 193 11.64 -0.98 -24.05
N PRO B 194 10.70 -1.93 -23.91
CA PRO B 194 10.85 -3.12 -24.74
C PRO B 194 10.88 -2.90 -26.24
N THR B 195 10.13 -1.89 -26.70
CA THR B 195 10.11 -1.57 -28.12
C THR B 195 11.37 -0.85 -28.64
N THR B 196 12.30 -0.54 -27.73
CA THR B 196 13.60 -0.02 -28.08
C THR B 196 14.75 -0.91 -27.55
N SER B 197 14.49 -2.23 -27.50
CA SER B 197 15.47 -3.20 -26.97
C SER B 197 16.77 -3.21 -27.76
N LEU B 198 16.70 -3.10 -29.08
CA LEU B 198 17.96 -3.15 -29.88
C LEU B 198 18.82 -1.94 -29.56
N ILE B 199 18.19 -0.78 -29.39
CA ILE B 199 18.92 0.45 -29.05
C ILE B 199 19.58 0.25 -27.67
N SER B 200 18.85 -0.30 -26.69
CA SER B 200 19.46 -0.57 -25.38
C SER B 200 20.66 -1.51 -25.47
N VAL B 201 20.51 -2.58 -26.25
CA VAL B 201 21.57 -3.52 -26.45
C VAL B 201 22.78 -2.84 -27.10
N ALA B 202 22.53 -2.13 -28.19
CA ALA B 202 23.61 -1.46 -28.94
C ALA B 202 24.41 -0.50 -28.03
N VAL B 203 23.70 0.29 -27.23
CA VAL B 203 24.36 1.24 -26.33
C VAL B 203 25.18 0.47 -25.29
N THR B 204 24.60 -0.58 -24.74
CA THR B 204 25.30 -1.36 -23.71
C THR B 204 26.54 -2.06 -24.25
N LYS B 205 26.50 -2.51 -25.52
CA LYS B 205 27.71 -3.08 -26.15
C LYS B 205 28.85 -2.06 -26.18
N ILE B 206 28.52 -0.80 -26.48
CA ILE B 206 29.51 0.26 -26.56
C ILE B 206 30.15 0.46 -25.18
N ILE B 207 29.30 0.59 -24.17
CA ILE B 207 29.77 0.83 -22.79
C ILE B 207 30.55 -0.37 -22.26
N ALA B 208 30.03 -1.58 -22.50
CA ALA B 208 30.66 -2.82 -22.01
C ALA B 208 32.09 -2.91 -22.50
N LYS B 209 32.29 -2.62 -23.77
CA LYS B 209 33.64 -2.68 -24.31
C LYS B 209 34.59 -1.71 -23.58
N VAL B 210 34.14 -0.48 -23.32
CA VAL B 210 34.96 0.48 -22.59
C VAL B 210 35.30 -0.02 -21.18
N LEU B 211 34.34 -0.53 -20.43
CA LEU B 211 34.63 -1.02 -19.08
C LEU B 211 35.62 -2.19 -19.14
N GLU B 212 35.34 -3.19 -20.00
CA GLU B 212 36.15 -4.38 -20.08
C GLU B 212 37.55 -4.01 -20.55
N ASP B 213 37.68 -3.09 -21.50
CA ASP B 213 39.02 -2.64 -21.97
C ASP B 213 39.83 -1.96 -20.85
N ASN B 214 39.12 -1.41 -19.87
CA ASN B 214 39.76 -0.70 -18.76
C ASN B 214 39.87 -1.62 -17.54
N LYS B 215 39.70 -2.92 -17.76
CA LYS B 215 39.85 -3.93 -16.70
C LYS B 215 38.93 -3.69 -15.54
N LEU B 216 37.71 -3.20 -15.82
CA LEU B 216 36.68 -2.97 -14.78
C LEU B 216 35.54 -3.94 -14.99
N PRO B 217 34.87 -4.32 -13.89
CA PRO B 217 33.75 -5.26 -14.01
C PRO B 217 32.58 -4.62 -14.79
N GLY B 218 32.07 -5.34 -15.79
CA GLY B 218 31.01 -4.78 -16.62
C GLY B 218 29.70 -4.48 -15.93
N ALA B 219 29.44 -5.15 -14.81
CA ALA B 219 28.22 -4.90 -14.06
C ALA B 219 28.07 -3.46 -13.50
N ILE B 220 29.14 -2.68 -13.56
CA ILE B 220 29.08 -1.21 -13.34
C ILE B 220 27.97 -0.57 -14.18
N CYS B 221 27.76 -1.09 -15.41
CA CYS B 221 26.67 -0.61 -16.27
C CYS B 221 25.91 -1.84 -16.81
N SER B 222 25.05 -2.38 -15.96
CA SER B 222 24.36 -3.63 -16.24
C SER B 222 23.11 -3.27 -17.03
N LEU B 223 22.63 -4.25 -17.79
CA LEU B 223 21.40 -4.20 -18.58
C LEU B 223 20.53 -5.44 -18.29
N THR B 224 19.27 -5.20 -17.99
CA THR B 224 18.28 -6.28 -17.92
C THR B 224 17.07 -5.88 -18.73
N CYS B 225 17.08 -6.24 -20.00
CA CYS B 225 15.91 -5.91 -20.84
C CYS B 225 14.67 -6.65 -20.30
N GLY B 226 13.54 -5.94 -20.31
CA GLY B 226 12.27 -6.52 -19.96
C GLY B 226 11.21 -5.46 -19.90
N GLY B 227 10.05 -5.89 -19.44
CA GLY B 227 8.90 -5.02 -19.36
C GLY B 227 8.49 -4.64 -17.97
N ALA B 228 7.18 -4.62 -17.76
CA ALA B 228 6.64 -4.25 -16.45
C ALA B 228 7.10 -5.19 -15.34
N ASP B 229 7.33 -6.48 -15.63
CA ASP B 229 7.69 -7.40 -14.57
C ASP B 229 9.07 -7.04 -13.99
N ILE B 230 10.04 -6.77 -14.87
CA ILE B 230 11.38 -6.38 -14.43
C ILE B 230 11.37 -5.00 -13.75
N GLY B 231 10.62 -4.09 -14.36
CA GLY B 231 10.45 -2.77 -13.80
C GLY B 231 9.87 -2.76 -12.38
N THR B 232 8.87 -3.59 -12.18
CA THR B 232 8.22 -3.69 -10.88
C THR B 232 9.20 -4.27 -9.88
N ALA B 233 9.97 -5.27 -10.30
CA ALA B 233 10.99 -5.86 -9.42
C ALA B 233 11.97 -4.80 -8.95
N MET B 234 12.44 -3.99 -9.89
CA MET B 234 13.33 -2.88 -9.55
C MET B 234 12.72 -1.90 -8.54
N ALA B 235 11.46 -1.53 -8.78
CA ALA B 235 10.70 -0.65 -7.89
C ALA B 235 10.55 -1.23 -6.46
N LYS B 236 10.52 -2.56 -6.37
CA LYS B 236 10.36 -3.20 -5.08
C LYS B 236 11.66 -3.64 -4.40
N ASP B 237 12.78 -3.56 -5.12
CA ASP B 237 14.02 -4.14 -4.65
C ASP B 237 14.79 -3.17 -3.74
N GLU B 238 14.94 -3.54 -2.48
CA GLU B 238 15.73 -2.77 -1.52
C GLU B 238 17.20 -2.61 -1.93
N ARG B 239 17.66 -3.46 -2.85
CA ARG B 239 19.04 -3.37 -3.30
C ARG B 239 19.24 -2.28 -4.34
N VAL B 240 18.14 -1.76 -4.87
CA VAL B 240 18.18 -0.66 -5.81
C VAL B 240 18.01 0.62 -5.00
N ASN B 241 19.12 1.32 -4.77
CA ASN B 241 19.14 2.44 -3.83
C ASN B 241 18.41 3.70 -4.37
N LEU B 242 18.54 3.92 -5.67
CA LEU B 242 17.83 5.00 -6.34
C LEU B 242 17.25 4.38 -7.58
N LEU B 243 15.97 4.67 -7.83
CA LEU B 243 15.32 4.25 -9.05
C LEU B 243 14.93 5.52 -9.82
N SER B 244 15.58 5.71 -10.95
CA SER B 244 15.27 6.81 -11.84
C SER B 244 14.31 6.26 -12.89
N PHE B 245 13.13 6.84 -12.95
CA PHE B 245 12.05 6.35 -13.82
C PHE B 245 11.61 7.49 -14.73
N THR B 246 11.68 7.22 -16.04
CA THR B 246 11.18 8.14 -17.09
C THR B 246 10.06 7.38 -17.81
N GLY B 247 8.88 7.98 -17.83
CA GLY B 247 7.74 7.30 -18.41
C GLY B 247 6.45 8.01 -18.09
N SER B 248 5.33 7.32 -18.30
CA SER B 248 4.03 7.90 -18.08
C SER B 248 3.79 8.21 -16.61
N THR B 249 2.94 9.21 -16.38
CA THR B 249 2.54 9.53 -15.00
C THR B 249 1.87 8.29 -14.34
N GLN B 250 1.04 7.59 -15.09
CA GLN B 250 0.25 6.48 -14.53
C GLN B 250 1.18 5.42 -13.94
N VAL B 251 2.19 5.01 -14.69
CA VAL B 251 3.13 4.00 -14.21
C VAL B 251 4.05 4.65 -13.16
N GLY B 252 4.50 5.86 -13.40
CA GLY B 252 5.42 6.52 -12.49
C GLY B 252 4.85 6.69 -11.07
N LYS B 253 3.55 6.97 -10.97
CA LYS B 253 2.92 7.07 -9.66
C LYS B 253 3.10 5.75 -8.90
N GLN B 254 2.87 4.64 -9.57
CA GLN B 254 2.99 3.33 -8.95
C GLN B 254 4.42 3.00 -8.53
N VAL B 255 5.34 3.31 -9.42
CA VAL B 255 6.76 3.16 -9.12
C VAL B 255 7.15 4.02 -7.89
N GLY B 256 6.71 5.26 -7.88
CA GLY B 256 7.05 6.15 -6.76
C GLY B 256 6.47 5.61 -5.46
N LEU B 257 5.26 5.05 -5.50
CA LEU B 257 4.66 4.51 -4.28
C LEU B 257 5.46 3.27 -3.81
N MET B 258 5.84 2.39 -4.74
CA MET B 258 6.65 1.21 -4.35
C MET B 258 7.97 1.58 -3.73
N VAL B 259 8.64 2.56 -4.30
CA VAL B 259 9.91 2.98 -3.76
C VAL B 259 9.72 3.59 -2.37
N GLN B 260 8.72 4.44 -2.22
CA GLN B 260 8.44 5.07 -0.93
C GLN B 260 8.14 4.02 0.16
N GLU B 261 7.40 2.98 -0.23
CA GLU B 261 7.02 1.91 0.72
C GLU B 261 8.25 1.30 1.39
N ARG B 262 9.35 1.19 0.65
CA ARG B 262 10.57 0.57 1.13
C ARG B 262 11.63 1.63 1.50
N PHE B 263 11.23 2.90 1.60
CA PHE B 263 12.18 3.96 1.95
C PHE B 263 13.41 3.95 1.03
N GLY B 264 13.17 3.70 -0.26
CA GLY B 264 14.19 3.94 -1.25
C GLY B 264 14.13 5.38 -1.77
N ARG B 265 14.94 5.69 -2.77
CA ARG B 265 14.91 7.01 -3.38
C ARG B 265 14.43 6.82 -4.80
N SER B 266 13.55 7.75 -5.23
CA SER B 266 13.13 7.77 -6.63
C SER B 266 13.41 9.12 -7.24
N LEU B 267 13.60 9.05 -8.55
CA LEU B 267 13.76 10.23 -9.39
C LEU B 267 12.77 10.04 -10.53
N LEU B 268 11.67 10.80 -10.48
CA LEU B 268 10.54 10.60 -11.40
C LEU B 268 10.49 11.71 -12.44
N GLU B 269 10.44 11.29 -13.70
CA GLU B 269 10.43 12.14 -14.89
C GLU B 269 9.24 11.64 -15.72
N LEU B 270 8.07 12.28 -15.52
CA LEU B 270 6.84 11.72 -16.00
C LEU B 270 6.23 12.60 -17.11
N GLY B 271 4.92 12.55 -17.25
CA GLY B 271 4.29 13.17 -18.40
C GLY B 271 4.22 14.69 -18.43
N GLY B 272 3.90 15.20 -19.61
CA GLY B 272 3.78 16.63 -19.84
C GLY B 272 2.52 16.96 -20.61
N ASN B 273 2.12 18.22 -20.54
CA ASN B 273 0.97 18.73 -21.27
C ASN B 273 1.28 20.21 -21.51
N ASN B 274 2.32 20.39 -22.30
CA ASN B 274 3.04 21.63 -22.34
C ASN B 274 2.37 22.68 -23.22
N ALA B 275 2.33 23.90 -22.69
CA ALA B 275 1.71 25.04 -23.36
C ALA B 275 2.71 26.04 -23.90
N ILE B 276 2.36 26.56 -25.07
CA ILE B 276 2.96 27.77 -25.62
C ILE B 276 1.88 28.84 -25.56
N ILE B 277 2.28 30.04 -25.12
CA ILE B 277 1.40 31.16 -25.07
C ILE B 277 1.98 32.30 -25.93
N ALA B 278 1.20 32.75 -26.91
CA ALA B 278 1.62 33.87 -27.78
C ALA B 278 0.81 35.13 -27.49
N PHE B 279 1.51 36.15 -26.99
CA PHE B 279 0.89 37.43 -26.66
C PHE B 279 0.77 38.29 -27.90
N GLU B 280 -0.05 39.35 -27.82
CA GLU B 280 -0.32 40.22 -28.96
C GLU B 280 0.96 40.83 -29.50
N ASP B 281 1.97 41.04 -28.64
CA ASP B 281 3.20 41.69 -29.06
C ASP B 281 4.27 40.69 -29.58
N ALA B 282 3.90 39.41 -29.70
CA ALA B 282 4.81 38.40 -30.14
C ALA B 282 5.26 38.61 -31.58
N ASP B 283 6.52 38.23 -31.86
CA ASP B 283 7.04 38.13 -33.20
C ASP B 283 6.49 36.85 -33.84
N LEU B 284 5.57 37.03 -34.78
CA LEU B 284 4.90 35.92 -35.41
C LEU B 284 5.80 35.10 -36.30
N SER B 285 6.83 35.72 -36.87
CA SER B 285 7.81 35.02 -37.69
C SER B 285 8.62 34.05 -36.85
N LEU B 286 8.62 34.26 -35.54
CA LEU B 286 9.20 33.32 -34.60
C LEU B 286 8.20 32.31 -34.03
N VAL B 287 7.03 32.82 -33.65
CA VAL B 287 5.97 31.99 -33.06
C VAL B 287 5.61 30.83 -33.96
N VAL B 288 5.40 31.08 -35.24
CA VAL B 288 4.88 30.02 -36.15
C VAL B 288 5.86 28.85 -36.32
N PRO B 289 7.11 29.09 -36.76
CA PRO B 289 8.04 27.97 -36.82
C PRO B 289 8.33 27.32 -35.45
N SER B 290 8.31 28.07 -34.37
CA SER B 290 8.51 27.49 -33.02
C SER B 290 7.39 26.52 -32.67
N ALA B 291 6.16 26.94 -32.87
CA ALA B 291 4.98 26.11 -32.60
C ALA B 291 4.98 24.84 -33.47
N LEU B 292 5.34 25.01 -34.74
CA LEU B 292 5.43 23.92 -35.69
C LEU B 292 6.42 22.88 -35.17
N PHE B 293 7.62 23.33 -34.78
CA PHE B 293 8.68 22.41 -34.33
C PHE B 293 8.26 21.72 -33.04
N ALA B 294 7.78 22.53 -32.11
CA ALA B 294 7.38 22.01 -30.80
C ALA B 294 6.20 21.06 -30.84
N ALA B 295 5.23 21.33 -31.71
CA ALA B 295 4.07 20.46 -31.84
C ALA B 295 4.28 19.22 -32.68
N VAL B 296 4.98 19.37 -33.81
CA VAL B 296 5.12 18.29 -34.77
C VAL B 296 6.45 17.55 -34.70
N GLY B 297 7.47 18.13 -34.06
CA GLY B 297 8.74 17.45 -33.92
C GLY B 297 8.52 16.09 -33.28
N THR B 298 9.26 15.11 -33.78
CA THR B 298 9.19 13.72 -33.26
C THR B 298 7.77 13.16 -33.35
N ALA B 299 7.03 13.64 -34.34
CA ALA B 299 5.62 13.29 -34.53
C ALA B 299 4.78 13.45 -33.22
N GLY B 300 5.06 14.50 -32.47
CA GLY B 300 4.34 14.79 -31.24
C GLY B 300 4.67 13.86 -30.08
N GLN B 301 5.81 13.15 -30.15
CA GLN B 301 6.17 12.14 -29.15
C GLN B 301 7.40 12.52 -28.30
N ARG B 302 7.53 13.81 -27.99
CA ARG B 302 8.47 14.23 -26.97
C ARG B 302 7.70 14.45 -25.69
N CYS B 303 8.31 14.18 -24.56
CA CYS B 303 7.69 14.61 -23.31
C CYS B 303 7.43 16.14 -23.25
N THR B 304 8.29 16.92 -23.91
CA THR B 304 8.19 18.38 -23.97
C THR B 304 7.44 18.93 -25.18
N THR B 305 6.75 18.05 -25.91
CA THR B 305 5.97 18.45 -27.06
C THR B 305 4.91 19.46 -26.62
N ALA B 306 4.75 20.50 -27.44
CA ALA B 306 3.69 21.48 -27.24
C ALA B 306 2.35 20.84 -27.60
N ARG B 307 1.44 20.78 -26.64
CA ARG B 307 0.11 20.20 -26.85
C ARG B 307 -1.03 21.20 -26.72
N ARG B 308 -0.72 22.35 -26.12
CA ARG B 308 -1.66 23.44 -25.93
C ARG B 308 -1.01 24.73 -26.47
N LEU B 309 -1.74 25.43 -27.32
CA LEU B 309 -1.30 26.71 -27.88
C LEU B 309 -2.35 27.77 -27.57
N PHE B 310 -1.97 28.69 -26.68
CA PHE B 310 -2.82 29.81 -26.30
C PHE B 310 -2.38 31.00 -27.11
N ILE B 311 -3.32 31.61 -27.83
CA ILE B 311 -3.01 32.74 -28.68
C ILE B 311 -3.94 33.92 -28.37
N HIS B 312 -3.37 35.11 -28.23
CA HIS B 312 -4.18 36.29 -27.95
C HIS B 312 -5.26 36.44 -29.03
N GLU B 313 -6.45 36.82 -28.60
CA GLU B 313 -7.59 36.95 -29.51
C GLU B 313 -7.27 37.72 -30.78
N SER B 314 -6.45 38.77 -30.64
CA SER B 314 -6.12 39.65 -31.77
C SER B 314 -5.33 38.99 -32.91
N ILE B 315 -4.54 37.98 -32.56
CA ILE B 315 -3.64 37.31 -33.52
C ILE B 315 -3.94 35.82 -33.76
N HIS B 316 -4.99 35.30 -33.09
CA HIS B 316 -5.36 33.87 -33.15
C HIS B 316 -5.56 33.36 -34.56
N ASP B 317 -6.42 34.04 -35.33
CA ASP B 317 -6.75 33.57 -36.69
C ASP B 317 -5.53 33.59 -37.60
N GLU B 318 -4.74 34.66 -37.55
CA GLU B 318 -3.52 34.72 -38.36
C GLU B 318 -2.53 33.62 -38.03
N VAL B 319 -2.27 33.41 -36.75
CA VAL B 319 -1.32 32.37 -36.36
C VAL B 319 -1.83 30.98 -36.80
N VAL B 320 -3.09 30.71 -36.55
CA VAL B 320 -3.65 29.40 -36.99
C VAL B 320 -3.53 29.22 -38.50
N ASN B 321 -3.84 30.26 -39.26
CA ASN B 321 -3.74 30.18 -40.72
C ASN B 321 -2.30 29.91 -41.16
N ARG B 322 -1.35 30.62 -40.57
CA ARG B 322 0.04 30.39 -40.92
C ARG B 322 0.51 28.99 -40.51
N LEU B 323 -0.01 28.49 -39.39
CA LEU B 323 0.40 27.16 -38.94
C LEU B 323 -0.12 26.09 -39.88
N LYS B 324 -1.39 26.19 -40.28
CA LYS B 324 -1.98 25.28 -41.24
C LYS B 324 -1.14 25.23 -42.52
N LYS B 325 -0.72 26.40 -42.99
CA LYS B 325 0.13 26.48 -44.18
C LYS B 325 1.47 25.78 -43.95
N ALA B 326 2.09 26.00 -42.79
CA ALA B 326 3.39 25.37 -42.53
C ALA B 326 3.25 23.84 -42.39
N TYR B 327 2.14 23.39 -41.79
CA TYR B 327 1.94 21.93 -41.63
C TYR B 327 1.92 21.20 -43.00
N ALA B 328 1.34 21.84 -44.02
CA ALA B 328 1.22 21.26 -45.37
C ALA B 328 2.55 21.10 -46.12
N GLN B 329 3.60 21.78 -45.65
CA GLN B 329 4.89 21.80 -46.30
C GLN B 329 5.95 20.81 -45.78
N ILE B 330 5.61 20.08 -44.72
CA ILE B 330 6.53 19.14 -44.04
C ILE B 330 6.93 17.93 -44.93
N ARG B 331 8.23 17.65 -45.11
CA ARG B 331 8.63 16.46 -45.88
C ARG B 331 8.48 15.19 -45.07
N VAL B 332 7.60 14.31 -45.55
CA VAL B 332 7.32 13.00 -44.93
C VAL B 332 8.13 11.91 -45.64
N GLY B 333 8.61 10.95 -44.86
CA GLY B 333 9.36 9.83 -45.42
C GLY B 333 9.86 8.90 -44.37
N ASN B 334 10.82 8.07 -44.74
CA ASN B 334 11.47 7.17 -43.80
C ASN B 334 12.37 8.03 -42.93
N PRO B 335 12.24 7.86 -41.61
CA PRO B 335 12.95 8.78 -40.71
C PRO B 335 14.48 8.73 -40.70
N TRP B 336 15.07 7.63 -41.16
CA TRP B 336 16.52 7.49 -41.23
C TRP B 336 17.14 8.11 -42.48
N ASP B 337 16.29 8.63 -43.36
CA ASP B 337 16.77 9.33 -44.53
C ASP B 337 17.00 10.80 -44.23
N PRO B 338 18.21 11.30 -44.56
CA PRO B 338 18.52 12.71 -44.36
C PRO B 338 17.48 13.66 -44.98
N ASN B 339 17.15 14.70 -44.23
CA ASN B 339 16.20 15.75 -44.60
C ASN B 339 14.70 15.41 -44.57
N VAL B 340 14.33 14.17 -44.28
CA VAL B 340 12.93 13.88 -43.93
C VAL B 340 12.65 14.55 -42.58
N LEU B 341 11.53 15.26 -42.48
CA LEU B 341 11.19 16.02 -41.28
C LEU B 341 10.05 15.39 -40.48
N TYR B 342 9.39 14.37 -41.02
CA TYR B 342 8.24 13.80 -40.37
C TYR B 342 8.13 12.29 -40.59
N GLY B 343 8.19 11.54 -39.48
CA GLY B 343 8.12 10.11 -39.49
C GLY B 343 6.86 9.56 -38.84
N PRO B 344 6.89 8.26 -38.58
CA PRO B 344 5.70 7.58 -38.08
C PRO B 344 5.56 7.71 -36.55
N LEU B 345 4.37 7.47 -36.05
CA LEU B 345 4.18 7.14 -34.61
C LEU B 345 4.77 5.78 -34.27
N HIS B 346 5.02 5.54 -32.99
CA HIS B 346 5.89 4.44 -32.60
C HIS B 346 5.22 3.08 -32.75
N THR B 347 3.91 3.07 -32.59
CA THR B 347 3.15 1.80 -32.59
C THR B 347 1.81 1.98 -33.32
N LYS B 348 1.20 0.86 -33.74
CA LYS B 348 -0.15 0.86 -34.27
C LYS B 348 -1.16 1.29 -33.20
N GLN B 349 -0.95 0.84 -31.97
CA GLN B 349 -1.74 1.33 -30.85
C GLN B 349 -1.76 2.84 -30.74
N ALA B 350 -0.61 3.47 -30.99
CA ALA B 350 -0.51 4.93 -30.87
C ALA B 350 -1.33 5.61 -31.96
N VAL B 351 -1.38 4.97 -33.14
CA VAL B 351 -2.23 5.46 -34.22
C VAL B 351 -3.71 5.42 -33.82
N SER B 352 -4.13 4.30 -33.24
CA SER B 352 -5.50 4.17 -32.81
C SER B 352 -5.85 5.19 -31.71
N MET B 353 -4.94 5.40 -30.76
CA MET B 353 -5.15 6.38 -29.69
C MET B 353 -5.22 7.81 -30.23
N PHE B 354 -4.43 8.09 -31.27
CA PHE B 354 -4.53 9.35 -32.00
C PHE B 354 -5.95 9.56 -32.56
N LEU B 355 -6.47 8.54 -33.25
CA LEU B 355 -7.82 8.65 -33.84
C LEU B 355 -8.89 8.84 -32.74
N GLY B 356 -8.69 8.13 -31.63
CA GLY B 356 -9.61 8.25 -30.50
C GLY B 356 -9.62 9.65 -29.90
N ALA B 357 -8.43 10.25 -29.76
CA ALA B 357 -8.31 11.58 -29.21
C ALA B 357 -8.95 12.64 -30.15
N VAL B 358 -8.76 12.48 -31.46
CA VAL B 358 -9.36 13.37 -32.45
C VAL B 358 -10.88 13.30 -32.32
N GLU B 359 -11.44 12.09 -32.25
CA GLU B 359 -12.88 11.93 -32.04
C GLU B 359 -13.36 12.53 -30.72
N GLU B 360 -12.60 12.36 -29.64
CA GLU B 360 -12.98 12.97 -28.34
C GLU B 360 -13.04 14.49 -28.43
N ALA B 361 -12.08 15.07 -29.14
CA ALA B 361 -12.01 16.52 -29.39
C ALA B 361 -13.26 17.02 -30.10
N LYS B 362 -13.71 16.26 -31.10
CA LYS B 362 -14.92 16.58 -31.84
C LYS B 362 -16.12 16.47 -30.94
N LYS B 363 -16.19 15.43 -30.11
CA LYS B 363 -17.29 15.28 -29.14
C LYS B 363 -17.39 16.47 -28.19
N GLU B 364 -16.23 16.98 -27.79
CA GLU B 364 -16.14 18.08 -26.83
C GLU B 364 -16.28 19.46 -27.51
N GLY B 365 -16.63 19.49 -28.79
CA GLY B 365 -16.91 20.75 -29.49
C GLY B 365 -15.80 21.35 -30.33
N GLY B 366 -14.66 20.67 -30.40
CA GLY B 366 -13.55 21.14 -31.21
C GLY B 366 -13.74 20.94 -32.71
N THR B 367 -12.97 21.71 -33.47
CA THR B 367 -12.94 21.60 -34.91
C THR B 367 -11.51 21.32 -35.37
N VAL B 368 -11.39 20.25 -36.15
CA VAL B 368 -10.12 19.92 -36.76
C VAL B 368 -9.93 20.86 -37.94
N VAL B 369 -8.97 21.77 -37.82
CA VAL B 369 -8.74 22.72 -38.91
C VAL B 369 -7.63 22.28 -39.85
N TYR B 370 -6.80 21.31 -39.41
CA TYR B 370 -5.84 20.62 -40.25
C TYR B 370 -5.65 19.21 -39.71
N GLY B 371 -5.60 18.26 -40.63
CA GLY B 371 -5.19 16.88 -40.31
C GLY B 371 -6.32 16.03 -39.80
N GLY B 372 -6.03 15.22 -38.80
CA GLY B 372 -7.02 14.44 -38.09
C GLY B 372 -7.10 12.99 -38.54
N LYS B 373 -6.42 12.64 -39.63
CA LYS B 373 -6.54 11.29 -40.23
C LYS B 373 -5.21 10.61 -40.34
N VAL B 374 -5.26 9.30 -40.56
CA VAL B 374 -4.07 8.52 -40.87
C VAL B 374 -3.60 8.89 -42.27
N MET B 375 -2.32 8.82 -42.49
CA MET B 375 -1.77 9.04 -43.84
C MET B 375 -1.91 7.77 -44.66
N ASP B 376 -2.16 7.93 -45.96
CA ASP B 376 -2.28 6.80 -46.89
C ASP B 376 -0.90 6.33 -47.35
N ARG B 377 -0.22 5.59 -46.47
CA ARG B 377 1.12 5.11 -46.70
C ARG B 377 1.49 4.02 -45.73
N PRO B 378 2.46 3.17 -46.11
CA PRO B 378 2.92 2.14 -45.18
C PRO B 378 3.45 2.74 -43.89
N GLY B 379 3.32 2.00 -42.78
CA GLY B 379 3.81 2.45 -41.49
C GLY B 379 2.80 3.23 -40.68
N ASN B 380 3.19 3.66 -39.50
CA ASN B 380 2.25 4.20 -38.56
C ASN B 380 2.17 5.72 -38.69
N TYR B 381 1.92 6.20 -39.89
CA TYR B 381 1.92 7.65 -40.13
C TYR B 381 0.53 8.24 -39.93
N VAL B 382 0.48 9.35 -39.21
CA VAL B 382 -0.73 10.13 -39.03
C VAL B 382 -0.48 11.58 -39.43
N GLU B 383 -1.55 12.28 -39.81
CA GLU B 383 -1.47 13.71 -40.12
C GLU B 383 -1.28 14.50 -38.83
N PRO B 384 -0.29 15.37 -38.79
CA PRO B 384 -0.18 16.25 -37.62
C PRO B 384 -1.42 17.15 -37.65
N THR B 385 -1.99 17.41 -36.48
CA THR B 385 -3.38 17.87 -36.35
C THR B 385 -3.49 19.10 -35.47
N ILE B 386 -4.32 20.05 -35.92
CA ILE B 386 -4.66 21.28 -35.19
C ILE B 386 -6.17 21.29 -34.92
N VAL B 387 -6.53 21.47 -33.67
CA VAL B 387 -7.91 21.54 -33.22
C VAL B 387 -8.16 22.94 -32.61
N THR B 388 -9.16 23.67 -33.12
CA THR B 388 -9.62 24.90 -32.50
C THR B 388 -10.97 24.72 -31.80
N GLY B 389 -11.36 25.71 -30.99
CA GLY B 389 -12.72 25.80 -30.46
C GLY B 389 -13.03 25.11 -29.14
N LEU B 390 -12.09 24.31 -28.63
CA LEU B 390 -12.30 23.64 -27.34
C LEU B 390 -12.16 24.65 -26.24
N GLY B 391 -12.86 24.40 -25.15
CA GLY B 391 -12.58 25.12 -23.93
C GLY B 391 -11.22 24.69 -23.38
N HIS B 392 -10.52 25.63 -22.77
CA HIS B 392 -9.19 25.32 -22.15
C HIS B 392 -9.31 24.22 -21.09
N ASP B 393 -10.50 24.02 -20.56
CA ASP B 393 -10.71 22.99 -19.54
C ASP B 393 -11.35 21.69 -20.08
N ALA B 394 -11.37 21.53 -21.39
CA ALA B 394 -11.83 20.31 -22.03
C ALA B 394 -11.04 19.09 -21.50
N SER B 395 -11.76 18.02 -21.18
CA SER B 395 -11.10 16.82 -20.66
C SER B 395 -9.93 16.36 -21.54
N ILE B 396 -10.16 16.26 -22.85
CA ILE B 396 -9.13 15.71 -23.74
C ILE B 396 -7.91 16.64 -23.82
N ALA B 397 -8.09 17.95 -23.64
CA ALA B 397 -6.98 18.90 -23.60
C ALA B 397 -6.15 18.77 -22.32
N HIS B 398 -6.76 18.26 -21.24
CA HIS B 398 -6.05 18.12 -19.95
C HIS B 398 -5.28 16.79 -19.87
N THR B 399 -5.53 15.93 -20.85
CA THR B 399 -4.98 14.59 -20.96
C THR B 399 -3.77 14.63 -21.89
N GLU B 400 -2.70 13.93 -21.52
CA GLU B 400 -1.56 13.71 -22.40
C GLU B 400 -1.89 12.59 -23.39
N THR B 401 -2.06 12.93 -24.66
CA THR B 401 -2.12 11.94 -25.72
C THR B 401 -0.85 12.04 -26.54
N PHE B 402 -0.10 10.96 -26.58
CA PHE B 402 1.24 10.97 -27.14
C PHE B 402 1.20 10.88 -28.69
N ALA B 403 0.76 11.97 -29.30
CA ALA B 403 0.46 12.03 -30.71
C ALA B 403 0.45 13.50 -31.10
N PRO B 404 0.61 13.81 -32.39
CA PRO B 404 0.70 15.21 -32.84
C PRO B 404 -0.69 15.83 -33.00
N ILE B 405 -1.28 16.22 -31.88
CA ILE B 405 -2.53 16.95 -31.83
C ILE B 405 -2.26 18.18 -30.98
N LEU B 406 -2.46 19.33 -31.61
CA LEU B 406 -2.29 20.62 -30.98
C LEU B 406 -3.64 21.28 -30.74
N TYR B 407 -3.94 21.53 -29.47
CA TYR B 407 -5.18 22.17 -29.05
C TYR B 407 -4.90 23.66 -28.92
N VAL B 408 -5.65 24.45 -29.69
CA VAL B 408 -5.49 25.91 -29.73
C VAL B 408 -6.65 26.61 -28.98
N PHE B 409 -6.28 27.63 -28.20
CA PHE B 409 -7.18 28.39 -27.38
C PHE B 409 -6.93 29.88 -27.60
N LYS B 410 -7.99 30.67 -27.51
CA LYS B 410 -7.87 32.13 -27.41
C LYS B 410 -7.71 32.55 -25.95
N PHE B 411 -7.04 33.69 -25.75
CA PHE B 411 -7.09 34.39 -24.47
C PHE B 411 -7.09 35.88 -24.66
N GLN B 412 -7.34 36.59 -23.57
CA GLN B 412 -7.30 38.06 -23.58
C GLN B 412 -6.18 38.60 -22.71
N ASN B 413 -6.16 38.14 -21.46
CA ASN B 413 -5.36 38.74 -20.38
C ASN B 413 -4.29 37.79 -19.85
N GLU B 414 -3.23 38.40 -19.35
CA GLU B 414 -2.04 37.66 -18.88
C GLU B 414 -2.35 36.77 -17.67
N GLU B 415 -3.05 37.34 -16.70
CA GLU B 415 -3.31 36.60 -15.45
C GLU B 415 -4.08 35.31 -15.73
N GLU B 416 -5.09 35.40 -16.59
CA GLU B 416 -5.92 34.23 -16.88
C GLU B 416 -5.13 33.17 -17.64
N VAL B 417 -4.33 33.59 -18.61
CA VAL B 417 -3.61 32.59 -19.43
C VAL B 417 -2.47 31.94 -18.64
N PHE B 418 -1.81 32.68 -17.75
CA PHE B 418 -0.84 32.03 -16.83
C PHE B 418 -1.55 30.94 -15.99
N ALA B 419 -2.72 31.27 -15.48
CA ALA B 419 -3.53 30.30 -14.71
C ALA B 419 -3.90 29.09 -15.56
N TRP B 420 -4.23 29.30 -16.83
CA TRP B 420 -4.59 28.19 -17.70
C TRP B 420 -3.35 27.33 -18.01
N ASN B 421 -2.16 27.93 -18.18
CA ASN B 421 -0.95 27.13 -18.29
C ASN B 421 -0.86 26.19 -17.09
N ASN B 422 -1.16 26.72 -15.90
CA ASN B 422 -0.94 26.09 -14.60
C ASN B 422 -2.03 25.16 -14.15
N GLU B 423 -3.19 25.17 -14.83
CA GLU B 423 -4.36 24.45 -14.31
C GLU B 423 -4.36 22.96 -14.49
N VAL B 424 -3.52 22.46 -15.40
CA VAL B 424 -3.40 21.01 -15.64
C VAL B 424 -2.56 20.32 -14.54
N LYS B 425 -2.60 18.97 -14.55
CA LYS B 425 -1.86 18.24 -13.55
C LYS B 425 -0.36 18.08 -13.81
N GLN B 426 0.00 18.12 -15.08
CA GLN B 426 1.37 18.03 -15.53
C GLN B 426 2.09 19.34 -15.26
N GLY B 427 3.41 19.31 -15.18
CA GLY B 427 4.21 20.50 -14.95
C GLY B 427 5.61 20.45 -15.50
N LEU B 428 5.73 20.04 -16.76
CA LEU B 428 7.06 19.81 -17.35
C LEU B 428 7.61 21.09 -17.95
N SER B 429 7.11 21.47 -19.14
CA SER B 429 7.62 22.62 -19.82
C SER B 429 6.51 23.61 -20.19
N SER B 430 6.92 24.82 -20.53
CA SER B 430 6.03 25.95 -20.78
C SER B 430 6.83 27.04 -21.50
N SER B 431 6.16 27.85 -22.32
CA SER B 431 6.82 28.88 -23.09
C SER B 431 5.85 30.04 -23.33
N ILE B 432 6.32 31.25 -23.17
CA ILE B 432 5.63 32.42 -23.69
C ILE B 432 6.44 33.09 -24.78
N PHE B 433 5.70 33.66 -25.73
CA PHE B 433 6.26 34.49 -26.76
C PHE B 433 5.71 35.90 -26.58
N THR B 434 6.62 36.82 -26.32
CA THR B 434 6.28 38.22 -25.99
C THR B 434 7.56 39.01 -25.99
N LYS B 435 7.43 40.33 -26.14
CA LYS B 435 8.56 41.25 -26.08
C LYS B 435 8.54 42.04 -24.76
N ASP B 436 7.49 41.84 -23.95
CA ASP B 436 7.22 42.68 -22.77
C ASP B 436 8.11 42.25 -21.61
N LEU B 437 9.01 43.16 -21.22
CA LEU B 437 10.01 42.90 -20.19
C LEU B 437 9.38 42.44 -18.83
N GLY B 438 8.37 43.18 -18.36
CA GLY B 438 7.70 42.90 -17.11
C GLY B 438 7.01 41.55 -17.16
N ARG B 439 6.28 41.27 -18.23
CA ARG B 439 5.60 40.01 -18.40
C ARG B 439 6.57 38.83 -18.36
N ILE B 440 7.75 39.02 -18.95
CA ILE B 440 8.78 37.97 -18.96
C ILE B 440 9.24 37.67 -17.52
N PHE B 441 9.54 38.71 -16.75
CA PHE B 441 9.94 38.46 -15.38
C PHE B 441 8.83 37.97 -14.47
N ARG B 442 7.59 38.34 -14.74
CA ARG B 442 6.47 37.83 -13.98
C ARG B 442 6.28 36.33 -14.29
N TRP B 443 6.47 35.96 -15.54
CA TRP B 443 6.37 34.57 -15.96
C TRP B 443 7.35 33.67 -15.24
N LEU B 444 8.55 34.22 -15.02
CA LEU B 444 9.64 33.54 -14.30
C LEU B 444 9.51 33.58 -12.76
N GLY B 445 8.56 34.36 -12.26
CA GLY B 445 8.41 34.63 -10.84
C GLY B 445 7.36 33.76 -10.17
N PRO B 446 7.02 34.08 -8.92
CA PRO B 446 6.15 33.21 -8.11
C PRO B 446 4.68 33.13 -8.56
N LYS B 447 4.25 34.09 -9.36
CA LYS B 447 2.89 34.10 -9.93
C LYS B 447 2.92 33.75 -11.43
N GLY B 448 4.02 33.15 -11.89
CA GLY B 448 4.20 32.81 -13.30
C GLY B 448 3.99 31.34 -13.51
N SER B 449 4.75 30.75 -14.43
CA SER B 449 4.64 29.33 -14.75
C SER B 449 5.04 28.46 -13.54
N ASP B 450 4.27 27.42 -13.34
CA ASP B 450 4.54 26.43 -12.29
C ASP B 450 5.38 25.23 -12.75
N CYS B 451 5.91 25.32 -13.97
CA CYS B 451 6.59 24.19 -14.58
C CYS B 451 8.08 24.14 -14.23
N GLY B 452 8.70 23.00 -14.51
CA GLY B 452 10.13 22.85 -14.31
C GLY B 452 11.02 23.51 -15.37
N ILE B 453 10.44 23.71 -16.56
CA ILE B 453 11.09 24.39 -17.69
C ILE B 453 10.20 25.57 -18.02
N VAL B 454 10.79 26.78 -17.99
CA VAL B 454 9.99 28.01 -18.13
C VAL B 454 10.72 28.87 -19.15
N ASN B 455 10.21 28.86 -20.37
CA ASN B 455 10.94 29.41 -21.50
C ASN B 455 10.30 30.66 -22.08
N VAL B 456 11.10 31.45 -22.79
CA VAL B 456 10.66 32.70 -23.37
C VAL B 456 11.16 32.77 -24.79
N ASN B 457 10.24 32.90 -25.75
CA ASN B 457 10.62 33.08 -27.15
C ASN B 457 11.38 31.92 -27.77
N ILE B 458 11.25 30.77 -27.13
CA ILE B 458 11.76 29.49 -27.61
C ILE B 458 10.72 28.46 -27.16
N PRO B 459 10.45 27.44 -28.00
CA PRO B 459 9.36 26.52 -27.68
C PRO B 459 9.63 25.60 -26.46
N THR B 460 8.68 24.71 -26.20
CA THR B 460 8.65 23.90 -24.98
C THR B 460 9.76 22.83 -24.95
N SER B 461 10.32 22.49 -26.11
CA SER B 461 11.38 21.49 -26.18
C SER B 461 12.80 22.12 -26.01
N GLY B 462 12.85 23.43 -25.68
CA GLY B 462 14.09 24.17 -25.41
C GLY B 462 14.73 23.85 -24.06
N ALA B 463 15.89 23.15 -24.11
CA ALA B 463 16.64 22.73 -22.94
C ALA B 463 18.05 22.31 -23.37
N GLU B 464 18.98 22.31 -22.44
CA GLU B 464 20.34 21.96 -22.77
C GLU B 464 20.94 21.30 -21.56
N ILE B 465 22.08 20.64 -21.74
CA ILE B 465 22.59 19.82 -20.65
C ILE B 465 23.09 20.60 -19.41
N GLY B 466 23.45 21.86 -19.57
CA GLY B 466 23.95 22.64 -18.45
C GLY B 466 22.94 22.93 -17.34
N GLY B 467 21.66 22.85 -17.67
CA GLY B 467 20.59 22.99 -16.69
C GLY B 467 20.05 21.67 -16.20
N ALA B 468 19.41 21.74 -15.05
CA ALA B 468 18.65 20.60 -14.52
C ALA B 468 17.36 20.46 -15.30
N PHE B 469 17.03 19.22 -15.70
CA PHE B 469 15.90 18.95 -16.58
C PHE B 469 14.85 18.15 -15.82
N GLY B 470 13.64 18.65 -15.76
CA GLY B 470 12.53 17.89 -15.18
C GLY B 470 11.37 18.80 -14.91
N GLY B 471 10.32 18.27 -14.26
CA GLY B 471 9.08 18.98 -14.03
C GLY B 471 8.53 18.84 -12.62
N GLU B 472 7.39 19.51 -12.42
CA GLU B 472 6.71 19.60 -11.16
C GLU B 472 5.38 18.89 -11.24
N LYS B 473 4.67 18.86 -10.12
CA LYS B 473 3.31 18.32 -10.07
C LYS B 473 3.33 16.88 -10.52
N HIS B 474 2.41 16.47 -11.43
CA HIS B 474 2.33 15.09 -11.85
C HIS B 474 3.50 14.70 -12.76
N THR B 475 4.40 15.64 -13.08
CA THR B 475 5.64 15.30 -13.81
C THR B 475 6.65 14.63 -12.86
N GLY B 476 6.45 14.75 -11.55
CA GLY B 476 7.14 13.84 -10.60
C GLY B 476 8.29 14.42 -9.79
N GLY B 477 8.83 15.56 -10.21
CA GLY B 477 9.76 16.30 -9.36
C GLY B 477 11.25 16.04 -9.55
N GLY B 478 11.61 14.97 -10.26
CA GLY B 478 13.01 14.60 -10.41
C GLY B 478 13.72 15.56 -11.34
N ARG B 479 15.05 15.60 -11.27
CA ARG B 479 15.83 16.37 -12.23
C ARG B 479 16.98 15.52 -12.77
N GLU B 480 17.35 15.78 -14.02
CA GLU B 480 18.49 15.10 -14.63
C GLU B 480 19.44 16.16 -15.22
N SER B 481 20.67 15.74 -15.49
CA SER B 481 21.67 16.46 -16.31
C SER B 481 22.39 17.48 -15.45
N GLY B 482 22.05 18.75 -15.59
CA GLY B 482 22.96 19.79 -15.11
C GLY B 482 22.62 20.40 -13.77
N SER B 483 23.21 21.57 -13.56
CA SER B 483 23.18 22.24 -12.26
C SER B 483 23.60 21.20 -11.20
N ASP B 484 22.95 21.20 -10.05
CA ASP B 484 23.27 20.24 -9.00
C ASP B 484 22.38 18.99 -9.01
N ALA B 485 21.88 18.60 -10.19
CA ALA B 485 21.11 17.38 -10.33
C ALA B 485 21.87 16.17 -9.78
N TRP B 486 23.19 16.21 -9.83
CA TRP B 486 24.01 15.12 -9.32
C TRP B 486 23.73 14.73 -7.89
N LYS B 487 23.33 15.69 -7.06
CA LYS B 487 23.06 15.42 -5.65
C LYS B 487 22.00 14.33 -5.47
N GLN B 488 21.09 14.16 -6.45
CA GLN B 488 20.08 13.13 -6.30
C GLN B 488 20.66 11.73 -6.40
N TYR B 489 21.88 11.60 -6.94
CA TYR B 489 22.57 10.33 -7.09
C TYR B 489 23.56 10.06 -5.97
N MET B 490 23.53 10.86 -4.91
CA MET B 490 24.50 10.75 -3.80
C MET B 490 23.76 10.95 -2.50
N ARG B 491 24.39 10.50 -1.42
CA ARG B 491 23.88 10.76 -0.08
C ARG B 491 24.75 11.81 0.63
N ARG B 492 24.08 12.79 1.21
CA ARG B 492 24.69 13.84 1.97
C ARG B 492 24.93 13.37 3.40
N SER B 493 26.10 13.71 3.95
CA SER B 493 26.33 13.59 5.40
C SER B 493 26.87 14.89 5.93
N THR B 494 26.43 15.23 7.12
CA THR B 494 26.92 16.39 7.86
C THR B 494 27.80 15.83 8.97
N CYS B 495 29.07 16.20 8.92
CA CYS B 495 30.09 15.51 9.70
C CYS B 495 30.83 16.49 10.61
N THR B 496 30.76 16.23 11.91
CA THR B 496 31.46 17.04 12.88
C THR B 496 32.64 16.24 13.41
N ILE B 497 33.86 16.82 13.33
CA ILE B 497 35.08 16.16 13.77
C ILE B 497 35.63 16.98 14.92
N ASN B 498 35.59 16.43 16.13
CA ASN B 498 36.29 17.02 17.25
C ASN B 498 37.75 16.57 17.19
N TYR B 499 38.63 17.48 16.79
CA TYR B 499 40.07 17.16 16.66
C TYR B 499 40.91 17.64 17.83
N SER B 500 40.25 18.15 18.86
CA SER B 500 40.95 18.82 19.94
C SER B 500 41.01 17.97 21.20
N THR C 4 30.92 79.16 20.62
CA THR C 4 31.45 79.11 19.23
C THR C 4 31.38 77.67 18.68
N LEU C 5 31.81 76.65 19.45
CA LEU C 5 31.68 75.25 18.98
C LEU C 5 30.21 74.84 19.04
N LEU C 6 29.72 74.20 18.00
CA LEU C 6 28.32 73.75 18.02
C LEU C 6 28.01 72.82 19.20
N ILE C 7 28.95 71.95 19.55
CA ILE C 7 28.72 71.01 20.66
C ILE C 7 28.52 71.68 22.00
N ASN C 8 28.91 72.94 22.12
CA ASN C 8 28.70 73.71 23.35
C ASN C 8 27.41 74.51 23.39
N GLN C 9 26.63 74.45 22.32
CA GLN C 9 25.34 75.12 22.24
C GLN C 9 24.23 74.14 22.63
N PRO C 10 23.32 74.54 23.53
CA PRO C 10 22.24 73.68 24.02
C PRO C 10 21.48 72.88 22.95
N GLN C 11 21.18 73.50 21.82
CA GLN C 11 20.45 72.84 20.73
C GLN C 11 21.18 71.63 20.08
N TYR C 12 22.50 71.58 20.23
CA TYR C 12 23.28 70.43 19.72
C TYR C 12 23.70 69.48 20.85
N ALA C 13 23.02 69.56 22.00
CA ALA C 13 23.28 68.70 23.14
C ALA C 13 23.19 67.23 22.76
N TRP C 14 22.36 66.92 21.77
CA TRP C 14 22.21 65.53 21.32
C TRP C 14 23.53 64.85 20.92
N LEU C 15 24.53 65.64 20.53
CA LEU C 15 25.86 65.10 20.17
C LEU C 15 26.47 64.33 21.35
N LYS C 16 26.14 64.76 22.57
CA LYS C 16 26.68 64.14 23.77
C LYS C 16 26.14 62.71 23.95
N GLU C 17 24.99 62.38 23.33
CA GLU C 17 24.48 60.99 23.30
C GLU C 17 25.37 60.00 22.52
N LEU C 18 26.27 60.55 21.71
CA LEU C 18 27.21 59.72 20.99
C LEU C 18 28.56 59.68 21.71
N GLY C 19 28.62 60.18 22.94
CA GLY C 19 29.87 60.20 23.69
C GLY C 19 30.83 61.29 23.29
N LEU C 20 30.38 62.23 22.44
CA LEU C 20 31.23 63.30 21.96
C LEU C 20 31.32 64.43 22.98
N ARG C 21 32.49 65.08 22.99
CA ARG C 21 32.78 66.22 23.85
C ARG C 21 33.41 67.35 23.01
N GLU C 22 33.77 68.45 23.68
CA GLU C 22 34.47 69.55 22.98
C GLU C 22 35.78 69.10 22.30
N GLU C 23 36.57 68.30 22.99
CA GLU C 23 37.76 67.74 22.39
C GLU C 23 37.75 66.24 22.65
N ASN C 24 37.86 65.49 21.57
CA ASN C 24 37.74 64.06 21.58
C ASN C 24 39.04 63.38 21.22
N GLU C 25 39.25 62.19 21.76
CA GLU C 25 40.38 61.34 21.41
C GLU C 25 40.08 60.61 20.10
N GLY C 26 41.06 60.67 19.19
CA GLY C 26 40.92 60.05 17.87
C GLY C 26 41.65 58.76 17.63
N VAL C 27 42.22 58.20 18.70
CA VAL C 27 42.87 56.91 18.66
C VAL C 27 42.18 55.99 19.66
N TYR C 28 41.78 54.82 19.16
CA TYR C 28 41.25 53.74 20.01
C TYR C 28 41.93 52.43 19.69
N ASN C 29 42.42 51.78 20.74
CA ASN C 29 43.01 50.47 20.59
C ASN C 29 42.74 49.58 21.80
N GLY C 30 41.63 49.82 22.47
CA GLY C 30 41.40 49.28 23.82
C GLY C 30 41.36 50.43 24.82
N SER C 31 42.28 51.37 24.62
CA SER C 31 42.27 52.65 25.33
C SER C 31 42.16 53.79 24.31
N TRP C 32 41.73 54.97 24.79
CA TRP C 32 41.55 56.18 23.98
C TRP C 32 42.66 57.17 24.18
N GLY C 33 43.11 57.76 23.08
CA GLY C 33 44.14 58.77 23.15
C GLY C 33 44.30 59.53 21.85
N GLY C 34 45.48 60.08 21.65
CA GLY C 34 45.77 60.85 20.44
C GLY C 34 46.78 61.94 20.78
N ARG C 35 48.00 61.74 20.32
CA ARG C 35 49.12 62.67 20.53
C ARG C 35 49.48 63.48 19.31
N GLY C 36 48.71 63.34 18.22
CA GLY C 36 48.98 64.06 17.01
C GLY C 36 48.27 65.40 17.00
N GLU C 37 48.19 65.98 15.81
CA GLU C 37 47.55 67.28 15.68
C GLU C 37 46.05 67.25 16.01
N VAL C 38 45.57 68.29 16.67
CA VAL C 38 44.17 68.45 16.94
C VAL C 38 43.48 69.10 15.73
N ILE C 39 42.49 68.41 15.19
CA ILE C 39 41.69 68.89 14.05
C ILE C 39 40.34 69.33 14.58
N THR C 40 39.82 70.42 14.02
CA THR C 40 38.45 70.86 14.25
C THR C 40 37.68 70.55 12.99
N THR C 41 36.52 69.91 13.12
CA THR C 41 35.67 69.70 11.94
C THR C 41 34.53 70.71 11.98
N TYR C 42 34.04 71.03 10.77
CA TYR C 42 33.10 72.11 10.54
C TYR C 42 31.86 71.60 9.88
N CYS C 43 30.74 72.22 10.21
CA CYS C 43 29.47 71.95 9.54
C CYS C 43 29.45 72.61 8.16
N PRO C 44 29.39 71.83 7.05
CA PRO C 44 29.42 72.52 5.76
C PRO C 44 28.19 73.34 5.38
N ALA C 45 27.10 73.20 6.15
CA ALA C 45 25.89 74.02 5.92
C ALA C 45 26.07 75.45 6.41
N ASN C 46 26.94 75.68 7.40
CA ASN C 46 27.10 77.02 7.97
C ASN C 46 28.54 77.42 8.27
N ASN C 47 29.46 76.52 7.98
CA ASN C 47 30.89 76.73 8.20
C ASN C 47 31.25 77.00 9.66
N GLU C 48 30.41 76.55 10.58
CA GLU C 48 30.69 76.68 11.99
C GLU C 48 31.45 75.44 12.51
N PRO C 49 32.35 75.66 13.48
CA PRO C 49 33.05 74.50 14.04
C PRO C 49 32.18 73.68 14.95
N ILE C 50 32.31 72.35 14.85
CA ILE C 50 31.47 71.43 15.67
C ILE C 50 32.16 71.03 16.96
N ALA C 51 33.34 70.46 16.82
CA ALA C 51 34.17 70.00 17.95
C ALA C 51 35.53 69.61 17.37
N ARG C 52 36.38 69.10 18.25
CA ARG C 52 37.77 68.80 17.93
C ARG C 52 38.12 67.36 18.17
N VAL C 53 39.09 66.86 17.41
CA VAL C 53 39.58 65.49 17.55
C VAL C 53 41.10 65.48 17.58
N ARG C 54 41.62 64.84 18.61
CA ARG C 54 43.06 64.60 18.72
C ARG C 54 43.44 63.40 17.82
N GLN C 55 44.20 63.67 16.75
CA GLN C 55 44.59 62.65 15.80
C GLN C 55 45.79 61.79 16.27
N ALA C 56 46.09 60.75 15.50
CA ALA C 56 47.18 59.81 15.75
C ALA C 56 48.56 60.35 15.38
N SER C 57 49.51 60.29 16.32
CA SER C 57 50.93 60.47 15.98
C SER C 57 51.46 59.15 15.44
N VAL C 58 52.69 59.16 14.94
CA VAL C 58 53.38 57.94 14.57
C VAL C 58 53.43 56.94 15.72
N ALA C 59 53.83 57.40 16.89
CA ALA C 59 53.83 56.52 18.07
C ALA C 59 52.47 55.91 18.37
N ASP C 60 51.40 56.71 18.22
CA ASP C 60 50.06 56.16 18.45
C ASP C 60 49.76 55.03 17.43
N TYR C 61 50.14 55.25 16.19
CA TYR C 61 49.91 54.29 15.12
C TYR C 61 50.66 52.98 15.42
N GLU C 62 51.92 53.10 15.78
CA GLU C 62 52.75 51.94 16.13
C GLU C 62 52.12 51.17 17.28
N GLU C 63 51.67 51.89 18.31
CA GLU C 63 51.13 51.25 19.48
C GLU C 63 49.89 50.46 19.09
N THR C 64 49.05 51.07 18.24
CA THR C 64 47.77 50.54 17.87
C THR C 64 47.93 49.29 16.95
N VAL C 65 48.76 49.39 15.92
CA VAL C 65 49.06 48.22 15.09
C VAL C 65 49.51 47.03 15.94
N LYS C 66 50.41 47.26 16.88
CA LYS C 66 50.91 46.17 17.71
C LYS C 66 49.78 45.54 18.56
N LYS C 67 48.95 46.37 19.16
CA LYS C 67 47.81 45.88 19.95
C LYS C 67 46.78 45.17 19.10
N ALA C 68 46.52 45.67 17.91
CA ALA C 68 45.61 44.98 16.97
C ALA C 68 46.12 43.57 16.60
N ARG C 69 47.43 43.51 16.35
CA ARG C 69 48.06 42.25 15.98
C ARG C 69 48.02 41.21 17.13
N GLU C 70 48.20 41.68 18.36
CA GLU C 70 48.05 40.81 19.51
C GLU C 70 46.62 40.36 19.66
N ALA C 71 45.67 41.27 19.49
CA ALA C 71 44.29 40.93 19.62
C ALA C 71 43.86 39.90 18.58
N TRP C 72 44.47 40.01 17.39
CA TRP C 72 44.18 39.06 16.31
C TRP C 72 44.35 37.61 16.77
N LYS C 73 45.35 37.35 17.59
CA LYS C 73 45.64 35.97 18.02
C LYS C 73 44.48 35.42 18.81
N ILE C 74 43.85 36.28 19.59
CA ILE C 74 42.66 35.89 20.33
C ILE C 74 41.46 35.78 19.39
N TRP C 75 41.26 36.80 18.56
CA TRP C 75 40.04 36.90 17.75
C TRP C 75 39.97 35.78 16.72
N ALA C 76 41.11 35.46 16.08
CA ALA C 76 41.14 34.43 15.03
C ALA C 76 40.84 33.02 15.60
N ASP C 77 40.99 32.85 16.91
CA ASP C 77 40.68 31.58 17.60
C ASP C 77 39.20 31.43 17.92
N ILE C 78 38.45 32.52 17.83
CA ILE C 78 37.00 32.47 18.08
C ILE C 78 36.28 31.90 16.86
N PRO C 79 35.46 30.85 17.06
CA PRO C 79 34.70 30.34 15.93
C PRO C 79 33.96 31.42 15.14
N ALA C 80 33.94 31.27 13.81
CA ALA C 80 33.27 32.27 12.99
C ALA C 80 31.85 32.57 13.43
N PRO C 81 31.01 31.54 13.73
CA PRO C 81 29.67 31.89 14.19
C PRO C 81 29.64 32.75 15.46
N LYS C 82 30.61 32.56 16.35
CA LYS C 82 30.69 33.37 17.58
C LYS C 82 31.15 34.80 17.29
N ARG C 83 31.99 34.95 16.26
CA ARG C 83 32.35 36.26 15.73
C ARG C 83 31.10 36.92 15.17
N GLY C 84 30.27 36.15 14.48
CA GLY C 84 29.00 36.64 13.94
C GLY C 84 28.07 37.13 15.02
N GLU C 85 28.09 36.48 16.18
CA GLU C 85 27.33 36.98 17.33
C GLU C 85 27.76 38.37 17.80
N ILE C 86 29.07 38.62 17.81
CA ILE C 86 29.59 39.96 18.11
C ILE C 86 29.09 40.98 17.07
N VAL C 87 29.13 40.60 15.81
CA VAL C 87 28.61 41.47 14.72
C VAL C 87 27.10 41.70 14.86
N ARG C 88 26.36 40.69 15.26
CA ARG C 88 24.95 40.89 15.57
C ARG C 88 24.70 41.97 16.64
N GLN C 89 25.52 41.89 17.69
CA GLN C 89 25.45 42.89 18.76
C GLN C 89 25.87 44.30 18.29
N ILE C 90 26.87 44.41 17.41
CA ILE C 90 27.22 45.67 16.78
C ILE C 90 26.00 46.23 16.02
N GLY C 91 25.30 45.36 15.28
CA GLY C 91 24.12 45.78 14.52
C GLY C 91 23.06 46.38 15.39
N ASP C 92 22.77 45.71 16.50
CA ASP C 92 21.77 46.21 17.43
C ASP C 92 22.23 47.50 18.12
N ALA C 93 23.52 47.60 18.41
CA ALA C 93 24.10 48.80 19.06
C ALA C 93 23.94 50.03 18.12
N LEU C 94 24.19 49.82 16.82
CA LEU C 94 23.95 50.88 15.82
C LEU C 94 22.48 51.22 15.71
N ARG C 95 21.63 50.19 15.72
CA ARG C 95 20.16 50.39 15.66
C ARG C 95 19.74 51.36 16.73
N GLU C 96 20.33 51.20 17.91
CA GLU C 96 19.94 51.94 19.09
C GLU C 96 20.26 53.44 18.95
N LYS C 97 21.26 53.76 18.12
CA LYS C 97 21.75 55.13 17.94
C LYS C 97 21.51 55.66 16.52
N ILE C 98 20.62 55.02 15.78
CA ILE C 98 20.44 55.36 14.37
C ILE C 98 20.06 56.83 14.09
N GLN C 99 19.15 57.37 14.89
CA GLN C 99 18.72 58.75 14.67
C GLN C 99 19.81 59.76 15.00
N VAL C 100 20.49 59.63 16.15
CA VAL C 100 21.54 60.60 16.52
C VAL C 100 22.77 60.43 15.64
N LEU C 101 23.11 59.17 15.32
CA LEU C 101 24.24 58.95 14.41
C LEU C 101 23.92 59.48 13.01
N GLY C 102 22.68 59.23 12.52
CA GLY C 102 22.29 59.83 11.22
C GLY C 102 22.38 61.37 11.22
N SER C 103 21.95 61.97 12.31
CA SER C 103 22.04 63.42 12.50
C SER C 103 23.50 63.92 12.47
N LEU C 104 24.43 63.19 13.08
CA LEU C 104 25.83 63.56 13.05
C LEU C 104 26.35 63.48 11.61
N VAL C 105 25.97 62.42 10.89
CA VAL C 105 26.38 62.35 9.50
C VAL C 105 25.88 63.57 8.72
N SER C 106 24.64 63.96 8.94
CA SER C 106 24.11 65.16 8.23
C SER C 106 24.86 66.45 8.63
N LEU C 107 25.20 66.55 9.90
CA LEU C 107 25.85 67.74 10.43
C LEU C 107 27.29 67.89 9.97
N GLU C 108 28.09 66.84 10.09
CA GLU C 108 29.51 66.92 9.78
C GLU C 108 29.83 66.70 8.31
N MET C 109 29.07 65.82 7.64
CA MET C 109 29.36 65.53 6.23
C MET C 109 28.54 66.37 5.28
N GLY C 110 27.26 66.56 5.61
CA GLY C 110 26.38 67.53 4.93
C GLY C 110 25.31 66.93 4.05
N LYS C 111 25.15 65.63 4.06
CA LYS C 111 24.05 64.98 3.33
C LYS C 111 22.75 65.04 4.14
N ILE C 112 21.63 64.95 3.43
CA ILE C 112 20.31 65.10 4.07
C ILE C 112 20.06 63.97 5.07
N LEU C 113 19.24 64.27 6.06
CA LEU C 113 19.01 63.36 7.20
C LEU C 113 18.59 61.96 6.77
N VAL C 114 17.71 61.86 5.77
CA VAL C 114 17.20 60.55 5.37
C VAL C 114 18.39 59.72 4.85
N GLU C 115 19.38 60.37 4.24
CA GLU C 115 20.54 59.66 3.74
C GLU C 115 21.55 59.37 4.85
N GLY C 116 21.69 60.27 5.83
CA GLY C 116 22.51 60.01 7.01
C GLY C 116 21.99 58.78 7.77
N VAL C 117 20.70 58.79 8.08
CA VAL C 117 20.04 57.65 8.69
C VAL C 117 20.18 56.37 7.83
N GLY C 118 19.96 56.51 6.52
CA GLY C 118 20.06 55.39 5.60
C GLY C 118 21.43 54.77 5.56
N GLU C 119 22.45 55.59 5.72
CA GLU C 119 23.80 55.08 5.81
C GLU C 119 24.00 54.20 7.03
N VAL C 120 23.51 54.67 8.18
CA VAL C 120 23.61 53.87 9.39
C VAL C 120 22.83 52.56 9.18
N GLN C 121 21.64 52.64 8.56
CA GLN C 121 20.84 51.45 8.30
C GLN C 121 21.59 50.48 7.41
N GLU C 122 22.37 50.96 6.45
CA GLU C 122 23.19 50.09 5.64
C GLU C 122 24.16 49.28 6.46
N TYR C 123 24.82 49.92 7.42
CA TYR C 123 25.76 49.22 8.31
C TYR C 123 24.96 48.20 9.15
N VAL C 124 23.80 48.59 9.68
CA VAL C 124 22.96 47.66 10.45
C VAL C 124 22.65 46.44 9.55
N ASP C 125 22.24 46.72 8.32
CA ASP C 125 21.84 45.66 7.40
C ASP C 125 22.98 44.70 7.06
N ILE C 126 24.19 45.23 6.82
CA ILE C 126 25.30 44.33 6.50
C ILE C 126 25.68 43.53 7.74
N CYS C 127 25.51 44.12 8.93
CA CYS C 127 25.75 43.31 10.16
C CYS C 127 24.82 42.11 10.19
N ASP C 128 23.54 42.36 9.92
CA ASP C 128 22.53 41.29 10.00
C ASP C 128 22.83 40.22 8.96
N TYR C 129 23.33 40.64 7.77
CA TYR C 129 23.63 39.71 6.68
C TYR C 129 24.84 38.87 7.09
N ALA C 130 25.80 39.55 7.70
CA ALA C 130 27.07 38.91 8.10
C ALA C 130 26.91 37.85 9.19
N VAL C 131 25.88 37.99 10.04
CA VAL C 131 25.55 36.97 11.04
C VAL C 131 25.32 35.60 10.38
N GLY C 132 24.50 35.55 9.34
CA GLY C 132 24.28 34.31 8.59
C GLY C 132 25.53 33.87 7.84
N LEU C 133 26.22 34.82 7.23
CA LEU C 133 27.41 34.52 6.45
C LEU C 133 28.50 33.85 7.33
N SER C 134 28.53 34.22 8.63
CA SER C 134 29.51 33.65 9.57
C SER C 134 29.37 32.17 9.80
N ARG C 135 28.23 31.60 9.38
CA ARG C 135 28.00 30.18 9.44
C ARG C 135 28.16 29.50 8.07
N MET C 136 28.56 30.27 7.06
CA MET C 136 28.62 29.79 5.67
C MET C 136 30.01 29.84 5.05
N ILE C 137 30.82 30.81 5.48
CA ILE C 137 32.09 31.07 4.79
C ILE C 137 32.98 29.83 4.78
N GLY C 138 33.65 29.59 3.68
CA GLY C 138 34.46 28.37 3.54
C GLY C 138 34.57 27.99 2.09
N GLY C 139 35.17 26.83 1.84
CA GLY C 139 35.41 26.35 0.50
C GLY C 139 34.96 24.89 0.38
N PRO C 140 35.07 24.35 -0.81
CA PRO C 140 34.65 22.96 -1.04
C PRO C 140 35.62 21.91 -0.55
N ILE C 141 35.04 20.76 -0.21
CA ILE C 141 35.81 19.53 -0.13
C ILE C 141 35.67 18.89 -1.50
N LEU C 142 36.81 18.64 -2.15
CA LEU C 142 36.85 18.27 -3.54
C LEU C 142 37.32 16.83 -3.67
N PRO C 143 36.92 16.16 -4.76
CA PRO C 143 37.31 14.76 -4.91
C PRO C 143 38.72 14.64 -5.45
N SER C 144 39.62 14.13 -4.65
CA SER C 144 40.98 13.97 -5.12
C SER C 144 41.08 12.85 -6.17
N GLU C 145 41.99 13.01 -7.10
CA GLU C 145 42.34 11.96 -8.06
C GLU C 145 43.18 10.84 -7.42
N ARG C 146 43.65 11.07 -6.19
CA ARG C 146 44.53 10.14 -5.48
C ARG C 146 43.72 9.33 -4.48
N SER C 147 43.76 8.01 -4.57
CA SER C 147 43.02 7.21 -3.59
C SER C 147 43.65 7.42 -2.22
N GLY C 148 42.79 7.36 -1.21
CA GLY C 148 43.25 7.55 0.16
C GLY C 148 43.77 8.92 0.49
N HIS C 149 43.37 9.91 -0.33
CA HIS C 149 43.66 11.31 -0.06
C HIS C 149 42.39 12.15 -0.04
N ALA C 150 42.37 13.13 0.87
CA ALA C 150 41.38 14.20 0.86
C ALA C 150 41.96 15.47 0.22
N LEU C 151 41.08 16.24 -0.39
CA LEU C 151 41.46 17.55 -1.01
C LEU C 151 40.46 18.58 -0.54
N ILE C 152 40.94 19.56 0.19
CA ILE C 152 40.09 20.55 0.80
C ILE C 152 40.58 21.96 0.51
N GLU C 153 39.61 22.83 0.25
CA GLU C 153 39.90 24.25 0.12
C GLU C 153 39.52 24.93 1.43
N GLN C 154 40.52 25.50 2.10
CA GLN C 154 40.32 26.18 3.39
C GLN C 154 40.47 27.68 3.14
N TRP C 155 39.78 28.47 3.97
CA TRP C 155 39.89 29.90 4.01
C TRP C 155 40.22 30.34 5.43
N ASN C 156 41.18 31.24 5.55
CA ASN C 156 41.59 31.73 6.85
C ASN C 156 41.71 33.24 6.80
N PRO C 157 41.61 33.92 7.96
CA PRO C 157 41.77 35.37 7.95
C PRO C 157 43.13 35.81 7.39
N VAL C 158 43.19 36.98 6.77
CA VAL C 158 44.48 37.53 6.35
C VAL C 158 45.29 38.15 7.52
N GLY C 159 44.56 38.58 8.57
CA GLY C 159 45.15 39.15 9.78
C GLY C 159 44.59 40.54 10.10
N LEU C 160 45.41 41.57 9.86
CA LEU C 160 45.02 42.95 10.03
C LEU C 160 44.51 43.52 8.70
N VAL C 161 43.27 43.99 8.73
CA VAL C 161 42.63 44.73 7.66
C VAL C 161 42.62 46.24 7.99
N GLY C 162 43.44 46.98 7.25
CA GLY C 162 43.40 48.41 7.29
C GLY C 162 42.26 48.88 6.41
N ILE C 163 41.54 49.89 6.86
CA ILE C 163 40.41 50.44 6.14
C ILE C 163 40.53 51.97 6.10
N ILE C 164 40.76 52.51 4.92
CA ILE C 164 40.81 53.96 4.71
C ILE C 164 39.53 54.31 3.94
N THR C 165 38.81 55.30 4.43
CA THR C 165 37.53 55.65 3.86
C THR C 165 37.43 57.12 3.48
N ALA C 166 36.51 57.40 2.57
CA ALA C 166 36.27 58.73 2.03
C ALA C 166 35.31 59.51 2.88
N PHE C 167 35.20 60.80 2.58
CA PHE C 167 34.31 61.65 3.35
C PHE C 167 32.84 61.35 3.12
N ASN C 168 32.51 60.88 1.91
CA ASN C 168 31.11 60.98 1.44
C ASN C 168 30.16 59.89 1.95
N PHE C 169 30.71 58.73 2.30
CA PHE C 169 30.00 57.64 3.01
C PHE C 169 30.80 57.31 4.27
N PRO C 170 30.76 58.22 5.23
CA PRO C 170 31.68 58.12 6.39
C PRO C 170 31.30 57.05 7.40
N VAL C 171 30.11 56.46 7.27
CA VAL C 171 29.71 55.29 8.08
C VAL C 171 29.64 54.00 7.25
N ALA C 172 28.98 54.03 6.08
CA ALA C 172 28.61 52.73 5.39
C ALA C 172 29.79 51.97 4.83
N VAL C 173 30.74 52.68 4.24
CA VAL C 173 31.88 52.00 3.64
C VAL C 173 32.68 51.28 4.75
N TYR C 174 33.00 51.99 5.82
CA TYR C 174 33.65 51.32 6.98
C TYR C 174 32.81 50.10 7.41
N GLY C 175 31.50 50.29 7.54
CA GLY C 175 30.60 49.24 7.96
C GLY C 175 30.65 47.99 7.09
N TRP C 176 30.62 48.17 5.78
CA TRP C 176 30.69 47.01 4.87
C TRP C 176 32.00 46.23 5.09
N ASN C 177 33.09 46.98 5.25
CA ASN C 177 34.41 46.37 5.45
C ASN C 177 34.52 45.67 6.84
N ASN C 178 34.03 46.35 7.85
CA ASN C 178 34.09 45.87 9.23
C ASN C 178 33.30 44.60 9.43
N ALA C 179 32.03 44.62 9.04
CA ALA C 179 31.17 43.48 9.31
C ALA C 179 31.75 42.21 8.64
N ILE C 180 32.16 42.34 7.38
CA ILE C 180 32.69 41.22 6.63
C ILE C 180 34.10 40.83 7.13
N ALA C 181 35.00 41.81 7.33
CA ALA C 181 36.34 41.52 7.86
C ALA C 181 36.28 40.78 9.21
N MET C 182 35.41 41.27 10.07
CA MET C 182 35.18 40.66 11.41
C MET C 182 34.74 39.20 11.37
N ILE C 183 33.67 38.90 10.64
CA ILE C 183 33.22 37.51 10.61
C ILE C 183 34.25 36.60 9.99
N CYS C 184 35.07 37.14 9.09
CA CYS C 184 36.16 36.39 8.50
C CYS C 184 37.41 36.25 9.38
N GLY C 185 37.33 36.73 10.62
CA GLY C 185 38.39 36.53 11.59
C GLY C 185 39.55 37.49 11.57
N ASN C 186 39.33 38.64 10.96
CA ASN C 186 40.33 39.70 10.88
C ASN C 186 40.10 40.72 11.96
N VAL C 187 41.18 41.37 12.35
CA VAL C 187 41.08 42.62 13.12
C VAL C 187 41.16 43.82 12.13
N CYS C 188 40.63 44.96 12.54
CA CYS C 188 40.49 46.13 11.69
C CYS C 188 41.21 47.35 12.29
N LEU C 189 41.76 48.17 11.41
CA LEU C 189 42.33 49.46 11.77
C LEU C 189 41.73 50.49 10.79
N TRP C 190 40.95 51.44 11.32
CA TRP C 190 40.24 52.43 10.54
C TRP C 190 40.95 53.77 10.59
N LYS C 191 41.13 54.34 9.39
CA LYS C 191 41.56 55.72 9.23
C LYS C 191 40.52 56.42 8.33
N GLY C 192 39.58 57.12 8.94
CA GLY C 192 38.56 57.79 8.19
C GLY C 192 39.02 59.10 7.56
N ALA C 193 38.14 59.76 6.82
CA ALA C 193 38.47 61.08 6.22
C ALA C 193 38.64 62.06 7.38
N PRO C 194 39.66 62.92 7.32
CA PRO C 194 39.78 63.85 8.45
C PRO C 194 38.57 64.76 8.71
N THR C 195 37.91 65.16 7.64
CA THR C 195 36.76 66.02 7.77
C THR C 195 35.48 65.32 8.26
N THR C 196 35.56 64.00 8.51
CA THR C 196 34.48 63.27 9.15
C THR C 196 34.98 62.52 10.38
N SER C 197 35.95 63.14 11.09
CA SER C 197 36.55 62.58 12.27
C SER C 197 35.57 62.34 13.39
N LEU C 198 34.59 63.22 13.62
CA LEU C 198 33.66 62.97 14.70
C LEU C 198 32.81 61.73 14.42
N ILE C 199 32.42 61.56 13.17
CA ILE C 199 31.65 60.38 12.78
C ILE C 199 32.49 59.15 13.06
N SER C 200 33.78 59.17 12.72
CA SER C 200 34.61 57.98 12.96
C SER C 200 34.70 57.67 14.45
N VAL C 201 34.91 58.71 15.25
CA VAL C 201 34.94 58.51 16.67
C VAL C 201 33.61 57.96 17.23
N ALA C 202 32.49 58.57 16.81
CA ALA C 202 31.15 58.15 17.25
C ALA C 202 30.90 56.67 16.94
N VAL C 203 31.23 56.24 15.72
CA VAL C 203 31.03 54.83 15.34
C VAL C 203 31.92 53.92 16.19
N THR C 204 33.15 54.37 16.39
CA THR C 204 34.14 53.59 17.18
C THR C 204 33.68 53.42 18.63
N LYS C 205 33.10 54.47 19.19
CA LYS C 205 32.54 54.39 20.55
C LYS C 205 31.46 53.30 20.67
N ILE C 206 30.62 53.23 19.66
CA ILE C 206 29.54 52.26 19.66
C ILE C 206 30.10 50.84 19.63
N ILE C 207 31.06 50.57 18.75
CA ILE C 207 31.65 49.24 18.61
C ILE C 207 32.48 48.90 19.85
N ALA C 208 33.26 49.87 20.33
CA ALA C 208 34.11 49.66 21.53
C ALA C 208 33.31 49.12 22.70
N LYS C 209 32.10 49.67 22.89
CA LYS C 209 31.27 49.26 24.00
C LYS C 209 30.86 47.81 23.84
N VAL C 210 30.53 47.41 22.63
CA VAL C 210 30.17 46.02 22.39
C VAL C 210 31.37 45.09 22.67
N LEU C 211 32.56 45.44 22.17
CA LEU C 211 33.71 44.60 22.40
C LEU C 211 34.00 44.54 23.89
N GLU C 212 33.99 45.67 24.57
CA GLU C 212 34.24 45.70 26.02
C GLU C 212 33.25 44.87 26.81
N ASP C 213 31.98 44.98 26.46
CA ASP C 213 30.93 44.21 27.15
C ASP C 213 31.08 42.70 26.96
N ASN C 214 31.70 42.29 25.85
CA ASN C 214 31.99 40.87 25.56
C ASN C 214 33.38 40.43 25.97
N LYS C 215 34.04 41.28 26.76
CA LYS C 215 35.38 40.99 27.30
C LYS C 215 36.37 40.63 26.19
N LEU C 216 36.21 41.34 25.07
CA LEU C 216 37.13 41.21 23.92
C LEU C 216 38.03 42.43 23.80
N PRO C 217 39.27 42.24 23.34
CA PRO C 217 40.15 43.40 23.18
C PRO C 217 39.59 44.44 22.18
N GLY C 218 39.56 45.70 22.59
CA GLY C 218 39.04 46.76 21.72
C GLY C 218 39.81 46.93 20.42
N ALA C 219 41.08 46.54 20.43
CA ALA C 219 41.94 46.71 19.23
C ALA C 219 41.48 45.83 18.04
N ILE C 220 40.53 44.92 18.25
CA ILE C 220 39.85 44.21 17.14
C ILE C 220 39.24 45.21 16.17
N CYS C 221 38.73 46.34 16.66
CA CYS C 221 38.25 47.47 15.82
C CYS C 221 38.94 48.76 16.23
N SER C 222 40.21 48.85 15.85
CA SER C 222 41.05 50.01 16.16
C SER C 222 40.74 51.20 15.27
N LEU C 223 41.06 52.37 15.82
CA LEU C 223 40.87 53.63 15.14
C LEU C 223 42.15 54.47 15.31
N THR C 224 42.65 55.00 14.19
CA THR C 224 43.75 55.97 14.21
C THR C 224 43.39 57.09 13.27
N CYS C 225 42.67 58.09 13.77
CA CYS C 225 42.34 59.28 12.96
C CYS C 225 43.60 59.99 12.43
N GLY C 226 43.61 60.33 11.14
CA GLY C 226 44.65 61.15 10.58
C GLY C 226 44.38 61.35 9.11
N GLY C 227 45.38 61.93 8.45
CA GLY C 227 45.31 62.24 7.03
C GLY C 227 46.26 61.38 6.21
N ALA C 228 46.85 62.00 5.19
CA ALA C 228 47.74 61.28 4.27
C ALA C 228 48.91 60.62 4.96
N ASP C 229 49.41 61.21 6.06
CA ASP C 229 50.52 60.60 6.77
C ASP C 229 50.22 59.21 7.30
N ILE C 230 49.14 59.10 8.05
CA ILE C 230 48.68 57.81 8.56
C ILE C 230 48.33 56.87 7.41
N GLY C 231 47.68 57.40 6.39
CA GLY C 231 47.23 56.55 5.31
C GLY C 231 48.39 55.99 4.52
N THR C 232 49.43 56.82 4.31
CA THR C 232 50.66 56.31 3.66
C THR C 232 51.40 55.26 4.51
N ALA C 233 51.48 55.53 5.81
CA ALA C 233 52.02 54.52 6.71
C ALA C 233 51.32 53.19 6.55
N MET C 234 49.99 53.22 6.53
CA MET C 234 49.21 52.03 6.33
C MET C 234 49.54 51.34 5.00
N ALA C 235 49.64 52.12 3.93
CA ALA C 235 49.95 51.56 2.62
C ALA C 235 51.32 50.89 2.57
N LYS C 236 52.28 51.41 3.35
CA LYS C 236 53.63 50.87 3.38
C LYS C 236 53.90 49.80 4.46
N ASP C 237 52.93 49.55 5.34
CA ASP C 237 53.14 48.72 6.49
C ASP C 237 52.89 47.25 6.19
N GLU C 238 53.96 46.45 6.21
CA GLU C 238 53.84 45.03 6.00
C GLU C 238 52.91 44.33 7.02
N ARG C 239 52.68 44.97 8.16
CA ARG C 239 51.78 44.44 9.18
C ARG C 239 50.31 44.55 8.82
N VAL C 240 49.99 45.33 7.79
CA VAL C 240 48.61 45.52 7.35
C VAL C 240 48.46 44.56 6.19
N ASN C 241 47.81 43.43 6.44
CA ASN C 241 47.79 42.34 5.49
C ASN C 241 46.92 42.69 4.30
N LEU C 242 45.80 43.37 4.55
CA LEU C 242 44.92 43.85 3.50
C LEU C 242 44.63 45.30 3.78
N LEU C 243 44.79 46.14 2.75
CA LEU C 243 44.42 47.54 2.85
C LEU C 243 43.24 47.77 1.92
N SER C 244 42.07 48.03 2.50
CA SER C 244 40.88 48.47 1.78
C SER C 244 40.87 49.97 1.75
N PHE C 245 40.90 50.52 0.53
CA PHE C 245 40.97 51.94 0.33
C PHE C 245 39.83 52.38 -0.57
N THR C 246 39.05 53.31 -0.04
CA THR C 246 37.97 54.00 -0.74
C THR C 246 38.29 55.48 -0.82
N GLY C 247 38.36 56.00 -2.05
CA GLY C 247 38.78 57.35 -2.25
C GLY C 247 39.01 57.66 -3.71
N SER C 248 39.71 58.75 -3.94
CA SER C 248 39.98 59.19 -5.30
C SER C 248 40.86 58.19 -6.06
N THR C 249 40.71 58.14 -7.39
CA THR C 249 41.61 57.34 -8.21
C THR C 249 43.08 57.78 -8.04
N GLN C 250 43.33 59.08 -8.00
CA GLN C 250 44.71 59.61 -7.88
C GLN C 250 45.41 59.05 -6.65
N VAL C 251 44.73 59.15 -5.52
CA VAL C 251 45.32 58.65 -4.27
C VAL C 251 45.37 57.13 -4.31
N GLY C 252 44.26 56.53 -4.74
CA GLY C 252 44.17 55.08 -4.82
C GLY C 252 45.25 54.42 -5.65
N LYS C 253 45.65 55.08 -6.75
CA LYS C 253 46.74 54.55 -7.56
C LYS C 253 48.04 54.43 -6.73
N GLN C 254 48.36 55.48 -5.99
CA GLN C 254 49.56 55.49 -5.18
C GLN C 254 49.50 54.45 -4.06
N VAL C 255 48.36 54.32 -3.43
CA VAL C 255 48.15 53.28 -2.39
C VAL C 255 48.32 51.88 -2.98
N GLY C 256 47.71 51.66 -4.14
CA GLY C 256 47.88 50.39 -4.87
C GLY C 256 49.32 50.03 -5.16
N LEU C 257 50.08 51.04 -5.59
CA LEU C 257 51.49 50.83 -5.88
C LEU C 257 52.32 50.51 -4.65
N MET C 258 52.05 51.23 -3.55
CA MET C 258 52.76 51.01 -2.29
C MET C 258 52.47 49.65 -1.74
N VAL C 259 51.22 49.21 -1.83
CA VAL C 259 50.88 47.86 -1.37
C VAL C 259 51.50 46.75 -2.24
N GLN C 260 51.54 46.96 -3.54
CA GLN C 260 52.09 45.95 -4.44
C GLN C 260 53.60 45.86 -4.24
N GLU C 261 54.24 47.00 -3.99
CA GLU C 261 55.68 47.05 -3.72
C GLU C 261 56.05 46.07 -2.59
N ARG C 262 55.18 45.95 -1.58
CA ARG C 262 55.48 45.06 -0.44
C ARG C 262 54.75 43.73 -0.52
N PHE C 263 54.17 43.41 -1.68
CA PHE C 263 53.37 42.18 -1.79
C PHE C 263 52.29 42.05 -0.70
N GLY C 264 51.65 43.18 -0.40
CA GLY C 264 50.43 43.16 0.39
C GLY C 264 49.22 42.96 -0.50
N ARG C 265 48.03 42.94 0.12
CA ARG C 265 46.81 42.93 -0.64
C ARG C 265 46.12 44.25 -0.52
N SER C 266 45.53 44.67 -1.63
CA SER C 266 44.71 45.85 -1.62
C SER C 266 43.34 45.55 -2.18
N LEU C 267 42.38 46.32 -1.69
CA LEU C 267 40.99 46.32 -2.15
C LEU C 267 40.71 47.78 -2.47
N LEU C 268 40.57 48.11 -3.76
CA LEU C 268 40.57 49.51 -4.18
C LEU C 268 39.19 49.86 -4.74
N GLU C 269 38.59 50.90 -4.16
CA GLU C 269 37.26 51.39 -4.46
C GLU C 269 37.38 52.88 -4.79
N LEU C 270 37.55 53.20 -6.07
CA LEU C 270 38.03 54.52 -6.47
C LEU C 270 36.94 55.25 -7.24
N GLY C 271 37.34 56.17 -8.10
CA GLY C 271 36.40 57.12 -8.69
C GLY C 271 35.45 56.56 -9.73
N GLY C 272 34.41 57.33 -10.01
CA GLY C 272 33.44 56.99 -11.03
C GLY C 272 33.15 58.16 -11.95
N ASN C 273 32.56 57.84 -13.10
CA ASN C 273 32.12 58.85 -14.06
C ASN C 273 30.96 58.24 -14.79
N ASN C 274 29.89 58.09 -14.02
CA ASN C 274 28.81 57.13 -14.32
C ASN C 274 27.80 57.69 -15.28
N ALA C 275 27.43 56.88 -16.27
CA ALA C 275 26.51 57.28 -17.36
C ALA C 275 25.16 56.63 -17.18
N ILE C 276 24.13 57.43 -17.44
CA ILE C 276 22.76 56.98 -17.72
C ILE C 276 22.56 57.13 -19.24
N ILE C 277 21.98 56.12 -19.86
CA ILE C 277 21.65 56.17 -21.30
C ILE C 277 20.17 55.93 -21.49
N ALA C 278 19.44 56.90 -22.07
CA ALA C 278 18.01 56.84 -22.31
C ALA C 278 17.74 56.60 -23.79
N PHE C 279 17.26 55.39 -24.11
CA PHE C 279 16.90 55.02 -25.48
C PHE C 279 15.52 55.57 -25.84
N GLU C 280 15.21 55.58 -27.15
CA GLU C 280 13.99 56.20 -27.62
C GLU C 280 12.73 55.59 -27.04
N ASP C 281 12.75 54.30 -26.70
CA ASP C 281 11.58 53.63 -26.09
C ASP C 281 11.49 53.75 -24.55
N ALA C 282 12.37 54.52 -23.95
CA ALA C 282 12.36 54.68 -22.51
C ALA C 282 11.09 55.31 -21.96
N ASP C 283 10.70 54.87 -20.77
CA ASP C 283 9.64 55.52 -20.02
C ASP C 283 10.15 56.84 -19.44
N LEU C 284 9.75 57.96 -20.03
CA LEU C 284 10.33 59.25 -19.66
C LEU C 284 9.88 59.69 -18.25
N SER C 285 8.72 59.19 -17.83
CA SER C 285 8.23 59.41 -16.47
C SER C 285 9.09 58.72 -15.39
N LEU C 286 9.89 57.73 -15.79
CA LEU C 286 10.87 57.08 -14.92
C LEU C 286 12.26 57.68 -15.11
N VAL C 287 12.63 57.98 -16.36
CA VAL C 287 13.95 58.53 -16.66
C VAL C 287 14.18 59.86 -15.94
N VAL C 288 13.21 60.78 -16.03
CA VAL C 288 13.41 62.12 -15.48
C VAL C 288 13.67 62.12 -13.94
N PRO C 289 12.77 61.55 -13.14
CA PRO C 289 13.11 61.51 -11.70
C PRO C 289 14.31 60.61 -11.32
N SER C 290 14.54 59.56 -12.09
CA SER C 290 15.74 58.72 -11.88
C SER C 290 17.02 59.51 -12.12
N ALA C 291 17.06 60.26 -13.22
CA ALA C 291 18.22 61.06 -13.53
C ALA C 291 18.41 62.18 -12.51
N LEU C 292 17.34 62.77 -12.03
CA LEU C 292 17.41 63.84 -11.01
C LEU C 292 18.03 63.30 -9.73
N PHE C 293 17.49 62.18 -9.26
CA PHE C 293 18.02 61.56 -8.03
C PHE C 293 19.46 61.12 -8.21
N ALA C 294 19.75 60.42 -9.31
CA ALA C 294 21.12 59.97 -9.56
C ALA C 294 22.12 61.13 -9.66
N ALA C 295 21.70 62.24 -10.29
CA ALA C 295 22.62 63.37 -10.53
C ALA C 295 22.83 64.32 -9.35
N VAL C 296 21.74 64.59 -8.64
CA VAL C 296 21.79 65.65 -7.63
C VAL C 296 21.70 65.14 -6.18
N GLY C 297 21.33 63.87 -6.01
CA GLY C 297 21.32 63.26 -4.70
C GLY C 297 22.70 63.41 -4.06
N THR C 298 22.71 63.69 -2.76
CA THR C 298 23.95 63.89 -2.00
C THR C 298 24.75 65.04 -2.61
N ALA C 299 24.02 65.98 -3.24
CA ALA C 299 24.64 67.13 -3.91
C ALA C 299 25.74 66.65 -4.87
N GLY C 300 25.47 65.51 -5.54
CA GLY C 300 26.36 65.02 -6.59
C GLY C 300 27.67 64.41 -6.06
N GLN C 301 27.65 64.02 -4.79
CA GLN C 301 28.84 63.56 -4.10
C GLN C 301 28.78 62.08 -3.71
N ARG C 302 28.13 61.27 -4.54
CA ARG C 302 28.18 59.81 -4.43
C ARG C 302 29.23 59.33 -5.42
N CYS C 303 29.98 58.29 -5.09
CA CYS C 303 30.84 57.70 -6.11
C CYS C 303 30.02 57.22 -7.31
N THR C 304 28.78 56.81 -7.05
CA THR C 304 27.84 56.33 -8.07
C THR C 304 26.95 57.44 -8.73
N THR C 305 27.18 58.70 -8.39
CA THR C 305 26.43 59.82 -8.98
C THR C 305 26.47 59.77 -10.51
N ALA C 306 25.33 60.07 -11.12
CA ALA C 306 25.24 60.17 -12.58
C ALA C 306 25.93 61.48 -13.01
N ARG C 307 26.99 61.37 -13.81
CA ARG C 307 27.68 62.57 -14.32
C ARG C 307 27.54 62.75 -15.84
N ARG C 308 27.09 61.69 -16.53
CA ARG C 308 26.92 61.68 -17.98
C ARG C 308 25.55 61.15 -18.26
N LEU C 309 24.79 61.88 -19.08
CA LEU C 309 23.47 61.43 -19.50
C LEU C 309 23.43 61.45 -21.05
N PHE C 310 23.31 60.27 -21.63
CA PHE C 310 23.15 60.09 -23.06
C PHE C 310 21.69 59.89 -23.34
N ILE C 311 21.15 60.76 -24.22
CA ILE C 311 19.74 60.71 -24.58
C ILE C 311 19.59 60.55 -26.08
N HIS C 312 18.73 59.62 -26.51
CA HIS C 312 18.51 59.44 -27.94
C HIS C 312 18.04 60.75 -28.58
N GLU C 313 18.53 61.02 -29.78
CA GLU C 313 18.26 62.30 -30.46
C GLU C 313 16.76 62.63 -30.55
N SER C 314 15.92 61.62 -30.69
CA SER C 314 14.47 61.82 -30.80
C SER C 314 13.79 62.39 -29.54
N ILE C 315 14.37 62.15 -28.38
CA ILE C 315 13.77 62.55 -27.11
C ILE C 315 14.64 63.53 -26.27
N HIS C 316 15.81 63.91 -26.80
CA HIS C 316 16.80 64.71 -26.07
C HIS C 316 16.21 66.01 -25.54
N ASP C 317 15.57 66.78 -26.41
CA ASP C 317 15.12 68.11 -25.98
C ASP C 317 14.02 67.97 -24.93
N GLU C 318 13.12 67.00 -25.09
CA GLU C 318 12.02 66.82 -24.13
C GLU C 318 12.54 66.45 -22.75
N VAL C 319 13.55 65.58 -22.72
CA VAL C 319 14.10 65.14 -21.44
C VAL C 319 14.84 66.30 -20.76
N VAL C 320 15.68 67.01 -21.50
CA VAL C 320 16.47 68.13 -20.95
C VAL C 320 15.51 69.20 -20.42
N ASN C 321 14.47 69.51 -21.17
CA ASN C 321 13.51 70.52 -20.71
C ASN C 321 12.82 70.11 -19.43
N ARG C 322 12.39 68.84 -19.35
CA ARG C 322 11.69 68.30 -18.17
C ARG C 322 12.61 68.19 -16.99
N LEU C 323 13.87 67.89 -17.26
CA LEU C 323 14.88 67.77 -16.22
C LEU C 323 15.20 69.16 -15.66
N LYS C 324 15.35 70.18 -16.51
CA LYS C 324 15.66 71.52 -15.99
C LYS C 324 14.48 72.11 -15.19
N LYS C 325 13.23 71.79 -15.54
CA LYS C 325 12.09 72.11 -14.66
C LYS C 325 12.23 71.42 -13.31
N ALA C 326 12.56 70.13 -13.32
CA ALA C 326 12.72 69.36 -12.09
C ALA C 326 13.78 69.98 -11.18
N TYR C 327 14.93 70.36 -11.75
CA TYR C 327 16.00 70.98 -10.97
C TYR C 327 15.55 72.26 -10.28
N ALA C 328 14.67 73.00 -10.96
CA ALA C 328 14.16 74.26 -10.42
C ALA C 328 13.27 74.06 -9.19
N GLN C 329 12.70 72.86 -9.05
CA GLN C 329 11.83 72.54 -7.93
C GLN C 329 12.56 71.98 -6.69
N ILE C 330 13.88 71.75 -6.78
CA ILE C 330 14.61 71.09 -5.66
C ILE C 330 14.62 71.97 -4.41
N ARG C 331 14.26 71.42 -3.24
CA ARG C 331 14.24 72.18 -1.98
C ARG C 331 15.60 72.20 -1.33
N VAL C 332 16.15 73.42 -1.16
CA VAL C 332 17.46 73.63 -0.55
C VAL C 332 17.29 74.08 0.89
N GLY C 333 18.20 73.61 1.76
CA GLY C 333 18.23 74.03 3.19
C GLY C 333 19.30 73.35 4.01
N ASN C 334 19.29 73.53 5.34
CA ASN C 334 20.21 72.75 6.19
C ASN C 334 19.87 71.28 6.00
N PRO C 335 20.91 70.42 5.82
CA PRO C 335 20.58 69.06 5.37
C PRO C 335 19.81 68.21 6.37
N TRP C 336 19.86 68.59 7.64
CA TRP C 336 19.15 67.85 8.67
C TRP C 336 17.70 68.36 8.83
N ASP C 337 17.29 69.35 8.06
CA ASP C 337 16.00 69.99 8.31
C ASP C 337 14.89 69.34 7.47
N PRO C 338 13.62 69.49 7.93
CA PRO C 338 12.53 68.72 7.30
C PRO C 338 12.31 69.07 5.83
N ASN C 339 12.11 68.03 5.01
CA ASN C 339 11.81 68.18 3.57
C ASN C 339 12.95 68.76 2.75
N VAL C 340 14.12 68.94 3.35
CA VAL C 340 15.25 69.35 2.54
C VAL C 340 15.68 68.15 1.70
N LEU C 341 15.95 68.40 0.41
CA LEU C 341 16.47 67.42 -0.53
C LEU C 341 17.86 67.72 -1.00
N TYR C 342 18.38 68.93 -0.69
CA TYR C 342 19.61 69.40 -1.25
C TYR C 342 20.38 70.22 -0.21
N GLY C 343 21.55 69.69 0.16
CA GLY C 343 22.46 70.33 1.08
C GLY C 343 23.69 70.85 0.39
N PRO C 344 24.69 71.18 1.19
CA PRO C 344 25.87 71.77 0.63
C PRO C 344 26.86 70.75 0.15
N LEU C 345 27.82 71.23 -0.62
CA LEU C 345 29.02 70.47 -0.86
C LEU C 345 29.84 70.40 0.42
N HIS C 346 30.70 69.39 0.46
CA HIS C 346 31.38 69.12 1.71
C HIS C 346 32.40 70.17 2.15
N THR C 347 33.05 70.84 1.20
CA THR C 347 34.13 71.83 1.47
C THR C 347 34.06 73.01 0.49
N LYS C 348 34.72 74.11 0.87
CA LYS C 348 34.94 75.23 -0.03
C LYS C 348 35.72 74.81 -1.25
N GLN C 349 36.69 73.91 -1.10
CA GLN C 349 37.50 73.44 -2.21
C GLN C 349 36.63 72.78 -3.28
N ALA C 350 35.59 72.09 -2.83
CA ALA C 350 34.67 71.42 -3.72
C ALA C 350 33.88 72.47 -4.50
N VAL C 351 33.47 73.55 -3.82
CA VAL C 351 32.86 74.66 -4.52
C VAL C 351 33.77 75.20 -5.61
N SER C 352 35.05 75.43 -5.28
CA SER C 352 36.03 75.92 -6.28
C SER C 352 36.16 74.95 -7.45
N MET C 353 36.16 73.64 -7.18
CA MET C 353 36.31 72.67 -8.23
C MET C 353 35.07 72.65 -9.11
N PHE C 354 33.90 72.80 -8.49
CA PHE C 354 32.63 72.88 -9.18
C PHE C 354 32.67 74.05 -10.16
N LEU C 355 33.07 75.21 -9.67
CA LEU C 355 33.13 76.40 -10.49
C LEU C 355 34.13 76.24 -11.64
N GLY C 356 35.27 75.62 -11.34
CA GLY C 356 36.32 75.38 -12.32
C GLY C 356 35.87 74.47 -13.46
N ALA C 357 35.09 73.44 -13.12
CA ALA C 357 34.59 72.50 -14.13
C ALA C 357 33.56 73.17 -15.01
N VAL C 358 32.65 73.91 -14.40
CA VAL C 358 31.64 74.63 -15.12
C VAL C 358 32.27 75.57 -16.17
N GLU C 359 33.36 76.25 -15.79
CA GLU C 359 34.08 77.10 -16.73
C GLU C 359 34.87 76.33 -17.81
N GLU C 360 35.49 75.21 -17.44
CA GLU C 360 36.23 74.39 -18.40
C GLU C 360 35.28 73.76 -19.41
N ALA C 361 34.10 73.36 -18.93
CA ALA C 361 33.04 72.86 -19.79
C ALA C 361 32.73 73.90 -20.87
N LYS C 362 32.71 75.18 -20.48
CA LYS C 362 32.49 76.28 -21.44
C LYS C 362 33.66 76.45 -22.41
N LYS C 363 34.89 76.47 -21.88
CA LYS C 363 36.11 76.53 -22.74
C LYS C 363 36.12 75.41 -23.80
N GLU C 364 35.64 74.24 -23.40
CA GLU C 364 35.59 73.08 -24.30
C GLU C 364 34.33 73.02 -25.15
N GLY C 365 33.43 74.01 -24.99
CA GLY C 365 32.30 74.20 -25.94
C GLY C 365 30.89 73.88 -25.47
N GLY C 366 30.75 73.59 -24.18
CA GLY C 366 29.47 73.26 -23.59
C GLY C 366 28.67 74.49 -23.24
N THR C 367 27.36 74.29 -23.08
CA THR C 367 26.42 75.32 -22.67
C THR C 367 25.75 74.91 -21.34
N VAL C 368 25.80 75.81 -20.36
CA VAL C 368 25.11 75.61 -19.09
C VAL C 368 23.63 75.98 -19.25
N VAL C 369 22.73 74.99 -19.21
CA VAL C 369 21.28 75.21 -19.38
C VAL C 369 20.52 75.30 -18.08
N TYR C 370 21.16 74.88 -16.97
CA TYR C 370 20.60 75.15 -15.67
C TYR C 370 21.74 75.19 -14.68
N GLY C 371 21.67 76.16 -13.76
CA GLY C 371 22.60 76.24 -12.62
C GLY C 371 23.93 76.86 -12.99
N GLY C 372 25.00 76.25 -12.50
CA GLY C 372 26.35 76.66 -12.77
C GLY C 372 26.87 77.74 -11.84
N LYS C 373 26.04 78.18 -10.89
CA LYS C 373 26.45 79.23 -9.93
C LYS C 373 26.50 78.73 -8.49
N VAL C 374 27.31 79.38 -7.66
CA VAL C 374 27.23 79.21 -6.22
C VAL C 374 25.90 79.81 -5.77
N MET C 375 25.35 79.31 -4.68
CA MET C 375 24.18 79.93 -4.06
C MET C 375 24.64 80.94 -3.04
N ASP C 376 23.89 82.04 -2.94
CA ASP C 376 24.19 83.18 -2.07
C ASP C 376 23.59 82.94 -0.68
N ARG C 377 24.32 82.20 0.13
CA ARG C 377 23.82 81.79 1.43
C ARG C 377 24.95 81.14 2.19
N PRO C 378 24.81 81.05 3.52
CA PRO C 378 25.84 80.38 4.32
C PRO C 378 26.07 78.92 3.92
N GLY C 379 27.28 78.45 4.17
CA GLY C 379 27.66 77.11 3.79
C GLY C 379 28.24 77.03 2.38
N ASN C 380 28.39 75.79 1.92
CA ASN C 380 29.05 75.47 0.65
C ASN C 380 28.04 75.02 -0.41
N TYR C 381 27.02 75.84 -0.61
CA TYR C 381 25.96 75.51 -1.54
C TYR C 381 26.28 75.99 -2.97
N VAL C 382 26.14 75.07 -3.92
CA VAL C 382 26.21 75.38 -5.35
C VAL C 382 24.92 74.97 -6.02
N GLU C 383 24.61 75.60 -7.16
CA GLU C 383 23.45 75.17 -7.93
C GLU C 383 23.79 73.85 -8.68
N PRO C 384 22.85 72.89 -8.62
CA PRO C 384 23.03 71.65 -9.38
C PRO C 384 22.91 72.03 -10.85
N THR C 385 23.80 71.46 -11.67
CA THR C 385 24.07 71.99 -12.98
C THR C 385 23.88 70.95 -14.11
N ILE C 386 23.36 71.45 -15.24
CA ILE C 386 23.20 70.64 -16.47
C ILE C 386 23.90 71.36 -17.62
N VAL C 387 24.85 70.67 -18.25
CA VAL C 387 25.60 71.16 -19.40
C VAL C 387 25.24 70.36 -20.68
N THR C 388 24.73 71.05 -21.71
CA THR C 388 24.51 70.43 -23.02
C THR C 388 25.59 70.86 -24.01
N GLY C 389 25.71 70.18 -25.14
CA GLY C 389 26.57 70.65 -26.22
C GLY C 389 27.98 70.11 -26.31
N LEU C 390 28.54 69.58 -25.21
CA LEU C 390 29.91 69.07 -25.30
C LEU C 390 29.98 67.84 -26.17
N GLY C 391 31.16 67.58 -26.72
CA GLY C 391 31.41 66.31 -27.35
C GLY C 391 31.56 65.29 -26.23
N HIS C 392 31.11 64.07 -26.49
CA HIS C 392 31.21 63.00 -25.49
C HIS C 392 32.67 62.76 -25.07
N ASP C 393 33.63 63.16 -25.89
CA ASP C 393 35.05 62.98 -25.58
C ASP C 393 35.78 64.26 -25.06
N ALA C 394 35.01 65.28 -24.66
CA ALA C 394 35.51 66.49 -24.03
C ALA C 394 36.24 66.10 -22.77
N SER C 395 37.41 66.68 -22.56
CA SER C 395 38.30 66.23 -21.48
C SER C 395 37.63 66.37 -20.12
N ILE C 396 36.84 67.43 -19.93
CA ILE C 396 36.13 67.66 -18.67
C ILE C 396 35.02 66.63 -18.39
N ALA C 397 34.31 66.22 -19.42
CA ALA C 397 33.35 65.11 -19.33
C ALA C 397 34.02 63.77 -18.98
N HIS C 398 35.30 63.59 -19.32
CA HIS C 398 36.04 62.36 -19.03
C HIS C 398 36.64 62.35 -17.60
N THR C 399 36.61 63.52 -16.96
CA THR C 399 37.10 63.75 -15.62
C THR C 399 35.97 63.66 -14.59
N GLU C 400 36.24 63.02 -13.45
CA GLU C 400 35.34 63.06 -12.31
C GLU C 400 35.52 64.37 -11.55
N THR C 401 34.51 65.23 -11.60
CA THR C 401 34.44 66.40 -10.72
C THR C 401 33.37 66.06 -9.72
N PHE C 402 33.75 66.01 -8.44
CA PHE C 402 32.89 65.53 -7.36
C PHE C 402 31.90 66.61 -6.92
N ALA C 403 30.96 66.88 -7.81
CA ALA C 403 29.94 67.92 -7.63
C ALA C 403 28.79 67.66 -8.61
N PRO C 404 27.62 68.32 -8.41
CA PRO C 404 26.46 68.05 -9.20
C PRO C 404 26.52 68.81 -10.54
N ILE C 405 27.31 68.27 -11.46
CA ILE C 405 27.31 68.70 -12.85
C ILE C 405 26.97 67.48 -13.71
N LEU C 406 25.91 67.63 -14.49
CA LEU C 406 25.46 66.55 -15.39
C LEU C 406 25.69 66.93 -16.85
N TYR C 407 26.54 66.16 -17.53
CA TYR C 407 26.88 66.42 -18.92
C TYR C 407 25.92 65.62 -19.81
N VAL C 408 25.20 66.31 -20.69
CA VAL C 408 24.18 65.67 -21.52
C VAL C 408 24.68 65.57 -22.96
N PHE C 409 24.47 64.37 -23.52
CA PHE C 409 24.89 64.05 -24.87
C PHE C 409 23.74 63.44 -25.64
N LYS C 410 23.73 63.74 -26.94
CA LYS C 410 22.88 63.04 -27.90
C LYS C 410 23.57 61.78 -28.43
N PHE C 411 22.77 60.78 -28.81
CA PHE C 411 23.24 59.63 -29.56
C PHE C 411 22.12 59.12 -30.49
N GLN C 412 22.50 58.24 -31.43
CA GLN C 412 21.50 57.61 -32.30
C GLN C 412 21.45 56.10 -32.15
N ASN C 413 22.61 55.45 -32.28
CA ASN C 413 22.61 53.98 -32.27
C ASN C 413 23.23 53.39 -31.01
N GLU C 414 22.83 52.16 -30.75
CA GLU C 414 23.19 51.42 -29.56
C GLU C 414 24.67 51.13 -29.42
N GLU C 415 25.30 50.62 -30.48
CA GLU C 415 26.71 50.26 -30.37
C GLU C 415 27.58 51.46 -30.05
N GLU C 416 27.29 52.61 -30.65
CA GLU C 416 28.13 53.78 -30.38
C GLU C 416 27.95 54.27 -28.96
N VAL C 417 26.71 54.30 -28.45
CA VAL C 417 26.50 54.82 -27.12
C VAL C 417 27.06 53.84 -26.05
N PHE C 418 27.00 52.53 -26.30
CA PHE C 418 27.70 51.55 -25.40
C PHE C 418 29.20 51.83 -25.36
N ALA C 419 29.77 52.11 -26.52
CA ALA C 419 31.20 52.47 -26.60
C ALA C 419 31.49 53.76 -25.82
N TRP C 420 30.58 54.74 -25.91
CA TRP C 420 30.73 55.99 -25.20
C TRP C 420 30.61 55.82 -23.68
N ASN C 421 29.73 54.92 -23.24
CA ASN C 421 29.72 54.56 -21.82
C ASN C 421 31.10 54.12 -21.36
N ASN C 422 31.67 53.26 -22.19
CA ASN C 422 32.88 52.53 -21.90
C ASN C 422 34.21 53.28 -22.14
N GLU C 423 34.19 54.42 -22.85
CA GLU C 423 35.43 55.11 -23.32
C GLU C 423 36.22 55.76 -22.23
N VAL C 424 35.56 56.03 -21.10
CA VAL C 424 36.22 56.75 -20.00
C VAL C 424 37.11 55.79 -19.24
N LYS C 425 37.96 56.32 -18.35
CA LYS C 425 38.88 55.50 -17.56
C LYS C 425 38.22 54.88 -16.35
N GLN C 426 37.20 55.56 -15.82
CA GLN C 426 36.42 55.02 -14.71
C GLN C 426 35.53 53.84 -15.14
N GLY C 427 35.17 52.96 -14.20
CA GLY C 427 34.26 51.86 -14.52
C GLY C 427 33.40 51.39 -13.35
N LEU C 428 32.75 52.33 -12.69
CA LEU C 428 31.97 51.97 -11.48
C LEU C 428 30.55 51.54 -11.81
N SER C 429 29.69 52.50 -12.16
CA SER C 429 28.27 52.23 -12.38
C SER C 429 27.83 52.76 -13.75
N SER C 430 26.71 52.24 -14.22
CA SER C 430 26.15 52.53 -15.54
C SER C 430 24.70 52.11 -15.51
N SER C 431 23.86 52.80 -16.29
CA SER C 431 22.47 52.46 -16.42
C SER C 431 21.90 52.76 -17.80
N ILE C 432 21.05 51.87 -18.31
CA ILE C 432 20.24 52.17 -19.47
C ILE C 432 18.78 52.15 -19.07
N PHE C 433 17.99 52.97 -19.75
CA PHE C 433 16.56 53.01 -19.65
C PHE C 433 16.03 52.66 -21.05
N THR C 434 15.30 51.54 -21.12
CA THR C 434 14.78 50.99 -22.35
C THR C 434 13.81 49.88 -21.98
N LYS C 435 12.96 49.51 -22.96
CA LYS C 435 12.00 48.40 -22.82
C LYS C 435 12.41 47.18 -23.64
N ASP C 436 13.46 47.34 -24.44
CA ASP C 436 13.90 46.36 -25.43
C ASP C 436 14.70 45.23 -24.82
N LEU C 437 14.12 44.04 -24.89
CA LEU C 437 14.65 42.87 -24.24
C LEU C 437 16.06 42.52 -24.71
N GLY C 438 16.28 42.52 -26.03
CA GLY C 438 17.57 42.22 -26.59
C GLY C 438 18.63 43.22 -26.17
N ARG C 439 18.26 44.49 -26.19
CA ARG C 439 19.19 45.55 -25.82
C ARG C 439 19.62 45.36 -24.37
N ILE C 440 18.67 45.02 -23.52
CA ILE C 440 18.96 44.77 -22.10
C ILE C 440 20.01 43.65 -21.90
N PHE C 441 19.82 42.51 -22.55
CA PHE C 441 20.79 41.41 -22.43
C PHE C 441 22.10 41.69 -23.12
N ARG C 442 22.07 42.44 -24.23
CA ARG C 442 23.33 42.89 -24.83
C ARG C 442 24.14 43.81 -23.88
N TRP C 443 23.45 44.72 -23.21
CA TRP C 443 24.05 45.61 -22.19
C TRP C 443 24.70 44.82 -21.06
N LEU C 444 24.10 43.69 -20.70
CA LEU C 444 24.61 42.84 -19.64
C LEU C 444 25.71 41.88 -20.11
N GLY C 445 25.96 41.82 -21.42
CA GLY C 445 26.85 40.87 -22.01
C GLY C 445 28.24 41.41 -22.37
N PRO C 446 28.99 40.61 -23.15
CA PRO C 446 30.38 40.94 -23.34
C PRO C 446 30.69 42.20 -24.16
N LYS C 447 29.70 42.65 -24.94
CA LYS C 447 29.82 43.86 -25.76
C LYS C 447 29.01 45.00 -25.14
N GLY C 448 28.59 44.83 -23.88
CA GLY C 448 27.78 45.80 -23.19
C GLY C 448 28.65 46.66 -22.28
N SER C 449 28.07 47.07 -21.17
CA SER C 449 28.75 47.94 -20.20
C SER C 449 30.00 47.27 -19.66
N ASP C 450 31.08 48.03 -19.50
CA ASP C 450 32.32 47.52 -18.93
C ASP C 450 32.45 47.77 -17.41
N CYS C 451 31.37 48.22 -16.79
CA CYS C 451 31.42 48.67 -15.40
C CYS C 451 31.13 47.55 -14.40
N GLY C 452 31.35 47.83 -13.13
CA GLY C 452 31.08 46.88 -12.04
C GLY C 452 29.60 46.77 -11.66
N ILE C 453 28.86 47.85 -11.92
CA ILE C 453 27.44 47.93 -11.65
C ILE C 453 26.79 48.25 -13.00
N VAL C 454 25.87 47.39 -13.43
CA VAL C 454 25.29 47.44 -14.77
C VAL C 454 23.78 47.34 -14.60
N ASN C 455 23.12 48.49 -14.65
CA ASN C 455 21.72 48.62 -14.26
C ASN C 455 20.79 48.88 -15.46
N VAL C 456 19.51 48.55 -15.25
CA VAL C 456 18.44 48.71 -16.24
C VAL C 456 17.23 49.32 -15.57
N ASN C 457 16.80 50.48 -16.08
CA ASN C 457 15.61 51.19 -15.62
C ASN C 457 15.64 51.64 -14.14
N ILE C 458 16.86 51.78 -13.62
CA ILE C 458 17.14 52.26 -12.30
C ILE C 458 18.46 52.98 -12.49
N PRO C 459 18.63 54.10 -11.83
CA PRO C 459 19.86 54.86 -12.06
C PRO C 459 21.13 54.27 -11.46
N THR C 460 22.21 55.04 -11.57
CA THR C 460 23.56 54.55 -11.34
C THR C 460 23.85 54.30 -9.83
N SER C 461 23.01 54.91 -9.00
CA SER C 461 23.00 54.84 -7.57
C SER C 461 22.34 53.58 -7.02
N GLY C 462 21.82 52.74 -7.92
CA GLY C 462 21.12 51.47 -7.57
C GLY C 462 22.04 50.30 -7.22
N ALA C 463 22.03 49.92 -5.94
CA ALA C 463 22.83 48.81 -5.41
C ALA C 463 22.25 48.39 -4.05
N GLU C 464 22.51 47.16 -3.66
CA GLU C 464 22.03 46.65 -2.39
C GLU C 464 23.04 45.69 -1.82
N ILE C 465 22.92 45.38 -0.52
CA ILE C 465 24.05 44.70 0.15
C ILE C 465 24.24 43.26 -0.32
N GLY C 466 23.21 42.65 -0.90
CA GLY C 466 23.33 41.23 -1.30
C GLY C 466 24.30 40.98 -2.46
N GLY C 467 24.57 42.01 -3.25
CA GLY C 467 25.54 41.89 -4.31
C GLY C 467 26.88 42.49 -3.93
N ALA C 468 27.93 42.10 -4.68
CA ALA C 468 29.25 42.66 -4.58
C ALA C 468 29.25 44.05 -5.17
N PHE C 469 29.87 44.99 -4.45
CA PHE C 469 29.90 46.39 -4.86
C PHE C 469 31.32 46.86 -5.23
N GLY C 470 31.47 47.41 -6.43
CA GLY C 470 32.72 47.98 -6.87
C GLY C 470 32.78 48.09 -8.37
N GLY C 471 33.95 48.50 -8.88
CA GLY C 471 34.12 48.87 -10.28
C GLY C 471 35.34 48.24 -10.92
N GLU C 472 35.51 48.55 -12.21
CA GLU C 472 36.61 48.08 -12.98
C GLU C 472 37.47 49.27 -13.44
N LYS C 473 38.53 48.97 -14.19
CA LYS C 473 39.39 49.97 -14.79
C LYS C 473 39.96 50.89 -13.70
N HIS C 474 39.88 52.22 -13.86
CA HIS C 474 40.42 53.12 -12.83
C HIS C 474 39.62 53.18 -11.53
N THR C 475 38.47 52.51 -11.48
CA THR C 475 37.74 52.35 -10.19
C THR C 475 38.43 51.33 -9.27
N GLY C 476 39.34 50.51 -9.81
CA GLY C 476 40.33 49.81 -8.96
C GLY C 476 40.12 48.33 -8.73
N GLY C 477 38.92 47.82 -9.01
CA GLY C 477 38.71 46.38 -9.05
C GLY C 477 38.25 45.65 -7.80
N GLY C 478 38.31 46.31 -6.66
CA GLY C 478 37.91 45.73 -5.40
C GLY C 478 36.42 45.54 -5.38
N ARG C 479 35.95 44.64 -4.50
CA ARG C 479 34.52 44.53 -4.22
C ARG C 479 34.26 44.50 -2.72
N GLU C 480 33.09 45.01 -2.35
CA GLU C 480 32.62 45.00 -0.97
C GLU C 480 31.22 44.43 -0.84
N SER C 481 30.87 44.05 0.39
CA SER C 481 29.48 43.65 0.74
C SER C 481 29.18 42.19 0.41
N GLY C 482 28.38 41.96 -0.62
CA GLY C 482 27.74 40.70 -0.84
C GLY C 482 28.44 39.77 -1.80
N SER C 483 27.64 38.82 -2.29
CA SER C 483 28.13 37.69 -3.04
C SER C 483 29.37 37.10 -2.32
N ASP C 484 30.43 36.78 -3.05
CA ASP C 484 31.63 36.25 -2.39
C ASP C 484 32.73 37.30 -2.21
N ALA C 485 32.33 38.56 -2.01
CA ALA C 485 33.29 39.61 -1.66
C ALA C 485 34.12 39.22 -0.42
N TRP C 486 33.53 38.45 0.50
CA TRP C 486 34.29 38.00 1.68
C TRP C 486 35.64 37.36 1.40
N LYS C 487 35.75 36.69 0.25
CA LYS C 487 37.00 36.02 -0.07
C LYS C 487 38.20 37.01 -0.15
N GLN C 488 37.94 38.27 -0.43
CA GLN C 488 39.07 39.26 -0.45
C GLN C 488 39.65 39.52 0.92
N TYR C 489 38.93 39.11 1.97
CA TYR C 489 39.36 39.34 3.36
C TYR C 489 39.95 38.08 3.99
N MET C 490 40.18 37.05 3.16
CA MET C 490 40.72 35.78 3.59
C MET C 490 41.73 35.23 2.62
N ARG C 491 42.53 34.27 3.11
CA ARG C 491 43.52 33.56 2.30
C ARG C 491 43.04 32.14 2.04
N ARG C 492 43.11 31.76 0.79
CA ARG C 492 42.76 30.43 0.33
C ARG C 492 43.96 29.54 0.47
N SER C 493 43.72 28.31 0.93
CA SER C 493 44.67 27.25 0.82
C SER C 493 44.02 26.05 0.18
N THR C 494 44.85 25.33 -0.58
CA THR C 494 44.44 24.09 -1.25
C THR C 494 45.24 23.02 -0.56
N CYS C 495 44.55 22.12 0.09
CA CYS C 495 45.11 21.22 1.07
C CYS C 495 44.90 19.77 0.70
N THR C 496 45.99 19.03 0.51
CA THR C 496 45.91 17.62 0.18
C THR C 496 46.37 16.86 1.42
N ILE C 497 45.51 15.96 1.89
CA ILE C 497 45.75 15.17 3.08
C ILE C 497 45.82 13.69 2.69
N ASN C 498 47.01 13.12 2.79
CA ASN C 498 47.19 11.68 2.62
C ASN C 498 46.89 10.99 3.94
N TYR C 499 45.72 10.36 4.04
CA TYR C 499 45.29 9.76 5.30
C TYR C 499 45.53 8.27 5.30
N SER C 500 46.16 7.78 4.23
CA SER C 500 46.28 6.35 4.04
C SER C 500 47.64 5.81 4.36
N THR D 4 75.55 20.83 -37.02
CA THR D 4 75.77 20.67 -35.56
C THR D 4 74.47 20.85 -34.78
N LEU D 5 73.38 21.25 -35.45
CA LEU D 5 72.07 21.39 -34.80
C LEU D 5 71.47 20.01 -34.61
N LEU D 6 71.00 19.73 -33.41
CA LEU D 6 70.43 18.43 -33.10
C LEU D 6 69.28 18.08 -34.05
N ILE D 7 68.48 19.08 -34.41
CA ILE D 7 67.34 18.81 -35.29
C ILE D 7 67.74 18.28 -36.68
N ASN D 8 69.00 18.49 -37.08
CA ASN D 8 69.50 18.00 -38.35
C ASN D 8 70.15 16.61 -38.25
N GLN D 9 70.15 16.03 -37.06
CA GLN D 9 70.72 14.71 -36.77
C GLN D 9 69.62 13.65 -36.83
N PRO D 10 69.91 12.50 -37.48
CA PRO D 10 68.89 11.46 -37.59
C PRO D 10 68.18 11.05 -36.31
N GLN D 11 68.91 10.95 -35.21
CA GLN D 11 68.32 10.49 -33.95
C GLN D 11 67.24 11.40 -33.37
N TYR D 12 67.28 12.68 -33.77
CA TYR D 12 66.30 13.66 -33.31
C TYR D 12 65.29 13.99 -34.42
N ALA D 13 65.21 13.13 -35.45
CA ALA D 13 64.22 13.30 -36.53
C ALA D 13 62.79 13.46 -36.02
N TRP D 14 62.51 12.83 -34.89
CA TRP D 14 61.19 12.93 -34.26
C TRP D 14 60.74 14.37 -34.03
N LEU D 15 61.67 15.31 -33.89
CA LEU D 15 61.29 16.74 -33.76
C LEU D 15 60.46 17.27 -34.94
N LYS D 16 60.63 16.67 -36.10
CA LYS D 16 59.89 17.08 -37.27
C LYS D 16 58.41 16.74 -37.15
N GLU D 17 58.08 15.79 -36.27
CA GLU D 17 56.68 15.44 -36.01
C GLU D 17 55.89 16.54 -35.31
N LEU D 18 56.61 17.48 -34.70
CA LEU D 18 56.03 18.67 -34.08
C LEU D 18 56.10 19.86 -35.02
N GLY D 19 56.50 19.62 -36.27
CA GLY D 19 56.51 20.65 -37.28
C GLY D 19 57.70 21.58 -37.20
N LEU D 20 58.69 21.19 -36.38
CA LEU D 20 59.86 21.96 -36.17
C LEU D 20 60.89 21.75 -37.32
N ARG D 21 61.63 22.80 -37.60
CA ARG D 21 62.69 22.80 -38.61
C ARG D 21 63.93 23.52 -38.05
N GLU D 22 64.97 23.69 -38.86
CA GLU D 22 66.21 24.34 -38.43
C GLU D 22 65.97 25.73 -37.90
N GLU D 23 65.15 26.49 -38.61
CA GLU D 23 64.78 27.83 -38.14
C GLU D 23 63.26 28.00 -38.20
N ASN D 24 62.68 28.40 -37.08
CA ASN D 24 61.24 28.44 -36.92
C ASN D 24 60.74 29.85 -36.61
N GLU D 25 59.58 30.16 -37.15
CA GLU D 25 58.86 31.38 -36.86
C GLU D 25 58.40 31.33 -35.39
N GLY D 26 58.71 32.37 -34.64
CA GLY D 26 58.32 32.52 -33.25
C GLY D 26 57.16 33.49 -32.97
N VAL D 27 56.50 33.97 -34.04
CA VAL D 27 55.32 34.80 -33.94
C VAL D 27 54.17 34.10 -34.67
N TYR D 28 53.04 33.96 -33.99
CA TYR D 28 51.80 33.43 -34.56
C TYR D 28 50.65 34.31 -34.13
N ASN D 29 49.89 34.78 -35.11
CA ASN D 29 48.72 35.61 -34.89
C ASN D 29 47.63 35.29 -35.91
N GLY D 30 47.64 34.07 -36.42
CA GLY D 30 46.85 33.68 -37.59
C GLY D 30 47.77 33.45 -38.75
N SER D 31 48.82 34.29 -38.83
CA SER D 31 49.96 34.04 -39.70
C SER D 31 51.20 33.89 -38.85
N TRP D 32 52.20 33.25 -39.44
CA TRP D 32 53.48 33.00 -38.76
C TRP D 32 54.52 33.99 -39.22
N GLY D 33 55.35 34.41 -38.27
CA GLY D 33 56.43 35.28 -38.60
C GLY D 33 57.43 35.42 -37.48
N GLY D 34 58.09 36.57 -37.48
CA GLY D 34 59.20 36.88 -36.56
C GLY D 34 60.32 37.65 -37.22
N ARG D 35 60.33 38.96 -36.99
CA ARG D 35 61.30 39.87 -37.58
C ARG D 35 62.29 40.35 -36.54
N GLY D 36 62.23 39.77 -35.33
CA GLY D 36 63.18 40.09 -34.28
C GLY D 36 64.42 39.20 -34.31
N GLU D 37 65.15 39.22 -33.20
CA GLU D 37 66.39 38.50 -33.10
C GLU D 37 66.13 37.00 -33.17
N VAL D 38 66.99 36.30 -33.89
CA VAL D 38 66.95 34.87 -33.98
C VAL D 38 67.73 34.26 -32.82
N ILE D 39 67.04 33.42 -32.04
CA ILE D 39 67.64 32.77 -30.86
C ILE D 39 67.85 31.29 -31.18
N THR D 40 68.95 30.74 -30.65
CA THR D 40 69.24 29.32 -30.75
C THR D 40 69.03 28.81 -29.34
N THR D 41 68.28 27.70 -29.20
CA THR D 41 68.18 27.07 -27.88
C THR D 41 69.06 25.84 -27.86
N TYR D 42 69.42 25.42 -26.64
CA TYR D 42 70.43 24.39 -26.42
C TYR D 42 69.86 23.32 -25.51
N CYS D 43 70.32 22.09 -25.71
CA CYS D 43 70.02 20.98 -24.84
C CYS D 43 70.91 21.03 -23.60
N PRO D 44 70.31 21.17 -22.41
CA PRO D 44 71.14 21.24 -21.20
C PRO D 44 71.92 19.98 -20.83
N ALA D 45 71.58 18.81 -21.41
CA ALA D 45 72.24 17.54 -21.14
C ALA D 45 73.58 17.44 -21.83
N ASN D 46 73.77 18.19 -22.91
CA ASN D 46 75.01 18.15 -23.70
C ASN D 46 75.50 19.52 -24.21
N ASN D 47 74.74 20.60 -23.93
CA ASN D 47 75.11 21.97 -24.35
C ASN D 47 75.15 22.08 -25.88
N GLU D 48 74.49 21.18 -26.59
CA GLU D 48 74.46 21.26 -28.06
C GLU D 48 73.24 22.04 -28.54
N PRO D 49 73.40 22.80 -29.64
CA PRO D 49 72.29 23.62 -30.12
C PRO D 49 71.27 22.71 -30.76
N ILE D 50 69.98 23.01 -30.56
CA ILE D 50 68.91 22.17 -31.07
C ILE D 50 68.37 22.74 -32.38
N ALA D 51 67.94 24.00 -32.34
CA ALA D 51 67.32 24.69 -33.47
C ALA D 51 67.15 26.16 -33.13
N ARG D 52 66.65 26.93 -34.09
CA ARG D 52 66.54 28.39 -33.96
C ARG D 52 65.10 28.86 -34.05
N VAL D 53 64.83 29.97 -33.37
CA VAL D 53 63.50 30.59 -33.40
C VAL D 53 63.64 32.09 -33.66
N ARG D 54 62.86 32.58 -34.61
CA ARG D 54 62.83 34.00 -34.94
C ARG D 54 61.82 34.70 -34.03
N GLN D 55 62.32 35.58 -33.15
CA GLN D 55 61.51 36.21 -32.11
C GLN D 55 60.75 37.40 -32.63
N ALA D 56 59.90 37.95 -31.77
CA ALA D 56 59.06 39.07 -32.17
C ALA D 56 59.79 40.40 -32.11
N SER D 57 59.70 41.16 -33.22
CA SER D 57 60.04 42.56 -33.19
C SER D 57 58.91 43.39 -32.54
N VAL D 58 59.17 44.65 -32.25
CA VAL D 58 58.13 45.54 -31.77
C VAL D 58 56.95 45.58 -32.74
N ALA D 59 57.20 45.67 -34.06
CA ALA D 59 56.12 45.71 -35.03
C ALA D 59 55.31 44.42 -34.99
N ASP D 60 56.00 43.29 -34.79
CA ASP D 60 55.32 42.00 -34.70
C ASP D 60 54.38 41.97 -33.50
N TYR D 61 54.90 42.49 -32.37
CA TYR D 61 54.13 42.58 -31.13
C TYR D 61 52.89 43.44 -31.38
N GLU D 62 53.10 44.61 -31.97
CA GLU D 62 51.98 45.52 -32.17
C GLU D 62 50.90 44.91 -33.08
N GLU D 63 51.35 44.30 -34.17
CA GLU D 63 50.46 43.68 -35.11
C GLU D 63 49.67 42.57 -34.42
N THR D 64 50.35 41.80 -33.57
CA THR D 64 49.77 40.67 -32.88
C THR D 64 48.69 41.09 -31.89
N VAL D 65 48.97 42.10 -31.08
CA VAL D 65 47.97 42.59 -30.16
C VAL D 65 46.72 43.05 -30.89
N LYS D 66 46.91 43.80 -31.96
CA LYS D 66 45.79 44.31 -32.69
C LYS D 66 44.98 43.15 -33.29
N LYS D 67 45.66 42.14 -33.81
CA LYS D 67 44.96 41.00 -34.42
C LYS D 67 44.20 40.17 -33.35
N ALA D 68 44.83 39.97 -32.20
CA ALA D 68 44.19 39.26 -31.11
C ALA D 68 42.93 39.98 -30.69
N ARG D 69 43.02 41.30 -30.58
CA ARG D 69 41.87 42.08 -30.16
C ARG D 69 40.72 42.05 -31.19
N GLU D 70 41.10 41.99 -32.47
CA GLU D 70 40.11 41.84 -33.54
C GLU D 70 39.46 40.46 -33.44
N ALA D 71 40.28 39.44 -33.22
CA ALA D 71 39.75 38.07 -33.04
C ALA D 71 38.81 37.99 -31.84
N TRP D 72 39.09 38.74 -30.78
CA TRP D 72 38.26 38.70 -29.59
C TRP D 72 36.81 39.08 -29.90
N LYS D 73 36.61 40.01 -30.82
CA LYS D 73 35.25 40.36 -31.16
C LYS D 73 34.46 39.17 -31.67
N ILE D 74 35.10 38.28 -32.42
CA ILE D 74 34.46 37.02 -32.84
C ILE D 74 34.30 36.03 -31.69
N TRP D 75 35.41 35.78 -31.01
CA TRP D 75 35.47 34.77 -29.95
C TRP D 75 34.52 35.01 -28.78
N ALA D 76 34.43 36.25 -28.31
CA ALA D 76 33.59 36.57 -27.16
C ALA D 76 32.10 36.40 -27.51
N ASP D 77 31.77 36.35 -28.82
CA ASP D 77 30.40 36.15 -29.27
C ASP D 77 30.02 34.66 -29.36
N ILE D 78 31.00 33.76 -29.23
CA ILE D 78 30.74 32.33 -29.27
C ILE D 78 30.31 31.88 -27.88
N PRO D 79 29.15 31.24 -27.80
CA PRO D 79 28.73 30.66 -26.50
C PRO D 79 29.83 29.88 -25.77
N ALA D 80 29.91 30.05 -24.45
CA ALA D 80 30.97 29.39 -23.72
C ALA D 80 31.04 27.89 -23.96
N PRO D 81 29.89 27.17 -23.97
CA PRO D 81 29.97 25.72 -24.22
C PRO D 81 30.62 25.35 -25.59
N LYS D 82 30.43 26.23 -26.57
CA LYS D 82 31.03 26.06 -27.87
C LYS D 82 32.54 26.40 -27.85
N ARG D 83 32.93 27.38 -27.01
CA ARG D 83 34.34 27.63 -26.75
C ARG D 83 34.95 26.39 -26.07
N GLY D 84 34.16 25.76 -25.20
CA GLY D 84 34.57 24.51 -24.53
C GLY D 84 34.84 23.37 -25.49
N GLU D 85 34.03 23.28 -26.54
CA GLU D 85 34.28 22.31 -27.63
C GLU D 85 35.63 22.51 -28.35
N ILE D 86 36.01 23.77 -28.53
CA ILE D 86 37.35 24.03 -29.08
C ILE D 86 38.45 23.53 -28.15
N VAL D 87 38.28 23.81 -26.84
CA VAL D 87 39.27 23.37 -25.83
C VAL D 87 39.31 21.84 -25.77
N ARG D 88 38.16 21.20 -25.92
CA ARG D 88 38.14 19.75 -25.99
C ARG D 88 39.06 19.26 -27.11
N GLN D 89 38.92 19.86 -28.29
CA GLN D 89 39.71 19.48 -29.46
C GLN D 89 41.20 19.76 -29.24
N ILE D 90 41.53 20.86 -28.54
CA ILE D 90 42.91 21.11 -28.14
C ILE D 90 43.44 19.95 -27.29
N GLY D 91 42.68 19.56 -26.27
CA GLY D 91 43.05 18.39 -25.44
C GLY D 91 43.38 17.16 -26.27
N ASP D 92 42.50 16.84 -27.23
CA ASP D 92 42.75 15.68 -28.10
C ASP D 92 44.00 15.84 -29.00
N ALA D 93 44.26 17.06 -29.47
CA ALA D 93 45.42 17.33 -30.32
C ALA D 93 46.70 17.15 -29.52
N LEU D 94 46.69 17.63 -28.29
CA LEU D 94 47.78 17.37 -27.37
C LEU D 94 48.02 15.90 -27.09
N ARG D 95 46.94 15.15 -26.87
CA ARG D 95 47.02 13.70 -26.69
C ARG D 95 47.72 12.98 -27.80
N GLU D 96 47.47 13.44 -29.01
CA GLU D 96 48.03 12.77 -30.18
C GLU D 96 49.52 12.98 -30.29
N LYS D 97 50.03 14.07 -29.72
CA LYS D 97 51.45 14.44 -29.78
C LYS D 97 52.17 14.32 -28.43
N ILE D 98 51.57 13.59 -27.49
CA ILE D 98 52.05 13.55 -26.12
C ILE D 98 53.51 13.05 -25.97
N GLN D 99 53.86 11.97 -26.67
CA GLN D 99 55.18 11.41 -26.51
C GLN D 99 56.24 12.33 -27.12
N VAL D 100 55.99 12.81 -28.33
CA VAL D 100 56.97 13.70 -28.98
C VAL D 100 57.05 15.06 -28.28
N LEU D 101 55.92 15.62 -27.83
CA LEU D 101 55.98 16.89 -27.11
C LEU D 101 56.71 16.71 -25.74
N GLY D 102 56.42 15.61 -25.03
CA GLY D 102 57.13 15.38 -23.79
C GLY D 102 58.60 15.15 -24.02
N SER D 103 58.94 14.47 -25.12
CA SER D 103 60.35 14.28 -25.49
C SER D 103 61.02 15.62 -25.76
N LEU D 104 60.30 16.54 -26.39
CA LEU D 104 60.83 17.89 -26.58
C LEU D 104 61.08 18.61 -25.26
N VAL D 105 60.16 18.46 -24.30
CA VAL D 105 60.38 19.12 -23.01
C VAL D 105 61.66 18.57 -22.34
N SER D 106 61.85 17.26 -22.42
CA SER D 106 63.04 16.65 -21.85
C SER D 106 64.30 17.17 -22.55
N LEU D 107 64.22 17.33 -23.87
CA LEU D 107 65.38 17.77 -24.66
C LEU D 107 65.80 19.22 -24.42
N GLU D 108 64.86 20.15 -24.57
CA GLU D 108 65.09 21.57 -24.48
C GLU D 108 65.07 22.11 -23.05
N MET D 109 64.21 21.56 -22.18
CA MET D 109 64.17 22.02 -20.77
C MET D 109 65.11 21.20 -19.85
N GLY D 110 65.10 19.87 -19.99
CA GLY D 110 66.02 18.98 -19.28
C GLY D 110 65.45 18.13 -18.15
N LYS D 111 64.15 18.24 -17.91
CA LYS D 111 63.48 17.32 -17.01
C LYS D 111 63.33 15.92 -17.59
N ILE D 112 63.22 14.92 -16.72
CA ILE D 112 63.14 13.54 -17.19
C ILE D 112 61.85 13.27 -17.99
N LEU D 113 61.93 12.27 -18.84
CA LEU D 113 60.86 12.01 -19.81
C LEU D 113 59.48 11.87 -19.17
N VAL D 114 59.39 11.12 -18.07
CA VAL D 114 58.07 10.88 -17.46
C VAL D 114 57.43 12.20 -17.03
N GLU D 115 58.24 13.18 -16.66
CA GLU D 115 57.75 14.48 -16.28
C GLU D 115 57.46 15.38 -17.46
N GLY D 116 58.22 15.22 -18.54
CA GLY D 116 57.90 15.94 -19.77
C GLY D 116 56.52 15.52 -20.28
N VAL D 117 56.35 14.22 -20.44
CA VAL D 117 55.04 13.62 -20.76
C VAL D 117 53.94 13.99 -19.74
N GLY D 118 54.27 13.92 -18.45
CA GLY D 118 53.32 14.29 -17.40
C GLY D 118 52.86 15.73 -17.50
N GLU D 119 53.76 16.60 -17.93
CA GLU D 119 53.42 17.99 -18.17
C GLU D 119 52.38 18.15 -19.25
N VAL D 120 52.57 17.41 -20.35
CA VAL D 120 51.60 17.49 -21.45
C VAL D 120 50.25 16.93 -20.98
N GLN D 121 50.33 15.88 -20.18
CA GLN D 121 49.11 15.27 -19.64
C GLN D 121 48.34 16.23 -18.74
N GLU D 122 49.06 17.04 -17.96
CA GLU D 122 48.45 18.12 -17.16
C GLU D 122 47.62 19.05 -18.05
N TYR D 123 48.22 19.52 -19.15
CA TYR D 123 47.49 20.39 -20.11
C TYR D 123 46.25 19.63 -20.68
N VAL D 124 46.44 18.38 -21.09
CA VAL D 124 45.32 17.56 -21.55
C VAL D 124 44.19 17.54 -20.51
N ASP D 125 44.56 17.27 -19.26
CA ASP D 125 43.61 17.12 -18.19
C ASP D 125 42.84 18.43 -17.88
N ILE D 126 43.52 19.58 -17.90
CA ILE D 126 42.85 20.84 -17.65
C ILE D 126 41.93 21.16 -18.82
N CYS D 127 42.29 20.77 -20.03
CA CYS D 127 41.34 20.94 -21.14
C CYS D 127 40.05 20.18 -20.91
N ASP D 128 40.15 18.91 -20.49
CA ASP D 128 38.98 18.06 -20.23
C ASP D 128 38.13 18.66 -19.08
N TYR D 129 38.80 19.20 -18.06
CA TYR D 129 38.12 19.89 -16.98
C TYR D 129 37.37 21.12 -17.47
N ALA D 130 38.06 21.90 -18.32
CA ALA D 130 37.54 23.17 -18.80
C ALA D 130 36.28 23.01 -19.67
N VAL D 131 36.18 21.89 -20.34
CA VAL D 131 35.00 21.57 -21.16
C VAL D 131 33.72 21.56 -20.32
N GLY D 132 33.76 20.87 -19.17
CA GLY D 132 32.65 20.93 -18.23
C GLY D 132 32.44 22.33 -17.64
N LEU D 133 33.53 22.99 -17.27
CA LEU D 133 33.43 24.28 -16.66
C LEU D 133 32.76 25.31 -17.60
N SER D 134 32.92 25.12 -18.90
CA SER D 134 32.37 26.01 -19.92
C SER D 134 30.85 26.01 -19.95
N ARG D 135 30.23 25.01 -19.34
CA ARG D 135 28.79 24.98 -19.16
C ARG D 135 28.34 25.40 -17.75
N MET D 136 29.27 25.85 -16.92
CA MET D 136 29.01 26.16 -15.51
C MET D 136 29.31 27.59 -15.11
N ILE D 137 30.32 28.21 -15.73
CA ILE D 137 30.77 29.54 -15.32
C ILE D 137 29.65 30.57 -15.33
N GLY D 138 29.62 31.38 -14.28
CA GLY D 138 28.62 32.39 -14.09
C GLY D 138 28.49 32.72 -12.59
N GLY D 139 27.45 33.49 -12.27
CA GLY D 139 27.16 33.92 -10.92
C GLY D 139 25.71 33.70 -10.58
N PRO D 140 25.37 34.01 -9.32
CA PRO D 140 24.05 33.87 -8.84
C PRO D 140 23.07 34.93 -9.34
N ILE D 141 21.82 34.47 -9.46
CA ILE D 141 20.68 35.38 -9.48
C ILE D 141 20.19 35.46 -8.03
N LEU D 142 20.19 36.67 -7.52
CA LEU D 142 20.01 36.95 -6.11
C LEU D 142 18.67 37.60 -5.88
N PRO D 143 18.11 37.46 -4.69
CA PRO D 143 16.79 38.05 -4.41
C PRO D 143 16.95 39.53 -4.07
N SER D 144 16.44 40.39 -4.94
CA SER D 144 16.48 41.81 -4.67
C SER D 144 15.56 42.21 -3.53
N GLU D 145 15.99 43.17 -2.74
CA GLU D 145 15.13 43.77 -1.72
C GLU D 145 14.02 44.61 -2.31
N ARG D 146 14.12 44.90 -3.61
CA ARG D 146 13.21 45.81 -4.26
C ARG D 146 12.13 45.02 -5.04
N SER D 147 10.87 45.28 -4.76
CA SER D 147 9.78 44.65 -5.50
C SER D 147 9.89 44.96 -7.01
N GLY D 148 9.60 44.00 -7.86
CA GLY D 148 9.66 44.24 -9.30
C GLY D 148 11.01 44.49 -9.90
N HIS D 149 12.05 44.04 -9.20
CA HIS D 149 13.41 44.11 -9.69
C HIS D 149 14.08 42.74 -9.62
N ALA D 150 14.91 42.43 -10.61
CA ALA D 150 15.86 41.34 -10.59
C ALA D 150 17.26 41.85 -10.22
N LEU D 151 18.05 40.96 -9.62
CA LEU D 151 19.44 41.26 -9.25
C LEU D 151 20.27 40.04 -9.69
N ILE D 152 21.22 40.26 -10.59
CA ILE D 152 21.96 39.19 -11.23
C ILE D 152 23.45 39.54 -11.16
N GLU D 153 24.25 38.51 -10.87
CA GLU D 153 25.70 38.63 -10.98
C GLU D 153 26.17 38.00 -12.29
N GLN D 154 26.69 38.83 -13.18
CA GLN D 154 27.17 38.42 -14.48
C GLN D 154 28.70 38.39 -14.52
N TRP D 155 29.24 37.47 -15.32
CA TRP D 155 30.67 37.38 -15.58
C TRP D 155 30.92 37.44 -17.07
N ASN D 156 31.88 38.28 -17.46
CA ASN D 156 32.27 38.48 -18.86
C ASN D 156 33.76 38.41 -19.03
N PRO D 157 34.23 38.05 -20.25
CA PRO D 157 35.66 38.01 -20.46
C PRO D 157 36.30 39.37 -20.22
N VAL D 158 37.54 39.35 -19.77
CA VAL D 158 38.28 40.59 -19.65
C VAL D 158 38.79 41.09 -20.98
N GLY D 159 38.95 40.20 -21.96
CA GLY D 159 39.45 40.58 -23.29
C GLY D 159 40.69 39.79 -23.66
N LEU D 160 41.82 40.49 -23.70
CA LEU D 160 43.12 39.89 -23.97
C LEU D 160 43.85 39.54 -22.67
N VAL D 161 44.22 38.26 -22.57
CA VAL D 161 44.98 37.69 -21.46
C VAL D 161 46.39 37.46 -21.98
N GLY D 162 47.34 38.27 -21.51
CA GLY D 162 48.73 37.99 -21.75
C GLY D 162 49.20 36.94 -20.75
N ILE D 163 50.03 36.00 -21.22
CA ILE D 163 50.57 34.90 -20.42
C ILE D 163 52.09 34.84 -20.62
N ILE D 164 52.83 35.16 -19.55
CA ILE D 164 54.27 35.10 -19.49
C ILE D 164 54.58 33.90 -18.61
N THR D 165 55.41 32.99 -19.13
CA THR D 165 55.72 31.77 -18.44
C THR D 165 57.22 31.55 -18.24
N ALA D 166 57.50 30.75 -17.22
CA ALA D 166 58.85 30.38 -16.82
C ALA D 166 59.42 29.18 -17.60
N PHE D 167 60.73 29.00 -17.53
CA PHE D 167 61.39 27.86 -18.21
C PHE D 167 60.97 26.47 -17.69
N ASN D 168 60.57 26.38 -16.42
CA ASN D 168 60.61 25.10 -15.76
C ASN D 168 59.36 24.21 -15.94
N PHE D 169 58.23 24.85 -16.24
CA PHE D 169 56.97 24.19 -16.66
C PHE D 169 56.54 24.81 -17.99
N PRO D 170 57.30 24.52 -19.05
CA PRO D 170 57.16 25.25 -20.31
C PRO D 170 55.91 24.92 -21.12
N VAL D 171 55.19 23.90 -20.70
CA VAL D 171 53.90 23.53 -21.29
C VAL D 171 52.71 23.74 -20.34
N ALA D 172 52.82 23.26 -19.11
CA ALA D 172 51.63 23.13 -18.24
C ALA D 172 51.11 24.48 -17.76
N VAL D 173 52.02 25.39 -17.42
CA VAL D 173 51.58 26.69 -16.90
C VAL D 173 50.80 27.45 -17.95
N TYR D 174 51.33 27.51 -19.17
CA TYR D 174 50.58 28.10 -20.28
C TYR D 174 49.22 27.39 -20.43
N GLY D 175 49.25 26.06 -20.40
CA GLY D 175 48.06 25.27 -20.56
C GLY D 175 46.97 25.62 -19.55
N TRP D 176 47.33 25.69 -18.26
CA TRP D 176 46.34 26.00 -17.23
C TRP D 176 45.68 27.32 -17.54
N ASN D 177 46.50 28.31 -17.93
CA ASN D 177 46.00 29.63 -18.28
C ASN D 177 45.13 29.66 -19.54
N ASN D 178 45.61 28.96 -20.57
CA ASN D 178 44.97 28.91 -21.89
C ASN D 178 43.57 28.30 -21.76
N ALA D 179 43.50 27.09 -21.21
CA ALA D 179 42.24 26.37 -21.15
C ALA D 179 41.18 27.19 -20.44
N ILE D 180 41.54 27.75 -19.30
CA ILE D 180 40.62 28.57 -18.53
C ILE D 180 40.30 29.89 -19.19
N ALA D 181 41.31 30.61 -19.67
CA ALA D 181 41.09 31.91 -20.31
C ALA D 181 40.18 31.74 -21.54
N MET D 182 40.37 30.65 -22.27
CA MET D 182 39.63 30.39 -23.51
C MET D 182 38.17 30.17 -23.23
N ILE D 183 37.87 29.30 -22.27
CA ILE D 183 36.45 29.00 -22.00
C ILE D 183 35.72 30.23 -21.45
N CYS D 184 36.51 31.09 -20.78
CA CYS D 184 36.02 32.35 -20.24
C CYS D 184 35.82 33.48 -21.28
N GLY D 185 36.12 33.19 -22.54
CA GLY D 185 35.82 34.07 -23.65
C GLY D 185 36.93 35.06 -23.96
N ASN D 186 38.13 34.81 -23.48
CA ASN D 186 39.28 35.67 -23.72
C ASN D 186 40.11 35.12 -24.86
N VAL D 187 40.83 36.02 -25.49
CA VAL D 187 41.96 35.65 -26.37
C VAL D 187 43.27 35.68 -25.53
N CYS D 188 44.28 34.96 -26.01
CA CYS D 188 45.56 34.83 -25.30
C CYS D 188 46.73 35.28 -26.16
N LEU D 189 47.72 35.84 -25.50
CA LEU D 189 49.04 36.17 -26.08
C LEU D 189 50.08 35.60 -25.16
N TRP D 190 50.83 34.64 -25.71
CA TRP D 190 51.87 33.92 -24.98
C TRP D 190 53.27 34.45 -25.26
N LYS D 191 54.03 34.72 -24.20
CA LYS D 191 55.48 34.93 -24.31
C LYS D 191 56.16 34.00 -23.34
N GLY D 192 56.70 32.91 -23.85
CA GLY D 192 57.33 31.90 -23.01
C GLY D 192 58.78 32.26 -22.71
N ALA D 193 59.42 31.41 -21.92
CA ALA D 193 60.81 31.58 -21.58
C ALA D 193 61.65 31.47 -22.86
N PRO D 194 62.58 32.39 -23.11
CA PRO D 194 63.38 32.25 -24.35
C PRO D 194 64.12 30.91 -24.51
N THR D 195 64.57 30.34 -23.38
CA THR D 195 65.28 29.08 -23.43
C THR D 195 64.40 27.85 -23.65
N THR D 196 63.09 28.08 -23.71
CA THR D 196 62.16 27.02 -24.09
C THR D 196 61.30 27.47 -25.30
N SER D 197 61.90 28.24 -26.20
CA SER D 197 61.22 28.76 -27.38
C SER D 197 60.69 27.68 -28.31
N LEU D 198 61.43 26.57 -28.46
CA LEU D 198 60.94 25.50 -29.37
C LEU D 198 59.66 24.85 -28.81
N ILE D 199 59.61 24.66 -27.49
CA ILE D 199 58.41 24.15 -26.84
C ILE D 199 57.23 25.08 -27.08
N SER D 200 57.42 26.38 -26.92
CA SER D 200 56.33 27.35 -27.14
C SER D 200 55.82 27.26 -28.59
N VAL D 201 56.75 27.26 -29.54
CA VAL D 201 56.43 27.08 -30.95
C VAL D 201 55.65 25.80 -31.19
N ALA D 202 56.16 24.69 -30.68
CA ALA D 202 55.51 23.37 -30.86
C ALA D 202 54.08 23.35 -30.30
N VAL D 203 53.90 23.90 -29.10
CA VAL D 203 52.56 23.93 -28.53
C VAL D 203 51.62 24.81 -29.40
N THR D 204 52.12 25.96 -29.81
CA THR D 204 51.34 26.89 -30.62
C THR D 204 50.92 26.30 -31.97
N LYS D 205 51.81 25.50 -32.57
CA LYS D 205 51.45 24.81 -33.82
C LYS D 205 50.28 23.88 -33.62
N ILE D 206 50.27 23.17 -32.50
CA ILE D 206 49.20 22.21 -32.22
C ILE D 206 47.88 22.97 -32.08
N ILE D 207 47.90 24.06 -31.31
CA ILE D 207 46.68 24.85 -31.07
C ILE D 207 46.23 25.56 -32.35
N ALA D 208 47.19 26.11 -33.08
CA ALA D 208 46.89 26.80 -34.33
C ALA D 208 46.16 25.90 -35.34
N LYS D 209 46.62 24.66 -35.47
CA LYS D 209 45.91 23.70 -36.35
C LYS D 209 44.47 23.50 -35.90
N VAL D 210 44.22 23.34 -34.60
CA VAL D 210 42.86 23.22 -34.14
C VAL D 210 42.00 24.47 -34.47
N LEU D 211 42.53 25.66 -34.22
CA LEU D 211 41.80 26.87 -34.48
C LEU D 211 41.49 26.95 -35.98
N GLU D 212 42.47 26.64 -36.81
CA GLU D 212 42.30 26.76 -38.27
C GLU D 212 41.31 25.72 -38.79
N ASP D 213 41.38 24.51 -38.26
CA ASP D 213 40.47 23.46 -38.67
C ASP D 213 39.03 23.81 -38.32
N ASN D 214 38.83 24.61 -37.27
CA ASN D 214 37.50 25.04 -36.83
C ASN D 214 37.12 26.40 -37.42
N LYS D 215 37.91 26.87 -38.40
CA LYS D 215 37.61 28.11 -39.14
C LYS D 215 37.50 29.33 -38.21
N LEU D 216 38.37 29.33 -37.19
CA LEU D 216 38.47 30.44 -36.22
C LEU D 216 39.77 31.19 -36.41
N PRO D 217 39.77 32.48 -36.05
CA PRO D 217 40.99 33.23 -36.18
C PRO D 217 42.07 32.74 -35.23
N GLY D 218 43.25 32.45 -35.78
CA GLY D 218 44.43 31.97 -35.02
C GLY D 218 44.86 32.88 -33.91
N ALA D 219 44.61 34.19 -34.01
CA ALA D 219 45.10 35.11 -32.99
C ALA D 219 44.35 34.95 -31.66
N ILE D 220 43.31 34.09 -31.61
CA ILE D 220 42.72 33.67 -30.34
C ILE D 220 43.80 33.10 -29.39
N CYS D 221 44.77 32.37 -29.93
CA CYS D 221 45.94 31.88 -29.19
C CYS D 221 47.22 32.35 -29.89
N SER D 222 47.55 33.60 -29.63
CA SER D 222 48.73 34.25 -30.26
C SER D 222 50.01 33.93 -29.47
N LEU D 223 51.13 33.92 -30.20
CA LEU D 223 52.45 33.75 -29.65
C LEU D 223 53.35 34.89 -30.14
N THR D 224 54.08 35.50 -29.21
CA THR D 224 55.18 36.43 -29.54
C THR D 224 56.40 36.02 -28.70
N CYS D 225 57.21 35.14 -29.23
CA CYS D 225 58.46 34.78 -28.55
C CYS D 225 59.35 36.00 -28.39
N GLY D 226 59.88 36.12 -27.18
CA GLY D 226 60.82 37.16 -26.86
C GLY D 226 61.28 37.04 -25.41
N GLY D 227 62.05 38.04 -24.98
CA GLY D 227 62.58 38.11 -23.64
C GLY D 227 61.96 39.23 -22.84
N ALA D 228 62.79 39.91 -22.05
CA ALA D 228 62.32 40.92 -21.14
C ALA D 228 61.66 42.09 -21.87
N ASP D 229 62.15 42.39 -23.07
CA ASP D 229 61.59 43.48 -23.87
C ASP D 229 60.12 43.27 -24.20
N ILE D 230 59.80 42.11 -24.72
CA ILE D 230 58.40 41.78 -25.01
C ILE D 230 57.61 41.67 -23.71
N GLY D 231 58.17 41.03 -22.69
CA GLY D 231 57.47 40.96 -21.42
C GLY D 231 57.11 42.32 -20.80
N THR D 232 58.05 43.23 -20.79
CA THR D 232 57.82 44.59 -20.32
C THR D 232 56.74 45.29 -21.17
N ALA D 233 56.76 45.08 -22.50
CA ALA D 233 55.75 45.70 -23.35
C ALA D 233 54.36 45.23 -22.92
N MET D 234 54.25 43.94 -22.63
CA MET D 234 52.99 43.37 -22.16
C MET D 234 52.54 43.99 -20.84
N ALA D 235 53.48 44.17 -19.93
CA ALA D 235 53.19 44.70 -18.62
C ALA D 235 52.75 46.13 -18.69
N LYS D 236 53.26 46.87 -19.68
CA LYS D 236 52.92 48.26 -19.85
C LYS D 236 51.72 48.52 -20.78
N ASP D 237 51.25 47.47 -21.44
CA ASP D 237 50.25 47.61 -22.51
C ASP D 237 48.81 47.62 -21.97
N GLU D 238 48.12 48.75 -22.06
CA GLU D 238 46.73 48.87 -21.64
C GLU D 238 45.79 47.92 -22.39
N ARG D 239 46.23 47.44 -23.54
CA ARG D 239 45.40 46.53 -24.31
C ARG D 239 45.47 45.10 -23.78
N VAL D 240 46.43 44.83 -22.89
CA VAL D 240 46.54 43.54 -22.24
C VAL D 240 45.74 43.62 -20.92
N ASN D 241 44.52 43.13 -20.94
CA ASN D 241 43.55 43.35 -19.85
C ASN D 241 43.94 42.58 -18.56
N LEU D 242 44.46 41.37 -18.72
CA LEU D 242 44.98 40.57 -17.61
C LEU D 242 46.35 40.08 -18.06
N LEU D 243 47.34 40.26 -17.18
CA LEU D 243 48.62 39.66 -17.40
C LEU D 243 48.88 38.62 -16.34
N SER D 244 48.92 37.38 -16.79
CA SER D 244 49.32 36.24 -15.97
C SER D 244 50.83 36.08 -16.11
N PHE D 245 51.54 36.21 -14.99
CA PHE D 245 53.00 36.11 -14.95
C PHE D 245 53.44 35.00 -14.00
N THR D 246 54.18 34.01 -14.55
CA THR D 246 54.80 32.95 -13.77
C THR D 246 56.32 33.12 -13.92
N GLY D 247 57.01 33.26 -12.79
CA GLY D 247 58.43 33.55 -12.85
C GLY D 247 58.97 33.96 -11.50
N SER D 248 60.12 34.59 -11.51
CA SER D 248 60.74 34.97 -10.27
C SER D 248 60.00 36.08 -9.55
N THR D 249 60.18 36.09 -8.23
CA THR D 249 59.62 37.18 -7.44
C THR D 249 60.21 38.52 -7.86
N GLN D 250 61.52 38.55 -8.12
CA GLN D 250 62.17 39.80 -8.51
C GLN D 250 61.54 40.40 -9.78
N VAL D 251 61.40 39.58 -10.80
CA VAL D 251 60.75 40.08 -12.04
C VAL D 251 59.25 40.33 -11.84
N GLY D 252 58.59 39.42 -11.13
CA GLY D 252 57.15 39.57 -10.87
C GLY D 252 56.74 40.83 -10.14
N LYS D 253 57.59 41.24 -9.19
CA LYS D 253 57.37 42.49 -8.47
C LYS D 253 57.26 43.64 -9.48
N GLN D 254 58.22 43.70 -10.41
CA GLN D 254 58.24 44.77 -11.40
C GLN D 254 57.05 44.71 -12.37
N VAL D 255 56.72 43.49 -12.81
CA VAL D 255 55.52 43.27 -13.64
C VAL D 255 54.23 43.75 -12.89
N GLY D 256 54.12 43.35 -11.62
CA GLY D 256 52.97 43.76 -10.85
C GLY D 256 52.81 45.26 -10.69
N LEU D 257 53.93 45.93 -10.47
CA LEU D 257 53.94 47.38 -10.36
C LEU D 257 53.53 48.06 -11.68
N MET D 258 54.08 47.58 -12.77
CA MET D 258 53.73 48.13 -14.07
C MET D 258 52.25 47.96 -14.39
N VAL D 259 51.69 46.81 -14.07
CA VAL D 259 50.25 46.57 -14.32
C VAL D 259 49.37 47.43 -13.39
N GLN D 260 49.78 47.58 -12.13
CA GLN D 260 49.07 48.47 -11.21
C GLN D 260 49.05 49.90 -11.67
N GLU D 261 50.20 50.36 -12.15
CA GLU D 261 50.34 51.75 -12.60
C GLU D 261 49.28 52.12 -13.66
N ARG D 262 48.88 51.15 -14.49
CA ARG D 262 47.91 51.37 -15.54
C ARG D 262 46.54 50.81 -15.21
N PHE D 263 46.31 50.45 -13.93
CA PHE D 263 45.04 49.85 -13.51
C PHE D 263 44.65 48.65 -14.38
N GLY D 264 45.65 47.84 -14.70
CA GLY D 264 45.39 46.54 -15.32
C GLY D 264 45.15 45.50 -14.24
N ARG D 265 44.93 44.26 -14.65
CA ARG D 265 44.82 43.13 -13.71
C ARG D 265 46.05 42.24 -13.90
N SER D 266 46.63 41.75 -12.80
CA SER D 266 47.72 40.81 -12.87
C SER D 266 47.36 39.57 -12.06
N LEU D 267 47.91 38.44 -12.50
CA LEU D 267 47.80 37.17 -11.83
C LEU D 267 49.26 36.75 -11.69
N LEU D 268 49.78 36.82 -10.45
CA LEU D 268 51.21 36.57 -10.23
C LEU D 268 51.45 35.24 -9.52
N GLU D 269 52.34 34.46 -10.12
CA GLU D 269 52.72 33.12 -9.66
C GLU D 269 54.25 33.11 -9.57
N LEU D 270 54.76 33.40 -8.38
CA LEU D 270 56.15 33.76 -8.23
C LEU D 270 56.90 32.70 -7.41
N GLY D 271 57.95 33.12 -6.70
CA GLY D 271 58.89 32.19 -6.08
C GLY D 271 58.40 31.40 -4.90
N GLY D 272 59.15 30.35 -4.62
CA GLY D 272 58.83 29.49 -3.49
C GLY D 272 60.09 29.21 -2.70
N ASN D 273 59.88 28.85 -1.44
CA ASN D 273 60.97 28.46 -0.52
C ASN D 273 60.32 27.43 0.42
N ASN D 274 59.93 26.31 -0.15
CA ASN D 274 58.97 25.40 0.47
C ASN D 274 59.53 24.45 1.49
N ALA D 275 58.83 24.38 2.63
CA ALA D 275 59.25 23.53 3.75
C ALA D 275 58.46 22.22 3.87
N ILE D 276 59.22 21.17 4.21
CA ILE D 276 58.66 19.94 4.71
C ILE D 276 59.01 19.89 6.20
N ILE D 277 58.06 19.51 7.04
CA ILE D 277 58.30 19.36 8.48
C ILE D 277 57.94 17.93 8.90
N ALA D 278 58.90 17.18 9.49
CA ALA D 278 58.64 15.82 9.93
C ALA D 278 58.58 15.82 11.46
N PHE D 279 57.40 15.51 12.01
CA PHE D 279 57.24 15.39 13.47
C PHE D 279 57.71 14.02 13.95
N GLU D 280 57.90 13.89 15.27
CA GLU D 280 58.40 12.67 15.86
C GLU D 280 57.57 11.42 15.55
N ASP D 281 56.25 11.60 15.37
CA ASP D 281 55.34 10.49 15.03
C ASP D 281 55.24 10.19 13.54
N ALA D 282 56.03 10.88 12.73
CA ALA D 282 56.01 10.67 11.29
C ALA D 282 56.39 9.25 10.87
N ASP D 283 55.76 8.76 9.82
CA ASP D 283 56.13 7.51 9.16
C ASP D 283 57.41 7.81 8.34
N LEU D 284 58.56 7.33 8.80
CA LEU D 284 59.84 7.65 8.16
C LEU D 284 60.01 6.97 6.82
N SER D 285 59.35 5.81 6.65
CA SER D 285 59.35 5.12 5.37
C SER D 285 58.64 5.97 4.32
N LEU D 286 57.77 6.88 4.76
CA LEU D 286 57.10 7.86 3.91
C LEU D 286 57.89 9.17 3.77
N VAL D 287 58.38 9.69 4.90
CA VAL D 287 59.16 10.93 4.89
C VAL D 287 60.36 10.90 3.93
N VAL D 288 61.15 9.82 3.96
CA VAL D 288 62.41 9.81 3.23
C VAL D 288 62.21 9.84 1.71
N PRO D 289 61.45 8.90 1.14
CA PRO D 289 61.18 9.06 -0.30
C PRO D 289 60.46 10.36 -0.68
N SER D 290 59.57 10.85 0.18
CA SER D 290 58.81 12.06 -0.11
C SER D 290 59.76 13.24 -0.21
N ALA D 291 60.69 13.34 0.77
CA ALA D 291 61.66 14.44 0.81
C ALA D 291 62.62 14.34 -0.39
N LEU D 292 63.08 13.13 -0.71
CA LEU D 292 63.94 12.91 -1.84
C LEU D 292 63.27 13.44 -3.12
N PHE D 293 62.05 13.00 -3.36
CA PHE D 293 61.30 13.39 -4.56
C PHE D 293 61.06 14.88 -4.57
N ALA D 294 60.64 15.42 -3.44
CA ALA D 294 60.32 16.86 -3.36
C ALA D 294 61.53 17.77 -3.52
N ALA D 295 62.69 17.29 -3.06
CA ALA D 295 63.89 18.10 -3.08
C ALA D 295 64.65 17.96 -4.40
N VAL D 296 64.70 16.73 -4.91
CA VAL D 296 65.59 16.43 -6.07
C VAL D 296 64.86 16.23 -7.40
N GLY D 297 63.55 16.01 -7.36
CA GLY D 297 62.71 15.97 -8.56
C GLY D 297 62.94 17.20 -9.44
N THR D 298 63.01 16.98 -10.75
CA THR D 298 63.25 18.07 -11.70
C THR D 298 64.56 18.80 -11.36
N ALA D 299 65.53 18.08 -10.80
CA ALA D 299 66.79 18.67 -10.36
C ALA D 299 66.62 19.90 -9.47
N GLY D 300 65.59 19.87 -8.63
CA GLY D 300 65.31 20.97 -7.72
C GLY D 300 64.82 22.23 -8.39
N GLN D 301 64.29 22.11 -9.63
CA GLN D 301 63.78 23.23 -10.40
C GLN D 301 62.26 23.28 -10.56
N ARG D 302 61.53 22.83 -9.54
CA ARG D 302 60.09 23.11 -9.47
C ARG D 302 59.86 24.31 -8.58
N CYS D 303 58.84 25.11 -8.89
CA CYS D 303 58.50 26.18 -7.97
C CYS D 303 58.14 25.59 -6.59
N THR D 304 57.56 24.39 -6.59
CA THR D 304 57.13 23.67 -5.38
C THR D 304 58.19 22.76 -4.77
N THR D 305 59.40 22.80 -5.27
CA THR D 305 60.55 22.02 -4.73
C THR D 305 60.73 22.30 -3.22
N ALA D 306 60.98 21.22 -2.45
CA ALA D 306 61.32 21.36 -1.05
C ALA D 306 62.71 21.89 -0.95
N ARG D 307 62.83 23.03 -0.28
CA ARG D 307 64.14 23.64 -0.06
C ARG D 307 64.52 23.72 1.42
N ARG D 308 63.55 23.50 2.31
CA ARG D 308 63.78 23.52 3.75
C ARG D 308 63.14 22.26 4.31
N LEU D 309 63.91 21.51 5.12
CA LEU D 309 63.42 20.29 5.77
C LEU D 309 63.64 20.45 7.27
N PHE D 310 62.53 20.55 8.01
CA PHE D 310 62.58 20.63 9.47
C PHE D 310 62.30 19.26 10.01
N ILE D 311 63.17 18.77 10.87
CA ILE D 311 63.01 17.42 11.38
C ILE D 311 63.07 17.46 12.89
N HIS D 312 62.14 16.78 13.56
CA HIS D 312 62.17 16.74 15.02
C HIS D 312 63.52 16.22 15.51
N GLU D 313 64.01 16.84 16.57
CA GLU D 313 65.35 16.52 17.09
C GLU D 313 65.55 15.03 17.31
N SER D 314 64.48 14.34 17.72
CA SER D 314 64.55 12.93 18.02
C SER D 314 64.86 12.04 16.82
N ILE D 315 64.40 12.44 15.62
CA ILE D 315 64.57 11.63 14.41
C ILE D 315 65.48 12.30 13.37
N HIS D 316 65.99 13.50 13.67
CA HIS D 316 66.81 14.28 12.72
C HIS D 316 67.97 13.50 12.12
N ASP D 317 68.78 12.89 12.96
CA ASP D 317 69.94 12.19 12.42
C ASP D 317 69.57 10.97 11.58
N GLU D 318 68.61 10.16 12.02
CA GLU D 318 68.19 8.98 11.27
C GLU D 318 67.67 9.39 9.89
N VAL D 319 66.83 10.42 9.86
CA VAL D 319 66.30 10.92 8.58
C VAL D 319 67.41 11.44 7.67
N VAL D 320 68.33 12.25 8.20
CA VAL D 320 69.46 12.76 7.41
C VAL D 320 70.28 11.61 6.86
N ASN D 321 70.56 10.60 7.69
CA ASN D 321 71.38 9.47 7.23
C ASN D 321 70.68 8.67 6.14
N ARG D 322 69.40 8.42 6.33
CA ARG D 322 68.62 7.73 5.33
C ARG D 322 68.54 8.54 4.04
N LEU D 323 68.36 9.85 4.15
CA LEU D 323 68.28 10.71 2.95
C LEU D 323 69.62 10.73 2.17
N LYS D 324 70.75 10.79 2.88
CA LYS D 324 72.08 10.73 2.23
C LYS D 324 72.26 9.41 1.45
N LYS D 325 71.80 8.30 2.02
CA LYS D 325 71.86 7.03 1.33
C LYS D 325 70.96 7.05 0.10
N ALA D 326 69.78 7.63 0.21
CA ALA D 326 68.83 7.69 -0.90
C ALA D 326 69.40 8.53 -2.05
N TYR D 327 70.02 9.65 -1.69
CA TYR D 327 70.65 10.55 -2.66
C TYR D 327 71.73 9.84 -3.50
N ALA D 328 72.60 9.08 -2.82
CA ALA D 328 73.57 8.21 -3.48
C ALA D 328 73.02 7.20 -4.51
N GLN D 329 71.77 6.78 -4.37
CA GLN D 329 71.19 5.74 -5.26
C GLN D 329 70.53 6.32 -6.51
N ILE D 330 70.43 7.65 -6.56
CA ILE D 330 69.82 8.37 -7.68
C ILE D 330 70.49 8.04 -9.01
N ARG D 331 69.70 7.53 -9.96
CA ARG D 331 70.20 7.27 -11.33
C ARG D 331 70.28 8.56 -12.17
N VAL D 332 71.52 8.96 -12.49
CA VAL D 332 71.83 10.15 -13.24
C VAL D 332 72.13 9.83 -14.70
N GLY D 333 71.72 10.73 -15.60
CA GLY D 333 71.98 10.53 -17.02
C GLY D 333 71.20 11.47 -17.90
N ASN D 334 71.03 11.09 -19.17
CA ASN D 334 70.28 11.93 -20.10
C ASN D 334 68.85 11.83 -19.73
N PRO D 335 68.16 12.97 -19.68
CA PRO D 335 66.80 12.90 -19.10
C PRO D 335 65.76 12.07 -19.87
N TRP D 336 66.06 11.77 -21.14
CA TRP D 336 65.16 10.99 -21.99
C TRP D 336 65.47 9.51 -21.99
N ASP D 337 66.51 9.12 -21.26
CA ASP D 337 66.96 7.73 -21.29
C ASP D 337 66.27 6.90 -20.22
N PRO D 338 66.05 5.62 -20.51
CA PRO D 338 65.33 4.71 -19.61
C PRO D 338 65.91 4.68 -18.19
N ASN D 339 65.03 4.72 -17.20
CA ASN D 339 65.40 4.59 -15.79
C ASN D 339 66.25 5.75 -15.24
N VAL D 340 66.34 6.87 -15.98
CA VAL D 340 67.06 8.04 -15.47
C VAL D 340 66.09 8.80 -14.58
N LEU D 341 66.55 9.16 -13.38
CA LEU D 341 65.74 9.94 -12.44
C LEU D 341 66.27 11.35 -12.23
N TYR D 342 67.47 11.64 -12.74
CA TYR D 342 68.15 12.90 -12.45
C TYR D 342 68.87 13.42 -13.67
N GLY D 343 68.42 14.58 -14.12
CA GLY D 343 69.00 15.26 -15.29
C GLY D 343 69.79 16.50 -14.90
N PRO D 344 70.09 17.37 -15.88
CA PRO D 344 70.86 18.57 -15.67
C PRO D 344 70.04 19.75 -15.19
N LEU D 345 70.74 20.76 -14.69
CA LEU D 345 70.16 22.08 -14.47
C LEU D 345 69.94 22.69 -15.83
N HIS D 346 69.06 23.68 -15.89
CA HIS D 346 68.59 24.14 -17.18
C HIS D 346 69.63 24.98 -17.91
N THR D 347 70.49 25.65 -17.17
CA THR D 347 71.51 26.55 -17.79
C THR D 347 72.89 26.48 -17.11
N LYS D 348 73.89 27.06 -17.76
CA LYS D 348 75.19 27.21 -17.12
C LYS D 348 75.12 28.23 -15.98
N GLN D 349 74.31 29.27 -16.15
CA GLN D 349 74.18 30.26 -15.07
C GLN D 349 73.61 29.60 -13.82
N ALA D 350 72.67 28.69 -14.00
CA ALA D 350 72.10 27.97 -12.86
C ALA D 350 73.15 27.16 -12.11
N VAL D 351 74.13 26.61 -12.83
CA VAL D 351 75.27 25.91 -12.22
C VAL D 351 76.08 26.90 -11.37
N SER D 352 76.37 28.09 -11.90
CA SER D 352 77.06 29.14 -11.14
C SER D 352 76.31 29.54 -9.88
N MET D 353 75.01 29.78 -10.01
CA MET D 353 74.17 30.14 -8.86
C MET D 353 74.17 29.03 -7.80
N PHE D 354 74.13 27.77 -8.24
CA PHE D 354 74.24 26.60 -7.34
C PHE D 354 75.53 26.71 -6.53
N LEU D 355 76.67 26.88 -7.22
CA LEU D 355 77.98 26.94 -6.52
C LEU D 355 78.07 28.12 -5.57
N GLY D 356 77.58 29.29 -5.99
CA GLY D 356 77.47 30.46 -5.12
C GLY D 356 76.67 30.20 -3.85
N ALA D 357 75.53 29.54 -3.99
CA ALA D 357 74.68 29.26 -2.84
C ALA D 357 75.39 28.33 -1.84
N VAL D 358 75.99 27.26 -2.36
CA VAL D 358 76.76 26.32 -1.56
C VAL D 358 77.89 27.02 -0.75
N GLU D 359 78.65 27.89 -1.41
CA GLU D 359 79.70 28.65 -0.73
C GLU D 359 79.11 29.57 0.34
N GLU D 360 77.99 30.22 0.04
CA GLU D 360 77.33 31.11 1.01
C GLU D 360 76.78 30.34 2.21
N ALA D 361 76.18 29.19 1.97
CA ALA D 361 75.76 28.32 3.04
C ALA D 361 76.92 28.00 3.99
N LYS D 362 78.11 27.73 3.43
CA LYS D 362 79.28 27.40 4.25
C LYS D 362 79.73 28.60 5.09
N LYS D 363 79.73 29.78 4.49
CA LYS D 363 80.13 31.00 5.19
C LYS D 363 79.13 31.38 6.29
N GLU D 364 77.86 31.03 6.09
CA GLU D 364 76.81 31.30 7.08
C GLU D 364 76.75 30.19 8.15
N GLY D 365 77.66 29.22 8.07
CA GLY D 365 77.87 28.23 9.12
C GLY D 365 77.30 26.85 8.86
N GLY D 366 76.86 26.57 7.64
CA GLY D 366 76.32 25.24 7.32
C GLY D 366 77.37 24.24 6.91
N THR D 367 77.01 22.97 6.96
CA THR D 367 77.87 21.86 6.57
C THR D 367 77.22 21.08 5.44
N VAL D 368 77.91 20.99 4.31
CA VAL D 368 77.51 20.11 3.21
C VAL D 368 77.76 18.63 3.58
N VAL D 369 76.69 17.89 3.86
CA VAL D 369 76.78 16.48 4.23
C VAL D 369 76.61 15.53 3.05
N TYR D 370 76.11 16.07 1.93
CA TYR D 370 76.07 15.34 0.66
C TYR D 370 76.11 16.34 -0.49
N GLY D 371 76.96 16.05 -1.47
CA GLY D 371 76.97 16.79 -2.74
C GLY D 371 77.79 18.06 -2.68
N GLY D 372 77.27 19.12 -3.27
CA GLY D 372 77.87 20.45 -3.22
C GLY D 372 78.68 20.82 -4.42
N LYS D 373 79.00 19.85 -5.27
CA LYS D 373 79.89 20.07 -6.42
C LYS D 373 79.21 19.86 -7.78
N VAL D 374 79.83 20.42 -8.81
CA VAL D 374 79.46 20.08 -10.19
C VAL D 374 79.88 18.64 -10.50
N MET D 375 79.07 17.92 -11.28
CA MET D 375 79.47 16.58 -11.75
C MET D 375 80.41 16.71 -12.96
N ASP D 376 81.43 15.85 -12.99
CA ASP D 376 82.42 15.82 -14.07
C ASP D 376 81.86 15.00 -15.24
N ARG D 377 81.04 15.67 -16.05
CA ARG D 377 80.39 15.06 -17.19
C ARG D 377 79.80 16.16 -18.05
N PRO D 378 79.57 15.89 -19.33
CA PRO D 378 78.97 16.91 -20.17
C PRO D 378 77.55 17.35 -19.70
N GLY D 379 77.21 18.58 -20.03
CA GLY D 379 75.93 19.18 -19.66
C GLY D 379 76.00 19.86 -18.31
N ASN D 380 74.86 20.39 -17.86
CA ASN D 380 74.82 21.23 -16.67
C ASN D 380 74.47 20.41 -15.41
N TYR D 381 75.20 19.34 -15.15
CA TYR D 381 74.90 18.46 -14.02
C TYR D 381 75.58 18.92 -12.73
N VAL D 382 74.81 18.95 -11.65
CA VAL D 382 75.36 19.23 -10.33
C VAL D 382 74.88 18.13 -9.40
N GLU D 383 75.65 17.90 -8.32
CA GLU D 383 75.24 16.95 -7.30
C GLU D 383 74.08 17.51 -6.50
N PRO D 384 73.02 16.68 -6.29
CA PRO D 384 71.98 17.15 -5.40
C PRO D 384 72.58 17.25 -4.01
N THR D 385 72.19 18.29 -3.25
CA THR D 385 72.97 18.72 -2.09
C THR D 385 72.14 18.86 -0.81
N ILE D 386 72.73 18.41 0.29
CA ILE D 386 72.10 18.48 1.63
C ILE D 386 73.01 19.27 2.56
N VAL D 387 72.47 20.33 3.16
CA VAL D 387 73.22 21.18 4.10
C VAL D 387 72.55 21.12 5.50
N THR D 388 73.32 20.72 6.50
CA THR D 388 72.91 20.77 7.90
C THR D 388 73.58 21.93 8.64
N GLY D 389 73.06 22.27 9.83
CA GLY D 389 73.74 23.21 10.72
C GLY D 389 73.43 24.69 10.59
N LEU D 390 72.74 25.13 9.53
CA LEU D 390 72.37 26.54 9.46
C LEU D 390 71.28 26.88 10.46
N GLY D 391 71.24 28.13 10.89
CA GLY D 391 70.08 28.62 11.62
C GLY D 391 68.93 28.70 10.62
N HIS D 392 67.71 28.40 11.07
CA HIS D 392 66.49 28.63 10.26
C HIS D 392 66.40 30.00 9.64
N ASP D 393 66.99 31.01 10.27
CA ASP D 393 66.93 32.39 9.77
C ASP D 393 68.17 32.85 9.01
N ALA D 394 69.02 31.90 8.63
CA ALA D 394 70.14 32.18 7.75
C ALA D 394 69.64 32.81 6.45
N SER D 395 70.32 33.84 6.01
CA SER D 395 69.97 34.58 4.83
C SER D 395 69.81 33.66 3.62
N ILE D 396 70.74 32.72 3.46
CA ILE D 396 70.74 31.83 2.29
C ILE D 396 69.55 30.86 2.34
N ALA D 397 69.16 30.43 3.53
CA ALA D 397 67.94 29.60 3.68
C ALA D 397 66.65 30.37 3.40
N HIS D 398 66.66 31.70 3.50
CA HIS D 398 65.46 32.53 3.25
C HIS D 398 65.35 32.99 1.79
N THR D 399 66.42 32.71 1.03
CA THR D 399 66.50 32.97 -0.41
C THR D 399 66.13 31.76 -1.26
N GLU D 400 65.42 31.99 -2.39
CA GLU D 400 65.18 30.92 -3.35
C GLU D 400 66.35 30.78 -4.27
N THR D 401 67.11 29.69 -4.12
CA THR D 401 68.11 29.34 -5.10
C THR D 401 67.54 28.19 -5.91
N PHE D 402 67.36 28.43 -7.21
CA PHE D 402 66.63 27.49 -8.05
C PHE D 402 67.55 26.35 -8.49
N ALA D 403 67.83 25.46 -7.55
CA ALA D 403 68.83 24.41 -7.68
C ALA D 403 68.62 23.41 -6.54
N PRO D 404 69.15 22.19 -6.69
CA PRO D 404 68.88 21.16 -5.69
C PRO D 404 69.79 21.28 -4.44
N ILE D 405 69.46 22.23 -3.57
CA ILE D 405 70.11 22.42 -2.28
C ILE D 405 68.97 22.35 -1.26
N LEU D 406 69.09 21.43 -0.30
CA LEU D 406 68.08 21.23 0.73
C LEU D 406 68.72 21.58 2.04
N TYR D 407 68.12 22.56 2.73
CA TYR D 407 68.64 23.01 4.02
C TYR D 407 67.87 22.28 5.09
N VAL D 408 68.58 21.61 6.00
CA VAL D 408 67.95 20.79 7.03
C VAL D 408 68.07 21.46 8.41
N PHE D 409 66.96 21.45 9.17
CA PHE D 409 66.92 22.07 10.48
C PHE D 409 66.28 21.15 11.48
N LYS D 410 66.76 21.21 12.70
CA LYS D 410 66.13 20.55 13.84
C LYS D 410 65.03 21.42 14.41
N PHE D 411 64.06 20.79 15.06
CA PHE D 411 63.11 21.51 15.90
C PHE D 411 62.61 20.66 17.04
N GLN D 412 61.94 21.31 17.98
CA GLN D 412 61.38 20.64 19.16
C GLN D 412 59.86 20.68 19.18
N ASN D 413 59.27 21.86 19.11
CA ASN D 413 57.84 22.00 19.27
C ASN D 413 57.11 22.51 18.04
N GLU D 414 55.81 22.25 18.03
CA GLU D 414 54.96 22.55 16.89
C GLU D 414 54.82 24.06 16.67
N GLU D 415 54.64 24.84 17.73
CA GLU D 415 54.45 26.27 17.57
C GLU D 415 55.66 26.92 16.88
N GLU D 416 56.86 26.56 17.34
CA GLU D 416 58.05 27.19 16.79
C GLU D 416 58.24 26.81 15.32
N VAL D 417 58.05 25.54 14.97
CA VAL D 417 58.29 25.10 13.60
C VAL D 417 57.22 25.60 12.60
N PHE D 418 55.98 25.75 13.05
CA PHE D 418 54.99 26.44 12.18
C PHE D 418 55.41 27.89 11.90
N ALA D 419 55.87 28.60 12.94
CA ALA D 419 56.37 29.94 12.77
C ALA D 419 57.55 29.97 11.78
N TRP D 420 58.46 29.00 11.93
CA TRP D 420 59.60 28.92 11.02
C TRP D 420 59.20 28.60 9.55
N ASN D 421 58.20 27.75 9.36
CA ASN D 421 57.63 27.61 8.02
C ASN D 421 57.19 28.96 7.45
N ASN D 422 56.51 29.72 8.31
CA ASN D 422 55.87 30.98 7.93
C ASN D 422 56.75 32.23 7.88
N GLU D 423 57.97 32.15 8.37
CA GLU D 423 58.82 33.35 8.61
C GLU D 423 59.45 33.89 7.35
N VAL D 424 59.53 33.05 6.30
CA VAL D 424 60.12 33.48 5.01
C VAL D 424 59.14 34.38 4.24
N LYS D 425 59.65 35.04 3.20
CA LYS D 425 58.80 35.92 2.40
C LYS D 425 57.95 35.16 1.38
N GLN D 426 58.40 33.98 0.97
CA GLN D 426 57.65 33.15 0.03
C GLN D 426 56.47 32.44 0.72
N GLY D 427 55.44 32.06 -0.03
CA GLY D 427 54.28 31.42 0.59
C GLY D 427 53.57 30.48 -0.37
N LEU D 428 54.34 29.63 -1.04
CA LEU D 428 53.77 28.79 -2.11
C LEU D 428 53.26 27.47 -1.53
N SER D 429 54.16 26.55 -1.21
CA SER D 429 53.78 25.24 -0.70
C SER D 429 54.45 24.87 0.63
N SER D 430 53.89 23.87 1.30
CA SER D 430 54.29 23.48 2.65
C SER D 430 53.70 22.13 2.93
N SER D 431 54.39 21.33 3.73
CA SER D 431 53.90 20.00 4.08
C SER D 431 54.35 19.61 5.48
N ILE D 432 53.45 19.00 6.23
CA ILE D 432 53.82 18.30 7.47
C ILE D 432 53.62 16.80 7.34
N PHE D 433 54.50 16.04 7.99
CA PHE D 433 54.36 14.60 8.11
C PHE D 433 54.16 14.31 9.61
N THR D 434 52.99 13.76 9.88
CA THR D 434 52.56 13.47 11.25
C THR D 434 51.32 12.59 11.17
N LYS D 435 51.01 11.92 12.30
CA LYS D 435 49.80 11.14 12.45
C LYS D 435 48.77 11.83 13.36
N ASP D 436 49.17 12.94 13.97
CA ASP D 436 48.38 13.59 15.02
C ASP D 436 47.23 14.40 14.45
N LEU D 437 46.03 13.97 14.81
CA LEU D 437 44.78 14.54 14.27
C LEU D 437 44.66 16.04 14.53
N GLY D 438 44.85 16.45 15.77
CA GLY D 438 44.76 17.84 16.15
C GLY D 438 45.78 18.70 15.46
N ARG D 439 47.02 18.21 15.41
CA ARG D 439 48.11 18.94 14.76
C ARG D 439 47.79 19.17 13.28
N ILE D 440 47.21 18.16 12.64
CA ILE D 440 46.81 18.31 11.23
C ILE D 440 45.80 19.44 11.04
N PHE D 441 44.75 19.45 11.85
CA PHE D 441 43.73 20.48 11.69
C PHE D 441 44.27 21.86 12.14
N ARG D 442 45.16 21.90 13.14
CA ARG D 442 45.81 23.19 13.45
C ARG D 442 46.67 23.72 12.27
N TRP D 443 47.43 22.81 11.63
CA TRP D 443 48.19 23.15 10.42
C TRP D 443 47.35 23.79 9.33
N LEU D 444 46.10 23.31 9.18
CA LEU D 444 45.14 23.82 8.17
C LEU D 444 44.37 25.06 8.61
N GLY D 445 44.54 25.45 9.87
CA GLY D 445 43.79 26.55 10.46
C GLY D 445 44.55 27.86 10.52
N PRO D 446 44.00 28.84 11.27
CA PRO D 446 44.54 30.20 11.19
C PRO D 446 45.92 30.40 11.82
N LYS D 447 46.32 29.47 12.70
CA LYS D 447 47.65 29.51 13.30
C LYS D 447 48.59 28.49 12.67
N GLY D 448 48.18 27.96 11.52
CA GLY D 448 48.99 26.98 10.81
C GLY D 448 49.77 27.56 9.66
N SER D 449 49.91 26.79 8.60
CA SER D 449 50.68 27.21 7.44
C SER D 449 50.09 28.44 6.78
N ASP D 450 50.93 29.40 6.37
CA ASP D 450 50.47 30.61 5.72
C ASP D 450 50.52 30.49 4.18
N CYS D 451 50.82 29.30 3.68
CA CYS D 451 51.04 29.09 2.27
C CYS D 451 49.76 28.84 1.49
N GLY D 452 49.87 28.94 0.16
CA GLY D 452 48.74 28.60 -0.69
C GLY D 452 48.40 27.14 -0.84
N ILE D 453 49.42 26.31 -0.67
CA ILE D 453 49.32 24.87 -0.76
C ILE D 453 49.79 24.36 0.61
N VAL D 454 48.88 23.63 1.29
CA VAL D 454 49.08 23.21 2.68
C VAL D 454 48.79 21.71 2.77
N ASN D 455 49.86 20.90 2.75
CA ASN D 455 49.75 19.47 2.56
C ASN D 455 50.10 18.66 3.82
N VAL D 456 49.56 17.44 3.86
CA VAL D 456 49.77 16.53 4.99
C VAL D 456 50.15 15.13 4.44
N ASN D 457 51.33 14.67 4.84
CA ASN D 457 51.83 13.34 4.49
C ASN D 457 51.98 13.10 2.98
N ILE D 458 52.13 14.20 2.27
CA ILE D 458 52.51 14.22 0.85
C ILE D 458 53.37 15.45 0.72
N PRO D 459 54.40 15.37 -0.14
CA PRO D 459 55.33 16.50 -0.14
C PRO D 459 54.82 17.76 -0.86
N THR D 460 55.73 18.72 -1.00
CA THR D 460 55.36 20.09 -1.33
C THR D 460 54.90 20.22 -2.78
N SER D 461 55.28 19.26 -3.64
CA SER D 461 54.83 19.25 -5.02
C SER D 461 53.44 18.61 -5.22
N GLY D 462 52.77 18.23 -4.11
CA GLY D 462 51.44 17.62 -4.18
C GLY D 462 50.35 18.62 -4.49
N ALA D 463 49.83 18.50 -5.71
CA ALA D 463 48.73 19.35 -6.22
C ALA D 463 48.04 18.65 -7.40
N GLU D 464 46.81 19.05 -7.70
CA GLU D 464 46.07 18.45 -8.84
C GLU D 464 45.16 19.51 -9.45
N ILE D 465 44.66 19.19 -10.64
CA ILE D 465 43.83 20.11 -11.47
C ILE D 465 42.64 20.72 -10.77
N GLY D 466 41.94 19.91 -9.95
CA GLY D 466 40.70 20.35 -9.37
C GLY D 466 40.79 21.46 -8.35
N GLY D 467 41.97 21.71 -7.80
CA GLY D 467 42.18 22.78 -6.85
C GLY D 467 42.83 23.98 -7.48
N ALA D 468 42.65 25.14 -6.84
CA ALA D 468 43.31 26.37 -7.28
C ALA D 468 44.78 26.26 -6.87
N PHE D 469 45.67 26.69 -7.76
CA PHE D 469 47.09 26.55 -7.54
C PHE D 469 47.75 27.93 -7.47
N GLY D 470 48.47 28.17 -6.37
CA GLY D 470 49.25 29.39 -6.24
C GLY D 470 49.61 29.63 -4.78
N GLY D 471 50.19 30.81 -4.48
CA GLY D 471 50.68 31.16 -3.15
C GLY D 471 50.33 32.54 -2.68
N GLU D 472 50.86 32.84 -1.50
CA GLU D 472 50.59 34.06 -0.78
C GLU D 472 51.93 34.80 -0.61
N LYS D 473 51.87 35.96 0.03
CA LYS D 473 53.05 36.73 0.31
C LYS D 473 53.83 37.02 -0.99
N HIS D 474 55.16 36.82 -1.00
CA HIS D 474 55.95 37.14 -2.20
C HIS D 474 55.74 36.17 -3.35
N THR D 475 54.93 35.13 -3.13
CA THR D 475 54.53 34.26 -4.23
C THR D 475 53.50 34.92 -5.16
N GLY D 476 52.85 35.97 -4.67
CA GLY D 476 52.17 36.89 -5.57
C GLY D 476 50.64 36.89 -5.54
N GLY D 477 50.00 35.85 -5.01
CA GLY D 477 48.55 35.89 -4.74
C GLY D 477 47.65 35.29 -5.81
N GLY D 478 48.15 35.10 -7.02
CA GLY D 478 47.34 34.55 -8.10
C GLY D 478 47.00 33.10 -7.90
N ARG D 479 45.96 32.65 -8.59
CA ARG D 479 45.62 31.23 -8.62
C ARG D 479 45.33 30.78 -10.04
N GLU D 480 45.73 29.55 -10.32
CA GLU D 480 45.47 28.87 -11.58
C GLU D 480 44.68 27.60 -11.40
N SER D 481 44.15 27.11 -12.52
CA SER D 481 43.56 25.78 -12.62
C SER D 481 42.12 25.71 -12.03
N GLY D 482 41.95 25.07 -10.87
CA GLY D 482 40.63 24.62 -10.42
C GLY D 482 39.92 25.55 -9.47
N SER D 483 38.96 24.99 -8.72
CA SER D 483 38.04 25.78 -7.90
C SER D 483 37.51 26.96 -8.77
N ASP D 484 37.39 28.15 -8.20
CA ASP D 484 36.88 29.32 -8.91
C ASP D 484 38.05 30.24 -9.36
N ALA D 485 39.18 29.64 -9.69
CA ALA D 485 40.31 30.39 -10.26
C ALA D 485 39.84 31.10 -11.54
N TRP D 486 38.87 30.54 -12.25
CA TRP D 486 38.38 31.16 -13.49
C TRP D 486 37.95 32.60 -13.34
N LYS D 487 37.50 33.00 -12.15
CA LYS D 487 36.94 34.34 -11.95
C LYS D 487 38.03 35.37 -12.17
N GLN D 488 39.29 34.97 -12.04
CA GLN D 488 40.40 35.92 -12.27
C GLN D 488 40.50 36.33 -13.74
N TYR D 489 39.88 35.56 -14.64
CA TYR D 489 39.97 35.75 -16.08
C TYR D 489 38.70 36.41 -16.62
N MET D 490 37.85 36.87 -15.72
CA MET D 490 36.56 37.46 -16.03
C MET D 490 36.28 38.68 -15.17
N ARG D 491 35.36 39.53 -15.62
CA ARG D 491 34.95 40.71 -14.88
C ARG D 491 33.53 40.49 -14.39
N ARG D 492 33.35 40.76 -13.10
CA ARG D 492 32.06 40.63 -12.42
C ARG D 492 31.28 41.92 -12.63
N SER D 493 30.00 41.79 -12.92
CA SER D 493 29.07 42.91 -12.78
C SER D 493 27.88 42.51 -11.92
N THR D 494 27.42 43.47 -11.15
CA THR D 494 26.25 43.30 -10.30
C THR D 494 25.18 44.14 -10.97
N CYS D 495 24.13 43.48 -11.40
CA CYS D 495 23.18 44.05 -12.36
C CYS D 495 21.76 44.07 -11.75
N THR D 496 21.17 45.27 -11.60
CA THR D 496 19.80 45.44 -11.12
C THR D 496 18.93 45.82 -12.27
N ILE D 497 17.90 45.01 -12.51
CA ILE D 497 16.95 45.21 -13.61
C ILE D 497 15.58 45.51 -13.01
N ASN D 498 15.15 46.75 -13.19
CA ASN D 498 13.80 47.12 -12.86
C ASN D 498 12.90 46.75 -14.03
N TYR D 499 12.12 45.70 -13.85
CA TYR D 499 11.23 45.21 -14.91
C TYR D 499 9.81 45.69 -14.74
N SER D 500 9.55 46.49 -13.71
CA SER D 500 8.19 46.85 -13.35
C SER D 500 7.74 48.18 -13.87
N SER E 3 -23.69 16.38 -34.10
CA SER E 3 -24.61 15.21 -34.17
C SER E 3 -25.88 15.51 -33.37
N THR E 4 -27.04 15.22 -33.93
CA THR E 4 -28.27 15.19 -33.15
C THR E 4 -28.21 13.95 -32.24
N LEU E 5 -28.76 14.08 -31.05
CA LEU E 5 -28.90 12.96 -30.12
C LEU E 5 -29.82 11.90 -30.71
N LEU E 6 -29.42 10.64 -30.61
CA LEU E 6 -30.31 9.59 -31.06
C LEU E 6 -31.67 9.66 -30.41
N ILE E 7 -31.75 9.98 -29.11
CA ILE E 7 -33.03 10.06 -28.46
C ILE E 7 -34.00 11.09 -29.05
N ASN E 8 -33.46 12.06 -29.80
CA ASN E 8 -34.28 13.07 -30.49
C ASN E 8 -34.60 12.69 -31.93
N GLN E 9 -34.21 11.48 -32.33
CA GLN E 9 -34.50 11.00 -33.68
C GLN E 9 -35.70 10.04 -33.66
N PRO E 10 -36.68 10.26 -34.53
CA PRO E 10 -37.84 9.37 -34.70
C PRO E 10 -37.62 7.85 -34.56
N GLN E 11 -36.61 7.27 -35.19
CA GLN E 11 -36.54 5.81 -35.15
C GLN E 11 -36.07 5.30 -33.78
N TYR E 12 -35.70 6.20 -32.88
CA TYR E 12 -35.32 5.77 -31.50
C TYR E 12 -36.34 6.20 -30.47
N ALA E 13 -37.56 6.52 -30.88
CA ALA E 13 -38.60 6.99 -29.94
C ALA E 13 -38.91 6.00 -28.83
N TRP E 14 -38.64 4.72 -29.10
CA TRP E 14 -38.81 3.64 -28.12
C TRP E 14 -38.09 3.89 -26.79
N LEU E 15 -37.01 4.65 -26.85
CA LEU E 15 -36.23 4.97 -25.65
C LEU E 15 -37.09 5.71 -24.60
N LYS E 16 -38.06 6.47 -25.10
CA LYS E 16 -38.98 7.21 -24.23
C LYS E 16 -39.86 6.27 -23.36
N GLU E 17 -40.03 5.02 -23.78
CA GLU E 17 -40.78 3.98 -22.97
C GLU E 17 -40.06 3.61 -21.68
N LEU E 18 -38.77 3.97 -21.60
CA LEU E 18 -37.99 3.72 -20.40
C LEU E 18 -37.95 4.99 -19.54
N GLY E 19 -38.66 6.04 -19.96
CA GLY E 19 -38.69 7.25 -19.18
C GLY E 19 -37.52 8.14 -19.44
N LEU E 20 -36.76 7.83 -20.49
CA LEU E 20 -35.54 8.59 -20.82
C LEU E 20 -35.88 9.84 -21.63
N ARG E 21 -35.08 10.86 -21.42
CA ARG E 21 -35.20 12.13 -22.14
C ARG E 21 -33.80 12.58 -22.58
N GLU E 22 -33.73 13.75 -23.18
CA GLU E 22 -32.49 14.27 -23.71
C GLU E 22 -31.43 14.39 -22.62
N GLU E 23 -31.83 14.86 -21.43
CA GLU E 23 -30.95 14.92 -20.28
C GLU E 23 -31.70 14.35 -19.09
N ASN E 24 -31.02 13.45 -18.39
CA ASN E 24 -31.62 12.63 -17.34
C ASN E 24 -30.87 12.81 -16.04
N GLU E 25 -31.60 12.91 -14.93
CA GLU E 25 -31.03 12.91 -13.59
C GLU E 25 -30.36 11.56 -13.33
N GLY E 26 -29.12 11.60 -12.85
CA GLY E 26 -28.36 10.38 -12.57
C GLY E 26 -28.20 10.05 -11.10
N VAL E 27 -28.87 10.80 -10.25
CA VAL E 27 -28.94 10.49 -8.83
C VAL E 27 -30.41 10.21 -8.46
N TYR E 28 -30.63 9.11 -7.74
CA TYR E 28 -31.91 8.80 -7.13
C TYR E 28 -31.72 8.37 -5.68
N ASN E 29 -32.41 9.06 -4.76
CA ASN E 29 -32.37 8.68 -3.34
C ASN E 29 -33.75 8.80 -2.70
N GLY E 30 -34.78 8.48 -3.49
CA GLY E 30 -36.17 8.82 -3.15
C GLY E 30 -36.69 9.98 -3.95
N SER E 31 -35.78 10.88 -4.30
CA SER E 31 -36.07 11.93 -5.28
C SER E 31 -34.87 11.95 -6.25
N TRP E 32 -35.09 12.55 -7.43
CA TRP E 32 -34.11 12.56 -8.51
C TRP E 32 -33.35 13.86 -8.57
N GLY E 33 -32.10 13.77 -8.98
CA GLY E 33 -31.24 14.92 -9.11
C GLY E 33 -29.91 14.63 -9.76
N GLY E 34 -28.92 15.43 -9.39
CA GLY E 34 -27.60 15.31 -9.97
C GLY E 34 -26.99 16.67 -10.28
N ARG E 35 -26.06 17.08 -9.45
CA ARG E 35 -25.36 18.35 -9.58
C ARG E 35 -23.94 18.21 -10.08
N GLY E 36 -23.55 16.99 -10.41
CA GLY E 36 -22.26 16.70 -10.90
C GLY E 36 -22.15 16.98 -12.39
N GLU E 37 -21.08 16.48 -12.98
CA GLU E 37 -20.80 16.70 -14.40
C GLU E 37 -21.84 15.99 -15.23
N VAL E 38 -22.20 16.58 -16.35
CA VAL E 38 -23.14 15.94 -17.26
C VAL E 38 -22.32 15.10 -18.24
N ILE E 39 -22.70 13.83 -18.39
CA ILE E 39 -22.02 12.89 -19.27
C ILE E 39 -22.97 12.61 -20.45
N THR E 40 -22.41 12.53 -21.65
CA THR E 40 -23.13 12.05 -22.80
C THR E 40 -22.63 10.64 -23.04
N THR E 41 -23.55 9.73 -23.28
CA THR E 41 -23.15 8.37 -23.68
C THR E 41 -23.47 8.13 -25.15
N TYR E 42 -22.67 7.22 -25.72
CA TYR E 42 -22.61 6.99 -27.16
C TYR E 42 -22.92 5.56 -27.55
N CYS E 43 -23.48 5.41 -28.74
CA CYS E 43 -23.75 4.08 -29.29
C CYS E 43 -22.45 3.53 -29.91
N PRO E 44 -21.88 2.44 -29.37
CA PRO E 44 -20.61 1.91 -29.91
C PRO E 44 -20.69 1.38 -31.35
N ALA E 45 -21.91 1.17 -31.87
CA ALA E 45 -22.04 0.66 -33.25
C ALA E 45 -21.89 1.78 -34.29
N ASN E 46 -22.08 3.03 -33.89
CA ASN E 46 -21.97 4.15 -34.87
C ASN E 46 -21.30 5.39 -34.28
N ASN E 47 -20.91 5.32 -33.01
CA ASN E 47 -20.27 6.48 -32.34
C ASN E 47 -21.16 7.75 -32.26
N GLU E 48 -22.47 7.57 -32.37
CA GLU E 48 -23.42 8.67 -32.22
C GLU E 48 -23.89 8.86 -30.78
N PRO E 49 -24.04 10.13 -30.33
CA PRO E 49 -24.48 10.37 -28.97
C PRO E 49 -25.93 9.98 -28.82
N ILE E 50 -26.27 9.32 -27.70
CA ILE E 50 -27.63 8.87 -27.43
C ILE E 50 -28.48 9.87 -26.62
N ALA E 51 -27.95 10.24 -25.46
CA ALA E 51 -28.59 11.14 -24.54
C ALA E 51 -27.57 11.46 -23.40
N ARG E 52 -27.99 12.31 -22.46
CA ARG E 52 -27.14 12.80 -21.38
C ARG E 52 -27.65 12.40 -20.00
N VAL E 53 -26.71 12.26 -19.06
CA VAL E 53 -27.01 12.01 -17.66
C VAL E 53 -26.21 12.96 -16.77
N ARG E 54 -26.92 13.58 -15.82
CA ARG E 54 -26.35 14.44 -14.80
C ARG E 54 -25.86 13.57 -13.63
N GLN E 55 -24.56 13.54 -13.43
CA GLN E 55 -23.97 12.66 -12.46
C GLN E 55 -23.99 13.26 -11.05
N ALA E 56 -23.57 12.47 -10.07
CA ALA E 56 -23.51 12.87 -8.67
C ALA E 56 -22.32 13.75 -8.33
N SER E 57 -22.62 14.87 -7.67
CA SER E 57 -21.62 15.61 -6.94
C SER E 57 -21.36 14.95 -5.58
N VAL E 58 -20.31 15.41 -4.91
CA VAL E 58 -20.01 14.96 -3.57
C VAL E 58 -21.21 15.18 -2.63
N ALA E 59 -21.82 16.35 -2.74
CA ALA E 59 -22.96 16.68 -1.90
C ALA E 59 -24.16 15.75 -2.20
N ASP E 60 -24.34 15.39 -3.47
CA ASP E 60 -25.35 14.41 -3.84
C ASP E 60 -25.08 13.05 -3.19
N TYR E 61 -23.82 12.61 -3.23
CA TYR E 61 -23.42 11.33 -2.67
C TYR E 61 -23.71 11.32 -1.15
N GLU E 62 -23.29 12.37 -0.48
CA GLU E 62 -23.45 12.50 0.96
C GLU E 62 -24.92 12.42 1.34
N GLU E 63 -25.77 13.14 0.61
CA GLU E 63 -27.21 13.16 0.91
C GLU E 63 -27.81 11.79 0.68
N THR E 64 -27.36 11.11 -0.39
CA THR E 64 -27.91 9.82 -0.78
C THR E 64 -27.59 8.76 0.27
N VAL E 65 -26.35 8.73 0.71
CA VAL E 65 -25.95 7.77 1.73
C VAL E 65 -26.77 7.98 3.03
N LYS E 66 -26.91 9.24 3.44
CA LYS E 66 -27.76 9.57 4.59
C LYS E 66 -29.18 9.07 4.42
N LYS E 67 -29.78 9.34 3.27
CA LYS E 67 -31.15 8.91 3.03
C LYS E 67 -31.30 7.37 3.00
N ALA E 68 -30.34 6.68 2.38
CA ALA E 68 -30.34 5.24 2.30
C ALA E 68 -30.29 4.62 3.69
N ARG E 69 -29.45 5.18 4.54
CA ARG E 69 -29.32 4.69 5.92
C ARG E 69 -30.56 4.94 6.78
N GLU E 70 -31.24 6.06 6.57
CA GLU E 70 -32.52 6.31 7.20
C GLU E 70 -33.58 5.32 6.69
N ALA E 71 -33.62 5.11 5.37
CA ALA E 71 -34.53 4.14 4.79
C ALA E 71 -34.28 2.73 5.31
N TRP E 72 -33.03 2.42 5.62
CA TRP E 72 -32.70 1.06 6.15
C TRP E 72 -33.46 0.77 7.45
N LYS E 73 -33.63 1.77 8.28
CA LYS E 73 -34.33 1.58 9.56
C LYS E 73 -35.76 1.03 9.34
N ILE E 74 -36.42 1.51 8.29
CA ILE E 74 -37.75 1.02 7.90
C ILE E 74 -37.63 -0.38 7.23
N TRP E 75 -36.73 -0.50 6.28
CA TRP E 75 -36.66 -1.71 5.45
C TRP E 75 -36.25 -2.95 6.24
N ALA E 76 -35.29 -2.78 7.14
CA ALA E 76 -34.82 -3.88 8.00
C ALA E 76 -35.90 -4.43 8.95
N ASP E 77 -36.89 -3.59 9.28
CA ASP E 77 -38.06 -4.01 10.05
C ASP E 77 -39.15 -4.77 9.25
N ILE E 78 -39.04 -4.79 7.93
CA ILE E 78 -40.00 -5.49 7.10
C ILE E 78 -39.58 -6.98 7.10
N PRO E 79 -40.49 -7.88 7.48
CA PRO E 79 -40.19 -9.29 7.41
C PRO E 79 -39.58 -9.70 6.06
N ALA E 80 -38.61 -10.60 6.09
CA ALA E 80 -37.94 -11.02 4.85
C ALA E 80 -38.92 -11.47 3.76
N PRO E 81 -39.94 -12.28 4.11
CA PRO E 81 -40.88 -12.69 3.05
C PRO E 81 -41.60 -11.50 2.39
N LYS E 82 -41.84 -10.45 3.16
CA LYS E 82 -42.49 -9.25 2.60
C LYS E 82 -41.52 -8.46 1.73
N ARG E 83 -40.25 -8.48 2.11
CA ARG E 83 -39.16 -7.94 1.25
C ARG E 83 -39.13 -8.76 -0.05
N GLY E 84 -39.28 -10.09 0.08
CA GLY E 84 -39.40 -10.97 -1.09
C GLY E 84 -40.51 -10.56 -2.05
N GLU E 85 -41.65 -10.16 -1.49
CA GLU E 85 -42.77 -9.68 -2.31
C GLU E 85 -42.42 -8.45 -3.12
N ILE E 86 -41.63 -7.55 -2.57
CA ILE E 86 -41.22 -6.37 -3.32
C ILE E 86 -40.30 -6.80 -4.47
N VAL E 87 -39.37 -7.68 -4.15
CA VAL E 87 -38.47 -8.26 -5.17
C VAL E 87 -39.26 -8.98 -6.27
N ARG E 88 -40.32 -9.69 -5.87
CA ARG E 88 -41.21 -10.30 -6.86
C ARG E 88 -41.75 -9.26 -7.87
N GLN E 89 -42.18 -8.13 -7.31
CA GLN E 89 -42.75 -7.06 -8.10
C GLN E 89 -41.72 -6.39 -8.98
N ILE E 90 -40.49 -6.25 -8.48
CA ILE E 90 -39.37 -5.80 -9.34
C ILE E 90 -39.23 -6.74 -10.55
N GLY E 91 -39.23 -8.04 -10.28
CA GLY E 91 -39.18 -9.03 -11.37
C GLY E 91 -40.24 -8.81 -12.45
N ASP E 92 -41.50 -8.66 -12.01
CA ASP E 92 -42.61 -8.43 -12.94
C ASP E 92 -42.46 -7.07 -13.68
N ALA E 93 -41.94 -6.05 -12.99
CA ALA E 93 -41.74 -4.73 -13.62
C ALA E 93 -40.67 -4.78 -14.74
N LEU E 94 -39.61 -5.55 -14.51
CA LEU E 94 -38.61 -5.84 -15.52
C LEU E 94 -39.16 -6.63 -16.71
N ARG E 95 -39.99 -7.63 -16.41
CA ARG E 95 -40.62 -8.42 -17.46
C ARG E 95 -41.38 -7.52 -18.41
N GLU E 96 -42.11 -6.59 -17.85
CA GLU E 96 -42.97 -5.72 -18.64
C GLU E 96 -42.16 -4.85 -19.59
N LYS E 97 -40.92 -4.54 -19.22
CA LYS E 97 -40.06 -3.70 -20.04
C LYS E 97 -38.90 -4.47 -20.70
N ILE E 98 -38.99 -5.80 -20.80
CA ILE E 98 -37.82 -6.58 -21.21
C ILE E 98 -37.27 -6.25 -22.63
N GLN E 99 -38.17 -6.02 -23.58
CA GLN E 99 -37.77 -5.76 -24.95
C GLN E 99 -37.09 -4.44 -25.06
N VAL E 100 -37.71 -3.39 -24.53
CA VAL E 100 -37.13 -2.05 -24.61
C VAL E 100 -35.84 -1.89 -23.78
N LEU E 101 -35.80 -2.51 -22.62
CA LEU E 101 -34.59 -2.47 -21.82
C LEU E 101 -33.47 -3.27 -22.50
N GLY E 102 -33.81 -4.44 -23.04
CA GLY E 102 -32.82 -5.20 -23.79
C GLY E 102 -32.29 -4.40 -24.97
N SER E 103 -33.20 -3.72 -25.66
CA SER E 103 -32.82 -2.86 -26.78
C SER E 103 -31.85 -1.73 -26.35
N LEU E 104 -32.11 -1.14 -25.19
CA LEU E 104 -31.20 -0.13 -24.66
C LEU E 104 -29.81 -0.73 -24.35
N VAL E 105 -29.80 -1.93 -23.81
CA VAL E 105 -28.51 -2.62 -23.62
C VAL E 105 -27.74 -2.77 -24.93
N SER E 106 -28.43 -3.21 -25.98
CA SER E 106 -27.76 -3.34 -27.27
C SER E 106 -27.27 -1.97 -27.79
N LEU E 107 -28.06 -0.91 -27.59
CA LEU E 107 -27.74 0.41 -28.11
C LEU E 107 -26.56 1.05 -27.38
N GLU E 108 -26.63 1.08 -26.06
CA GLU E 108 -25.66 1.79 -25.25
C GLU E 108 -24.41 0.93 -24.94
N MET E 109 -24.61 -0.36 -24.67
CA MET E 109 -23.48 -1.23 -24.40
C MET E 109 -22.87 -1.86 -25.66
N GLY E 110 -23.71 -2.36 -26.55
CA GLY E 110 -23.25 -2.89 -27.84
C GLY E 110 -23.36 -4.38 -28.11
N LYS E 111 -23.81 -5.15 -27.14
CA LYS E 111 -24.03 -6.59 -27.28
C LYS E 111 -25.29 -6.84 -28.10
N ILE E 112 -25.35 -8.00 -28.71
CA ILE E 112 -26.46 -8.31 -29.59
C ILE E 112 -27.79 -8.42 -28.81
N LEU E 113 -28.92 -8.21 -29.49
CA LEU E 113 -30.18 -8.05 -28.79
C LEU E 113 -30.57 -9.25 -27.95
N VAL E 114 -30.31 -10.44 -28.44
CA VAL E 114 -30.71 -11.62 -27.66
C VAL E 114 -29.96 -11.66 -26.32
N GLU E 115 -28.74 -11.15 -26.29
CA GLU E 115 -27.98 -11.04 -25.05
C GLU E 115 -28.40 -9.86 -24.17
N GLY E 116 -28.85 -8.78 -24.78
CA GLY E 116 -29.45 -7.68 -24.01
C GLY E 116 -30.72 -8.09 -23.32
N VAL E 117 -31.58 -8.73 -24.08
CA VAL E 117 -32.80 -9.30 -23.52
C VAL E 117 -32.46 -10.39 -22.49
N GLY E 118 -31.51 -11.26 -22.83
CA GLY E 118 -31.04 -12.34 -21.90
C GLY E 118 -30.57 -11.81 -20.57
N GLU E 119 -29.86 -10.68 -20.61
CA GLU E 119 -29.42 -10.04 -19.39
C GLU E 119 -30.55 -9.58 -18.49
N VAL E 120 -31.55 -8.93 -19.07
CA VAL E 120 -32.71 -8.53 -18.29
C VAL E 120 -33.41 -9.76 -17.72
N GLN E 121 -33.51 -10.82 -18.52
CA GLN E 121 -34.11 -12.08 -18.08
C GLN E 121 -33.34 -12.68 -16.90
N GLU E 122 -32.03 -12.49 -16.87
CA GLU E 122 -31.25 -13.00 -15.73
C GLU E 122 -31.67 -12.29 -14.45
N TYR E 123 -31.89 -10.97 -14.54
CA TYR E 123 -32.38 -10.20 -13.39
C TYR E 123 -33.79 -10.62 -12.99
N VAL E 124 -34.68 -10.80 -13.96
CA VAL E 124 -36.02 -11.34 -13.69
C VAL E 124 -35.89 -12.67 -12.92
N ASP E 125 -35.03 -13.54 -13.42
CA ASP E 125 -34.94 -14.91 -12.87
C ASP E 125 -34.36 -14.90 -11.43
N ILE E 126 -33.34 -14.05 -11.16
CA ILE E 126 -32.79 -13.96 -9.80
C ILE E 126 -33.80 -13.31 -8.87
N CYS E 127 -34.63 -12.38 -9.35
CA CYS E 127 -35.76 -11.94 -8.52
C CYS E 127 -36.66 -13.09 -8.09
N ASP E 128 -37.04 -13.92 -9.09
CA ASP E 128 -37.96 -15.03 -8.80
C ASP E 128 -37.33 -16.02 -7.82
N TYR E 129 -36.04 -16.31 -7.99
CA TYR E 129 -35.27 -17.12 -7.05
C TYR E 129 -35.25 -16.49 -5.64
N ALA E 130 -35.01 -15.19 -5.57
CA ALA E 130 -34.92 -14.49 -4.30
C ALA E 130 -36.23 -14.52 -3.51
N VAL E 131 -37.36 -14.60 -4.20
CA VAL E 131 -38.65 -14.65 -3.55
C VAL E 131 -38.73 -15.88 -2.64
N GLY E 132 -38.29 -17.02 -3.16
CA GLY E 132 -38.24 -18.27 -2.37
C GLY E 132 -37.21 -18.19 -1.26
N LEU E 133 -36.04 -17.67 -1.59
CA LEU E 133 -34.98 -17.53 -0.62
C LEU E 133 -35.36 -16.65 0.56
N SER E 134 -36.25 -15.69 0.33
CA SER E 134 -36.68 -14.77 1.38
C SER E 134 -37.44 -15.48 2.51
N ARG E 135 -37.92 -16.68 2.25
CA ARG E 135 -38.57 -17.51 3.24
C ARG E 135 -37.66 -18.61 3.83
N MET E 136 -36.40 -18.60 3.44
CA MET E 136 -35.41 -19.62 3.78
C MET E 136 -34.16 -19.12 4.51
N ILE E 137 -33.70 -17.90 4.24
CA ILE E 137 -32.45 -17.40 4.81
C ILE E 137 -32.45 -17.50 6.35
N GLY E 138 -31.31 -17.92 6.89
CA GLY E 138 -31.10 -18.02 8.33
C GLY E 138 -30.07 -19.10 8.60
N GLY E 139 -30.05 -19.50 9.87
CA GLY E 139 -29.05 -20.44 10.32
C GLY E 139 -29.66 -21.44 11.26
N PRO E 140 -28.82 -22.40 11.67
CA PRO E 140 -29.31 -23.51 12.50
C PRO E 140 -29.59 -23.10 13.96
N ILE E 141 -30.59 -23.77 14.53
CA ILE E 141 -30.65 -23.89 15.97
C ILE E 141 -29.91 -25.17 16.35
N LEU E 142 -28.92 -24.97 17.22
CA LEU E 142 -27.91 -25.98 17.51
C LEU E 142 -28.08 -26.52 18.92
N PRO E 143 -27.63 -27.76 19.15
CA PRO E 143 -27.76 -28.36 20.47
C PRO E 143 -26.66 -27.90 21.38
N SER E 144 -27.01 -27.07 22.36
CA SER E 144 -26.05 -26.59 23.31
C SER E 144 -25.58 -27.72 24.20
N GLU E 145 -24.31 -27.68 24.58
CA GLU E 145 -23.75 -28.54 25.62
C GLU E 145 -24.19 -28.18 27.03
N ARG E 146 -24.83 -27.02 27.17
CA ARG E 146 -25.28 -26.48 28.44
C ARG E 146 -26.78 -26.79 28.68
N SER E 147 -27.07 -27.54 29.73
CA SER E 147 -28.43 -27.75 30.15
C SER E 147 -29.16 -26.41 30.33
N GLY E 148 -30.40 -26.33 29.87
CA GLY E 148 -31.20 -25.13 30.07
C GLY E 148 -30.77 -23.90 29.26
N HIS E 149 -30.04 -24.15 28.18
CA HIS E 149 -29.61 -23.08 27.27
C HIS E 149 -30.01 -23.43 25.86
N ALA E 150 -30.32 -22.40 25.08
CA ALA E 150 -30.46 -22.50 23.61
C ALA E 150 -29.22 -21.91 22.95
N LEU E 151 -28.93 -22.43 21.75
CA LEU E 151 -27.83 -21.96 20.94
C LEU E 151 -28.36 -21.76 19.52
N ILE E 152 -28.34 -20.50 19.08
CA ILE E 152 -28.94 -20.15 17.80
C ILE E 152 -27.96 -19.35 16.95
N GLU E 153 -27.90 -19.67 15.67
CA GLU E 153 -27.15 -18.87 14.73
C GLU E 153 -28.14 -17.97 14.00
N GLN E 154 -28.01 -16.68 14.23
CA GLN E 154 -28.84 -15.66 13.57
C GLN E 154 -28.08 -14.98 12.45
N TRP E 155 -28.84 -14.48 11.47
CA TRP E 155 -28.32 -13.71 10.38
C TRP E 155 -29.15 -12.44 10.29
N ASN E 156 -28.45 -11.31 10.17
CA ASN E 156 -29.08 -10.00 10.10
C ASN E 156 -28.45 -9.19 8.95
N PRO E 157 -29.19 -8.21 8.41
CA PRO E 157 -28.55 -7.41 7.39
C PRO E 157 -27.28 -6.69 7.80
N VAL E 158 -26.39 -6.44 6.86
CA VAL E 158 -25.18 -5.65 7.13
C VAL E 158 -25.50 -4.14 7.15
N GLY E 159 -26.52 -3.70 6.41
CA GLY E 159 -27.01 -2.33 6.38
C GLY E 159 -27.07 -1.80 4.95
N LEU E 160 -26.05 -1.01 4.57
CA LEU E 160 -25.95 -0.39 3.25
C LEU E 160 -24.95 -1.18 2.42
N VAL E 161 -25.45 -1.73 1.31
CA VAL E 161 -24.64 -2.44 0.33
C VAL E 161 -24.42 -1.52 -0.89
N GLY E 162 -23.19 -1.04 -1.01
CA GLY E 162 -22.75 -0.37 -2.21
C GLY E 162 -22.46 -1.37 -3.28
N ILE E 163 -22.85 -1.03 -4.51
CA ILE E 163 -22.71 -1.91 -5.67
C ILE E 163 -22.11 -1.09 -6.80
N ILE E 164 -20.87 -1.43 -7.14
CA ILE E 164 -20.15 -0.86 -8.27
C ILE E 164 -20.09 -1.92 -9.35
N THR E 165 -20.59 -1.57 -10.52
CA THR E 165 -20.69 -2.48 -11.63
C THR E 165 -19.90 -2.05 -12.89
N ALA E 166 -19.54 -3.04 -13.70
CA ALA E 166 -18.74 -2.84 -14.93
C ALA E 166 -19.64 -2.58 -16.12
N PHE E 167 -19.03 -2.17 -17.22
CA PHE E 167 -19.86 -1.84 -18.39
C PHE E 167 -20.50 -3.02 -19.07
N ASN E 168 -19.92 -4.21 -18.87
CA ASN E 168 -20.20 -5.30 -19.85
C ASN E 168 -21.45 -6.09 -19.51
N PHE E 169 -21.88 -6.10 -18.24
CA PHE E 169 -23.19 -6.67 -17.83
C PHE E 169 -23.89 -5.58 -17.02
N PRO E 170 -24.38 -4.55 -17.73
CA PRO E 170 -24.84 -3.35 -17.07
C PRO E 170 -26.15 -3.47 -16.35
N VAL E 171 -26.87 -4.58 -16.59
CA VAL E 171 -28.11 -4.87 -15.87
C VAL E 171 -27.93 -6.04 -14.88
N ALA E 172 -27.41 -7.18 -15.36
CA ALA E 172 -27.51 -8.43 -14.60
C ALA E 172 -26.67 -8.42 -13.35
N VAL E 173 -25.47 -7.88 -13.39
CA VAL E 173 -24.59 -7.87 -12.18
C VAL E 173 -25.27 -7.09 -11.04
N TYR E 174 -25.77 -5.91 -11.36
CA TYR E 174 -26.54 -5.14 -10.38
C TYR E 174 -27.70 -5.97 -9.89
N GLY E 175 -28.45 -6.56 -10.82
CA GLY E 175 -29.61 -7.38 -10.44
C GLY E 175 -29.32 -8.50 -9.46
N TRP E 176 -28.23 -9.26 -9.69
CA TRP E 176 -27.89 -10.35 -8.78
C TRP E 176 -27.65 -9.78 -7.39
N ASN E 177 -26.91 -8.68 -7.32
CA ASN E 177 -26.63 -8.06 -6.04
C ASN E 177 -27.94 -7.50 -5.39
N ASN E 178 -28.71 -6.77 -6.18
CA ASN E 178 -29.92 -6.14 -5.71
C ASN E 178 -30.92 -7.13 -5.11
N ALA E 179 -31.25 -8.18 -5.88
CA ALA E 179 -32.27 -9.12 -5.47
C ALA E 179 -31.88 -9.76 -4.13
N ILE E 180 -30.63 -10.20 -4.06
CA ILE E 180 -30.17 -10.89 -2.87
C ILE E 180 -30.01 -9.91 -1.70
N ALA E 181 -29.38 -8.77 -1.94
CA ALA E 181 -29.22 -7.79 -0.88
C ALA E 181 -30.54 -7.37 -0.27
N MET E 182 -31.51 -7.18 -1.15
CA MET E 182 -32.85 -6.75 -0.73
C MET E 182 -33.56 -7.75 0.19
N ILE E 183 -33.63 -9.02 -0.23
CA ILE E 183 -34.35 -9.97 0.57
C ILE E 183 -33.63 -10.12 1.92
N CYS E 184 -32.32 -9.93 1.91
CA CYS E 184 -31.50 -9.97 3.14
C CYS E 184 -31.62 -8.73 4.05
N GLY E 185 -32.47 -7.76 3.70
CA GLY E 185 -32.77 -6.67 4.61
C GLY E 185 -31.83 -5.50 4.51
N ASN E 186 -31.09 -5.42 3.39
CA ASN E 186 -30.16 -4.32 3.14
C ASN E 186 -30.77 -3.29 2.19
N VAL E 187 -30.28 -2.06 2.32
CA VAL E 187 -30.54 -1.06 1.28
C VAL E 187 -29.32 -1.05 0.34
N CYS E 188 -29.54 -0.57 -0.87
CA CYS E 188 -28.54 -0.57 -1.91
C CYS E 188 -28.22 0.83 -2.44
N LEU E 189 -26.95 1.01 -2.80
CA LEU E 189 -26.48 2.19 -3.52
C LEU E 189 -25.65 1.73 -4.72
N TRP E 190 -26.13 2.07 -5.90
CA TRP E 190 -25.56 1.63 -7.14
C TRP E 190 -24.75 2.74 -7.79
N LYS E 191 -23.51 2.42 -8.20
CA LYS E 191 -22.74 3.26 -9.13
C LYS E 191 -22.32 2.37 -10.30
N GLY E 192 -23.01 2.51 -11.42
CA GLY E 192 -22.70 1.79 -12.64
C GLY E 192 -21.53 2.37 -13.44
N ALA E 193 -21.16 1.68 -14.50
CA ALA E 193 -20.15 2.21 -15.43
C ALA E 193 -20.64 3.50 -16.07
N PRO E 194 -19.80 4.54 -16.10
CA PRO E 194 -20.29 5.79 -16.69
C PRO E 194 -20.79 5.63 -18.11
N THR E 195 -20.20 4.74 -18.87
CA THR E 195 -20.58 4.57 -20.27
C THR E 195 -21.86 3.76 -20.47
N THR E 196 -22.43 3.33 -19.36
CA THR E 196 -23.73 2.67 -19.37
C THR E 196 -24.70 3.36 -18.41
N SER E 197 -24.56 4.68 -18.35
CA SER E 197 -25.35 5.52 -17.47
C SER E 197 -26.85 5.48 -17.77
N LEU E 198 -27.24 5.44 -19.05
CA LEU E 198 -28.65 5.43 -19.39
C LEU E 198 -29.28 4.12 -18.90
N ILE E 199 -28.56 3.01 -19.03
CA ILE E 199 -29.04 1.71 -18.56
C ILE E 199 -29.27 1.77 -17.03
N SER E 200 -28.31 2.34 -16.32
CA SER E 200 -28.44 2.46 -14.86
C SER E 200 -29.66 3.29 -14.51
N VAL E 201 -29.86 4.40 -15.22
CA VAL E 201 -31.03 5.26 -14.99
C VAL E 201 -32.33 4.53 -15.30
N ALA E 202 -32.35 3.83 -16.42
CA ALA E 202 -33.54 3.09 -16.83
C ALA E 202 -33.93 1.99 -15.83
N VAL E 203 -32.94 1.26 -15.36
CA VAL E 203 -33.23 0.22 -14.39
C VAL E 203 -33.75 0.86 -13.11
N THR E 204 -33.06 1.89 -12.64
CA THR E 204 -33.48 2.59 -11.43
C THR E 204 -34.89 3.15 -11.49
N LYS E 205 -35.29 3.70 -12.64
CA LYS E 205 -36.67 4.15 -12.83
C LYS E 205 -37.67 3.00 -12.64
N ILE E 206 -37.33 1.83 -13.17
CA ILE E 206 -38.23 0.66 -13.04
C ILE E 206 -38.40 0.27 -11.57
N ILE E 207 -37.27 0.19 -10.83
CA ILE E 207 -37.34 -0.21 -9.43
C ILE E 207 -38.02 0.89 -8.59
N ALA E 208 -37.66 2.17 -8.86
CA ALA E 208 -38.26 3.32 -8.17
C ALA E 208 -39.81 3.27 -8.17
N LYS E 209 -40.41 2.96 -9.32
CA LYS E 209 -41.86 2.91 -9.44
C LYS E 209 -42.42 1.81 -8.53
N VAL E 210 -41.76 0.64 -8.46
CA VAL E 210 -42.23 -0.43 -7.59
C VAL E 210 -42.21 0.00 -6.13
N LEU E 211 -41.08 0.59 -5.71
CA LEU E 211 -40.96 1.11 -4.32
C LEU E 211 -42.03 2.20 -4.02
N GLU E 212 -42.22 3.14 -4.96
CA GLU E 212 -43.26 4.15 -4.84
C GLU E 212 -44.63 3.55 -4.65
N ASP E 213 -44.96 2.61 -5.54
CA ASP E 213 -46.28 1.97 -5.53
C ASP E 213 -46.54 1.19 -4.24
N ASN E 214 -45.47 0.69 -3.59
CA ASN E 214 -45.61 0.01 -2.30
C ASN E 214 -45.40 0.92 -1.09
N LYS E 215 -45.37 2.24 -1.32
CA LYS E 215 -45.29 3.21 -0.23
C LYS E 215 -44.05 3.02 0.63
N LEU E 216 -42.92 2.72 -0.04
CA LEU E 216 -41.64 2.52 0.60
C LEU E 216 -40.70 3.63 0.25
N PRO E 217 -39.72 3.92 1.12
CA PRO E 217 -38.69 4.90 0.79
C PRO E 217 -37.86 4.50 -0.39
N GLY E 218 -37.74 5.41 -1.35
CA GLY E 218 -37.06 5.11 -2.59
C GLY E 218 -35.59 4.85 -2.39
N ALA E 219 -35.01 5.40 -1.32
CA ALA E 219 -33.56 5.27 -1.12
C ALA E 219 -33.12 3.84 -0.79
N ILE E 220 -34.09 2.94 -0.56
CA ILE E 220 -33.80 1.49 -0.44
C ILE E 220 -33.02 1.00 -1.68
N CYS E 221 -33.32 1.58 -2.84
CA CYS E 221 -32.54 1.32 -4.07
C CYS E 221 -32.08 2.62 -4.69
N SER E 222 -31.00 3.14 -4.16
CA SER E 222 -30.42 4.42 -4.54
C SER E 222 -29.45 4.27 -5.69
N LEU E 223 -29.28 5.39 -6.40
CA LEU E 223 -28.35 5.48 -7.53
C LEU E 223 -27.54 6.78 -7.40
N THR E 224 -26.24 6.68 -7.57
CA THR E 224 -25.35 7.84 -7.71
C THR E 224 -24.44 7.58 -8.90
N CYS E 225 -24.86 8.04 -10.08
CA CYS E 225 -24.02 7.87 -11.26
C CYS E 225 -22.75 8.70 -11.07
N GLY E 226 -21.63 8.12 -11.49
CA GLY E 226 -20.35 8.78 -11.47
C GLY E 226 -19.24 7.82 -11.85
N GLY E 227 -18.00 8.30 -11.75
CA GLY E 227 -16.84 7.56 -12.12
C GLY E 227 -16.00 7.13 -10.93
N ALA E 228 -14.69 7.18 -11.12
CA ALA E 228 -13.76 6.75 -10.09
C ALA E 228 -13.90 7.53 -8.80
N ASP E 229 -14.26 8.82 -8.88
CA ASP E 229 -14.42 9.63 -7.70
C ASP E 229 -15.51 9.08 -6.77
N ILE E 230 -16.68 8.78 -7.29
CA ILE E 230 -17.78 8.27 -6.48
C ILE E 230 -17.44 6.86 -6.01
N GLY E 231 -16.82 6.06 -6.89
CA GLY E 231 -16.45 4.70 -6.54
C GLY E 231 -15.49 4.66 -5.38
N THR E 232 -14.53 5.55 -5.41
CA THR E 232 -13.50 5.63 -4.38
C THR E 232 -14.14 6.12 -3.09
N ALA E 233 -15.05 7.07 -3.19
CA ALA E 233 -15.76 7.52 -1.98
C ALA E 233 -16.45 6.36 -1.31
N MET E 234 -17.14 5.53 -2.11
CA MET E 234 -17.84 4.35 -1.59
C MET E 234 -16.84 3.40 -0.91
N ALA E 235 -15.69 3.19 -1.54
CA ALA E 235 -14.68 2.27 -1.00
C ALA E 235 -14.15 2.74 0.36
N LYS E 236 -14.14 4.06 0.54
CA LYS E 236 -13.60 4.68 1.77
C LYS E 236 -14.65 4.94 2.84
N ASP E 237 -15.91 4.79 2.50
CA ASP E 237 -17.00 5.22 3.37
C ASP E 237 -17.38 4.14 4.40
N GLU E 238 -17.11 4.42 5.66
CA GLU E 238 -17.51 3.51 6.74
C GLU E 238 -19.01 3.27 6.81
N ARG E 239 -19.82 4.13 6.21
CA ARG E 239 -21.26 3.93 6.16
C ARG E 239 -21.70 2.89 5.13
N VAL E 240 -20.80 2.51 4.26
CA VAL E 240 -21.12 1.48 3.24
C VAL E 240 -20.64 0.17 3.84
N ASN E 241 -21.54 -0.61 4.42
CA ASN E 241 -21.15 -1.78 5.20
C ASN E 241 -20.52 -2.89 4.33
N LEU E 242 -21.09 -3.12 3.15
CA LEU E 242 -20.58 -4.07 2.20
C LEU E 242 -20.42 -3.32 0.87
N LEU E 243 -19.27 -3.46 0.25
CA LEU E 243 -19.04 -2.92 -1.10
C LEU E 243 -18.82 -4.09 -2.05
N SER E 244 -19.82 -4.32 -2.92
CA SER E 244 -19.73 -5.27 -4.00
C SER E 244 -19.17 -4.56 -5.24
N PHE E 245 -18.01 -5.00 -5.71
CA PHE E 245 -17.27 -4.38 -6.80
C PHE E 245 -17.06 -5.40 -7.91
N THR E 246 -17.56 -5.06 -9.10
CA THR E 246 -17.35 -5.87 -10.29
C THR E 246 -16.61 -5.00 -11.27
N GLY E 247 -15.41 -5.44 -11.64
CA GLY E 247 -14.56 -4.70 -12.53
C GLY E 247 -13.19 -5.30 -12.73
N SER E 248 -12.22 -4.49 -13.14
CA SER E 248 -10.89 -4.97 -13.38
C SER E 248 -10.14 -5.33 -12.09
N THR E 249 -9.20 -6.24 -12.20
CA THR E 249 -8.32 -6.58 -11.07
C THR E 249 -7.55 -5.37 -10.57
N GLN E 250 -7.08 -4.55 -11.49
CA GLN E 250 -6.28 -3.37 -11.13
C GLN E 250 -7.07 -2.46 -10.15
N VAL E 251 -8.32 -2.16 -10.50
CA VAL E 251 -9.12 -1.25 -9.68
C VAL E 251 -9.64 -1.99 -8.46
N GLY E 252 -10.06 -3.24 -8.64
CA GLY E 252 -10.58 -4.00 -7.52
C GLY E 252 -9.57 -4.23 -6.41
N LYS E 253 -8.31 -4.41 -6.76
CA LYS E 253 -7.25 -4.52 -5.75
C LYS E 253 -7.27 -3.31 -4.82
N GLN E 254 -7.38 -2.11 -5.39
CA GLN E 254 -7.35 -0.88 -4.58
C GLN E 254 -8.62 -0.76 -3.77
N VAL E 255 -9.75 -1.13 -4.36
CA VAL E 255 -11.03 -1.13 -3.63
C VAL E 255 -10.94 -2.06 -2.43
N GLY E 256 -10.38 -3.25 -2.65
CA GLY E 256 -10.27 -4.20 -1.55
C GLY E 256 -9.37 -3.70 -0.45
N LEU E 257 -8.29 -3.02 -0.82
CA LEU E 257 -7.37 -2.44 0.18
C LEU E 257 -8.08 -1.33 0.98
N MET E 258 -8.80 -0.44 0.30
CA MET E 258 -9.49 0.65 0.97
C MET E 258 -10.56 0.13 1.94
N VAL E 259 -11.33 -0.87 1.52
CA VAL E 259 -12.34 -1.44 2.40
C VAL E 259 -11.70 -2.15 3.59
N GLN E 260 -10.63 -2.90 3.36
CA GLN E 260 -9.91 -3.59 4.44
C GLN E 260 -9.35 -2.60 5.47
N GLU E 261 -8.87 -1.45 4.99
CA GLU E 261 -8.28 -0.42 5.86
C GLU E 261 -9.28 0.06 6.93
N ARG E 262 -10.56 0.14 6.56
CA ARG E 262 -11.63 0.58 7.46
C ARG E 262 -12.43 -0.57 8.05
N PHE E 263 -11.90 -1.80 8.00
CA PHE E 263 -12.64 -2.98 8.48
C PHE E 263 -14.08 -3.04 7.98
N GLY E 264 -14.26 -2.77 6.67
CA GLY E 264 -15.53 -3.03 6.00
C GLY E 264 -15.51 -4.42 5.39
N ARG E 265 -16.58 -4.76 4.71
CA ARG E 265 -16.71 -5.97 3.93
C ARG E 265 -16.68 -5.64 2.44
N SER E 266 -15.94 -6.45 1.70
CA SER E 266 -15.96 -6.34 0.24
C SER E 266 -16.35 -7.68 -0.36
N LEU E 267 -16.98 -7.58 -1.53
CA LEU E 267 -17.28 -8.71 -2.38
C LEU E 267 -16.70 -8.36 -3.74
N LEU E 268 -15.58 -8.99 -4.09
CA LEU E 268 -14.77 -8.63 -5.28
C LEU E 268 -14.96 -9.66 -6.39
N GLU E 269 -15.41 -9.17 -7.54
CA GLU E 269 -15.64 -9.92 -8.75
C GLU E 269 -14.79 -9.30 -9.88
N LEU E 270 -13.56 -9.84 -10.06
CA LEU E 270 -12.58 -9.14 -10.81
C LEU E 270 -12.26 -9.88 -12.14
N GLY E 271 -11.05 -9.73 -12.65
CA GLY E 271 -10.76 -10.19 -14.00
C GLY E 271 -10.64 -11.69 -14.18
N GLY E 272 -10.71 -12.08 -15.45
CA GLY E 272 -10.61 -13.50 -15.87
C GLY E 272 -9.57 -13.68 -16.97
N ASN E 273 -9.07 -14.89 -17.11
CA ASN E 273 -8.15 -15.25 -18.19
C ASN E 273 -8.43 -16.71 -18.45
N ASN E 274 -9.64 -16.95 -18.91
CA ASN E 274 -10.22 -18.27 -18.83
C ASN E 274 -9.78 -19.19 -19.96
N ALA E 275 -9.43 -20.42 -19.57
CA ALA E 275 -8.97 -21.44 -20.49
C ALA E 275 -10.03 -22.53 -20.78
N ILE E 276 -10.05 -22.94 -22.03
CA ILE E 276 -10.71 -24.17 -22.48
C ILE E 276 -9.58 -25.15 -22.83
N ILE E 277 -9.74 -26.42 -22.44
CA ILE E 277 -8.78 -27.47 -22.75
C ILE E 277 -9.52 -28.62 -23.46
N ALA E 278 -9.08 -28.92 -24.68
CA ALA E 278 -9.63 -29.99 -25.51
C ALA E 278 -8.70 -31.20 -25.57
N PHE E 279 -9.08 -32.26 -24.86
CA PHE E 279 -8.32 -33.51 -24.87
C PHE E 279 -8.56 -34.29 -26.17
N GLU E 280 -7.69 -35.25 -26.45
CA GLU E 280 -7.77 -36.02 -27.70
C GLU E 280 -9.10 -36.77 -27.88
N ASP E 281 -9.75 -37.12 -26.77
CA ASP E 281 -11.02 -37.84 -26.83
C ASP E 281 -12.26 -36.94 -26.92
N ALA E 282 -12.04 -35.62 -27.01
CA ALA E 282 -13.13 -34.66 -27.08
C ALA E 282 -13.99 -34.85 -28.31
N ASP E 283 -15.27 -34.49 -28.18
CA ASP E 283 -16.19 -34.41 -29.31
C ASP E 283 -15.91 -33.09 -30.02
N LEU E 284 -15.21 -33.15 -31.15
CA LEU E 284 -14.82 -31.93 -31.86
C LEU E 284 -16.03 -31.11 -32.39
N SER E 285 -17.14 -31.80 -32.69
CA SER E 285 -18.36 -31.11 -33.14
C SER E 285 -18.95 -30.25 -32.04
N LEU E 286 -18.57 -30.56 -30.80
CA LEU E 286 -18.87 -29.77 -29.62
C LEU E 286 -17.82 -28.68 -29.35
N VAL E 287 -16.55 -29.06 -29.42
CA VAL E 287 -15.42 -28.16 -29.08
C VAL E 287 -15.47 -26.91 -29.93
N VAL E 288 -15.68 -27.09 -31.23
CA VAL E 288 -15.56 -25.97 -32.12
C VAL E 288 -16.62 -24.86 -31.88
N PRO E 289 -17.92 -25.19 -31.96
CA PRO E 289 -18.92 -24.15 -31.62
C PRO E 289 -18.84 -23.62 -30.18
N SER E 290 -18.48 -24.48 -29.24
CA SER E 290 -18.30 -24.04 -27.86
C SER E 290 -17.19 -23.00 -27.72
N ALA E 291 -16.02 -23.29 -28.30
CA ALA E 291 -14.89 -22.35 -28.26
C ALA E 291 -15.25 -21.08 -28.99
N LEU E 292 -15.91 -21.21 -30.14
CA LEU E 292 -16.35 -20.03 -30.88
C LEU E 292 -17.21 -19.11 -30.02
N PHE E 293 -18.27 -19.67 -29.43
CA PHE E 293 -19.17 -18.89 -28.56
C PHE E 293 -18.42 -18.30 -27.38
N ALA E 294 -17.62 -19.12 -26.70
CA ALA E 294 -16.93 -18.62 -25.51
C ALA E 294 -15.92 -17.53 -25.83
N ALA E 295 -15.28 -17.63 -27.00
CA ALA E 295 -14.23 -16.69 -27.38
C ALA E 295 -14.79 -15.41 -27.98
N VAL E 296 -15.84 -15.54 -28.80
CA VAL E 296 -16.33 -14.43 -29.57
C VAL E 296 -17.67 -13.83 -29.12
N GLY E 297 -18.40 -14.56 -28.29
CA GLY E 297 -19.63 -14.02 -27.76
C GLY E 297 -19.39 -12.71 -27.03
N THR E 298 -20.32 -11.77 -27.18
CA THR E 298 -20.23 -10.44 -26.58
C THR E 298 -18.94 -9.72 -27.04
N ALA E 299 -18.53 -10.04 -28.28
CA ALA E 299 -17.30 -9.51 -28.87
C ALA E 299 -16.13 -9.68 -27.89
N GLY E 300 -16.08 -10.83 -27.20
CA GLY E 300 -14.95 -11.10 -26.33
C GLY E 300 -14.94 -10.31 -25.03
N GLN E 301 -16.09 -9.75 -24.63
CA GLN E 301 -16.17 -8.85 -23.51
C GLN E 301 -17.00 -9.40 -22.37
N ARG E 302 -16.93 -10.71 -22.16
CA ARG E 302 -17.43 -11.27 -20.91
C ARG E 302 -16.26 -11.48 -19.94
N CYS E 303 -16.51 -11.38 -18.64
CA CYS E 303 -15.45 -11.75 -17.72
C CYS E 303 -15.10 -13.21 -17.88
N THR E 304 -16.05 -14.04 -18.29
CA THR E 304 -15.89 -15.49 -18.49
C THR E 304 -15.54 -15.89 -19.92
N THR E 305 -15.20 -14.91 -20.76
CA THR E 305 -14.77 -15.17 -22.13
C THR E 305 -13.56 -16.11 -22.18
N ALA E 306 -13.54 -17.04 -23.12
CA ALA E 306 -12.36 -17.89 -23.30
C ALA E 306 -11.25 -17.09 -23.99
N ARG E 307 -10.10 -17.00 -23.33
CA ARG E 307 -8.97 -16.30 -23.84
C ARG E 307 -7.76 -17.22 -24.13
N ARG E 308 -7.78 -18.42 -23.56
CA ARG E 308 -6.72 -19.40 -23.76
C ARG E 308 -7.40 -20.69 -24.21
N LEU E 309 -6.86 -21.31 -25.26
CA LEU E 309 -7.38 -22.59 -25.76
C LEU E 309 -6.22 -23.55 -25.90
N PHE E 310 -6.22 -24.58 -25.05
CA PHE E 310 -5.19 -25.59 -25.08
C PHE E 310 -5.79 -26.80 -25.83
N ILE E 311 -5.08 -27.29 -26.85
CA ILE E 311 -5.58 -28.40 -27.68
C ILE E 311 -4.55 -29.50 -27.69
N HIS E 312 -4.99 -30.74 -27.51
CA HIS E 312 -4.05 -31.81 -27.53
C HIS E 312 -3.32 -31.84 -28.86
N GLU E 313 -2.04 -32.20 -28.82
CA GLU E 313 -1.19 -32.10 -30.04
C GLU E 313 -1.80 -32.86 -31.22
N SER E 314 -2.44 -33.99 -30.94
CA SER E 314 -3.05 -34.84 -31.98
C SER E 314 -4.17 -34.17 -32.77
N ILE E 315 -4.89 -33.26 -32.11
CA ILE E 315 -6.06 -32.62 -32.71
C ILE E 315 -5.90 -31.08 -32.91
N HIS E 316 -4.73 -30.52 -32.60
CA HIS E 316 -4.54 -29.07 -32.59
C HIS E 316 -4.82 -28.46 -33.98
N ASP E 317 -4.20 -29.01 -35.03
CA ASP E 317 -4.36 -28.40 -36.35
C ASP E 317 -5.77 -28.45 -36.89
N GLU E 318 -6.44 -29.58 -36.67
CA GLU E 318 -7.80 -29.78 -37.12
C GLU E 318 -8.70 -28.77 -36.41
N VAL E 319 -8.54 -28.65 -35.10
CA VAL E 319 -9.38 -27.72 -34.34
C VAL E 319 -9.14 -26.26 -34.76
N VAL E 320 -7.89 -25.86 -34.92
CA VAL E 320 -7.58 -24.49 -35.36
C VAL E 320 -8.13 -24.26 -36.80
N ASN E 321 -7.97 -25.22 -37.69
CA ASN E 321 -8.57 -25.10 -39.02
C ASN E 321 -10.08 -24.97 -38.99
N ARG E 322 -10.77 -25.74 -38.15
CA ARG E 322 -12.22 -25.66 -38.10
C ARG E 322 -12.65 -24.33 -37.48
N LEU E 323 -11.88 -23.87 -36.50
CA LEU E 323 -12.24 -22.63 -35.79
C LEU E 323 -12.05 -21.46 -36.73
N LYS E 324 -10.98 -21.48 -37.53
CA LYS E 324 -10.74 -20.44 -38.52
C LYS E 324 -11.90 -20.34 -39.49
N LYS E 325 -12.41 -21.49 -39.93
CA LYS E 325 -13.54 -21.52 -40.88
C LYS E 325 -14.77 -20.97 -40.20
N ALA E 326 -14.96 -21.34 -38.93
CA ALA E 326 -16.05 -20.85 -38.12
C ALA E 326 -16.03 -19.33 -37.91
N TYR E 327 -14.86 -18.78 -37.57
CA TYR E 327 -14.70 -17.33 -37.41
C TYR E 327 -15.06 -16.61 -38.72
N ALA E 328 -14.65 -17.17 -39.86
CA ALA E 328 -14.86 -16.49 -41.14
C ALA E 328 -16.34 -16.34 -41.44
N GLN E 329 -17.17 -17.18 -40.85
CA GLN E 329 -18.60 -17.20 -41.09
C GLN E 329 -19.42 -16.39 -40.07
N ILE E 330 -18.76 -15.81 -39.06
CA ILE E 330 -19.47 -15.03 -38.07
C ILE E 330 -20.23 -13.87 -38.77
N ARG E 331 -21.49 -13.71 -38.41
CA ARG E 331 -22.38 -12.64 -38.94
C ARG E 331 -22.24 -11.33 -38.15
N VAL E 332 -21.64 -10.36 -38.81
CA VAL E 332 -21.36 -9.01 -38.26
C VAL E 332 -22.36 -7.97 -38.76
N GLY E 333 -22.75 -7.06 -37.86
CA GLY E 333 -23.72 -6.02 -38.20
C GLY E 333 -24.07 -5.22 -36.97
N ASN E 334 -25.08 -4.36 -37.12
CA ASN E 334 -25.59 -3.59 -36.01
C ASN E 334 -26.18 -4.57 -35.01
N PRO E 335 -25.85 -4.36 -33.72
CA PRO E 335 -26.15 -5.44 -32.78
C PRO E 335 -27.60 -5.60 -32.47
N TRP E 336 -28.42 -4.65 -32.90
CA TRP E 336 -29.86 -4.76 -32.67
C TRP E 336 -30.58 -5.49 -33.79
N ASP E 337 -29.87 -5.78 -34.86
CA ASP E 337 -30.51 -6.38 -36.01
C ASP E 337 -30.67 -7.88 -35.92
N PRO E 338 -31.81 -8.39 -36.45
CA PRO E 338 -32.06 -9.82 -36.46
C PRO E 338 -30.89 -10.51 -37.15
N ASN E 339 -30.50 -11.66 -36.63
CA ASN E 339 -29.51 -12.57 -37.27
C ASN E 339 -28.05 -12.18 -37.03
N VAL E 340 -27.79 -11.00 -36.46
CA VAL E 340 -26.41 -10.58 -36.18
C VAL E 340 -25.91 -11.34 -34.94
N LEU E 341 -24.67 -11.84 -35.04
CA LEU E 341 -23.96 -12.53 -33.96
C LEU E 341 -22.79 -11.77 -33.35
N TYR E 342 -22.39 -10.66 -33.97
CA TYR E 342 -21.15 -9.99 -33.55
C TYR E 342 -21.27 -8.49 -33.82
N GLY E 343 -21.18 -7.72 -32.72
CA GLY E 343 -21.21 -6.28 -32.74
C GLY E 343 -19.84 -5.67 -32.39
N PRO E 344 -19.85 -4.40 -32.01
CA PRO E 344 -18.65 -3.62 -31.77
C PRO E 344 -18.10 -3.87 -30.35
N LEU E 345 -16.82 -3.52 -30.14
CA LEU E 345 -16.31 -3.34 -28.78
C LEU E 345 -17.00 -2.10 -28.16
N HIS E 346 -16.92 -1.98 -26.85
CA HIS E 346 -17.73 -0.97 -26.16
C HIS E 346 -17.22 0.43 -26.32
N THR E 347 -15.91 0.59 -26.49
CA THR E 347 -15.28 1.90 -26.60
C THR E 347 -14.16 1.94 -27.64
N LYS E 348 -13.82 3.14 -28.08
CA LYS E 348 -12.66 3.29 -28.93
C LYS E 348 -11.40 2.87 -28.21
N GLN E 349 -11.29 3.16 -26.91
CA GLN E 349 -10.11 2.75 -26.16
C GLN E 349 -9.94 1.25 -26.17
N ALA E 350 -11.04 0.50 -26.13
CA ALA E 350 -10.95 -0.94 -26.23
C ALA E 350 -10.34 -1.36 -27.57
N VAL E 351 -10.67 -0.64 -28.65
CA VAL E 351 -10.09 -0.93 -29.96
C VAL E 351 -8.55 -0.74 -29.88
N SER E 352 -8.12 0.37 -29.26
CA SER E 352 -6.69 0.62 -29.08
C SER E 352 -5.98 -0.47 -28.29
N MET E 353 -6.62 -0.92 -27.21
CA MET E 353 -6.05 -1.99 -26.40
C MET E 353 -5.98 -3.30 -27.19
N PHE E 354 -7.02 -3.58 -27.96
CA PHE E 354 -7.01 -4.75 -28.86
C PHE E 354 -5.80 -4.72 -29.80
N LEU E 355 -5.62 -3.61 -30.50
CA LEU E 355 -4.55 -3.47 -31.48
C LEU E 355 -3.18 -3.63 -30.84
N GLY E 356 -3.01 -3.01 -29.66
CA GLY E 356 -1.78 -3.14 -28.93
C GLY E 356 -1.48 -4.58 -28.52
N ALA E 357 -2.51 -5.34 -28.11
CA ALA E 357 -2.30 -6.73 -27.70
C ALA E 357 -1.94 -7.60 -28.90
N VAL E 358 -2.59 -7.34 -30.03
CA VAL E 358 -2.24 -8.05 -31.26
C VAL E 358 -0.80 -7.79 -31.67
N GLU E 359 -0.36 -6.52 -31.57
CA GLU E 359 1.04 -6.15 -31.86
C GLU E 359 1.99 -6.90 -30.95
N GLU E 360 1.64 -6.88 -29.66
CA GLU E 360 2.44 -7.51 -28.66
C GLU E 360 2.51 -9.01 -28.86
N ALA E 361 1.39 -9.66 -29.21
CA ALA E 361 1.42 -11.10 -29.45
C ALA E 361 2.43 -11.46 -30.56
N LYS E 362 2.45 -10.66 -31.64
CA LYS E 362 3.47 -10.80 -32.70
C LYS E 362 4.91 -10.57 -32.22
N LYS E 363 5.10 -9.53 -31.42
CA LYS E 363 6.41 -9.23 -30.87
C LYS E 363 6.93 -10.35 -29.95
N GLU E 364 6.00 -11.06 -29.30
CA GLU E 364 6.29 -12.19 -28.40
C GLU E 364 6.37 -13.53 -29.14
N GLY E 365 6.23 -13.50 -30.46
CA GLY E 365 6.49 -14.70 -31.29
C GLY E 365 5.26 -15.44 -31.78
N GLY E 366 4.08 -14.89 -31.56
CA GLY E 366 2.82 -15.47 -31.99
C GLY E 366 2.54 -15.17 -33.44
N THR E 367 1.68 -15.97 -34.02
CA THR E 367 1.22 -15.81 -35.38
C THR E 367 -0.31 -15.61 -35.36
N VAL E 368 -0.74 -14.51 -35.97
CA VAL E 368 -2.15 -14.27 -36.16
C VAL E 368 -2.60 -15.15 -37.30
N VAL E 369 -3.39 -16.17 -37.00
CA VAL E 369 -3.93 -17.05 -38.05
C VAL E 369 -5.33 -16.68 -38.54
N TYR E 370 -6.03 -15.83 -37.77
CA TYR E 370 -7.29 -15.25 -38.20
C TYR E 370 -7.45 -13.87 -37.53
N GLY E 371 -7.82 -12.86 -38.31
CA GLY E 371 -8.27 -11.58 -37.75
C GLY E 371 -7.07 -10.66 -37.51
N GLY E 372 -7.08 -9.98 -36.36
CA GLY E 372 -5.99 -9.10 -35.96
C GLY E 372 -6.15 -7.63 -36.32
N LYS E 373 -7.20 -7.29 -37.07
CA LYS E 373 -7.36 -5.95 -37.63
C LYS E 373 -8.62 -5.28 -37.13
N VAL E 374 -8.61 -3.95 -37.22
CA VAL E 374 -9.77 -3.15 -36.99
C VAL E 374 -10.57 -3.17 -38.27
N MET E 375 -11.90 -3.29 -38.14
CA MET E 375 -12.78 -3.35 -39.31
C MET E 375 -13.04 -1.96 -39.86
N ASP E 376 -13.19 -1.89 -41.18
CA ASP E 376 -13.45 -0.66 -41.88
C ASP E 376 -14.93 -0.37 -41.92
N ARG E 377 -15.44 0.11 -40.80
CA ARG E 377 -16.85 0.42 -40.69
C ARG E 377 -17.06 1.30 -39.49
N PRO E 378 -18.19 1.99 -39.45
CA PRO E 378 -18.52 2.81 -38.32
C PRO E 378 -18.58 2.01 -37.01
N GLY E 379 -18.27 2.68 -35.92
CA GLY E 379 -18.29 2.05 -34.61
C GLY E 379 -16.99 1.35 -34.27
N ASN E 380 -17.02 0.65 -33.16
CA ASN E 380 -15.77 0.13 -32.58
C ASN E 380 -15.54 -1.33 -32.91
N TYR E 381 -15.63 -1.66 -34.19
CA TYR E 381 -15.54 -3.04 -34.62
C TYR E 381 -14.12 -3.50 -34.85
N VAL E 382 -13.83 -4.70 -34.35
CA VAL E 382 -12.54 -5.37 -34.59
C VAL E 382 -12.79 -6.78 -35.07
N GLU E 383 -11.81 -7.35 -35.78
CA GLU E 383 -11.94 -8.75 -36.18
C GLU E 383 -11.67 -9.67 -34.97
N PRO E 384 -12.55 -10.68 -34.75
CA PRO E 384 -12.24 -11.68 -33.71
C PRO E 384 -10.97 -12.38 -34.18
N THR E 385 -10.09 -12.64 -33.22
CA THR E 385 -8.71 -12.97 -33.53
C THR E 385 -8.24 -14.26 -32.89
N ILE E 386 -7.46 -15.02 -33.65
CA ILE E 386 -6.87 -16.28 -33.17
C ILE E 386 -5.35 -16.20 -33.33
N VAL E 387 -4.60 -16.46 -32.24
CA VAL E 387 -3.15 -16.39 -32.26
C VAL E 387 -2.56 -17.75 -31.84
N THR E 388 -1.74 -18.35 -32.70
CA THR E 388 -1.02 -19.58 -32.37
C THR E 388 0.45 -19.30 -32.12
N GLY E 389 1.16 -20.32 -31.67
CA GLY E 389 2.61 -20.27 -31.56
C GLY E 389 3.23 -19.69 -30.31
N LEU E 390 2.46 -18.98 -29.49
CA LEU E 390 3.00 -18.49 -28.21
C LEU E 390 3.26 -19.60 -27.24
N GLY E 391 4.23 -19.42 -26.36
CA GLY E 391 4.37 -20.27 -25.20
C GLY E 391 3.22 -19.98 -24.25
N HIS E 392 2.79 -21.02 -23.53
CA HIS E 392 1.70 -20.88 -22.55
C HIS E 392 1.96 -19.79 -21.53
N ASP E 393 3.22 -19.50 -21.25
CA ASP E 393 3.61 -18.51 -20.23
C ASP E 393 4.05 -17.16 -20.86
N ALA E 394 3.72 -16.98 -22.12
CA ALA E 394 3.95 -15.68 -22.76
C ALA E 394 3.22 -14.59 -21.98
N SER E 395 3.92 -13.47 -21.78
CA SER E 395 3.39 -12.37 -20.97
C SER E 395 2.00 -11.93 -21.42
N ILE E 396 1.83 -11.74 -22.72
CA ILE E 396 0.56 -11.24 -23.23
C ILE E 396 -0.55 -12.26 -23.01
N ALA E 397 -0.24 -13.57 -23.01
CA ALA E 397 -1.27 -14.57 -22.77
C ALA E 397 -1.67 -14.64 -21.30
N HIS E 398 -0.78 -14.15 -20.42
CA HIS E 398 -1.06 -14.09 -18.98
C HIS E 398 -1.86 -12.85 -18.57
N THR E 399 -1.95 -11.90 -19.50
CA THR E 399 -2.65 -10.67 -19.31
C THR E 399 -4.09 -10.79 -19.81
N GLU E 400 -5.03 -10.21 -19.08
CA GLU E 400 -6.39 -10.06 -19.54
C GLU E 400 -6.47 -8.85 -20.47
N THR E 401 -6.69 -9.09 -21.76
CA THR E 401 -7.06 -8.01 -22.69
C THR E 401 -8.51 -8.22 -23.00
N PHE E 402 -9.33 -7.18 -22.77
CA PHE E 402 -10.77 -7.31 -22.82
C PHE E 402 -11.29 -7.13 -24.23
N ALA E 403 -10.98 -8.12 -25.07
CA ALA E 403 -11.19 -8.08 -26.51
C ALA E 403 -11.14 -9.50 -27.05
N PRO E 404 -11.68 -9.71 -28.26
CA PRO E 404 -11.72 -11.06 -28.81
C PRO E 404 -10.39 -11.50 -29.42
N ILE E 405 -9.48 -11.94 -28.54
CA ILE E 405 -8.22 -12.53 -28.93
C ILE E 405 -8.10 -13.86 -28.17
N LEU E 406 -7.94 -14.95 -28.91
CA LEU E 406 -7.86 -16.28 -28.35
C LEU E 406 -6.46 -16.80 -28.64
N TYR E 407 -5.73 -17.08 -27.57
CA TYR E 407 -4.39 -17.66 -27.65
C TYR E 407 -4.48 -19.15 -27.59
N VAL E 408 -3.93 -19.81 -28.60
CA VAL E 408 -4.00 -21.25 -28.75
C VAL E 408 -2.69 -21.94 -28.46
N PHE E 409 -2.73 -23.01 -27.67
CA PHE E 409 -1.54 -23.74 -27.25
C PHE E 409 -1.74 -25.22 -27.46
N LYS E 410 -0.67 -25.91 -27.81
CA LYS E 410 -0.64 -27.37 -27.79
C LYS E 410 -0.32 -27.90 -26.39
N PHE E 411 -0.79 -29.12 -26.10
CA PHE E 411 -0.27 -29.85 -24.94
C PHE E 411 -0.26 -31.34 -25.27
N GLN E 412 0.38 -32.11 -24.39
CA GLN E 412 0.50 -33.57 -24.49
C GLN E 412 -0.26 -34.26 -23.35
N ASN E 413 0.04 -33.90 -22.11
CA ASN E 413 -0.54 -34.63 -20.98
C ASN E 413 -1.40 -33.80 -20.02
N GLU E 414 -2.23 -34.52 -19.30
CA GLU E 414 -3.17 -33.94 -18.37
C GLU E 414 -2.52 -33.12 -17.28
N GLU E 415 -1.48 -33.65 -16.66
CA GLU E 415 -0.90 -32.99 -15.51
C GLU E 415 -0.35 -31.62 -15.90
N GLU E 416 0.38 -31.56 -17.01
CA GLU E 416 0.93 -30.26 -17.45
C GLU E 416 -0.15 -29.25 -17.80
N VAL E 417 -1.19 -29.67 -18.50
CA VAL E 417 -2.19 -28.73 -18.93
C VAL E 417 -3.10 -28.21 -17.78
N PHE E 418 -3.33 -29.04 -16.76
CA PHE E 418 -4.03 -28.55 -15.57
C PHE E 418 -3.18 -27.48 -14.88
N ALA E 419 -1.90 -27.74 -14.75
CA ALA E 419 -0.95 -26.74 -14.26
C ALA E 419 -0.98 -25.44 -15.06
N TRP E 420 -1.04 -25.57 -16.38
CA TRP E 420 -1.05 -24.39 -17.24
C TRP E 420 -2.37 -23.63 -17.13
N ASN E 421 -3.48 -24.33 -16.97
CA ASN E 421 -4.73 -23.62 -16.63
C ASN E 421 -4.51 -22.73 -15.39
N ASN E 422 -3.87 -23.32 -14.38
CA ASN E 422 -3.77 -22.76 -13.04
C ASN E 422 -2.63 -21.75 -12.84
N GLU E 423 -1.73 -21.60 -13.82
CA GLU E 423 -0.51 -20.84 -13.63
C GLU E 423 -0.67 -19.33 -13.65
N VAL E 424 -1.77 -18.85 -14.22
CA VAL E 424 -2.09 -17.43 -14.31
C VAL E 424 -2.54 -16.92 -12.95
N LYS E 425 -2.64 -15.61 -12.84
CA LYS E 425 -3.07 -14.96 -11.61
C LYS E 425 -4.60 -14.91 -11.45
N GLN E 426 -5.33 -14.93 -12.58
CA GLN E 426 -6.79 -14.95 -12.60
C GLN E 426 -7.27 -16.37 -12.21
N GLY E 427 -8.51 -16.45 -11.73
CA GLY E 427 -9.08 -17.73 -11.33
C GLY E 427 -10.59 -17.76 -11.44
N LEU E 428 -11.12 -17.30 -12.58
CA LEU E 428 -12.58 -17.18 -12.69
C LEU E 428 -13.21 -18.47 -13.22
N SER E 429 -13.07 -18.72 -14.53
CA SER E 429 -13.70 -19.88 -15.16
C SER E 429 -12.68 -20.74 -15.93
N SER E 430 -13.08 -21.97 -16.18
CA SER E 430 -12.24 -22.98 -16.80
C SER E 430 -13.17 -24.07 -17.32
N SER E 431 -12.72 -24.75 -18.39
CA SER E 431 -13.48 -25.85 -18.97
C SER E 431 -12.56 -26.87 -19.61
N ILE E 432 -12.91 -28.13 -19.45
CA ILE E 432 -12.29 -29.21 -20.23
C ILE E 432 -13.34 -29.90 -21.10
N PHE E 433 -12.89 -30.34 -22.28
CA PHE E 433 -13.68 -31.18 -23.18
C PHE E 433 -12.98 -32.54 -23.25
N THR E 434 -13.71 -33.53 -22.78
CA THR E 434 -13.22 -34.89 -22.69
C THR E 434 -14.39 -35.80 -22.42
N LYS E 435 -14.14 -37.08 -22.66
CA LYS E 435 -15.10 -38.11 -22.32
C LYS E 435 -14.64 -38.98 -21.13
N ASP E 436 -13.41 -38.75 -20.65
CA ASP E 436 -12.75 -39.66 -19.69
C ASP E 436 -13.30 -39.39 -18.28
N LEU E 437 -14.00 -40.37 -17.70
CA LEU E 437 -14.59 -40.25 -16.38
C LEU E 437 -13.63 -39.82 -15.28
N GLY E 438 -12.48 -40.49 -15.17
CA GLY E 438 -11.51 -40.18 -14.11
C GLY E 438 -10.96 -38.76 -14.27
N ARG E 439 -10.64 -38.39 -15.50
CA ARG E 439 -10.12 -37.06 -15.78
C ARG E 439 -11.07 -35.99 -15.32
N ILE E 440 -12.36 -36.23 -15.55
CA ILE E 440 -13.40 -35.28 -15.17
C ILE E 440 -13.40 -35.11 -13.65
N PHE E 441 -13.40 -36.22 -12.92
CA PHE E 441 -13.39 -36.08 -11.47
C PHE E 441 -12.07 -35.53 -10.90
N ARG E 442 -10.97 -35.82 -11.56
CA ARG E 442 -9.69 -35.20 -11.19
C ARG E 442 -9.71 -33.67 -11.39
N TRP E 443 -10.28 -33.23 -12.50
CA TRP E 443 -10.44 -31.80 -12.80
C TRP E 443 -11.25 -31.07 -11.73
N LEU E 444 -12.25 -31.78 -11.18
CA LEU E 444 -13.09 -31.26 -10.11
C LEU E 444 -12.47 -31.36 -8.70
N GLY E 445 -11.32 -32.02 -8.63
CA GLY E 445 -10.70 -32.37 -7.37
C GLY E 445 -9.57 -31.43 -6.97
N PRO E 446 -8.85 -31.77 -5.91
CA PRO E 446 -7.85 -30.88 -5.35
C PRO E 446 -6.63 -30.64 -6.22
N LYS E 447 -6.41 -31.50 -7.20
CA LYS E 447 -5.30 -31.36 -8.14
C LYS E 447 -5.83 -30.96 -9.50
N GLY E 448 -7.06 -30.44 -9.52
CA GLY E 448 -7.67 -29.99 -10.77
C GLY E 448 -7.64 -28.50 -10.91
N SER E 449 -8.71 -27.96 -11.47
CA SER E 449 -8.78 -26.53 -11.78
C SER E 449 -8.84 -25.75 -10.46
N ASP E 450 -8.16 -24.62 -10.43
CA ASP E 450 -8.14 -23.76 -9.25
C ASP E 450 -9.16 -22.62 -9.31
N CYS E 451 -10.08 -22.68 -10.28
CA CYS E 451 -10.98 -21.59 -10.59
C CYS E 451 -12.27 -21.73 -9.82
N GLY E 452 -13.03 -20.64 -9.79
CA GLY E 452 -14.34 -20.63 -9.18
C GLY E 452 -15.43 -21.32 -9.96
N ILE E 453 -15.23 -21.42 -11.28
CA ILE E 453 -16.16 -22.06 -12.18
C ILE E 453 -15.31 -23.11 -12.94
N VAL E 454 -15.74 -24.37 -12.82
CA VAL E 454 -15.00 -25.53 -13.24
C VAL E 454 -15.96 -26.40 -14.08
N ASN E 455 -15.86 -26.26 -15.42
CA ASN E 455 -16.83 -26.83 -16.34
C ASN E 455 -16.28 -27.99 -17.16
N VAL E 456 -17.20 -28.81 -17.61
CA VAL E 456 -16.91 -29.99 -18.42
C VAL E 456 -17.84 -30.05 -19.64
N ASN E 457 -17.25 -30.00 -20.84
CA ASN E 457 -18.01 -30.14 -22.12
C ASN E 457 -19.02 -29.01 -22.36
N ILE E 458 -18.77 -27.89 -21.66
CA ILE E 458 -19.51 -26.67 -21.87
C ILE E 458 -18.43 -25.64 -21.62
N PRO E 459 -18.44 -24.55 -22.37
CA PRO E 459 -17.33 -23.63 -22.26
C PRO E 459 -17.40 -22.73 -21.07
N THR E 460 -16.46 -21.76 -21.04
CA THR E 460 -16.17 -21.00 -19.83
C THR E 460 -17.27 -20.02 -19.46
N SER E 461 -18.16 -19.72 -20.40
CA SER E 461 -19.24 -18.81 -20.12
C SER E 461 -20.47 -19.53 -19.56
N GLY E 462 -20.33 -20.83 -19.28
CA GLY E 462 -21.39 -21.67 -18.68
C GLY E 462 -21.58 -21.47 -17.17
N ALA E 463 -22.68 -20.81 -16.83
CA ALA E 463 -23.08 -20.55 -15.44
C ALA E 463 -24.59 -20.32 -15.39
N GLU E 464 -25.19 -20.47 -14.22
CA GLU E 464 -26.61 -20.24 -14.08
C GLU E 464 -26.90 -19.77 -12.66
N ILE E 465 -28.10 -19.21 -12.44
CA ILE E 465 -28.31 -18.52 -11.17
C ILE E 465 -28.33 -19.40 -9.92
N GLY E 466 -28.62 -20.70 -10.06
CA GLY E 466 -28.74 -21.58 -8.87
C GLY E 466 -27.40 -21.79 -8.14
N GLY E 467 -26.28 -21.54 -8.83
CA GLY E 467 -24.97 -21.70 -8.27
C GLY E 467 -24.37 -20.36 -7.86
N ALA E 468 -23.40 -20.41 -6.97
CA ALA E 468 -22.63 -19.22 -6.60
C ALA E 468 -21.65 -18.88 -7.73
N PHE E 469 -21.57 -17.60 -8.08
CA PHE E 469 -20.79 -17.14 -9.20
C PHE E 469 -19.63 -16.26 -8.76
N GLY E 470 -18.42 -16.62 -9.18
CA GLY E 470 -17.22 -15.84 -8.88
C GLY E 470 -15.98 -16.67 -9.05
N GLY E 471 -14.84 -16.07 -8.71
CA GLY E 471 -13.54 -16.71 -8.85
C GLY E 471 -12.62 -16.57 -7.67
N GLU E 472 -11.45 -17.14 -7.89
CA GLU E 472 -10.40 -17.22 -6.89
C GLU E 472 -9.18 -16.39 -7.32
N LYS E 473 -8.15 -16.34 -6.47
CA LYS E 473 -6.90 -15.66 -6.82
C LYS E 473 -7.18 -14.20 -7.11
N HIS E 474 -6.66 -13.66 -8.22
CA HIS E 474 -6.86 -12.26 -8.55
C HIS E 474 -8.25 -11.93 -9.05
N THR E 475 -9.14 -12.93 -9.16
CA THR E 475 -10.53 -12.68 -9.44
C THR E 475 -11.25 -12.17 -8.16
N GLY E 476 -10.63 -12.31 -6.99
CA GLY E 476 -11.03 -11.55 -5.82
C GLY E 476 -11.83 -12.27 -4.75
N GLY E 477 -12.38 -13.44 -5.06
CA GLY E 477 -13.01 -14.36 -4.08
C GLY E 477 -14.48 -14.17 -3.74
N GLY E 478 -15.10 -13.07 -4.18
CA GLY E 478 -16.51 -12.87 -3.92
C GLY E 478 -17.37 -13.89 -4.67
N ARG E 479 -18.60 -14.07 -4.20
CA ARG E 479 -19.59 -14.86 -4.91
C ARG E 479 -20.91 -14.09 -4.95
N GLU E 480 -21.59 -14.25 -6.08
CA GLU E 480 -22.93 -13.69 -6.30
C GLU E 480 -23.96 -14.82 -6.63
N SER E 481 -25.24 -14.49 -6.48
CA SER E 481 -26.38 -15.24 -6.97
C SER E 481 -26.74 -16.38 -6.04
N GLY E 482 -26.35 -17.62 -6.39
CA GLY E 482 -26.98 -18.80 -5.77
C GLY E 482 -26.19 -19.44 -4.64
N SER E 483 -26.55 -20.69 -4.37
CA SER E 483 -26.07 -21.41 -3.17
C SER E 483 -26.24 -20.48 -1.95
N ASP E 484 -25.24 -20.40 -1.08
CA ASP E 484 -25.31 -19.52 0.09
C ASP E 484 -24.53 -18.23 -0.06
N ALA E 485 -24.38 -17.75 -1.31
CA ALA E 485 -23.81 -16.44 -1.59
C ALA E 485 -24.48 -15.36 -0.73
N TRP E 486 -25.78 -15.55 -0.42
CA TRP E 486 -26.51 -14.57 0.40
C TRP E 486 -25.85 -14.22 1.71
N LYS E 487 -25.06 -15.15 2.27
CA LYS E 487 -24.41 -14.91 3.56
C LYS E 487 -23.43 -13.75 3.52
N GLN E 488 -22.92 -13.42 2.36
CA GLN E 488 -21.99 -12.30 2.23
C GLN E 488 -22.68 -10.95 2.47
N TYR E 489 -24.00 -10.94 2.34
CA TYR E 489 -24.83 -9.73 2.48
C TYR E 489 -25.45 -9.60 3.89
N MET E 490 -25.00 -10.46 4.79
CA MET E 490 -25.53 -10.51 6.14
C MET E 490 -24.46 -10.76 7.15
N ARG E 491 -24.76 -10.45 8.41
CA ARG E 491 -23.80 -10.75 9.50
C ARG E 491 -24.34 -11.84 10.38
N ARG E 492 -23.46 -12.78 10.68
CA ARG E 492 -23.73 -13.92 11.49
C ARG E 492 -23.54 -13.54 12.96
N SER E 493 -24.46 -14.01 13.80
CA SER E 493 -24.25 -14.03 15.23
C SER E 493 -24.49 -15.43 15.78
N THR E 494 -23.70 -15.78 16.80
CA THR E 494 -23.83 -17.02 17.52
C THR E 494 -24.35 -16.64 18.88
N CYS E 495 -25.53 -17.14 19.21
CA CYS E 495 -26.31 -16.56 20.30
C CYS E 495 -26.67 -17.63 21.35
N THR E 496 -26.13 -17.48 22.55
CA THR E 496 -26.45 -18.40 23.65
C THR E 496 -27.48 -17.75 24.58
N ILE E 497 -28.58 -18.46 24.83
CA ILE E 497 -29.67 -17.94 25.65
C ILE E 497 -29.84 -18.91 26.82
N ASN E 498 -29.51 -18.39 28.02
CA ASN E 498 -29.80 -19.08 29.25
C ASN E 498 -31.21 -18.74 29.65
N TYR E 499 -32.09 -19.74 29.49
CA TYR E 499 -33.52 -19.55 29.78
C TYR E 499 -33.93 -20.14 31.11
N SER E 500 -32.98 -20.69 31.86
CA SER E 500 -33.30 -21.44 33.06
C SER E 500 -33.04 -20.64 34.32
N SER F 3 19.34 -23.75 40.67
CA SER F 3 19.45 -23.53 39.19
C SER F 3 18.47 -22.44 38.72
N THR F 4 18.90 -21.64 37.76
CA THR F 4 18.20 -20.43 37.37
C THR F 4 16.87 -20.74 36.63
N LEU F 5 16.89 -21.71 35.72
CA LEU F 5 15.74 -21.98 34.89
C LEU F 5 14.78 -22.90 35.65
N LEU F 6 13.47 -22.60 35.63
CA LEU F 6 12.53 -23.42 36.38
C LEU F 6 12.63 -24.88 35.93
N ILE F 7 12.87 -25.13 34.65
CA ILE F 7 12.92 -26.51 34.15
C ILE F 7 14.00 -27.38 34.79
N ASN F 8 15.04 -26.74 35.30
CA ASN F 8 16.14 -27.41 36.00
C ASN F 8 15.93 -27.57 37.51
N GLN F 9 14.76 -27.17 38.04
CA GLN F 9 14.40 -27.32 39.45
C GLN F 9 13.52 -28.56 39.65
N PRO F 10 13.81 -29.38 40.69
CA PRO F 10 13.03 -30.60 40.85
C PRO F 10 11.51 -30.46 40.87
N GLN F 11 11.00 -29.40 41.47
CA GLN F 11 9.56 -29.23 41.64
C GLN F 11 8.86 -28.99 40.30
N TYR F 12 9.62 -28.66 39.25
CA TYR F 12 9.04 -28.44 37.90
C TYR F 12 9.47 -29.54 36.91
N ALA F 13 9.95 -30.67 37.45
CA ALA F 13 10.44 -31.74 36.60
C ALA F 13 9.34 -32.29 35.68
N TRP F 14 8.08 -32.11 36.07
CA TRP F 14 6.94 -32.53 35.22
C TRP F 14 6.97 -31.93 33.83
N LEU F 15 7.62 -30.78 33.69
CA LEU F 15 7.77 -30.15 32.38
C LEU F 15 8.41 -31.11 31.38
N LYS F 16 9.25 -32.01 31.86
CA LYS F 16 9.95 -32.96 31.00
C LYS F 16 9.02 -34.05 30.42
N GLU F 17 7.84 -34.23 31.01
CA GLU F 17 6.84 -35.15 30.50
C GLU F 17 6.28 -34.65 29.16
N LEU F 18 6.45 -33.36 28.87
CA LEU F 18 6.06 -32.78 27.59
C LEU F 18 7.19 -32.78 26.57
N GLY F 19 8.32 -33.35 26.95
CA GLY F 19 9.46 -33.44 26.06
C GLY F 19 10.31 -32.19 26.06
N LEU F 20 9.99 -31.27 26.97
CA LEU F 20 10.75 -30.00 27.08
C LEU F 20 12.10 -30.21 27.80
N ARG F 21 13.08 -29.42 27.36
CA ARG F 21 14.43 -29.44 27.91
C ARG F 21 14.87 -28.02 28.20
N GLU F 22 16.09 -27.82 28.69
CA GLU F 22 16.62 -26.47 28.97
C GLU F 22 16.57 -25.57 27.74
N GLU F 23 16.99 -26.09 26.59
CA GLU F 23 16.85 -25.38 25.33
C GLU F 23 16.17 -26.27 24.31
N ASN F 24 15.15 -25.71 23.66
CA ASN F 24 14.27 -26.45 22.78
C ASN F 24 14.31 -25.92 21.37
N GLU F 25 14.17 -26.83 20.41
CA GLU F 25 14.07 -26.45 19.01
C GLU F 25 12.66 -25.92 18.76
N GLY F 26 12.59 -24.77 18.08
CA GLY F 26 11.32 -24.08 17.86
C GLY F 26 10.84 -24.09 16.42
N VAL F 27 11.50 -24.89 15.61
CA VAL F 27 11.08 -25.15 14.22
C VAL F 27 10.84 -26.66 14.05
N TYR F 28 9.68 -27.00 13.50
CA TYR F 28 9.38 -28.40 13.13
C TYR F 28 8.79 -28.39 11.74
N ASN F 29 9.34 -29.22 10.87
CA ASN F 29 8.81 -29.39 9.54
C ASN F 29 8.94 -30.85 9.07
N GLY F 30 8.91 -31.80 10.02
CA GLY F 30 9.35 -33.15 9.80
C GLY F 30 10.67 -33.44 10.48
N SER F 31 11.51 -32.42 10.50
CA SER F 31 12.74 -32.36 11.27
C SER F 31 12.58 -31.19 12.26
N TRP F 32 13.34 -31.23 13.34
CA TRP F 32 13.34 -30.23 14.36
C TRP F 32 14.62 -29.39 14.19
N GLY F 33 14.52 -28.10 14.49
CA GLY F 33 15.67 -27.21 14.44
C GLY F 33 15.33 -25.81 14.86
N GLY F 34 16.07 -24.83 14.34
CA GLY F 34 15.89 -23.42 14.69
C GLY F 34 17.26 -22.79 14.72
N ARG F 35 17.55 -21.90 13.76
CA ARG F 35 18.84 -21.23 13.62
C ARG F 35 18.70 -19.75 13.91
N GLY F 36 17.49 -19.33 14.29
CA GLY F 36 17.19 -17.93 14.59
C GLY F 36 17.53 -17.56 16.03
N GLU F 37 16.95 -16.47 16.50
CA GLU F 37 17.22 -15.98 17.85
C GLU F 37 16.71 -16.94 18.91
N VAL F 38 17.50 -17.12 19.96
CA VAL F 38 17.07 -17.91 21.10
C VAL F 38 16.30 -16.96 22.02
N ILE F 39 15.14 -17.41 22.48
CA ILE F 39 14.27 -16.66 23.40
C ILE F 39 14.09 -17.49 24.67
N THR F 40 14.07 -16.81 25.80
CA THR F 40 13.76 -17.44 27.08
C THR F 40 12.39 -16.92 27.48
N THR F 41 11.49 -17.84 27.80
CA THR F 41 10.16 -17.46 28.27
C THR F 41 10.18 -17.49 29.80
N TYR F 42 9.40 -16.60 30.40
CA TYR F 42 9.28 -16.42 31.83
C TYR F 42 7.90 -16.75 32.41
N CYS F 43 7.89 -17.16 33.69
CA CYS F 43 6.67 -17.45 34.42
C CYS F 43 6.15 -16.15 35.00
N PRO F 44 4.95 -15.69 34.58
CA PRO F 44 4.49 -14.38 35.07
C PRO F 44 4.12 -14.32 36.55
N ALA F 45 3.97 -15.47 37.22
CA ALA F 45 3.60 -15.51 38.63
C ALA F 45 4.80 -15.25 39.54
N ASN F 46 6.01 -15.47 39.04
CA ASN F 46 7.24 -15.16 39.83
C ASN F 46 8.37 -14.50 39.07
N ASN F 47 8.18 -14.19 37.79
CA ASN F 47 9.19 -13.51 36.95
C ASN F 47 10.50 -14.28 36.83
N GLU F 48 10.40 -15.60 36.93
CA GLU F 48 11.54 -16.47 36.75
C GLU F 48 11.55 -17.09 35.37
N PRO F 49 12.76 -17.31 34.82
CA PRO F 49 12.84 -17.93 33.51
C PRO F 49 12.54 -19.42 33.55
N ILE F 50 11.87 -19.94 32.54
CA ILE F 50 11.41 -21.33 32.53
C ILE F 50 12.37 -22.21 31.75
N ALA F 51 12.57 -21.84 30.47
CA ALA F 51 13.41 -22.54 29.53
C ALA F 51 13.52 -21.70 28.28
N ARG F 52 14.29 -22.22 27.32
CA ARG F 52 14.64 -21.48 26.11
C ARG F 52 14.12 -22.19 24.85
N VAL F 53 13.84 -21.38 23.84
CA VAL F 53 13.45 -21.90 22.53
C VAL F 53 14.25 -21.24 21.41
N ARG F 54 14.80 -22.06 20.52
CA ARG F 54 15.50 -21.52 19.35
C ARG F 54 14.51 -21.26 18.22
N GLN F 55 14.33 -19.99 17.88
CA GLN F 55 13.30 -19.61 16.92
C GLN F 55 13.78 -19.76 15.48
N ALA F 56 12.84 -19.60 14.55
CA ALA F 56 13.11 -19.69 13.12
C ALA F 56 13.93 -18.54 12.53
N SER F 57 15.00 -18.88 11.81
CA SER F 57 15.63 -17.95 10.88
C SER F 57 14.81 -17.87 9.57
N VAL F 58 15.17 -16.92 8.71
CA VAL F 58 14.54 -16.83 7.39
C VAL F 58 14.71 -18.12 6.61
N ALA F 59 15.92 -18.67 6.66
CA ALA F 59 16.21 -19.95 5.98
C ALA F 59 15.31 -21.07 6.52
N ASP F 60 15.15 -21.10 7.84
CA ASP F 60 14.24 -22.06 8.47
C ASP F 60 12.82 -21.92 7.95
N TYR F 61 12.37 -20.67 7.87
CA TYR F 61 11.03 -20.41 7.36
C TYR F 61 10.88 -20.90 5.90
N GLU F 62 11.85 -20.58 5.05
CA GLU F 62 11.77 -20.97 3.64
C GLU F 62 11.74 -22.48 3.51
N GLU F 63 12.62 -23.16 4.24
CA GLU F 63 12.68 -24.61 4.22
C GLU F 63 11.35 -25.23 4.66
N THR F 64 10.72 -24.62 5.67
CA THR F 64 9.49 -25.15 6.22
C THR F 64 8.33 -24.97 5.25
N VAL F 65 8.21 -23.79 4.64
CA VAL F 65 7.12 -23.59 3.68
C VAL F 65 7.25 -24.60 2.53
N LYS F 66 8.46 -24.81 2.05
CA LYS F 66 8.68 -25.73 0.94
C LYS F 66 8.27 -27.16 1.35
N LYS F 67 8.70 -27.57 2.55
CA LYS F 67 8.37 -28.91 3.03
C LYS F 67 6.85 -29.04 3.25
N ALA F 68 6.22 -27.99 3.77
CA ALA F 68 4.75 -28.03 3.98
C ALA F 68 4.00 -28.17 2.63
N ARG F 69 4.49 -27.49 1.60
CA ARG F 69 3.80 -27.50 0.30
C ARG F 69 4.01 -28.86 -0.35
N GLU F 70 5.19 -29.44 -0.16
CA GLU F 70 5.44 -30.83 -0.61
C GLU F 70 4.53 -31.83 0.11
N ALA F 71 4.39 -31.67 1.43
CA ALA F 71 3.51 -32.53 2.18
C ALA F 71 2.06 -32.41 1.73
N TRP F 72 1.65 -31.20 1.34
CA TRP F 72 0.27 -30.94 0.95
C TRP F 72 -0.10 -31.88 -0.17
N LYS F 73 0.84 -32.14 -1.10
CA LYS F 73 0.53 -33.00 -2.24
C LYS F 73 0.10 -34.39 -1.82
N ILE F 74 0.72 -34.92 -0.78
CA ILE F 74 0.34 -36.19 -0.21
C ILE F 74 -0.97 -36.09 0.57
N TRP F 75 -1.05 -35.09 1.46
CA TRP F 75 -2.17 -34.95 2.37
C TRP F 75 -3.51 -34.71 1.69
N ALA F 76 -3.53 -33.88 0.65
CA ALA F 76 -4.76 -33.55 -0.04
C ALA F 76 -5.30 -34.72 -0.84
N ASP F 77 -4.45 -35.73 -1.09
CA ASP F 77 -4.90 -36.97 -1.76
C ASP F 77 -5.48 -37.99 -0.79
N ILE F 78 -5.37 -37.75 0.51
CA ILE F 78 -5.93 -38.62 1.52
C ILE F 78 -7.41 -38.30 1.69
N PRO F 79 -8.29 -39.30 1.51
CA PRO F 79 -9.71 -39.03 1.72
C PRO F 79 -10.03 -38.26 3.02
N ALA F 80 -10.98 -37.33 2.99
CA ALA F 80 -11.30 -36.56 4.20
C ALA F 80 -11.57 -37.43 5.44
N PRO F 81 -12.35 -38.51 5.32
CA PRO F 81 -12.58 -39.38 6.50
C PRO F 81 -11.29 -39.97 7.08
N LYS F 82 -10.33 -40.26 6.23
CA LYS F 82 -9.02 -40.76 6.70
C LYS F 82 -8.16 -39.65 7.32
N ARG F 83 -8.32 -38.42 6.82
CA ARG F 83 -7.77 -37.25 7.53
C ARG F 83 -8.41 -37.14 8.92
N GLY F 84 -9.72 -37.34 9.00
CA GLY F 84 -10.45 -37.34 10.25
C GLY F 84 -9.92 -38.35 11.24
N GLU F 85 -9.45 -39.48 10.74
CA GLU F 85 -8.82 -40.50 11.63
C GLU F 85 -7.55 -39.99 12.27
N ILE F 86 -6.72 -39.27 11.52
CA ILE F 86 -5.53 -38.64 12.08
C ILE F 86 -5.90 -37.64 13.17
N VAL F 87 -6.88 -36.81 12.89
CA VAL F 87 -7.35 -35.86 13.86
C VAL F 87 -7.93 -36.55 15.09
N ARG F 88 -8.60 -37.70 14.93
CA ARG F 88 -9.04 -38.49 16.10
C ARG F 88 -7.86 -38.88 16.98
N GLN F 89 -6.77 -39.33 16.36
CA GLN F 89 -5.58 -39.72 17.11
C GLN F 89 -4.92 -38.52 17.77
N ILE F 90 -4.92 -37.37 17.10
CA ILE F 90 -4.42 -36.16 17.77
C ILE F 90 -5.23 -35.85 19.02
N GLY F 91 -6.56 -35.97 18.94
CA GLY F 91 -7.41 -35.75 20.10
C GLY F 91 -7.04 -36.65 21.25
N ASP F 92 -6.81 -37.93 20.94
CA ASP F 92 -6.49 -38.92 21.98
C ASP F 92 -5.09 -38.65 22.57
N ALA F 93 -4.18 -38.17 21.72
CA ALA F 93 -2.82 -37.87 22.17
C ALA F 93 -2.83 -36.69 23.16
N LEU F 94 -3.65 -35.70 22.84
CA LEU F 94 -3.85 -34.56 23.73
C LEU F 94 -4.46 -35.01 25.04
N ARG F 95 -5.47 -35.89 24.97
CA ARG F 95 -6.10 -36.44 26.18
C ARG F 95 -5.08 -36.98 27.18
N GLU F 96 -4.13 -37.74 26.65
CA GLU F 96 -3.07 -38.37 27.44
C GLU F 96 -2.24 -37.34 28.22
N LYS F 97 -2.08 -36.14 27.68
CA LYS F 97 -1.18 -35.13 28.25
C LYS F 97 -1.92 -33.93 28.88
N ILE F 98 -3.20 -34.08 29.11
CA ILE F 98 -4.06 -32.96 29.44
C ILE F 98 -3.71 -32.22 30.75
N GLN F 99 -3.40 -32.98 31.79
CA GLN F 99 -3.03 -32.35 33.05
C GLN F 99 -1.71 -31.63 32.96
N VAL F 100 -0.71 -32.26 32.37
CA VAL F 100 0.61 -31.65 32.34
C VAL F 100 0.67 -30.46 31.33
N LEU F 101 0.01 -30.59 30.19
CA LEU F 101 -0.06 -29.50 29.24
C LEU F 101 -0.88 -28.33 29.83
N GLY F 102 -2.00 -28.63 30.51
CA GLY F 102 -2.76 -27.59 31.23
C GLY F 102 -1.91 -26.85 32.25
N SER F 103 -1.08 -27.61 32.97
CA SER F 103 -0.17 -27.04 33.96
C SER F 103 0.85 -26.08 33.33
N LEU F 104 1.36 -26.46 32.17
CA LEU F 104 2.27 -25.61 31.42
C LEU F 104 1.60 -24.32 30.99
N VAL F 105 0.35 -24.41 30.53
CA VAL F 105 -0.37 -23.18 30.17
C VAL F 105 -0.42 -22.27 31.40
N SER F 106 -0.77 -22.83 32.56
CA SER F 106 -0.81 -22.00 33.79
C SER F 106 0.56 -21.42 34.14
N LEU F 107 1.64 -22.16 33.90
CA LEU F 107 2.96 -21.73 34.29
C LEU F 107 3.52 -20.68 33.33
N GLU F 108 3.41 -20.90 32.04
CA GLU F 108 4.03 -20.01 31.03
C GLU F 108 3.12 -18.82 30.68
N MET F 109 1.81 -19.06 30.63
CA MET F 109 0.90 -18.00 30.28
C MET F 109 0.31 -17.26 31.49
N GLY F 110 -0.11 -18.00 32.50
CA GLY F 110 -0.55 -17.44 33.77
C GLY F 110 -1.99 -17.56 34.15
N LYS F 111 -2.84 -18.18 33.31
CA LYS F 111 -4.24 -18.40 33.68
C LYS F 111 -4.36 -19.59 34.64
N ILE F 112 -5.48 -19.67 35.36
CA ILE F 112 -5.63 -20.68 36.39
C ILE F 112 -5.75 -22.10 35.80
N LEU F 113 -5.45 -23.09 36.62
CA LEU F 113 -5.30 -24.45 36.16
C LEU F 113 -6.55 -24.98 35.44
N VAL F 114 -7.72 -24.72 36.00
CA VAL F 114 -8.94 -25.21 35.38
C VAL F 114 -9.08 -24.67 33.93
N GLU F 115 -8.57 -23.45 33.72
CA GLU F 115 -8.61 -22.84 32.38
C GLU F 115 -7.49 -23.33 31.47
N GLY F 116 -6.32 -23.60 32.03
CA GLY F 116 -5.27 -24.29 31.27
C GLY F 116 -5.69 -25.65 30.76
N VAL F 117 -6.13 -26.46 31.68
CA VAL F 117 -6.69 -27.77 31.35
C VAL F 117 -7.87 -27.63 30.36
N GLY F 118 -8.74 -26.66 30.59
CA GLY F 118 -9.90 -26.44 29.74
C GLY F 118 -9.56 -26.09 28.29
N GLU F 119 -8.45 -25.39 28.07
CA GLU F 119 -7.97 -25.15 26.68
C GLU F 119 -7.59 -26.44 26.01
N VAL F 120 -6.91 -27.33 26.74
CA VAL F 120 -6.52 -28.58 26.12
C VAL F 120 -7.78 -29.38 25.80
N GLN F 121 -8.75 -29.34 26.72
CA GLN F 121 -10.01 -30.06 26.54
C GLN F 121 -10.76 -29.49 25.32
N GLU F 122 -10.73 -28.18 25.14
CA GLU F 122 -11.36 -27.57 23.99
C GLU F 122 -10.75 -28.11 22.68
N TYR F 123 -9.43 -28.28 22.66
CA TYR F 123 -8.74 -28.82 21.47
C TYR F 123 -9.15 -30.29 21.27
N VAL F 124 -9.11 -31.05 22.35
CA VAL F 124 -9.64 -32.44 22.27
C VAL F 124 -11.06 -32.48 21.71
N ASP F 125 -11.93 -31.61 22.23
CA ASP F 125 -13.33 -31.57 21.77
C ASP F 125 -13.49 -31.20 20.29
N ILE F 126 -12.74 -30.21 19.83
CA ILE F 126 -12.92 -29.82 18.40
C ILE F 126 -12.36 -30.96 17.52
N CYS F 127 -11.36 -31.68 18.02
CA CYS F 127 -10.85 -32.84 17.27
C CYS F 127 -11.97 -33.86 17.10
N ASP F 128 -12.68 -34.15 18.18
CA ASP F 128 -13.76 -35.14 18.10
C ASP F 128 -14.90 -34.68 17.15
N TYR F 129 -15.17 -33.38 17.18
CA TYR F 129 -16.19 -32.76 16.32
C TYR F 129 -15.75 -32.92 14.85
N ALA F 130 -14.47 -32.62 14.60
CA ALA F 130 -13.88 -32.64 13.29
C ALA F 130 -13.92 -34.03 12.67
N VAL F 131 -13.79 -35.07 13.49
CA VAL F 131 -13.87 -36.43 13.00
C VAL F 131 -15.19 -36.69 12.26
N GLY F 132 -16.31 -36.30 12.86
CA GLY F 132 -17.60 -36.43 12.18
C GLY F 132 -17.73 -35.50 10.97
N LEU F 133 -17.24 -34.28 11.12
CA LEU F 133 -17.28 -33.30 10.04
C LEU F 133 -16.51 -33.78 8.80
N SER F 134 -15.46 -34.56 9.03
CA SER F 134 -14.67 -35.13 7.94
C SER F 134 -15.45 -36.05 7.02
N ARG F 135 -16.61 -36.50 7.46
CA ARG F 135 -17.52 -37.30 6.60
C ARG F 135 -18.69 -36.51 6.05
N MET F 136 -18.68 -35.19 6.26
CA MET F 136 -19.80 -34.30 5.98
C MET F 136 -19.44 -33.14 5.04
N ILE F 137 -18.21 -32.66 5.08
CA ILE F 137 -17.86 -31.43 4.36
C ILE F 137 -18.11 -31.60 2.87
N GLY F 138 -18.67 -30.56 2.28
CA GLY F 138 -18.99 -30.56 0.85
C GLY F 138 -20.06 -29.57 0.53
N GLY F 139 -20.56 -29.66 -0.70
CA GLY F 139 -21.62 -28.78 -1.16
C GLY F 139 -22.72 -29.49 -1.88
N PRO F 140 -23.78 -28.75 -2.21
CA PRO F 140 -24.91 -29.37 -2.85
C PRO F 140 -24.70 -29.79 -4.29
N ILE F 141 -25.42 -30.85 -4.66
CA ILE F 141 -25.66 -31.14 -6.07
CA ILE F 141 -25.70 -31.16 -6.05
C ILE F 141 -27.00 -30.44 -6.35
N LEU F 142 -26.97 -29.55 -7.33
CA LEU F 142 -28.06 -28.62 -7.63
C LEU F 142 -28.75 -28.98 -8.96
N PRO F 143 -30.03 -28.61 -9.10
CA PRO F 143 -30.71 -28.92 -10.33
C PRO F 143 -30.41 -27.90 -11.42
N SER F 144 -29.71 -28.33 -12.47
CA SER F 144 -29.36 -27.44 -13.57
C SER F 144 -30.60 -27.14 -14.37
N GLU F 145 -30.64 -25.92 -14.87
CA GLU F 145 -31.66 -25.53 -15.83
C GLU F 145 -31.47 -26.13 -17.21
N ARG F 146 -30.28 -26.72 -17.43
CA ARG F 146 -29.85 -27.28 -18.72
C ARG F 146 -30.10 -28.78 -18.73
N SER F 147 -30.89 -29.25 -19.71
CA SER F 147 -31.15 -30.68 -19.84
C SER F 147 -29.83 -31.39 -20.10
N GLY F 148 -29.67 -32.58 -19.55
CA GLY F 148 -28.45 -33.37 -19.74
C GLY F 148 -27.17 -32.78 -19.17
N HIS F 149 -27.31 -31.85 -18.22
CA HIS F 149 -26.17 -31.32 -17.47
C HIS F 149 -26.34 -31.59 -15.98
N ALA F 150 -25.22 -31.77 -15.28
CA ALA F 150 -25.17 -31.78 -13.82
C ALA F 150 -24.55 -30.46 -13.35
N LEU F 151 -24.95 -30.01 -12.16
CA LEU F 151 -24.42 -28.80 -11.55
C LEU F 151 -24.09 -29.17 -10.09
N ILE F 152 -22.81 -29.02 -9.74
CA ILE F 152 -22.28 -29.48 -8.46
C ILE F 152 -21.47 -28.38 -7.83
N GLU F 153 -21.66 -28.18 -6.54
CA GLU F 153 -20.76 -27.31 -5.79
C GLU F 153 -19.75 -28.17 -5.06
N GLN F 154 -18.48 -27.97 -5.41
CA GLN F 154 -17.36 -28.71 -4.83
C GLN F 154 -16.59 -27.82 -3.91
N TRP F 155 -15.96 -28.42 -2.91
CA TRP F 155 -15.07 -27.73 -2.00
C TRP F 155 -13.77 -28.50 -1.96
N ASN F 156 -12.67 -27.76 -2.06
CA ASN F 156 -11.34 -28.31 -2.07
C ASN F 156 -10.44 -27.51 -1.12
N PRO F 157 -9.37 -28.10 -0.63
CA PRO F 157 -8.49 -27.36 0.25
C PRO F 157 -7.88 -26.12 -0.39
N VAL F 158 -7.59 -25.11 0.42
CA VAL F 158 -6.88 -23.94 -0.08
C VAL F 158 -5.37 -24.20 -0.24
N GLY F 159 -4.82 -25.11 0.56
CA GLY F 159 -3.40 -25.47 0.48
C GLY F 159 -2.74 -25.36 1.84
N LEU F 160 -1.94 -24.30 1.97
CA LEU F 160 -1.22 -24.02 3.18
C LEU F 160 -1.98 -22.95 3.99
N VAL F 161 -2.29 -23.29 5.23
CA VAL F 161 -2.97 -22.40 6.15
C VAL F 161 -1.93 -21.98 7.24
N GLY F 162 -1.56 -20.72 7.23
CA GLY F 162 -0.69 -20.12 8.25
C GLY F 162 -1.62 -19.76 9.38
N ILE F 163 -1.15 -20.01 10.60
CA ILE F 163 -1.92 -19.77 11.81
C ILE F 163 -1.01 -19.00 12.75
N ILE F 164 -1.38 -17.74 13.02
CA ILE F 164 -0.71 -16.87 13.98
C ILE F 164 -1.66 -16.72 15.16
N THR F 165 -1.17 -17.00 16.36
CA THR F 165 -1.98 -17.01 17.54
C THR F 165 -1.42 -16.04 18.62
N ALA F 166 -2.34 -15.66 19.51
CA ALA F 166 -2.10 -14.69 20.58
C ALA F 166 -1.56 -15.40 21.82
N PHE F 167 -1.06 -14.63 22.77
CA PHE F 167 -0.57 -15.26 23.98
C PHE F 167 -1.66 -15.87 24.85
N ASN F 168 -2.89 -15.37 24.77
CA ASN F 168 -3.83 -15.59 25.87
C ASN F 168 -4.67 -16.88 25.78
N PHE F 169 -4.76 -17.43 24.56
CA PHE F 169 -5.29 -18.79 24.34
C PHE F 169 -4.25 -19.59 23.53
N PRO F 170 -3.12 -19.93 24.17
CA PRO F 170 -2.01 -20.47 23.44
C PRO F 170 -2.13 -21.90 22.91
N VAL F 171 -3.21 -22.59 23.32
CA VAL F 171 -3.51 -23.95 22.89
C VAL F 171 -4.79 -23.96 22.03
N ALA F 172 -5.89 -23.39 22.54
CA ALA F 172 -7.22 -23.63 21.96
C ALA F 172 -7.40 -23.00 20.57
N VAL F 173 -6.84 -21.81 20.35
CA VAL F 173 -7.05 -21.10 19.05
C VAL F 173 -6.33 -21.87 17.97
N TYR F 174 -5.09 -22.32 18.22
CA TYR F 174 -4.42 -23.16 17.26
C TYR F 174 -5.26 -24.42 17.00
N GLY F 175 -5.75 -25.01 18.09
CA GLY F 175 -6.52 -26.20 17.98
C GLY F 175 -7.74 -26.12 17.09
N TRP F 176 -8.49 -25.04 17.27
CA TRP F 176 -9.67 -24.84 16.47
C TRP F 176 -9.25 -24.80 15.02
N ASN F 177 -8.22 -24.03 14.73
CA ASN F 177 -7.73 -23.92 13.36
C ASN F 177 -7.18 -25.21 12.78
N ASN F 178 -6.33 -25.88 13.54
CA ASN F 178 -5.66 -27.10 13.14
C ASN F 178 -6.68 -28.20 12.80
N ALA F 179 -7.58 -28.49 13.70
CA ALA F 179 -8.49 -29.61 13.54
C ALA F 179 -9.34 -29.40 12.27
N ILE F 180 -9.91 -28.22 12.12
CA ILE F 180 -10.75 -27.91 10.97
C ILE F 180 -9.87 -27.84 9.68
N ALA F 181 -8.77 -27.11 9.70
CA ALA F 181 -7.89 -27.05 8.51
C ALA F 181 -7.48 -28.43 8.02
N MET F 182 -7.12 -29.31 8.97
CA MET F 182 -6.63 -30.63 8.64
C MET F 182 -7.70 -31.48 7.94
N ILE F 183 -8.90 -31.55 8.52
CA ILE F 183 -9.91 -32.43 7.90
C ILE F 183 -10.27 -31.86 6.51
N CYS F 184 -10.13 -30.55 6.32
CA CYS F 184 -10.39 -29.89 5.05
C CYS F 184 -9.27 -30.08 4.02
N GLY F 185 -8.22 -30.81 4.38
CA GLY F 185 -7.17 -31.24 3.45
C GLY F 185 -6.06 -30.23 3.25
N ASN F 186 -5.93 -29.32 4.22
CA ASN F 186 -4.86 -28.33 4.26
C ASN F 186 -3.73 -28.78 5.16
N VAL F 187 -2.54 -28.26 4.87
CA VAL F 187 -1.39 -28.33 5.76
C VAL F 187 -1.37 -27.01 6.55
N CYS F 188 -0.71 -27.04 7.70
CA CYS F 188 -0.68 -25.91 8.64
C CYS F 188 0.72 -25.45 8.94
N LEU F 189 0.89 -24.15 9.18
CA LEU F 189 2.13 -23.57 9.64
C LEU F 189 1.79 -22.64 10.77
N TRP F 190 2.28 -22.97 11.97
CA TRP F 190 1.96 -22.25 13.19
C TRP F 190 3.09 -21.35 13.58
N LYS F 191 2.75 -20.11 13.87
CA LYS F 191 3.65 -19.18 14.56
C LYS F 191 2.89 -18.62 15.78
N GLY F 192 3.19 -19.15 16.97
CA GLY F 192 2.48 -18.73 18.14
C GLY F 192 3.12 -17.49 18.74
N ALA F 193 2.55 -17.02 19.84
CA ALA F 193 3.10 -15.88 20.56
C ALA F 193 4.47 -16.23 21.10
N PRO F 194 5.45 -15.34 20.94
CA PRO F 194 6.77 -15.70 21.46
C PRO F 194 6.81 -15.99 22.98
N THR F 195 6.00 -15.30 23.75
CA THR F 195 5.98 -15.51 25.19
C THR F 195 5.25 -16.80 25.64
N THR F 196 4.73 -17.54 24.68
CA THR F 196 4.14 -18.86 24.95
C THR F 196 4.80 -19.92 24.02
N SER F 197 6.10 -19.72 23.76
CA SER F 197 6.88 -20.61 22.89
C SER F 197 6.96 -22.05 23.40
N LEU F 198 7.10 -22.23 24.71
CA LEU F 198 7.16 -23.61 25.25
C LEU F 198 5.84 -24.33 25.01
N ILE F 199 4.74 -23.64 25.18
CA ILE F 199 3.42 -24.23 24.86
C ILE F 199 3.34 -24.66 23.39
N SER F 200 3.80 -23.80 22.48
CA SER F 200 3.70 -24.13 21.06
C SER F 200 4.56 -25.38 20.73
N VAL F 201 5.77 -25.41 21.29
CA VAL F 201 6.63 -26.56 21.15
C VAL F 201 6.02 -27.82 21.73
N ALA F 202 5.46 -27.72 22.93
CA ALA F 202 4.87 -28.91 23.57
C ALA F 202 3.71 -29.47 22.74
N VAL F 203 2.84 -28.59 22.26
CA VAL F 203 1.70 -29.06 21.47
C VAL F 203 2.25 -29.70 20.17
N THR F 204 3.22 -29.03 19.55
CA THR F 204 3.79 -29.52 18.30
C THR F 204 4.44 -30.91 18.48
N LYS F 205 5.07 -31.16 19.64
CA LYS F 205 5.64 -32.48 19.93
C LYS F 205 4.55 -33.55 19.94
N ILE F 206 3.40 -33.25 20.52
CA ILE F 206 2.29 -34.20 20.63
C ILE F 206 1.77 -34.53 19.22
N ILE F 207 1.56 -33.49 18.42
CA ILE F 207 1.10 -33.68 17.05
C ILE F 207 2.10 -34.41 16.15
N ALA F 208 3.35 -33.97 16.22
CA ALA F 208 4.45 -34.57 15.44
C ALA F 208 4.49 -36.09 15.64
N LYS F 209 4.31 -36.55 16.88
CA LYS F 209 4.39 -37.98 17.16
C LYS F 209 3.28 -38.73 16.43
N VAL F 210 2.07 -38.15 16.43
CA VAL F 210 0.95 -38.82 15.79
C VAL F 210 1.22 -38.89 14.28
N LEU F 211 1.69 -37.79 13.69
CA LEU F 211 1.98 -37.80 12.23
C LEU F 211 3.06 -38.85 11.91
N GLU F 212 4.13 -38.84 12.70
CA GLU F 212 5.23 -39.76 12.49
C GLU F 212 4.82 -41.21 12.67
N ASP F 213 4.01 -41.46 13.70
CA ASP F 213 3.52 -42.81 13.97
C ASP F 213 2.67 -43.35 12.76
N ASN F 214 1.97 -42.44 12.09
CA ASN F 214 1.15 -42.79 10.92
C ASN F 214 1.90 -42.67 9.59
N LYS F 215 3.21 -42.53 9.69
CA LYS F 215 4.09 -42.42 8.52
C LYS F 215 3.63 -41.33 7.54
N LEU F 216 3.26 -40.20 8.10
CA LEU F 216 2.91 -39.02 7.32
C LEU F 216 3.95 -37.95 7.49
N PRO F 217 4.15 -37.09 6.46
CA PRO F 217 5.12 -36.05 6.63
C PRO F 217 4.75 -35.07 7.75
N GLY F 218 5.67 -34.82 8.63
CA GLY F 218 5.40 -33.97 9.75
C GLY F 218 5.07 -32.52 9.39
N ALA F 219 5.52 -32.05 8.22
CA ALA F 219 5.21 -30.70 7.81
C ALA F 219 3.73 -30.44 7.55
N ILE F 220 2.88 -31.47 7.62
CA ILE F 220 1.43 -31.24 7.63
C ILE F 220 1.05 -30.31 8.79
N CYS F 221 1.79 -30.38 9.90
CA CYS F 221 1.61 -29.46 11.04
C CYS F 221 2.95 -28.87 11.45
N SER F 222 3.40 -27.89 10.68
CA SER F 222 4.71 -27.26 10.84
C SER F 222 4.63 -26.17 11.89
N LEU F 223 5.77 -25.93 12.50
CA LEU F 223 5.94 -24.90 13.50
C LEU F 223 7.15 -24.07 13.12
N THR F 224 6.98 -22.76 13.09
CA THR F 224 8.10 -21.86 13.01
C THR F 224 7.92 -20.80 14.08
N CYS F 225 8.54 -20.99 15.23
CA CYS F 225 8.46 -20.00 16.28
C CYS F 225 9.17 -18.71 15.86
N GLY F 226 8.56 -17.58 16.21
CA GLY F 226 9.16 -16.29 15.94
C GLY F 226 8.19 -15.22 16.33
N GLY F 227 8.59 -13.98 16.07
CA GLY F 227 7.78 -12.82 16.37
C GLY F 227 7.25 -12.09 15.14
N ALA F 228 7.36 -10.78 15.15
CA ALA F 228 6.78 -9.97 14.08
C ALA F 228 7.42 -10.27 12.71
N ASP F 229 8.69 -10.63 12.68
CA ASP F 229 9.36 -10.86 11.36
C ASP F 229 8.84 -12.09 10.65
N ILE F 230 8.68 -13.19 11.39
CA ILE F 230 8.09 -14.37 10.82
C ILE F 230 6.61 -14.13 10.47
N GLY F 231 5.87 -13.42 11.34
CA GLY F 231 4.47 -13.17 11.11
C GLY F 231 4.25 -12.33 9.86
N THR F 232 5.11 -11.34 9.67
CA THR F 232 5.03 -10.47 8.48
C THR F 232 5.36 -11.28 7.21
N ALA F 233 6.35 -12.18 7.30
CA ALA F 233 6.76 -13.01 6.20
C ALA F 233 5.54 -13.83 5.77
N MET F 234 4.83 -14.41 6.74
CA MET F 234 3.61 -15.22 6.47
C MET F 234 2.55 -14.35 5.81
N ALA F 235 2.37 -13.13 6.31
CA ALA F 235 1.35 -12.23 5.76
C ALA F 235 1.64 -11.82 4.30
N LYS F 236 2.93 -11.74 3.96
CA LYS F 236 3.36 -11.37 2.60
C LYS F 236 3.57 -12.53 1.65
N ASP F 237 3.54 -13.76 2.18
CA ASP F 237 3.91 -14.97 1.42
C ASP F 237 2.77 -15.51 0.56
N GLU F 238 2.93 -15.42 -0.77
CA GLU F 238 1.92 -15.97 -1.68
C GLU F 238 1.71 -17.48 -1.52
N ARG F 239 2.66 -18.17 -0.91
CA ARG F 239 2.49 -19.63 -0.69
C ARG F 239 1.58 -19.95 0.51
N VAL F 240 1.26 -18.93 1.32
CA VAL F 240 0.36 -19.09 2.46
C VAL F 240 -1.02 -18.73 1.94
N ASN F 241 -1.76 -19.76 1.58
CA ASN F 241 -3.06 -19.56 0.89
C ASN F 241 -4.10 -18.89 1.79
N LEU F 242 -4.14 -19.30 3.06
CA LEU F 242 -5.00 -18.71 4.06
C LEU F 242 -4.14 -18.37 5.26
N LEU F 243 -4.29 -17.14 5.76
CA LEU F 243 -3.64 -16.74 7.01
C LEU F 243 -4.70 -16.47 8.04
N SER F 244 -4.75 -17.34 9.05
CA SER F 244 -5.62 -17.17 10.23
C SER F 244 -4.81 -16.44 11.30
N PHE F 245 -5.27 -15.25 11.66
CA PHE F 245 -4.58 -14.39 12.61
C PHE F 245 -5.49 -14.04 13.78
N THR F 246 -5.02 -14.39 14.97
CA THR F 246 -5.65 -14.04 16.23
C THR F 246 -4.68 -13.15 17.00
N GLY F 247 -5.14 -11.95 17.31
CA GLY F 247 -4.31 -10.96 17.98
C GLY F 247 -4.97 -9.61 18.02
N SER F 248 -4.19 -8.60 18.29
CA SER F 248 -4.73 -7.26 18.38
C SER F 248 -5.27 -6.72 17.07
N THR F 249 -6.21 -5.79 17.19
CA THR F 249 -6.74 -5.13 16.02
C THR F 249 -5.64 -4.37 15.30
N GLN F 250 -4.70 -3.77 16.04
CA GLN F 250 -3.65 -2.96 15.43
C GLN F 250 -2.76 -3.83 14.52
N VAL F 251 -2.27 -4.98 15.00
CA VAL F 251 -1.47 -5.85 14.15
C VAL F 251 -2.34 -6.50 13.07
N GLY F 252 -3.56 -6.92 13.44
CA GLY F 252 -4.45 -7.60 12.50
C GLY F 252 -4.82 -6.78 11.29
N LYS F 253 -5.01 -5.48 11.49
CA LYS F 253 -5.28 -4.59 10.38
C LYS F 253 -4.16 -4.66 9.36
N GLN F 254 -2.91 -4.64 9.83
CA GLN F 254 -1.75 -4.64 8.93
C GLN F 254 -1.62 -6.00 8.24
N VAL F 255 -1.84 -7.07 8.99
CA VAL F 255 -1.90 -8.42 8.40
C VAL F 255 -2.95 -8.47 7.30
N GLY F 256 -4.16 -8.02 7.61
CA GLY F 256 -5.24 -8.06 6.63
C GLY F 256 -4.88 -7.30 5.35
N LEU F 257 -4.23 -6.15 5.51
CA LEU F 257 -3.80 -5.36 4.35
C LEU F 257 -2.76 -6.10 3.51
N MET F 258 -1.77 -6.68 4.16
CA MET F 258 -0.73 -7.42 3.45
C MET F 258 -1.31 -8.60 2.69
N VAL F 259 -2.27 -9.29 3.31
CA VAL F 259 -2.85 -10.46 2.65
C VAL F 259 -3.71 -9.99 1.44
N GLN F 260 -4.47 -8.92 1.64
CA GLN F 260 -5.35 -8.40 0.58
C GLN F 260 -4.54 -7.90 -0.62
N GLU F 261 -3.39 -7.26 -0.33
CA GLU F 261 -2.45 -6.81 -1.38
C GLU F 261 -2.04 -7.90 -2.36
N ARG F 262 -1.88 -9.12 -1.88
CA ARG F 262 -1.47 -10.25 -2.66
C ARG F 262 -2.64 -11.17 -3.04
N PHE F 263 -3.87 -10.72 -2.84
CA PHE F 263 -5.05 -11.52 -3.13
C PHE F 263 -5.01 -12.91 -2.47
N GLY F 264 -4.51 -12.92 -1.25
CA GLY F 264 -4.64 -14.07 -0.37
C GLY F 264 -5.98 -14.08 0.38
N ARG F 265 -6.15 -15.08 1.23
CA ARG F 265 -7.29 -15.15 2.15
C ARG F 265 -6.80 -14.88 3.55
N SER F 266 -7.58 -14.13 4.31
CA SER F 266 -7.31 -13.97 5.75
C SER F 266 -8.54 -14.31 6.57
N LEU F 267 -8.28 -14.82 7.78
CA LEU F 267 -9.31 -15.05 8.75
C LEU F 267 -8.83 -14.30 9.99
N LEU F 268 -9.49 -13.17 10.30
CA LEU F 268 -9.02 -12.24 11.33
C LEU F 268 -9.90 -12.35 12.56
N GLU F 269 -9.25 -12.53 13.70
CA GLU F 269 -9.89 -12.71 15.00
C GLU F 269 -9.23 -11.75 15.97
N LEU F 270 -9.81 -10.54 16.06
CA LEU F 270 -9.07 -9.40 16.65
C LEU F 270 -9.66 -8.99 18.00
N GLY F 271 -9.53 -7.72 18.35
CA GLY F 271 -9.86 -7.25 19.67
C GLY F 271 -11.34 -7.18 20.00
N GLY F 272 -11.59 -7.11 21.30
CA GLY F 272 -12.90 -6.97 21.88
C GLY F 272 -12.96 -5.84 22.85
N ASN F 273 -14.19 -5.39 23.07
CA ASN F 273 -14.54 -4.39 24.10
C ASN F 273 -15.94 -4.69 24.56
N ASN F 274 -16.07 -5.85 25.17
CA ASN F 274 -17.37 -6.51 25.29
C ASN F 274 -18.20 -5.97 26.44
N ALA F 275 -19.47 -5.71 26.18
CA ALA F 275 -20.39 -5.17 27.16
C ALA F 275 -21.35 -6.21 27.71
N ILE F 276 -21.66 -6.06 28.99
CA ILE F 276 -22.76 -6.72 29.65
C ILE F 276 -23.77 -5.60 29.97
N ILE F 277 -25.05 -5.87 29.74
CA ILE F 277 -26.12 -4.92 30.03
C ILE F 277 -27.11 -5.59 30.97
N ALA F 278 -27.36 -4.96 32.13
CA ALA F 278 -28.26 -5.47 33.16
C ALA F 278 -29.50 -4.58 33.24
N PHE F 279 -30.61 -5.10 32.76
CA PHE F 279 -31.89 -4.39 32.83
C PHE F 279 -32.53 -4.50 34.20
N GLU F 280 -33.50 -3.63 34.47
CA GLU F 280 -34.14 -3.57 35.80
C GLU F 280 -34.75 -4.87 36.21
N ASP F 281 -35.17 -5.71 35.25
CA ASP F 281 -35.81 -7.01 35.59
C ASP F 281 -34.83 -8.16 35.70
N ALA F 282 -33.53 -7.87 35.60
CA ALA F 282 -32.53 -8.92 35.65
C ALA F 282 -32.54 -9.64 37.01
N ASP F 283 -32.19 -10.92 36.99
CA ASP F 283 -31.91 -11.65 38.22
C ASP F 283 -30.51 -11.27 38.70
N LEU F 284 -30.43 -10.49 39.77
CA LEU F 284 -29.14 -10.01 40.25
C LEU F 284 -28.25 -11.11 40.82
N SER F 285 -28.84 -12.20 41.30
CA SER F 285 -28.05 -13.32 41.80
C SER F 285 -27.33 -14.02 40.65
N LEU F 286 -27.75 -13.72 39.43
CA LEU F 286 -27.10 -14.21 38.24
C LEU F 286 -26.14 -13.14 37.70
N VAL F 287 -26.62 -11.91 37.68
CA VAL F 287 -25.82 -10.80 37.15
C VAL F 287 -24.47 -10.66 37.85
N VAL F 288 -24.49 -10.73 39.18
CA VAL F 288 -23.27 -10.41 39.93
C VAL F 288 -22.16 -11.45 39.70
N PRO F 289 -22.44 -12.75 39.94
CA PRO F 289 -21.38 -13.72 39.65
C PRO F 289 -21.02 -13.80 38.16
N SER F 290 -21.97 -13.56 37.29
CA SER F 290 -21.67 -13.53 35.84
C SER F 290 -20.70 -12.40 35.48
N ALA F 291 -20.96 -11.20 35.99
CA ALA F 291 -20.10 -10.05 35.69
C ALA F 291 -18.70 -10.23 36.31
N LEU F 292 -18.70 -10.76 37.54
CA LEU F 292 -17.44 -11.06 38.21
C LEU F 292 -16.56 -11.98 37.35
N PHE F 293 -17.15 -13.10 36.92
CA PHE F 293 -16.39 -14.07 36.11
C PHE F 293 -15.95 -13.47 34.77
N ALA F 294 -16.89 -12.82 34.10
CA ALA F 294 -16.66 -12.19 32.79
C ALA F 294 -15.55 -11.14 32.84
N ALA F 295 -15.54 -10.38 33.92
CA ALA F 295 -14.62 -9.26 34.02
C ALA F 295 -13.25 -9.66 34.57
N VAL F 296 -13.24 -10.53 35.58
CA VAL F 296 -12.01 -10.88 36.28
C VAL F 296 -11.41 -12.23 35.86
N GLY F 297 -12.20 -13.11 35.24
CA GLY F 297 -11.66 -14.35 34.75
C GLY F 297 -10.44 -14.12 33.89
N THR F 298 -9.41 -14.96 34.03
CA THR F 298 -8.16 -14.85 33.25
C THR F 298 -7.43 -13.52 33.47
N ALA F 299 -7.66 -12.94 34.65
CA ALA F 299 -7.16 -11.58 35.01
C ALA F 299 -7.48 -10.59 33.90
N GLY F 300 -8.68 -10.72 33.33
CA GLY F 300 -9.15 -9.76 32.36
C GLY F 300 -8.48 -9.86 31.00
N GLN F 301 -7.88 -11.01 30.71
CA GLN F 301 -7.12 -11.26 29.53
C GLN F 301 -7.74 -12.27 28.58
N ARG F 302 -9.06 -12.32 28.52
CA ARG F 302 -9.70 -13.01 27.41
C ARG F 302 -10.09 -11.97 26.37
N CYS F 303 -10.09 -12.35 25.09
CA CYS F 303 -10.69 -11.48 24.08
C CYS F 303 -12.15 -11.15 24.38
N THR F 304 -12.84 -12.13 24.97
CA THR F 304 -14.27 -12.01 25.34
C THR F 304 -14.53 -11.44 26.75
N THR F 305 -13.48 -10.95 27.42
CA THR F 305 -13.65 -10.35 28.73
C THR F 305 -14.63 -9.21 28.70
N ALA F 306 -15.48 -9.12 29.73
CA ALA F 306 -16.38 -7.97 29.91
C ALA F 306 -15.58 -6.78 30.38
N ARG F 307 -15.61 -5.71 29.57
CA ARG F 307 -14.90 -4.46 29.86
C ARG F 307 -15.85 -3.29 30.12
N ARG F 308 -17.10 -3.42 29.68
CA ARG F 308 -18.13 -2.41 29.89
C ARG F 308 -19.34 -3.07 30.53
N LEU F 309 -19.82 -2.48 31.64
CA LEU F 309 -21.02 -2.99 32.30
C LEU F 309 -22.04 -1.86 32.43
N PHE F 310 -23.14 -2.01 31.69
CA PHE F 310 -24.23 -1.04 31.71
C PHE F 310 -25.30 -1.60 32.63
N ILE F 311 -25.70 -0.79 33.62
CA ILE F 311 -26.66 -1.25 34.59
C ILE F 311 -27.80 -0.23 34.67
N HIS F 312 -29.02 -0.73 34.63
CA HIS F 312 -30.15 0.19 34.75
C HIS F 312 -30.00 1.07 36.01
N GLU F 313 -30.38 2.33 35.89
CA GLU F 313 -30.26 3.30 37.00
C GLU F 313 -30.85 2.80 38.34
N SER F 314 -31.91 2.02 38.26
CA SER F 314 -32.64 1.60 39.45
C SER F 314 -31.83 0.60 40.27
N ILE F 315 -30.94 -0.15 39.62
CA ILE F 315 -30.19 -1.22 40.27
C ILE F 315 -28.68 -1.01 40.21
N HIS F 316 -28.23 0.11 39.65
CA HIS F 316 -26.79 0.38 39.48
C HIS F 316 -26.01 0.28 40.82
N ASP F 317 -26.46 1.01 41.82
CA ASP F 317 -25.70 1.10 43.06
C ASP F 317 -25.65 -0.26 43.76
N GLU F 318 -26.77 -0.98 43.81
CA GLU F 318 -26.80 -2.32 44.39
C GLU F 318 -25.86 -3.27 43.69
N VAL F 319 -25.88 -3.27 42.37
CA VAL F 319 -24.99 -4.18 41.62
C VAL F 319 -23.52 -3.83 41.86
N VAL F 320 -23.19 -2.55 41.78
CA VAL F 320 -21.83 -2.11 42.08
C VAL F 320 -21.41 -2.54 43.49
N ASN F 321 -22.26 -2.35 44.49
CA ASN F 321 -21.86 -2.70 45.86
C ASN F 321 -21.66 -4.18 45.99
N ARG F 322 -22.53 -4.96 45.37
CA ARG F 322 -22.36 -6.42 45.38
C ARG F 322 -21.10 -6.88 44.65
N LEU F 323 -20.75 -6.22 43.55
CA LEU F 323 -19.50 -6.49 42.86
C LEU F 323 -18.29 -6.17 43.71
N LYS F 324 -18.28 -5.02 44.37
CA LYS F 324 -17.15 -4.63 45.23
C LYS F 324 -16.95 -5.66 46.32
N LYS F 325 -18.07 -6.13 46.87
CA LYS F 325 -18.03 -7.15 47.92
C LYS F 325 -17.39 -8.44 47.39
N ALA F 326 -17.85 -8.87 46.21
CA ALA F 326 -17.32 -10.09 45.59
C ALA F 326 -15.84 -9.97 45.19
N TYR F 327 -15.43 -8.82 44.64
CA TYR F 327 -14.02 -8.58 44.28
C TYR F 327 -13.07 -8.77 45.47
N ALA F 328 -13.50 -8.34 46.67
CA ALA F 328 -12.65 -8.45 47.89
C ALA F 328 -12.46 -9.89 48.33
N GLN F 329 -13.35 -10.78 47.90
CA GLN F 329 -13.32 -12.18 48.32
C GLN F 329 -12.59 -13.09 47.31
N ILE F 330 -12.03 -12.52 46.26
CA ILE F 330 -11.36 -13.32 45.24
C ILE F 330 -10.07 -13.97 45.77
N ARG F 331 -9.89 -15.27 45.53
CA ARG F 331 -8.68 -15.97 45.97
C ARG F 331 -7.55 -15.87 44.95
N VAL F 332 -6.48 -15.20 45.40
CA VAL F 332 -5.31 -14.89 44.60
C VAL F 332 -4.23 -15.89 44.97
N GLY F 333 -3.42 -16.27 43.98
CA GLY F 333 -2.21 -17.09 44.23
C GLY F 333 -1.55 -17.52 42.92
N ASN F 334 -0.64 -18.47 42.99
CA ASN F 334 0.00 -19.03 41.80
C ASN F 334 -1.06 -19.77 41.01
N PRO F 335 -1.15 -19.50 39.72
CA PRO F 335 -2.29 -19.95 38.96
C PRO F 335 -2.37 -21.46 38.75
N TRP F 336 -1.28 -22.18 38.99
CA TRP F 336 -1.28 -23.62 38.92
C TRP F 336 -1.69 -24.26 40.24
N ASP F 337 -1.93 -23.48 41.29
CA ASP F 337 -2.41 -23.98 42.60
C ASP F 337 -3.94 -24.18 42.54
N PRO F 338 -4.42 -25.40 42.86
CA PRO F 338 -5.86 -25.66 42.87
C PRO F 338 -6.82 -24.63 43.50
N ASN F 339 -6.48 -23.95 44.60
CA ASN F 339 -7.52 -23.07 45.21
C ASN F 339 -7.70 -21.72 44.49
N VAL F 340 -6.83 -21.44 43.53
CA VAL F 340 -6.66 -20.08 43.10
C VAL F 340 -7.62 -19.73 41.97
N LEU F 341 -8.25 -18.57 42.10
CA LEU F 341 -9.15 -18.09 41.09
C LEU F 341 -8.59 -16.89 40.30
N TYR F 342 -7.49 -16.32 40.76
CA TYR F 342 -6.96 -15.09 40.20
C TYR F 342 -5.41 -15.07 40.16
N GLY F 343 -4.90 -15.04 38.93
CA GLY F 343 -3.50 -15.13 38.64
C GLY F 343 -2.95 -13.78 38.21
N PRO F 344 -1.71 -13.78 37.72
CA PRO F 344 -1.04 -12.54 37.28
C PRO F 344 -1.36 -12.15 35.85
N LEU F 345 -1.02 -10.90 35.50
CA LEU F 345 -1.03 -10.47 34.12
C LEU F 345 0.19 -11.09 33.47
N HIS F 346 0.17 -11.13 32.15
CA HIS F 346 1.10 -11.94 31.41
C HIS F 346 2.53 -11.35 31.37
N THR F 347 2.62 -10.02 31.43
CA THR F 347 3.90 -9.33 31.34
C THR F 347 3.97 -8.15 32.29
N LYS F 348 5.19 -7.69 32.57
CA LYS F 348 5.36 -6.42 33.31
C LYS F 348 4.84 -5.22 32.51
N GLN F 349 5.01 -5.26 31.20
CA GLN F 349 4.40 -4.20 30.36
C GLN F 349 2.87 -4.11 30.53
N ALA F 350 2.18 -5.25 30.60
CA ALA F 350 0.74 -5.27 30.86
C ALA F 350 0.35 -4.60 32.19
N VAL F 351 1.19 -4.81 33.21
CA VAL F 351 1.01 -4.11 34.51
C VAL F 351 1.07 -2.58 34.34
N SER F 352 2.07 -2.11 33.62
CA SER F 352 2.24 -0.68 33.40
C SER F 352 1.06 -0.12 32.58
N MET F 353 0.60 -0.89 31.60
CA MET F 353 -0.55 -0.49 30.80
C MET F 353 -1.85 -0.43 31.60
N PHE F 354 -2.01 -1.36 32.54
CA PHE F 354 -3.10 -1.31 33.54
C PHE F 354 -3.06 0.01 34.32
N LEU F 355 -1.90 0.37 34.86
CA LEU F 355 -1.73 1.61 35.63
C LEU F 355 -2.03 2.82 34.78
N GLY F 356 -1.60 2.79 33.50
CA GLY F 356 -1.88 3.88 32.57
C GLY F 356 -3.36 4.07 32.31
N ALA F 357 -4.09 2.97 32.10
CA ALA F 357 -5.52 3.06 31.84
C ALA F 357 -6.27 3.54 33.08
N VAL F 358 -5.85 3.09 34.26
CA VAL F 358 -6.47 3.56 35.50
C VAL F 358 -6.25 5.09 35.64
N GLU F 359 -5.04 5.57 35.37
CA GLU F 359 -4.79 7.02 35.40
C GLU F 359 -5.61 7.79 34.35
N GLU F 360 -5.69 7.26 33.15
CA GLU F 360 -6.52 7.89 32.12
C GLU F 360 -8.00 7.94 32.54
N ALA F 361 -8.48 6.86 33.14
CA ALA F 361 -9.89 6.81 33.61
C ALA F 361 -10.13 7.93 34.59
N LYS F 362 -9.16 8.16 35.49
CA LYS F 362 -9.27 9.24 36.49
C LYS F 362 -9.25 10.60 35.79
N LYS F 363 -8.37 10.78 34.81
CA LYS F 363 -8.36 12.05 34.04
C LYS F 363 -9.66 12.35 33.35
N GLU F 364 -10.36 11.30 32.92
CA GLU F 364 -11.57 11.45 32.14
C GLU F 364 -12.81 11.51 33.02
N GLY F 365 -12.63 11.60 34.34
CA GLY F 365 -13.76 11.82 35.26
C GLY F 365 -14.22 10.61 36.05
N GLY F 366 -13.55 9.48 35.85
CA GLY F 366 -13.92 8.24 36.49
C GLY F 366 -13.48 8.17 37.93
N THR F 367 -14.19 7.35 38.71
CA THR F 367 -13.82 7.04 40.09
C THR F 367 -13.51 5.56 40.21
N VAL F 368 -12.31 5.23 40.71
CA VAL F 368 -12.00 3.85 41.09
C VAL F 368 -12.66 3.50 42.40
N VAL F 369 -13.70 2.67 42.32
CA VAL F 369 -14.47 2.23 43.50
C VAL F 369 -13.95 0.93 44.12
N TYR F 370 -13.17 0.16 43.36
CA TYR F 370 -12.46 -1.00 43.88
C TYR F 370 -11.18 -1.15 43.06
N GLY F 371 -10.05 -1.39 43.73
CA GLY F 371 -8.84 -1.79 43.01
C GLY F 371 -7.98 -0.61 42.59
N GLY F 372 -7.36 -0.77 41.42
CA GLY F 372 -6.64 0.30 40.75
C GLY F 372 -5.15 0.24 40.99
N LYS F 373 -4.69 -0.69 41.84
CA LYS F 373 -3.29 -0.72 42.25
C LYS F 373 -2.64 -2.04 41.89
N VAL F 374 -1.31 -2.04 41.81
CA VAL F 374 -0.54 -3.27 41.72
C VAL F 374 -0.65 -3.98 43.09
N MET F 375 -0.62 -5.31 43.11
CA MET F 375 -0.54 -6.03 44.38
C MET F 375 0.91 -6.12 44.84
N ASP F 376 1.12 -6.07 46.15
CA ASP F 376 2.48 -6.09 46.71
C ASP F 376 2.88 -7.54 46.98
N ARG F 377 3.26 -8.21 45.89
CA ARG F 377 3.64 -9.61 45.88
C ARG F 377 4.48 -9.90 44.64
N PRO F 378 5.26 -10.98 44.64
CA PRO F 378 5.97 -11.44 43.45
C PRO F 378 5.06 -11.67 42.23
N GLY F 379 5.62 -11.46 41.05
CA GLY F 379 4.86 -11.64 39.82
C GLY F 379 4.04 -10.44 39.39
N ASN F 380 3.30 -10.59 38.28
CA ASN F 380 2.66 -9.45 37.64
C ASN F 380 1.21 -9.26 38.07
N TYR F 381 0.98 -9.18 39.37
CA TYR F 381 -0.37 -9.15 39.91
C TYR F 381 -0.87 -7.73 40.10
N VAL F 382 -2.10 -7.49 39.66
CA VAL F 382 -2.78 -6.25 39.84
C VAL F 382 -4.12 -6.53 40.47
N GLU F 383 -4.66 -5.50 41.14
CA GLU F 383 -6.01 -5.60 41.71
C GLU F 383 -7.04 -5.54 40.59
N PRO F 384 -8.01 -6.46 40.59
CA PRO F 384 -9.11 -6.31 39.65
C PRO F 384 -9.87 -5.01 39.99
N THR F 385 -10.23 -4.22 39.00
CA THR F 385 -10.62 -2.85 39.19
C THR F 385 -11.98 -2.53 38.59
N ILE F 386 -12.69 -1.68 39.31
CA ILE F 386 -14.02 -1.20 38.94
C ILE F 386 -14.02 0.33 38.96
N VAL F 387 -14.45 0.93 37.84
CA VAL F 387 -14.48 2.37 37.67
C VAL F 387 -15.90 2.78 37.34
N THR F 388 -16.46 3.70 38.11
CA THR F 388 -17.79 4.27 37.86
C THR F 388 -17.63 5.72 37.40
N GLY F 389 -18.71 6.30 36.86
CA GLY F 389 -18.77 7.72 36.62
C GLY F 389 -18.29 8.23 35.27
N LEU F 390 -17.60 7.39 34.48
CA LEU F 390 -17.22 7.78 33.11
C LEU F 390 -18.43 7.88 32.21
N GLY F 391 -18.34 8.79 31.24
CA GLY F 391 -19.31 8.79 30.15
C GLY F 391 -19.12 7.52 29.33
N HIS F 392 -20.19 7.01 28.75
CA HIS F 392 -20.07 5.82 27.88
C HIS F 392 -19.15 6.04 26.69
N ASP F 393 -18.95 7.31 26.32
CA ASP F 393 -18.13 7.65 25.16
C ASP F 393 -16.73 8.15 25.55
N ALA F 394 -16.33 7.91 26.79
CA ALA F 394 -14.96 8.23 27.21
C ALA F 394 -13.94 7.47 26.36
N SER F 395 -12.84 8.13 25.99
CA SER F 395 -11.85 7.52 25.13
C SER F 395 -11.32 6.20 25.71
N ILE F 396 -11.04 6.20 27.01
CA ILE F 396 -10.45 5.01 27.62
C ILE F 396 -11.41 3.84 27.62
N ALA F 397 -12.70 4.14 27.71
CA ALA F 397 -13.75 3.11 27.67
C ALA F 397 -13.96 2.51 26.27
N HIS F 398 -13.63 3.26 25.23
CA HIS F 398 -13.71 2.77 23.85
C HIS F 398 -12.44 1.99 23.38
N THR F 399 -11.41 2.00 24.24
CA THR F 399 -10.14 1.34 24.00
C THR F 399 -10.12 -0.03 24.70
N GLU F 400 -9.59 -1.07 24.05
CA GLU F 400 -9.31 -2.34 24.70
C GLU F 400 -7.99 -2.22 25.44
N THR F 401 -8.08 -2.20 26.78
CA THR F 401 -6.90 -2.38 27.62
C THR F 401 -6.93 -3.79 28.15
N PHE F 402 -5.88 -4.56 27.88
CA PHE F 402 -5.92 -5.99 28.16
C PHE F 402 -5.57 -6.28 29.64
N ALA F 403 -6.53 -5.96 30.50
CA ALA F 403 -6.35 -5.92 31.95
C ALA F 403 -7.71 -5.89 32.62
N PRO F 404 -7.78 -6.31 33.90
CA PRO F 404 -9.07 -6.35 34.59
C PRO F 404 -9.52 -4.99 35.08
N ILE F 405 -10.05 -4.19 34.16
CA ILE F 405 -10.68 -2.92 34.49
C ILE F 405 -12.05 -2.96 33.87
N LEU F 406 -13.06 -2.81 34.71
CA LEU F 406 -14.44 -2.85 34.33
C LEU F 406 -15.02 -1.46 34.46
N TYR F 407 -15.46 -0.90 33.32
CA TYR F 407 -16.08 0.41 33.31
C TYR F 407 -17.58 0.24 33.43
N VAL F 408 -18.19 0.92 34.44
CA VAL F 408 -19.59 0.76 34.76
C VAL F 408 -20.33 2.04 34.37
N PHE F 409 -21.46 1.86 33.72
CA PHE F 409 -22.31 2.96 33.27
C PHE F 409 -23.74 2.72 33.69
N LYS F 410 -24.46 3.81 33.88
CA LYS F 410 -25.90 3.79 34.08
C LYS F 410 -26.57 3.92 32.76
N PHE F 411 -27.78 3.38 32.68
CA PHE F 411 -28.70 3.71 31.60
C PHE F 411 -30.15 3.71 32.04
N GLN F 412 -31.01 4.22 31.17
CA GLN F 412 -32.45 4.25 31.40
C GLN F 412 -33.21 3.35 30.45
N ASN F 413 -33.02 3.55 29.15
CA ASN F 413 -33.85 2.86 28.17
C ASN F 413 -33.09 1.91 27.24
N GLU F 414 -33.84 0.96 26.70
CA GLU F 414 -33.30 -0.10 25.87
C GLU F 414 -32.62 0.44 24.59
N GLU F 415 -33.30 1.37 23.92
CA GLU F 415 -32.80 1.86 22.62
C GLU F 415 -31.41 2.47 22.82
N GLU F 416 -31.26 3.29 23.86
CA GLU F 416 -29.97 3.98 24.03
C GLU F 416 -28.87 2.99 24.41
N VAL F 417 -29.18 2.03 25.29
CA VAL F 417 -28.11 1.11 25.74
C VAL F 417 -27.68 0.14 24.63
N PHE F 418 -28.61 -0.26 23.76
CA PHE F 418 -28.21 -1.09 22.58
C PHE F 418 -27.25 -0.30 21.69
N ALA F 419 -27.58 0.96 21.49
CA ALA F 419 -26.73 1.87 20.73
C ALA F 419 -25.37 1.98 21.39
N TRP F 420 -25.32 2.10 22.72
CA TRP F 420 -24.04 2.20 23.42
C TRP F 420 -23.22 0.90 23.34
N ASN F 421 -23.90 -0.27 23.35
CA ASN F 421 -23.19 -1.50 23.09
C ASN F 421 -22.48 -1.41 21.74
N ASN F 422 -23.19 -0.85 20.77
CA ASN F 422 -22.77 -0.92 19.37
C ASN F 422 -21.86 0.23 18.94
N GLU F 423 -21.65 1.25 19.78
CA GLU F 423 -20.98 2.48 19.30
C GLU F 423 -19.47 2.34 19.21
N VAL F 424 -18.90 1.34 19.86
CA VAL F 424 -17.44 1.12 19.80
C VAL F 424 -17.03 0.52 18.46
N LYS F 425 -15.73 0.46 18.18
CA LYS F 425 -15.24 -0.12 16.92
C LYS F 425 -15.13 -1.65 16.95
N GLN F 426 -15.00 -2.21 18.15
CA GLN F 426 -14.88 -3.64 18.32
C GLN F 426 -16.28 -4.25 18.22
N GLY F 427 -16.34 -5.54 17.88
CA GLY F 427 -17.61 -6.22 17.76
C GLY F 427 -17.60 -7.71 18.05
N LEU F 428 -16.94 -8.09 19.15
CA LEU F 428 -16.73 -9.54 19.41
C LEU F 428 -17.93 -10.14 20.15
N SER F 429 -18.07 -9.85 21.45
CA SER F 429 -19.12 -10.44 22.27
C SER F 429 -19.94 -9.37 23.00
N SER F 430 -21.11 -9.80 23.45
CA SER F 430 -22.08 -8.94 24.06
C SER F 430 -23.08 -9.79 24.83
N SER F 431 -23.60 -9.24 25.95
CA SER F 431 -24.61 -9.98 26.71
C SER F 431 -25.63 -9.05 27.31
N ILE F 432 -26.89 -9.47 27.32
CA ILE F 432 -27.91 -8.80 28.15
C ILE F 432 -28.45 -9.76 29.21
N PHE F 433 -28.77 -9.19 30.36
CA PHE F 433 -29.45 -9.92 31.44
C PHE F 433 -30.81 -9.26 31.62
N THR F 434 -31.84 -10.04 31.38
CA THR F 434 -33.22 -9.59 31.40
C THR F 434 -34.11 -10.82 31.34
N LYS F 435 -35.37 -10.63 31.72
CA LYS F 435 -36.40 -11.65 31.62
C LYS F 435 -37.42 -11.37 30.49
N ASP F 436 -37.32 -10.20 29.87
CA ASP F 436 -38.34 -9.69 28.95
C ASP F 436 -38.17 -10.37 27.58
N LEU F 437 -39.17 -11.14 27.20
CA LEU F 437 -39.16 -11.93 25.96
C LEU F 437 -38.91 -11.09 24.72
N GLY F 438 -39.64 -9.98 24.60
CA GLY F 438 -39.51 -9.11 23.43
C GLY F 438 -38.14 -8.45 23.31
N ARG F 439 -37.62 -8.04 24.45
CA ARG F 439 -36.32 -7.44 24.49
C ARG F 439 -35.23 -8.41 24.04
N ILE F 440 -35.38 -9.65 24.48
CA ILE F 440 -34.46 -10.71 24.08
C ILE F 440 -34.43 -10.88 22.55
N PHE F 441 -35.59 -11.02 21.91
CA PHE F 441 -35.61 -11.18 20.46
C PHE F 441 -35.21 -9.91 19.72
N ARG F 442 -35.49 -8.74 20.29
CA ARG F 442 -35.01 -7.50 19.70
C ARG F 442 -33.45 -7.44 19.74
N TRP F 443 -32.86 -7.85 20.85
CA TRP F 443 -31.39 -7.92 20.99
C TRP F 443 -30.74 -8.81 19.92
N LEU F 444 -31.42 -9.91 19.59
CA LEU F 444 -30.98 -10.86 18.59
C LEU F 444 -31.28 -10.42 17.15
N GLY F 445 -32.07 -9.36 16.99
CA GLY F 445 -32.49 -8.91 15.65
C GLY F 445 -31.69 -7.76 15.07
N PRO F 446 -32.19 -7.17 13.97
CA PRO F 446 -31.40 -6.22 13.21
C PRO F 446 -31.12 -4.89 13.90
N LYS F 447 -31.89 -4.57 14.93
CA LYS F 447 -31.71 -3.36 15.70
C LYS F 447 -31.12 -3.67 17.09
N GLY F 448 -30.64 -4.90 17.25
CA GLY F 448 -30.01 -5.33 18.49
C GLY F 448 -28.51 -5.25 18.44
N SER F 449 -27.85 -6.22 19.07
CA SER F 449 -26.39 -6.20 19.16
C SER F 449 -25.77 -6.39 17.78
N ASP F 450 -24.69 -5.67 17.51
CA ASP F 450 -23.95 -5.79 16.23
C ASP F 450 -22.75 -6.75 16.28
N CYS F 451 -22.64 -7.53 17.37
CA CYS F 451 -21.49 -8.35 17.67
C CYS F 451 -21.65 -9.76 17.08
N GLY F 452 -20.54 -10.48 17.02
CA GLY F 452 -20.55 -11.82 16.51
C GLY F 452 -21.06 -12.87 17.49
N ILE F 453 -20.98 -12.55 18.78
CA ILE F 453 -21.50 -13.41 19.86
C ILE F 453 -22.52 -12.54 20.60
N VAL F 454 -23.77 -13.00 20.69
CA VAL F 454 -24.86 -12.20 21.21
C VAL F 454 -25.61 -13.06 22.21
N ASN F 455 -25.32 -12.82 23.49
CA ASN F 455 -25.73 -13.72 24.57
C ASN F 455 -26.84 -13.12 25.45
N VAL F 456 -27.55 -14.04 26.12
CA VAL F 456 -28.61 -13.65 27.01
C VAL F 456 -28.50 -14.45 28.30
N ASN F 457 -28.37 -13.73 29.42
CA ASN F 457 -28.32 -14.31 30.78
C ASN F 457 -27.14 -15.22 31.02
N ILE F 458 -26.10 -15.02 30.21
CA ILE F 458 -24.81 -15.71 30.36
C ILE F 458 -23.83 -14.66 29.94
N PRO F 459 -22.63 -14.64 30.56
CA PRO F 459 -21.74 -13.54 30.24
C PRO F 459 -21.05 -13.62 28.88
N THR F 460 -20.13 -12.69 28.66
CA THR F 460 -19.58 -12.49 27.33
C THR F 460 -18.62 -13.57 26.89
N SER F 461 -18.12 -14.38 27.83
CA SER F 461 -17.27 -15.51 27.47
C SER F 461 -18.05 -16.78 27.12
N GLY F 462 -19.39 -16.69 27.02
CA GLY F 462 -20.25 -17.83 26.71
C GLY F 462 -20.22 -18.21 25.25
N ALA F 463 -19.56 -19.34 24.98
CA ALA F 463 -19.42 -19.87 23.62
C ALA F 463 -19.10 -21.35 23.75
N GLU F 464 -19.35 -22.12 22.69
CA GLU F 464 -18.99 -23.54 22.68
C GLU F 464 -18.62 -23.92 21.26
N ILE F 465 -18.01 -25.10 21.10
CA ILE F 465 -17.41 -25.44 19.81
C ILE F 465 -18.45 -25.66 18.68
N GLY F 466 -19.73 -25.96 18.99
CA GLY F 466 -20.71 -26.20 17.91
C GLY F 466 -21.08 -24.98 17.08
N GLY F 467 -20.85 -23.80 17.63
CA GLY F 467 -21.10 -22.52 16.96
C GLY F 467 -19.84 -21.94 16.32
N ALA F 468 -20.04 -21.07 15.36
CA ALA F 468 -18.95 -20.30 14.76
C ALA F 468 -18.56 -19.19 15.73
N PHE F 469 -17.25 -19.03 15.93
CA PHE F 469 -16.71 -18.09 16.91
C PHE F 469 -15.97 -16.96 16.23
N GLY F 470 -16.36 -15.72 16.54
CA GLY F 470 -15.69 -14.57 16.00
C GLY F 470 -16.58 -13.32 16.08
N GLY F 471 -16.05 -12.21 15.57
CA GLY F 471 -16.73 -10.95 15.65
C GLY F 471 -16.79 -10.15 14.37
N GLU F 472 -17.37 -8.98 14.51
CA GLU F 472 -17.63 -8.06 13.40
C GLU F 472 -16.81 -6.80 13.59
N LYS F 473 -16.92 -5.89 12.63
CA LYS F 473 -16.28 -4.57 12.72
C LYS F 473 -14.74 -4.75 12.89
N HIS F 474 -14.15 -4.07 13.86
CA HIS F 474 -12.70 -4.13 14.08
C HIS F 474 -12.25 -5.45 14.68
N THR F 475 -13.20 -6.35 14.98
CA THR F 475 -12.82 -7.71 15.40
C THR F 475 -12.41 -8.55 14.18
N GLY F 476 -12.71 -8.06 12.96
CA GLY F 476 -12.10 -8.58 11.73
C GLY F 476 -12.92 -9.56 10.89
N GLY F 477 -13.99 -10.13 11.42
CA GLY F 477 -14.96 -10.83 10.58
C GLY F 477 -14.77 -12.35 10.43
N GLY F 478 -13.59 -12.85 10.79
CA GLY F 478 -13.34 -14.26 10.68
C GLY F 478 -14.22 -15.08 11.62
N ARG F 479 -14.35 -16.37 11.31
CA ARG F 479 -14.98 -17.31 12.23
C ARG F 479 -14.18 -18.58 12.39
N GLU F 480 -14.26 -19.17 13.57
CA GLU F 480 -13.56 -20.42 13.87
C GLU F 480 -14.54 -21.44 14.44
N SER F 481 -14.12 -22.71 14.45
CA SER F 481 -14.80 -23.79 15.14
C SER F 481 -16.00 -24.33 14.39
N GLY F 482 -17.22 -24.01 14.85
CA GLY F 482 -18.40 -24.71 14.41
C GLY F 482 -19.19 -24.11 13.26
N SER F 483 -20.44 -24.52 13.18
CA SER F 483 -21.32 -24.22 12.06
C SER F 483 -20.54 -24.53 10.76
N ASP F 484 -20.67 -23.68 9.76
CA ASP F 484 -19.92 -23.81 8.53
C ASP F 484 -18.62 -22.96 8.46
N ALA F 485 -17.99 -22.66 9.61
CA ALA F 485 -16.66 -22.01 9.63
C ALA F 485 -15.67 -22.75 8.74
N TRP F 486 -15.82 -24.08 8.61
CA TRP F 486 -14.91 -24.90 7.77
C TRP F 486 -14.76 -24.33 6.34
N LYS F 487 -15.79 -23.67 5.82
CA LYS F 487 -15.72 -23.18 4.44
C LYS F 487 -14.63 -22.15 4.21
N GLN F 488 -14.26 -21.45 5.28
CA GLN F 488 -13.16 -20.48 5.17
C GLN F 488 -11.80 -21.12 4.86
N TYR F 489 -11.68 -22.42 5.12
CA TYR F 489 -10.43 -23.16 4.91
C TYR F 489 -10.45 -23.92 3.58
N MET F 490 -11.47 -23.68 2.77
CA MET F 490 -11.62 -24.37 1.51
C MET F 490 -11.99 -23.41 0.40
N ARG F 491 -11.82 -23.85 -0.85
CA ARG F 491 -12.26 -23.06 -1.98
C ARG F 491 -13.46 -23.75 -2.63
N ARG F 492 -14.44 -22.92 -2.95
CA ARG F 492 -15.65 -23.33 -3.61
C ARG F 492 -15.48 -23.30 -5.10
N SER F 493 -16.01 -24.32 -5.78
CA SER F 493 -16.16 -24.24 -7.23
C SER F 493 -17.58 -24.60 -7.58
N THR F 494 -18.09 -23.95 -8.62
CA THR F 494 -19.40 -24.20 -9.18
C THR F 494 -19.12 -24.87 -10.50
N CYS F 495 -19.57 -26.14 -10.59
CA CYS F 495 -19.16 -27.01 -11.69
C CYS F 495 -20.35 -27.49 -12.51
N THR F 496 -20.33 -27.15 -13.80
CA THR F 496 -21.33 -27.64 -14.74
C THR F 496 -20.71 -28.73 -15.62
N ILE F 497 -21.39 -29.88 -15.64
CA ILE F 497 -20.95 -31.05 -16.41
C ILE F 497 -21.99 -31.38 -17.45
N ASN F 498 -21.62 -31.19 -18.71
CA ASN F 498 -22.45 -31.59 -19.81
C ASN F 498 -22.11 -33.03 -20.12
N TYR F 499 -23.02 -33.94 -19.75
CA TYR F 499 -22.80 -35.38 -19.93
C TYR F 499 -23.57 -35.96 -21.12
N SER F 500 -24.23 -35.09 -21.89
CA SER F 500 -25.07 -35.54 -22.96
C SER F 500 -24.41 -35.43 -24.33
N THR G 4 -84.09 -24.32 -8.73
CA THR G 4 -83.14 -24.06 -9.85
C THR G 4 -81.70 -24.03 -9.33
N LEU G 5 -80.78 -24.39 -10.21
CA LEU G 5 -79.37 -24.37 -9.88
C LEU G 5 -78.93 -22.90 -9.74
N LEU G 6 -78.16 -22.62 -8.69
CA LEU G 6 -77.65 -21.28 -8.50
C LEU G 6 -76.92 -20.79 -9.76
N ILE G 7 -76.18 -21.66 -10.45
CA ILE G 7 -75.45 -21.22 -11.63
C ILE G 7 -76.34 -20.71 -12.79
N ASN G 8 -77.63 -21.02 -12.73
CA ASN G 8 -78.58 -20.54 -13.72
C ASN G 8 -79.29 -19.28 -13.29
N GLN G 9 -78.94 -18.74 -12.12
CA GLN G 9 -79.50 -17.50 -11.64
C GLN G 9 -78.55 -16.37 -12.00
N PRO G 10 -79.09 -15.28 -12.59
CA PRO G 10 -78.21 -14.19 -12.98
C PRO G 10 -77.29 -13.64 -11.85
N GLN G 11 -77.74 -13.61 -10.61
CA GLN G 11 -76.91 -13.09 -9.52
C GLN G 11 -75.66 -13.93 -9.26
N TYR G 12 -75.62 -15.13 -9.81
CA TYR G 12 -74.45 -16.00 -9.66
C TYR G 12 -73.73 -16.24 -10.97
N ALA G 13 -73.94 -15.36 -11.95
CA ALA G 13 -73.38 -15.51 -13.29
C ALA G 13 -71.86 -15.49 -13.26
N TRP G 14 -71.30 -14.88 -12.23
CA TRP G 14 -69.84 -14.82 -12.08
C TRP G 14 -69.20 -16.22 -12.06
N LEU G 15 -69.99 -17.24 -11.71
CA LEU G 15 -69.44 -18.60 -11.71
C LEU G 15 -68.92 -19.01 -13.10
N LYS G 16 -69.54 -18.47 -14.15
CA LYS G 16 -69.16 -18.81 -15.51
C LYS G 16 -67.74 -18.27 -15.83
N GLU G 17 -67.26 -17.29 -15.07
CA GLU G 17 -65.89 -16.81 -15.26
C GLU G 17 -64.83 -17.86 -14.96
N LEU G 18 -65.20 -18.87 -14.19
CA LEU G 18 -64.32 -19.98 -13.86
C LEU G 18 -64.52 -21.16 -14.84
N GLY G 19 -65.31 -20.92 -15.88
CA GLY G 19 -65.54 -21.91 -16.90
C GLY G 19 -66.55 -22.98 -16.49
N LEU G 20 -67.28 -22.72 -15.41
CA LEU G 20 -68.25 -23.65 -14.90
C LEU G 20 -69.58 -23.44 -15.62
N ARG G 21 -70.36 -24.52 -15.75
CA ARG G 21 -71.66 -24.51 -16.38
C ARG G 21 -72.60 -25.40 -15.59
N GLU G 22 -73.83 -25.61 -16.06
CA GLU G 22 -74.83 -26.36 -15.30
C GLU G 22 -74.34 -27.77 -14.97
N GLU G 23 -73.72 -28.43 -15.94
CA GLU G 23 -73.10 -29.74 -15.72
C GLU G 23 -71.66 -29.76 -16.23
N ASN G 24 -70.76 -30.20 -15.38
CA ASN G 24 -69.34 -30.08 -15.65
C ASN G 24 -68.66 -31.40 -15.69
N GLU G 25 -67.69 -31.52 -16.55
CA GLU G 25 -66.80 -32.70 -16.55
C GLU G 25 -65.84 -32.68 -15.34
N GLY G 26 -65.82 -33.80 -14.61
CA GLY G 26 -64.97 -33.95 -13.41
C GLY G 26 -63.72 -34.84 -13.54
N VAL G 27 -63.38 -35.21 -14.77
CA VAL G 27 -62.18 -35.94 -15.09
C VAL G 27 -61.36 -35.11 -16.06
N TYR G 28 -60.08 -34.91 -15.78
CA TYR G 28 -59.16 -34.24 -16.69
C TYR G 28 -57.86 -35.02 -16.75
N ASN G 29 -57.41 -35.34 -17.97
CA ASN G 29 -56.16 -36.03 -18.18
C ASN G 29 -55.47 -35.65 -19.48
N GLY G 30 -55.70 -34.40 -19.89
CA GLY G 30 -55.32 -33.89 -21.22
C GLY G 30 -56.54 -33.58 -22.02
N SER G 31 -57.60 -34.32 -21.79
CA SER G 31 -58.93 -33.90 -22.23
C SER G 31 -59.91 -34.20 -21.09
N TRP G 32 -61.13 -33.69 -21.25
CA TRP G 32 -62.11 -33.68 -20.18
C TRP G 32 -63.16 -34.76 -20.36
N GLY G 33 -63.61 -35.33 -19.26
CA GLY G 33 -64.69 -36.33 -19.30
C GLY G 33 -65.30 -36.60 -17.94
N GLY G 34 -65.79 -37.83 -17.79
CA GLY G 34 -66.52 -38.24 -16.60
C GLY G 34 -67.71 -39.09 -16.97
N ARG G 35 -67.58 -40.39 -16.81
CA ARG G 35 -68.63 -41.35 -17.12
C ARG G 35 -69.21 -41.99 -15.84
N GLY G 36 -68.76 -41.51 -14.69
CA GLY G 36 -69.29 -41.96 -13.42
C GLY G 36 -70.58 -41.25 -13.02
N GLU G 37 -70.94 -41.36 -11.74
CA GLU G 37 -72.16 -40.74 -11.23
C GLU G 37 -72.05 -39.21 -11.23
N VAL G 38 -73.16 -38.56 -11.61
CA VAL G 38 -73.30 -37.13 -11.56
C VAL G 38 -73.66 -36.70 -10.12
N ILE G 39 -72.82 -35.84 -9.56
CA ILE G 39 -73.07 -35.25 -8.26
C ILE G 39 -73.52 -33.79 -8.43
N THR G 40 -74.44 -33.38 -7.57
CA THR G 40 -74.83 -31.96 -7.46
C THR G 40 -74.23 -31.47 -6.16
N THR G 41 -73.50 -30.34 -6.20
CA THR G 41 -73.02 -29.71 -4.96
C THR G 41 -73.96 -28.59 -4.55
N TYR G 42 -74.02 -28.37 -3.25
CA TYR G 42 -74.91 -27.42 -2.62
C TYR G 42 -74.15 -26.34 -1.88
N CYS G 43 -74.81 -25.19 -1.77
CA CYS G 43 -74.34 -24.04 -0.99
C CYS G 43 -74.82 -24.20 0.44
N PRO G 44 -73.87 -24.34 1.39
CA PRO G 44 -74.29 -24.53 2.75
C PRO G 44 -74.97 -23.35 3.43
N ALA G 45 -74.88 -22.16 2.84
CA ALA G 45 -75.54 -20.98 3.41
C ALA G 45 -77.06 -21.00 3.18
N ASN G 46 -77.52 -21.72 2.16
CA ASN G 46 -78.95 -21.75 1.84
C ASN G 46 -79.50 -23.09 1.42
N ASN G 47 -78.67 -24.11 1.45
CA ASN G 47 -79.01 -25.46 1.07
C ASN G 47 -79.53 -25.56 -0.35
N GLU G 48 -79.10 -24.64 -1.23
CA GLU G 48 -79.51 -24.65 -2.63
C GLU G 48 -78.46 -25.33 -3.51
N PRO G 49 -78.91 -26.06 -4.53
CA PRO G 49 -77.98 -26.70 -5.45
C PRO G 49 -77.28 -25.67 -6.34
N ILE G 50 -75.96 -25.82 -6.48
CA ILE G 50 -75.18 -24.90 -7.28
C ILE G 50 -75.03 -25.32 -8.75
N ALA G 51 -74.46 -26.50 -8.98
CA ALA G 51 -74.23 -27.03 -10.32
C ALA G 51 -73.86 -28.51 -10.18
N ARG G 52 -73.67 -29.19 -11.31
CA ARG G 52 -73.42 -30.64 -11.32
C ARG G 52 -72.04 -30.97 -11.84
N VAL G 53 -71.47 -32.07 -11.35
CA VAL G 53 -70.19 -32.59 -11.84
C VAL G 53 -70.32 -34.08 -12.15
N ARG G 54 -69.86 -34.45 -13.33
CA ARG G 54 -69.78 -35.85 -13.73
C ARG G 54 -68.49 -36.43 -13.23
N GLN G 55 -68.60 -37.34 -12.28
CA GLN G 55 -67.44 -37.90 -11.62
C GLN G 55 -66.76 -39.01 -12.46
N ALA G 56 -65.61 -39.47 -11.96
CA ALA G 56 -64.83 -40.54 -12.57
C ALA G 56 -65.47 -41.92 -12.34
N SER G 57 -65.62 -42.68 -13.41
CA SER G 57 -65.82 -44.15 -13.33
C SER G 57 -64.49 -44.84 -13.08
N VAL G 58 -64.55 -46.13 -12.76
CA VAL G 58 -63.34 -46.94 -12.70
C VAL G 58 -62.50 -46.83 -13.99
N ALA G 59 -63.16 -46.89 -15.14
CA ALA G 59 -62.48 -46.86 -16.41
C ALA G 59 -61.82 -45.48 -16.62
N ASP G 60 -62.49 -44.42 -16.20
CA ASP G 60 -61.91 -43.07 -16.24
C ASP G 60 -60.62 -43.02 -15.38
N TYR G 61 -60.72 -43.53 -14.16
CA TYR G 61 -59.57 -43.62 -13.25
C TYR G 61 -58.37 -44.36 -13.91
N GLU G 62 -58.64 -45.53 -14.47
CA GLU G 62 -57.63 -46.35 -15.09
C GLU G 62 -56.96 -45.61 -16.22
N GLU G 63 -57.76 -44.99 -17.06
CA GLU G 63 -57.24 -44.24 -18.21
C GLU G 63 -56.40 -43.08 -17.74
N THR G 64 -56.88 -42.42 -16.70
CA THR G 64 -56.20 -41.24 -16.18
C THR G 64 -54.84 -41.56 -15.55
N VAL G 65 -54.78 -42.64 -14.77
CA VAL G 65 -53.50 -43.09 -14.23
C VAL G 65 -52.50 -43.38 -15.36
N LYS G 66 -52.96 -44.12 -16.38
CA LYS G 66 -52.11 -44.43 -17.54
C LYS G 66 -51.56 -43.16 -18.23
N LYS G 67 -52.45 -42.20 -18.45
CA LYS G 67 -52.09 -40.94 -19.06
C LYS G 67 -51.13 -40.13 -18.21
N ALA G 68 -51.35 -40.15 -16.90
CA ALA G 68 -50.45 -39.41 -16.00
C ALA G 68 -49.05 -39.99 -16.05
N ARG G 69 -48.99 -41.32 -16.01
CA ARG G 69 -47.71 -41.99 -16.05
C ARG G 69 -47.00 -41.81 -17.40
N GLU G 70 -47.76 -41.74 -18.49
CA GLU G 70 -47.20 -41.34 -19.79
C GLU G 70 -46.63 -39.92 -19.74
N ALA G 71 -47.40 -39.01 -19.15
CA ALA G 71 -46.97 -37.61 -19.03
C ALA G 71 -45.66 -37.51 -18.25
N TRP G 72 -45.51 -38.39 -17.27
CA TRP G 72 -44.37 -38.32 -16.38
C TRP G 72 -43.08 -38.52 -17.16
N LYS G 73 -43.12 -39.36 -18.18
CA LYS G 73 -41.93 -39.62 -18.99
C LYS G 73 -41.38 -38.32 -19.58
N ILE G 74 -42.28 -37.40 -19.96
CA ILE G 74 -41.93 -36.10 -20.50
C ILE G 74 -41.51 -35.16 -19.38
N TRP G 75 -42.36 -35.10 -18.36
CA TRP G 75 -42.21 -34.12 -17.27
C TRP G 75 -40.92 -34.30 -16.47
N ALA G 76 -40.59 -35.54 -16.18
CA ALA G 76 -39.38 -35.82 -15.40
C ALA G 76 -38.08 -35.47 -16.13
N ASP G 77 -38.16 -35.36 -17.45
CA ASP G 77 -37.03 -35.00 -18.27
C ASP G 77 -36.85 -33.50 -18.36
N ILE G 78 -37.83 -32.72 -17.89
CA ILE G 78 -37.73 -31.26 -17.95
C ILE G 78 -36.92 -30.80 -16.75
N PRO G 79 -35.86 -29.98 -16.94
CA PRO G 79 -35.05 -29.55 -15.79
C PRO G 79 -35.90 -28.93 -14.69
N ALA G 80 -35.55 -29.17 -13.42
CA ALA G 80 -36.38 -28.68 -12.29
C ALA G 80 -36.65 -27.15 -12.41
N PRO G 81 -35.63 -26.34 -12.78
CA PRO G 81 -35.92 -24.89 -12.90
C PRO G 81 -36.96 -24.53 -13.96
N LYS G 82 -37.01 -25.32 -15.04
CA LYS G 82 -38.02 -25.14 -16.05
C LYS G 82 -39.40 -25.64 -15.56
N ARG G 83 -39.44 -26.70 -14.73
CA ARG G 83 -40.69 -27.09 -14.04
C ARG G 83 -41.16 -25.95 -13.13
N GLY G 84 -40.22 -25.30 -12.45
CA GLY G 84 -40.53 -24.16 -11.64
C GLY G 84 -41.18 -23.04 -12.43
N GLU G 85 -40.74 -22.84 -13.66
CA GLU G 85 -41.32 -21.79 -14.53
C GLU G 85 -42.80 -22.05 -14.81
N ILE G 86 -43.14 -23.32 -15.00
CA ILE G 86 -44.55 -23.70 -15.14
C ILE G 86 -45.35 -23.39 -13.88
N VAL G 87 -44.76 -23.75 -12.73
CA VAL G 87 -45.38 -23.44 -11.42
C VAL G 87 -45.52 -21.91 -11.22
N ARG G 88 -44.53 -21.12 -11.69
CA ARG G 88 -44.66 -19.68 -11.66
C ARG G 88 -45.90 -19.24 -12.43
N GLN G 89 -46.08 -19.79 -13.62
CA GLN G 89 -47.22 -19.45 -14.44
C GLN G 89 -48.58 -19.87 -13.83
N ILE G 90 -48.61 -21.00 -13.13
CA ILE G 90 -49.80 -21.43 -12.37
C ILE G 90 -50.10 -20.37 -11.29
N GLY G 91 -49.09 -19.91 -10.58
CA GLY G 91 -49.29 -18.85 -9.61
C GLY G 91 -49.92 -17.61 -10.21
N ASP G 92 -49.37 -17.13 -11.34
CA ASP G 92 -49.98 -16.00 -12.00
C ASP G 92 -51.40 -16.23 -12.48
N ALA G 93 -51.74 -17.43 -12.93
CA ALA G 93 -53.07 -17.73 -13.46
C ALA G 93 -54.09 -17.76 -12.32
N LEU G 94 -53.63 -18.23 -11.15
CA LEU G 94 -54.45 -18.19 -9.95
C LEU G 94 -54.69 -16.72 -9.51
N ARG G 95 -53.64 -15.90 -9.57
CA ARG G 95 -53.78 -14.47 -9.24
C ARG G 95 -54.86 -13.82 -10.09
N GLU G 96 -54.89 -14.15 -11.38
CA GLU G 96 -55.81 -13.50 -12.32
C GLU G 96 -57.28 -13.83 -11.99
N LYS G 97 -57.51 -14.99 -11.36
CA LYS G 97 -58.84 -15.44 -10.99
C LYS G 97 -59.12 -15.37 -9.50
N ILE G 98 -58.29 -14.65 -8.73
CA ILE G 98 -58.36 -14.76 -7.25
C ILE G 98 -59.72 -14.40 -6.64
N GLN G 99 -60.32 -13.33 -7.10
CA GLN G 99 -61.59 -12.92 -6.52
C GLN G 99 -62.72 -13.92 -6.80
N VAL G 100 -62.86 -14.35 -8.05
CA VAL G 100 -63.97 -15.22 -8.40
C VAL G 100 -63.73 -16.63 -7.85
N LEU G 101 -62.46 -17.08 -7.80
CA LEU G 101 -62.21 -18.38 -7.19
C LEU G 101 -62.45 -18.31 -5.69
N GLY G 102 -61.97 -17.24 -5.05
CA GLY G 102 -62.31 -17.05 -3.61
C GLY G 102 -63.82 -17.04 -3.35
N SER G 103 -64.55 -16.37 -4.24
CA SER G 103 -66.00 -16.31 -4.18
C SER G 103 -66.63 -17.74 -4.25
N LEU G 104 -66.07 -18.58 -5.11
CA LEU G 104 -66.54 -19.96 -5.24
C LEU G 104 -66.28 -20.75 -3.95
N VAL G 105 -65.13 -20.51 -3.32
CA VAL G 105 -64.83 -21.19 -2.08
C VAL G 105 -65.87 -20.79 -1.03
N SER G 106 -66.20 -19.51 -0.94
CA SER G 106 -67.21 -19.07 -0.02
C SER G 106 -68.58 -19.69 -0.30
N LEU G 107 -68.92 -19.84 -1.59
CA LEU G 107 -70.22 -20.30 -1.99
C LEU G 107 -70.35 -21.80 -1.73
N GLU G 108 -69.41 -22.56 -2.25
CA GLU G 108 -69.50 -24.04 -2.21
C GLU G 108 -69.01 -24.64 -0.88
N MET G 109 -67.94 -24.07 -0.30
CA MET G 109 -67.44 -24.54 0.97
C MET G 109 -68.09 -23.86 2.18
N GLY G 110 -68.24 -22.54 2.12
CA GLY G 110 -68.94 -21.76 3.17
C GLY G 110 -68.12 -20.92 4.14
N LYS G 111 -66.80 -20.90 3.97
CA LYS G 111 -65.94 -19.96 4.69
C LYS G 111 -66.11 -18.53 4.18
N ILE G 112 -65.80 -17.53 5.02
CA ILE G 112 -65.98 -16.13 4.62
C ILE G 112 -65.07 -15.71 3.46
N LEU G 113 -65.49 -14.68 2.73
CA LEU G 113 -64.77 -14.29 1.50
C LEU G 113 -63.29 -14.04 1.72
N VAL G 114 -62.96 -13.31 2.78
CA VAL G 114 -61.54 -13.01 3.00
C VAL G 114 -60.71 -14.28 3.13
N GLU G 115 -61.30 -15.33 3.68
CA GLU G 115 -60.64 -16.60 3.83
C GLU G 115 -60.62 -17.39 2.53
N GLY G 116 -61.68 -17.29 1.74
CA GLY G 116 -61.68 -17.90 0.44
C GLY G 116 -60.59 -17.34 -0.46
N VAL G 117 -60.53 -16.01 -0.55
CA VAL G 117 -59.46 -15.33 -1.27
C VAL G 117 -58.12 -15.66 -0.66
N GLY G 118 -58.04 -15.63 0.67
CA GLY G 118 -56.80 -15.96 1.37
C GLY G 118 -56.28 -17.34 1.07
N GLU G 119 -57.19 -18.29 0.89
CA GLU G 119 -56.78 -19.65 0.58
C GLU G 119 -56.14 -19.72 -0.82
N VAL G 120 -56.76 -19.04 -1.78
CA VAL G 120 -56.17 -18.90 -3.11
C VAL G 120 -54.78 -18.24 -3.06
N GLN G 121 -54.67 -17.18 -2.27
CA GLN G 121 -53.41 -16.50 -2.07
C GLN G 121 -52.31 -17.44 -1.50
N GLU G 122 -52.68 -18.37 -0.62
CA GLU G 122 -51.75 -19.32 -0.10
C GLU G 122 -51.21 -20.23 -1.21
N TYR G 123 -52.07 -20.64 -2.13
CA TYR G 123 -51.63 -21.41 -3.30
C TYR G 123 -50.69 -20.52 -4.16
N VAL G 124 -51.10 -19.27 -4.44
CA VAL G 124 -50.19 -18.37 -5.18
C VAL G 124 -48.82 -18.30 -4.49
N ASP G 125 -48.86 -18.15 -3.17
CA ASP G 125 -47.60 -17.96 -2.41
C ASP G 125 -46.67 -19.20 -2.47
N ILE G 126 -47.27 -20.39 -2.34
CA ILE G 126 -46.48 -21.60 -2.39
C ILE G 126 -45.94 -21.84 -3.79
N CYS G 127 -46.70 -21.46 -4.83
CA CYS G 127 -46.12 -21.46 -6.19
C CYS G 127 -44.85 -20.62 -6.24
N ASP G 128 -44.93 -19.41 -5.70
CA ASP G 128 -43.79 -18.50 -5.75
C ASP G 128 -42.59 -19.06 -4.98
N TYR G 129 -42.89 -19.68 -3.84
CA TYR G 129 -41.84 -20.31 -3.04
C TYR G 129 -41.19 -21.45 -3.83
N ALA G 130 -42.03 -22.22 -4.50
CA ALA G 130 -41.58 -23.42 -5.21
C ALA G 130 -40.70 -23.07 -6.42
N VAL G 131 -40.92 -21.90 -7.00
CA VAL G 131 -40.07 -21.43 -8.08
C VAL G 131 -38.61 -21.33 -7.63
N GLY G 132 -38.36 -20.78 -6.45
CA GLY G 132 -36.99 -20.75 -5.95
C GLY G 132 -36.50 -22.12 -5.57
N LEU G 133 -37.36 -22.89 -4.93
CA LEU G 133 -36.98 -24.22 -4.50
C LEU G 133 -36.56 -25.11 -5.68
N SER G 134 -37.17 -24.86 -6.85
CA SER G 134 -36.85 -25.63 -8.05
C SER G 134 -35.40 -25.48 -8.51
N ARG G 135 -34.68 -24.47 -8.03
CA ARG G 135 -33.25 -24.31 -8.32
C ARG G 135 -32.38 -24.78 -7.13
N MET G 136 -33.01 -25.38 -6.13
CA MET G 136 -32.29 -25.72 -4.88
C MET G 136 -32.38 -27.19 -4.48
N ILE G 137 -33.46 -27.87 -4.82
CA ILE G 137 -33.68 -29.23 -4.36
C ILE G 137 -32.52 -30.11 -4.80
N GLY G 138 -32.13 -30.99 -3.89
CA GLY G 138 -31.03 -31.93 -4.10
C GLY G 138 -30.39 -32.30 -2.77
N GLY G 139 -29.20 -32.90 -2.89
CA GLY G 139 -28.52 -33.52 -1.78
C GLY G 139 -27.05 -33.15 -1.79
N PRO G 140 -26.33 -33.52 -0.73
CA PRO G 140 -24.91 -33.29 -0.66
C PRO G 140 -24.04 -34.19 -1.52
N ILE G 141 -22.98 -33.59 -2.04
CA ILE G 141 -21.82 -34.35 -2.45
C ILE G 141 -20.94 -34.49 -1.21
N LEU G 142 -20.71 -35.74 -0.83
CA LEU G 142 -20.05 -36.10 0.42
C LEU G 142 -18.65 -36.63 0.17
N PRO G 143 -17.77 -36.50 1.16
CA PRO G 143 -16.39 -36.95 0.98
C PRO G 143 -16.31 -38.47 1.26
N SER G 144 -16.02 -39.26 0.22
CA SER G 144 -15.88 -40.69 0.37
C SER G 144 -14.62 -41.04 1.13
N GLU G 145 -14.70 -42.09 1.94
CA GLU G 145 -13.54 -42.66 2.60
C GLU G 145 -12.60 -43.37 1.61
N ARG G 146 -13.11 -43.61 0.39
CA ARG G 146 -12.41 -44.39 -0.63
C ARG G 146 -11.70 -43.46 -1.60
N SER G 147 -10.37 -43.58 -1.73
CA SER G 147 -9.61 -42.84 -2.75
C SER G 147 -10.20 -43.09 -4.11
N GLY G 148 -10.27 -42.06 -4.95
CA GLY G 148 -10.68 -42.24 -6.36
C GLY G 148 -12.15 -42.57 -6.57
N HIS G 149 -12.97 -42.29 -5.56
CA HIS G 149 -14.42 -42.45 -5.62
C HIS G 149 -15.12 -41.15 -5.25
N ALA G 150 -16.24 -40.88 -5.91
CA ALA G 150 -17.19 -39.84 -5.50
C ALA G 150 -18.37 -40.49 -4.74
N LEU G 151 -18.96 -39.74 -3.82
CA LEU G 151 -20.13 -40.16 -3.06
C LEU G 151 -21.14 -39.01 -3.15
N ILE G 152 -22.31 -39.29 -3.75
CA ILE G 152 -23.30 -38.26 -4.02
C ILE G 152 -24.66 -38.71 -3.55
N GLU G 153 -25.40 -37.81 -2.89
CA GLU G 153 -26.79 -38.07 -2.56
C GLU G 153 -27.65 -37.41 -3.63
N GLN G 154 -28.31 -38.24 -4.44
CA GLN G 154 -29.27 -37.73 -5.43
C GLN G 154 -30.70 -37.86 -4.98
N TRP G 155 -31.54 -36.99 -5.51
CA TRP G 155 -32.98 -37.01 -5.29
C TRP G 155 -33.68 -36.99 -6.65
N ASN G 156 -34.64 -37.87 -6.80
CA ASN G 156 -35.41 -38.02 -8.03
C ASN G 156 -36.89 -38.08 -7.71
N PRO G 157 -37.75 -37.76 -8.70
CA PRO G 157 -39.20 -37.86 -8.45
C PRO G 157 -39.60 -39.29 -8.11
N VAL G 158 -40.65 -39.43 -7.31
CA VAL G 158 -41.24 -40.73 -7.02
C VAL G 158 -42.09 -41.25 -8.17
N GLY G 159 -42.60 -40.32 -8.99
CA GLY G 159 -43.43 -40.66 -10.14
C GLY G 159 -44.78 -40.00 -10.05
N LEU G 160 -45.82 -40.79 -9.73
CA LEU G 160 -47.19 -40.28 -9.66
C LEU G 160 -47.54 -40.04 -8.18
N VAL G 161 -47.92 -38.80 -7.88
CA VAL G 161 -48.36 -38.40 -6.56
C VAL G 161 -49.90 -38.26 -6.59
N GLY G 162 -50.57 -39.20 -5.96
CA GLY G 162 -52.00 -39.09 -5.72
C GLY G 162 -52.25 -38.12 -4.56
N ILE G 163 -53.25 -37.24 -4.73
CA ILE G 163 -53.58 -36.22 -3.74
C ILE G 163 -55.07 -36.28 -3.42
N ILE G 164 -55.40 -36.68 -2.19
CA ILE G 164 -56.76 -36.74 -1.68
C ILE G 164 -56.91 -35.63 -0.64
N THR G 165 -57.90 -34.78 -0.85
CA THR G 165 -58.07 -33.59 -0.02
C THR G 165 -59.45 -33.54 0.64
N ALA G 166 -59.46 -32.82 1.76
CA ALA G 166 -60.65 -32.57 2.58
C ALA G 166 -61.50 -31.40 2.09
N PHE G 167 -62.71 -31.26 2.63
CA PHE G 167 -63.59 -30.20 2.18
C PHE G 167 -63.13 -28.82 2.61
N ASN G 168 -62.38 -28.74 3.71
CA ASN G 168 -62.31 -27.47 4.45
C ASN G 168 -61.24 -26.50 3.95
N PHE G 169 -60.23 -27.05 3.28
CA PHE G 169 -59.27 -26.24 2.54
C PHE G 169 -59.21 -26.75 1.13
N PRO G 170 -60.26 -26.48 0.37
CA PRO G 170 -60.45 -27.19 -0.90
C PRO G 170 -59.53 -26.71 -2.02
N VAL G 171 -58.81 -25.60 -1.78
CA VAL G 171 -57.81 -25.09 -2.73
C VAL G 171 -56.38 -25.28 -2.21
N ALA G 172 -56.12 -24.78 -1.00
CA ALA G 172 -54.74 -24.66 -0.48
C ALA G 172 -54.00 -25.98 -0.24
N VAL G 173 -54.71 -26.99 0.27
CA VAL G 173 -54.05 -28.28 0.54
C VAL G 173 -53.57 -28.90 -0.75
N TYR G 174 -54.46 -28.97 -1.75
CA TYR G 174 -54.01 -29.38 -3.08
C TYR G 174 -52.83 -28.56 -3.55
N GLY G 175 -52.96 -27.24 -3.45
CA GLY G 175 -51.89 -26.32 -3.89
C GLY G 175 -50.51 -26.59 -3.29
N TRP G 176 -50.47 -26.79 -1.98
CA TRP G 176 -49.21 -27.11 -1.34
C TRP G 176 -48.62 -28.39 -1.90
N ASN G 177 -49.47 -29.40 -2.13
CA ASN G 177 -48.98 -30.65 -2.64
C ASN G 177 -48.55 -30.52 -4.10
N ASN G 178 -49.37 -29.82 -4.86
CA ASN G 178 -49.15 -29.65 -6.31
C ASN G 178 -47.85 -28.89 -6.60
N ALA G 179 -47.70 -27.72 -5.98
CA ALA G 179 -46.52 -26.90 -6.30
C ALA G 179 -45.21 -27.65 -5.99
N ILE G 180 -45.15 -28.25 -4.82
CA ILE G 180 -43.97 -29.00 -4.40
C ILE G 180 -43.80 -30.29 -5.24
N ALA G 181 -44.85 -31.06 -5.42
CA ALA G 181 -44.71 -32.29 -6.24
C ALA G 181 -44.24 -31.98 -7.65
N MET G 182 -44.77 -30.90 -8.23
CA MET G 182 -44.42 -30.50 -9.59
C MET G 182 -42.96 -30.09 -9.74
N ILE G 183 -42.45 -29.25 -8.86
CA ILE G 183 -41.05 -28.89 -9.01
C ILE G 183 -40.15 -30.09 -8.79
N CYS G 184 -40.62 -31.05 -8.01
CA CYS G 184 -39.86 -32.26 -7.72
C CYS G 184 -39.92 -33.30 -8.87
N GLY G 185 -40.60 -32.97 -9.98
CA GLY G 185 -40.59 -33.80 -11.15
C GLY G 185 -41.66 -34.88 -11.16
N ASN G 186 -42.66 -34.75 -10.29
CA ASN G 186 -43.76 -35.70 -10.25
C ASN G 186 -44.94 -35.20 -11.03
N VAL G 187 -45.77 -36.12 -11.48
CA VAL G 187 -47.10 -35.80 -12.00
C VAL G 187 -48.07 -36.05 -10.85
N CYS G 188 -49.25 -35.40 -10.96
CA CYS G 188 -50.25 -35.39 -9.88
C CYS G 188 -51.59 -35.90 -10.33
N LEU G 189 -52.29 -36.57 -9.40
CA LEU G 189 -53.66 -36.98 -9.63
C LEU G 189 -54.47 -36.61 -8.41
N TRP G 190 -55.45 -35.73 -8.63
CA TRP G 190 -56.21 -35.13 -7.53
C TRP G 190 -57.61 -35.73 -7.45
N LYS G 191 -57.97 -36.14 -6.24
CA LYS G 191 -59.34 -36.46 -5.90
C LYS G 191 -59.78 -35.64 -4.71
N GLY G 192 -60.52 -34.55 -5.00
CA GLY G 192 -60.99 -33.65 -3.96
C GLY G 192 -62.20 -34.18 -3.23
N ALA G 193 -62.63 -33.43 -2.20
CA ALA G 193 -63.86 -33.75 -1.47
C ALA G 193 -65.05 -33.66 -2.42
N PRO G 194 -65.95 -34.65 -2.40
CA PRO G 194 -67.11 -34.57 -3.31
C PRO G 194 -67.96 -33.31 -3.16
N THR G 195 -68.07 -32.79 -1.93
CA THR G 195 -68.86 -31.61 -1.67
C THR G 195 -68.13 -30.29 -2.06
N THR G 196 -66.92 -30.39 -2.60
CA THR G 196 -66.21 -29.23 -3.15
C THR G 196 -65.74 -29.51 -4.59
N SER G 197 -66.54 -30.32 -5.29
CA SER G 197 -66.20 -30.69 -6.65
C SER G 197 -66.05 -29.51 -7.61
N LEU G 198 -66.91 -28.49 -7.50
CA LEU G 198 -66.85 -27.36 -8.40
C LEU G 198 -65.51 -26.65 -8.23
N ILE G 199 -65.07 -26.50 -6.99
CA ILE G 199 -63.77 -25.92 -6.70
C ILE G 199 -62.66 -26.72 -7.34
N SER G 200 -62.70 -28.05 -7.21
CA SER G 200 -61.67 -28.88 -7.84
C SER G 200 -61.64 -28.68 -9.36
N VAL G 201 -62.84 -28.66 -9.95
CA VAL G 201 -62.94 -28.49 -11.41
C VAL G 201 -62.38 -27.12 -11.79
N ALA G 202 -62.77 -26.09 -11.04
CA ALA G 202 -62.35 -24.72 -11.34
C ALA G 202 -60.83 -24.58 -11.25
N VAL G 203 -60.24 -25.10 -10.17
CA VAL G 203 -58.77 -25.05 -10.03
C VAL G 203 -58.09 -25.82 -11.17
N THR G 204 -58.65 -26.97 -11.51
CA THR G 204 -58.11 -27.80 -12.59
C THR G 204 -58.16 -27.08 -13.95
N LYS G 205 -59.25 -26.39 -14.24
CA LYS G 205 -59.34 -25.58 -15.47
C LYS G 205 -58.23 -24.52 -15.57
N ILE G 206 -57.92 -23.88 -14.45
CA ILE G 206 -56.85 -22.86 -14.42
C ILE G 206 -55.52 -23.48 -14.77
N ILE G 207 -55.21 -24.58 -14.10
CA ILE G 207 -53.95 -25.28 -14.30
C ILE G 207 -53.84 -25.88 -15.70
N ALA G 208 -54.91 -26.50 -16.16
CA ALA G 208 -54.94 -27.10 -17.50
C ALA G 208 -54.58 -26.10 -18.58
N LYS G 209 -55.11 -24.90 -18.48
CA LYS G 209 -54.79 -23.88 -19.49
C LYS G 209 -53.30 -23.58 -19.51
N VAL G 210 -52.69 -23.48 -18.34
CA VAL G 210 -51.25 -23.20 -18.28
C VAL G 210 -50.47 -24.36 -18.97
N LEU G 211 -50.79 -25.60 -18.60
CA LEU G 211 -50.09 -26.75 -19.19
C LEU G 211 -50.26 -26.75 -20.70
N GLU G 212 -51.51 -26.61 -21.14
CA GLU G 212 -51.83 -26.55 -22.58
C GLU G 212 -51.10 -25.38 -23.31
N ASP G 213 -51.11 -24.19 -22.72
CA ASP G 213 -50.41 -23.04 -23.32
C ASP G 213 -48.89 -23.28 -23.48
N ASN G 214 -48.31 -24.09 -22.57
CA ASN G 214 -46.93 -24.48 -22.61
C ASN G 214 -46.64 -25.75 -23.37
N LYS G 215 -47.67 -26.27 -24.04
CA LYS G 215 -47.48 -27.44 -24.91
C LYS G 215 -46.95 -28.63 -24.11
N LEU G 216 -47.50 -28.75 -22.88
CA LEU G 216 -47.19 -29.88 -21.97
C LEU G 216 -48.42 -30.73 -21.75
N PRO G 217 -48.23 -32.04 -21.56
CA PRO G 217 -49.40 -32.87 -21.36
C PRO G 217 -50.22 -32.54 -20.13
N GLY G 218 -51.53 -32.32 -20.31
CA GLY G 218 -52.41 -31.98 -19.20
C GLY G 218 -52.42 -32.93 -18.04
N ALA G 219 -52.10 -34.21 -18.30
CA ALA G 219 -52.17 -35.25 -17.26
C ALA G 219 -51.09 -35.07 -16.18
N ILE G 220 -50.16 -34.14 -16.40
CA ILE G 220 -49.22 -33.73 -15.34
C ILE G 220 -49.99 -33.32 -14.08
N CYS G 221 -51.19 -32.72 -14.30
CA CYS G 221 -52.09 -32.32 -13.23
C CYS G 221 -53.49 -32.89 -13.49
N SER G 222 -53.59 -34.21 -13.35
CA SER G 222 -54.83 -34.89 -13.63
C SER G 222 -55.83 -34.74 -12.48
N LEU G 223 -57.10 -34.84 -12.86
CA LEU G 223 -58.21 -34.77 -11.93
C LEU G 223 -59.11 -35.96 -12.14
N THR G 224 -59.49 -36.65 -11.04
CA THR G 224 -60.56 -37.63 -11.07
C THR G 224 -61.47 -37.39 -9.89
N CYS G 225 -62.51 -36.60 -10.09
CA CYS G 225 -63.48 -36.37 -9.04
C CYS G 225 -64.17 -37.68 -8.65
N GLY G 226 -64.31 -37.92 -7.36
CA GLY G 226 -65.06 -39.06 -6.89
C GLY G 226 -65.05 -39.11 -5.39
N GLY G 227 -65.60 -40.20 -4.85
CA GLY G 227 -65.71 -40.37 -3.43
C GLY G 227 -64.77 -41.43 -2.89
N ALA G 228 -65.28 -42.18 -1.91
CA ALA G 228 -64.50 -43.21 -1.25
C ALA G 228 -64.00 -44.28 -2.23
N ASP G 229 -64.82 -44.62 -3.23
CA ASP G 229 -64.41 -45.61 -4.23
C ASP G 229 -63.13 -45.20 -4.97
N ILE G 230 -63.08 -43.97 -5.50
CA ILE G 230 -61.90 -43.51 -6.21
C ILE G 230 -60.71 -43.40 -5.21
N GLY G 231 -61.00 -42.92 -4.00
CA GLY G 231 -59.96 -42.80 -2.98
C GLY G 231 -59.39 -44.14 -2.58
N THR G 232 -60.24 -45.14 -2.41
CA THR G 232 -59.76 -46.48 -2.11
C THR G 232 -58.91 -47.05 -3.26
N ALA G 233 -59.37 -46.87 -4.51
CA ALA G 233 -58.60 -47.27 -5.65
C ALA G 233 -57.20 -46.69 -5.62
N MET G 234 -57.08 -45.39 -5.30
CA MET G 234 -55.77 -44.74 -5.23
C MET G 234 -54.92 -45.36 -4.11
N ALA G 235 -55.55 -45.65 -2.96
CA ALA G 235 -54.81 -46.22 -1.83
C ALA G 235 -54.29 -47.61 -2.13
N LYS G 236 -55.01 -48.35 -2.99
CA LYS G 236 -54.62 -49.71 -3.38
C LYS G 236 -53.77 -49.82 -4.66
N ASP G 237 -53.58 -48.69 -5.35
CA ASP G 237 -52.96 -48.70 -6.69
C ASP G 237 -51.42 -48.59 -6.62
N GLU G 238 -50.72 -49.67 -6.95
CA GLU G 238 -49.27 -49.68 -6.98
C GLU G 238 -48.69 -48.63 -7.89
N ARG G 239 -49.48 -48.16 -8.86
CA ARG G 239 -48.99 -47.09 -9.75
C ARG G 239 -48.98 -45.70 -9.13
N VAL G 240 -49.62 -45.56 -7.96
CA VAL G 240 -49.62 -44.30 -7.22
C VAL G 240 -48.49 -44.40 -6.23
N ASN G 241 -47.36 -43.79 -6.59
CA ASN G 241 -46.09 -43.95 -5.85
C ASN G 241 -46.13 -43.30 -4.46
N LEU G 242 -46.76 -42.13 -4.38
CA LEU G 242 -46.99 -41.43 -3.12
C LEU G 242 -48.43 -41.06 -3.13
N LEU G 243 -49.11 -41.35 -2.02
CA LEU G 243 -50.45 -40.86 -1.77
C LEU G 243 -50.43 -39.88 -0.59
N SER G 244 -50.75 -38.64 -0.90
CA SER G 244 -50.91 -37.59 0.08
C SER G 244 -52.38 -37.53 0.42
N PHE G 245 -52.71 -37.76 1.68
CA PHE G 245 -54.10 -37.82 2.11
C PHE G 245 -54.28 -36.81 3.23
N THR G 246 -55.25 -35.90 3.02
CA THR G 246 -55.67 -34.96 4.03
C THR G 246 -57.14 -35.25 4.33
N GLY G 247 -57.43 -35.49 5.58
CA GLY G 247 -58.77 -35.90 5.96
C GLY G 247 -58.85 -36.41 7.40
N SER G 248 -59.94 -37.09 7.74
CA SER G 248 -60.16 -37.58 9.10
C SER G 248 -59.12 -38.63 9.44
N THR G 249 -58.84 -38.76 10.73
CA THR G 249 -58.00 -39.83 11.21
C THR G 249 -58.58 -41.22 10.87
N GLN G 250 -59.88 -41.40 11.06
CA GLN G 250 -60.52 -42.68 10.82
C GLN G 250 -60.27 -43.15 9.38
N VAL G 251 -60.48 -42.28 8.39
CA VAL G 251 -60.28 -42.64 6.99
C VAL G 251 -58.79 -42.78 6.71
N GLY G 252 -58.01 -41.82 7.22
CA GLY G 252 -56.57 -41.83 7.06
C GLY G 252 -55.85 -43.10 7.52
N LYS G 253 -56.25 -43.64 8.67
CA LYS G 253 -55.70 -44.91 9.14
C LYS G 253 -55.87 -46.02 8.09
N GLN G 254 -57.06 -46.09 7.48
CA GLN G 254 -57.35 -47.12 6.48
C GLN G 254 -56.52 -46.90 5.20
N VAL G 255 -56.42 -45.64 4.76
CA VAL G 255 -55.56 -45.27 3.62
C VAL G 255 -54.11 -45.68 3.91
N GLY G 256 -53.63 -45.35 5.11
CA GLY G 256 -52.28 -45.65 5.48
C GLY G 256 -52.00 -47.13 5.51
N LEU G 257 -52.97 -47.94 5.97
CA LEU G 257 -52.80 -49.39 5.96
C LEU G 257 -52.78 -49.99 4.54
N MET G 258 -53.67 -49.49 3.68
CA MET G 258 -53.68 -49.94 2.26
C MET G 258 -52.39 -49.60 1.58
N VAL G 259 -51.86 -48.41 1.82
CA VAL G 259 -50.62 -48.04 1.19
C VAL G 259 -49.45 -48.88 1.70
N GLN G 260 -49.39 -49.10 3.03
CA GLN G 260 -48.33 -49.94 3.62
C GLN G 260 -48.39 -51.36 3.08
N GLU G 261 -49.61 -51.88 2.92
CA GLU G 261 -49.80 -53.24 2.41
C GLU G 261 -49.07 -53.47 1.07
N ARG G 262 -49.03 -52.42 0.25
CA ARG G 262 -48.41 -52.51 -1.07
C ARG G 262 -47.03 -51.85 -1.14
N PHE G 263 -46.47 -51.48 0.00
CA PHE G 263 -45.18 -50.82 0.06
C PHE G 263 -45.13 -49.57 -0.82
N GLY G 264 -46.23 -48.83 -0.80
CA GLY G 264 -46.23 -47.47 -1.31
C GLY G 264 -45.75 -46.47 -0.25
N ARG G 265 -45.74 -45.20 -0.67
CA ARG G 265 -45.46 -44.12 0.27
C ARG G 265 -46.73 -43.37 0.58
N SER G 266 -46.92 -43.01 1.85
CA SER G 266 -48.05 -42.15 2.22
C SER G 266 -47.58 -40.92 2.94
N LEU G 267 -48.36 -39.86 2.79
CA LEU G 267 -48.15 -38.60 3.50
C LEU G 267 -49.53 -38.30 4.09
N LEU G 268 -49.65 -38.48 5.41
CA LEU G 268 -50.94 -38.41 6.12
C LEU G 268 -51.00 -37.12 6.94
N GLU G 269 -52.09 -36.39 6.69
CA GLU G 269 -52.45 -35.15 7.33
C GLU G 269 -53.84 -35.25 7.86
N LEU G 270 -53.92 -35.65 9.13
CA LEU G 270 -55.16 -36.09 9.69
C LEU G 270 -55.72 -35.14 10.75
N GLY G 271 -56.47 -35.68 11.71
CA GLY G 271 -57.25 -34.82 12.58
C GLY G 271 -56.50 -34.10 13.66
N GLY G 272 -57.15 -33.07 14.20
CA GLY G 272 -56.59 -32.28 15.28
C GLY G 272 -57.51 -32.17 16.47
N ASN G 273 -56.96 -31.86 17.62
CA ASN G 273 -57.74 -31.56 18.84
C ASN G 273 -56.92 -30.55 19.62
N ASN G 274 -56.82 -29.36 19.05
CA ASN G 274 -55.75 -28.43 19.36
C ASN G 274 -56.09 -27.59 20.58
N ALA G 275 -55.11 -27.51 21.48
CA ALA G 275 -55.22 -26.77 22.74
C ALA G 275 -54.51 -25.40 22.69
N ILE G 276 -55.18 -24.41 23.28
CA ILE G 276 -54.56 -23.18 23.72
C ILE G 276 -54.46 -23.24 25.26
N ILE G 277 -53.30 -22.85 25.80
CA ILE G 277 -53.07 -22.78 27.24
C ILE G 277 -52.71 -21.35 27.63
N ALA G 278 -53.52 -20.75 28.51
CA ALA G 278 -53.26 -19.37 28.99
C ALA G 278 -52.75 -19.40 30.45
N PHE G 279 -51.47 -19.07 30.62
CA PHE G 279 -50.86 -18.98 31.95
C PHE G 279 -51.23 -17.70 32.67
N GLU G 280 -51.01 -17.66 33.99
CA GLU G 280 -51.44 -16.47 34.74
C GLU G 280 -50.79 -15.16 34.26
N ASP G 281 -49.57 -15.23 33.71
CA ASP G 281 -48.87 -14.04 33.22
C ASP G 281 -49.19 -13.65 31.77
N ALA G 282 -50.16 -14.33 31.16
CA ALA G 282 -50.52 -14.02 29.76
C ALA G 282 -51.10 -12.63 29.61
N ASP G 283 -50.89 -12.07 28.42
CA ASP G 283 -51.53 -10.83 28.00
C ASP G 283 -52.96 -11.18 27.57
N LEU G 284 -53.95 -10.82 28.40
CA LEU G 284 -55.35 -11.18 28.12
C LEU G 284 -55.92 -10.47 26.90
N SER G 285 -55.38 -9.28 26.59
CA SER G 285 -55.76 -8.54 25.37
C SER G 285 -55.33 -9.26 24.12
N LEU G 286 -54.38 -10.20 24.27
CA LEU G 286 -53.98 -11.08 23.20
C LEU G 286 -54.72 -12.45 23.23
N VAL G 287 -54.81 -13.04 24.41
CA VAL G 287 -55.51 -14.33 24.60
C VAL G 287 -56.93 -14.33 24.06
N VAL G 288 -57.72 -13.31 24.40
CA VAL G 288 -59.14 -13.31 24.06
C VAL G 288 -59.37 -13.27 22.54
N PRO G 289 -58.81 -12.27 21.83
CA PRO G 289 -59.02 -12.31 20.36
C PRO G 289 -58.36 -13.51 19.67
N SER G 290 -57.23 -13.96 20.18
CA SER G 290 -56.58 -15.17 19.65
C SER G 290 -57.47 -16.39 19.80
N ALA G 291 -58.05 -16.58 20.98
CA ALA G 291 -58.93 -17.71 21.21
C ALA G 291 -60.20 -17.58 20.38
N LEU G 292 -60.77 -16.37 20.31
CA LEU G 292 -61.93 -16.13 19.45
C LEU G 292 -61.61 -16.59 18.01
N PHE G 293 -60.51 -16.11 17.45
CA PHE G 293 -60.19 -16.41 16.06
C PHE G 293 -59.92 -17.88 15.85
N ALA G 294 -59.12 -18.47 16.74
CA ALA G 294 -58.73 -19.86 16.61
C ALA G 294 -59.93 -20.82 16.78
N ALA G 295 -60.86 -20.46 17.66
CA ALA G 295 -62.01 -21.32 18.01
C ALA G 295 -63.13 -21.21 16.98
N VAL G 296 -63.43 -19.99 16.56
CA VAL G 296 -64.64 -19.67 15.78
C VAL G 296 -64.32 -19.36 14.29
N GLY G 297 -63.07 -19.07 13.97
CA GLY G 297 -62.69 -18.83 12.58
C GLY G 297 -63.08 -20.04 11.75
N THR G 298 -63.57 -19.82 10.54
CA THR G 298 -63.99 -20.89 9.63
C THR G 298 -65.11 -21.74 10.25
N ALA G 299 -65.90 -21.10 11.09
CA ALA G 299 -66.93 -21.79 11.90
C ALA G 299 -66.40 -23.07 12.58
N GLY G 300 -65.16 -23.01 13.07
CA GLY G 300 -64.59 -24.15 13.83
C GLY G 300 -64.17 -25.31 12.92
N GLN G 301 -64.01 -25.04 11.61
CA GLN G 301 -63.75 -26.09 10.63
C GLN G 301 -62.36 -26.08 10.03
N ARG G 302 -61.35 -25.59 10.77
CA ARG G 302 -59.94 -25.76 10.37
C ARG G 302 -59.43 -26.98 11.07
N CYS G 303 -58.49 -27.68 10.44
CA CYS G 303 -57.83 -28.76 11.16
C CYS G 303 -57.11 -28.25 12.39
N THR G 304 -56.61 -27.02 12.32
CA THR G 304 -55.88 -26.35 13.43
C THR G 304 -56.77 -25.55 14.38
N THR G 305 -58.09 -25.64 14.23
CA THR G 305 -59.03 -24.94 15.13
C THR G 305 -58.77 -25.27 16.59
N ALA G 306 -58.83 -24.25 17.47
CA ALA G 306 -58.72 -24.50 18.90
C ALA G 306 -60.01 -25.15 19.42
N ARG G 307 -59.87 -26.35 19.96
CA ARG G 307 -60.99 -27.09 20.55
C ARG G 307 -60.92 -27.23 22.08
N ARG G 308 -59.73 -27.01 22.64
CA ARG G 308 -59.50 -27.08 24.09
C ARG G 308 -58.79 -25.79 24.51
N LEU G 309 -59.35 -25.11 25.51
CA LEU G 309 -58.76 -23.90 26.08
C LEU G 309 -58.50 -24.14 27.56
N PHE G 310 -57.24 -24.24 27.94
CA PHE G 310 -56.83 -24.41 29.34
C PHE G 310 -56.46 -23.04 29.89
N ILE G 311 -57.08 -22.63 30.99
CA ILE G 311 -56.84 -21.29 31.54
C ILE G 311 -56.47 -21.43 33.01
N HIS G 312 -55.44 -20.70 33.43
CA HIS G 312 -55.02 -20.79 34.81
C HIS G 312 -56.17 -20.39 35.73
N GLU G 313 -56.30 -21.09 36.86
CA GLU G 313 -57.41 -20.84 37.80
C GLU G 313 -57.61 -19.35 38.11
N SER G 314 -56.51 -18.61 38.22
CA SER G 314 -56.56 -17.19 38.56
C SER G 314 -57.27 -16.31 37.54
N ILE G 315 -57.15 -16.68 36.27
CA ILE G 315 -57.71 -15.84 35.20
C ILE G 315 -58.86 -16.52 34.45
N HIS G 316 -59.20 -17.76 34.84
CA HIS G 316 -60.27 -18.52 34.14
C HIS G 316 -61.59 -17.73 33.94
N ASP G 317 -62.15 -17.22 35.03
CA ASP G 317 -63.45 -16.58 34.92
C ASP G 317 -63.42 -15.33 34.10
N GLU G 318 -62.35 -14.55 34.23
CA GLU G 318 -62.23 -13.32 33.46
C GLU G 318 -62.17 -13.63 31.95
N VAL G 319 -61.30 -14.56 31.58
CA VAL G 319 -61.18 -14.93 30.16
C VAL G 319 -62.50 -15.47 29.60
N VAL G 320 -63.17 -16.37 30.34
CA VAL G 320 -64.44 -16.92 29.87
C VAL G 320 -65.49 -15.80 29.72
N ASN G 321 -65.55 -14.90 30.68
CA ASN G 321 -66.47 -13.74 30.58
C ASN G 321 -66.18 -12.88 29.35
N ARG G 322 -64.92 -12.55 29.11
CA ARG G 322 -64.52 -11.78 27.95
C ARG G 322 -64.79 -12.51 26.62
N LEU G 323 -64.58 -13.82 26.60
CA LEU G 323 -64.92 -14.61 25.39
C LEU G 323 -66.43 -14.64 25.12
N LYS G 324 -67.23 -14.86 26.16
CA LYS G 324 -68.69 -14.82 25.99
C LYS G 324 -69.14 -13.48 25.38
N LYS G 325 -68.58 -12.37 25.86
CA LYS G 325 -68.91 -11.04 25.33
C LYS G 325 -68.51 -10.94 23.86
N ALA G 326 -67.32 -11.42 23.52
CA ALA G 326 -66.82 -11.37 22.15
C ALA G 326 -67.68 -12.22 21.23
N TYR G 327 -68.08 -13.39 21.72
CA TYR G 327 -68.93 -14.29 20.88
C TYR G 327 -70.26 -13.64 20.47
N ALA G 328 -70.87 -12.91 21.40
CA ALA G 328 -72.13 -12.21 21.14
C ALA G 328 -72.02 -11.11 20.09
N GLN G 329 -70.81 -10.63 19.81
CA GLN G 329 -70.58 -9.58 18.79
C GLN G 329 -70.31 -10.11 17.39
N ILE G 330 -70.26 -11.43 17.24
CA ILE G 330 -69.93 -12.03 15.95
C ILE G 330 -71.05 -11.74 14.95
N ARG G 331 -70.67 -11.21 13.79
CA ARG G 331 -71.62 -10.92 12.70
C ARG G 331 -71.77 -12.13 11.80
N VAL G 332 -73.00 -12.66 11.79
CA VAL G 332 -73.38 -13.86 11.05
C VAL G 332 -74.13 -13.45 9.78
N GLY G 333 -73.99 -14.22 8.71
CA GLY G 333 -74.59 -13.90 7.44
C GLY G 333 -74.13 -14.81 6.35
N ASN G 334 -74.51 -14.50 5.11
CA ASN G 334 -73.97 -15.26 3.97
C ASN G 334 -72.47 -14.99 3.94
N PRO G 335 -71.66 -16.05 3.78
CA PRO G 335 -70.23 -15.86 3.98
C PRO G 335 -69.53 -14.98 2.95
N TRP G 336 -70.17 -14.68 1.83
CA TRP G 336 -69.62 -13.78 0.80
C TRP G 336 -70.07 -12.33 0.98
N ASP G 337 -70.89 -12.05 1.99
CA ASP G 337 -71.46 -10.71 2.17
C ASP G 337 -70.57 -9.81 3.01
N PRO G 338 -70.71 -8.48 2.80
CA PRO G 338 -69.84 -7.57 3.51
C PRO G 338 -70.09 -7.61 5.01
N ASN G 339 -69.03 -7.44 5.77
CA ASN G 339 -69.11 -7.37 7.21
C ASN G 339 -69.37 -8.71 7.91
N VAL G 340 -69.64 -9.80 7.15
CA VAL G 340 -69.87 -11.11 7.76
C VAL G 340 -68.57 -11.77 8.22
N LEU G 341 -68.58 -12.22 9.46
CA LEU G 341 -67.42 -12.91 10.02
C LEU G 341 -67.68 -14.38 10.35
N TYR G 342 -68.92 -14.82 10.19
CA TYR G 342 -69.32 -16.17 10.60
C TYR G 342 -70.37 -16.70 9.67
N GLY G 343 -70.00 -17.80 8.99
CA GLY G 343 -70.87 -18.48 8.06
C GLY G 343 -71.37 -19.82 8.60
N PRO G 344 -71.91 -20.66 7.69
CA PRO G 344 -72.52 -21.94 8.05
C PRO G 344 -71.48 -23.05 8.23
N LEU G 345 -71.87 -24.14 8.89
CA LEU G 345 -71.08 -25.39 8.77
C LEU G 345 -71.28 -25.93 7.36
N HIS G 346 -70.38 -26.80 6.96
CA HIS G 346 -70.31 -27.24 5.58
C HIS G 346 -71.44 -28.17 5.17
N THR G 347 -71.92 -28.98 6.10
CA THR G 347 -72.97 -29.96 5.83
C THR G 347 -74.07 -30.03 6.89
N LYS G 348 -75.24 -30.56 6.50
CA LYS G 348 -76.32 -30.91 7.44
C LYS G 348 -75.86 -31.91 8.52
N GLN G 349 -75.02 -32.85 8.13
CA GLN G 349 -74.47 -33.85 9.05
C GLN G 349 -73.61 -33.16 10.13
N ALA G 350 -72.84 -32.14 9.74
CA ALA G 350 -72.00 -31.43 10.67
C ALA G 350 -72.84 -30.77 11.76
N VAL G 351 -74.01 -30.26 11.39
CA VAL G 351 -74.98 -29.71 12.37
C VAL G 351 -75.46 -30.77 13.36
N SER G 352 -75.79 -31.96 12.86
CA SER G 352 -76.23 -33.04 13.73
C SER G 352 -75.10 -33.45 14.66
N MET G 353 -73.88 -33.53 14.14
CA MET G 353 -72.73 -33.91 14.94
C MET G 353 -72.46 -32.89 16.05
N PHE G 354 -72.57 -31.61 15.70
CA PHE G 354 -72.48 -30.51 16.66
C PHE G 354 -73.49 -30.74 17.82
N LEU G 355 -74.76 -30.96 17.46
CA LEU G 355 -75.82 -31.20 18.46
C LEU G 355 -75.52 -32.40 19.35
N GLY G 356 -74.99 -33.46 18.76
CA GLY G 356 -74.63 -34.66 19.54
C GLY G 356 -73.55 -34.39 20.55
N ALA G 357 -72.50 -33.65 20.14
CA ALA G 357 -71.36 -33.31 20.99
C ALA G 357 -71.80 -32.42 22.16
N VAL G 358 -72.66 -31.43 21.87
CA VAL G 358 -73.20 -30.53 22.89
C VAL G 358 -73.95 -31.36 23.94
N GLU G 359 -74.76 -32.31 23.47
CA GLU G 359 -75.53 -33.10 24.43
C GLU G 359 -74.59 -33.99 25.27
N GLU G 360 -73.59 -34.61 24.63
CA GLU G 360 -72.62 -35.45 25.35
C GLU G 360 -71.82 -34.64 26.38
N ALA G 361 -71.45 -33.41 26.01
CA ALA G 361 -70.73 -32.49 26.89
C ALA G 361 -71.54 -32.25 28.16
N LYS G 362 -72.83 -32.03 28.01
CA LYS G 362 -73.69 -31.80 29.16
C LYS G 362 -73.80 -33.08 29.97
N LYS G 363 -73.88 -34.24 29.30
CA LYS G 363 -74.01 -35.50 30.04
C LYS G 363 -72.76 -35.76 30.88
N GLU G 364 -71.60 -35.35 30.34
CA GLU G 364 -70.29 -35.58 31.02
C GLU G 364 -69.97 -34.50 32.08
N GLY G 365 -70.92 -33.63 32.37
CA GLY G 365 -70.82 -32.64 33.45
C GLY G 365 -70.52 -31.21 33.03
N GLY G 366 -70.49 -30.95 31.72
CA GLY G 366 -70.23 -29.61 31.22
C GLY G 366 -71.41 -28.67 31.28
N THR G 367 -71.11 -27.37 31.32
CA THR G 367 -72.12 -26.32 31.23
C THR G 367 -71.84 -25.53 29.96
N VAL G 368 -72.88 -25.38 29.13
CA VAL G 368 -72.85 -24.48 27.99
C VAL G 368 -73.02 -23.05 28.50
N VAL G 369 -71.96 -22.27 28.42
CA VAL G 369 -72.03 -20.89 28.92
C VAL G 369 -72.31 -19.88 27.81
N TYR G 370 -72.17 -20.32 26.56
CA TYR G 370 -72.59 -19.56 25.37
C TYR G 370 -72.90 -20.56 24.26
N GLY G 371 -74.01 -20.37 23.56
CA GLY G 371 -74.32 -21.11 22.37
C GLY G 371 -75.01 -22.43 22.64
N GLY G 372 -74.70 -23.41 21.80
CA GLY G 372 -75.14 -24.79 21.98
C GLY G 372 -76.31 -25.21 21.11
N LYS G 373 -76.86 -24.28 20.36
CA LYS G 373 -78.07 -24.50 19.57
C LYS G 373 -77.85 -24.19 18.09
N VAL G 374 -78.75 -24.72 17.28
CA VAL G 374 -78.81 -24.40 15.87
C VAL G 374 -79.49 -23.04 15.77
N MET G 375 -79.04 -22.23 14.80
CA MET G 375 -79.60 -20.92 14.55
C MET G 375 -80.86 -21.11 13.74
N ASP G 376 -81.86 -20.28 14.04
CA ASP G 376 -83.12 -20.30 13.34
C ASP G 376 -83.05 -19.46 12.06
N ARG G 377 -82.47 -20.06 11.01
CA ARG G 377 -82.26 -19.37 9.74
C ARG G 377 -81.88 -20.41 8.67
N PRO G 378 -82.04 -20.05 7.38
CA PRO G 378 -81.62 -20.95 6.30
C PRO G 378 -80.14 -21.33 6.35
N GLY G 379 -79.82 -22.52 5.87
CA GLY G 379 -78.45 -22.98 5.84
C GLY G 379 -78.01 -23.71 7.09
N ASN G 380 -76.75 -24.10 7.11
CA ASN G 380 -76.28 -24.99 8.15
C ASN G 380 -75.66 -24.23 9.34
N TYR G 381 -76.40 -23.26 9.90
CA TYR G 381 -75.80 -22.37 10.92
C TYR G 381 -76.04 -22.91 12.34
N VAL G 382 -74.96 -22.86 13.13
CA VAL G 382 -75.00 -23.20 14.56
C VAL G 382 -74.35 -22.10 15.36
N GLU G 383 -74.76 -21.97 16.62
CA GLU G 383 -74.13 -20.99 17.50
C GLU G 383 -72.74 -21.45 17.88
N PRO G 384 -71.74 -20.56 17.77
CA PRO G 384 -70.42 -20.97 18.27
C PRO G 384 -70.57 -21.14 19.79
N THR G 385 -69.90 -22.15 20.34
CA THR G 385 -70.27 -22.64 21.66
C THR G 385 -69.06 -22.75 22.57
N ILE G 386 -69.29 -22.42 23.82
CA ILE G 386 -68.30 -22.49 24.87
C ILE G 386 -68.84 -23.34 26.00
N VAL G 387 -68.04 -24.32 26.40
CA VAL G 387 -68.43 -25.29 27.45
C VAL G 387 -67.39 -25.27 28.57
N THR G 388 -67.84 -24.98 29.79
CA THR G 388 -66.99 -25.04 30.98
C THR G 388 -67.32 -26.29 31.82
N GLY G 389 -66.44 -26.60 32.78
CA GLY G 389 -66.75 -27.59 33.82
C GLY G 389 -66.41 -29.03 33.54
N LEU G 390 -66.07 -29.37 32.30
CA LEU G 390 -65.65 -30.76 32.03
C LEU G 390 -64.28 -31.07 32.64
N GLY G 391 -64.05 -32.35 32.89
CA GLY G 391 -62.70 -32.82 33.23
C GLY G 391 -61.92 -32.85 31.93
N HIS G 392 -60.63 -32.63 32.04
CA HIS G 392 -59.77 -32.59 30.86
C HIS G 392 -59.81 -33.94 30.15
N ASP G 393 -60.14 -35.01 30.87
CA ASP G 393 -60.17 -36.34 30.29
C ASP G 393 -61.53 -36.83 29.86
N ALA G 394 -62.51 -35.95 29.80
CA ALA G 394 -63.84 -36.28 29.28
C ALA G 394 -63.70 -36.77 27.85
N SER G 395 -64.36 -37.87 27.49
CA SER G 395 -64.10 -38.49 26.21
C SER G 395 -64.53 -37.56 25.05
N ILE G 396 -65.56 -36.74 25.26
CA ILE G 396 -66.02 -35.84 24.17
C ILE G 396 -64.94 -34.80 23.91
N ALA G 397 -64.20 -34.44 24.96
CA ALA G 397 -63.13 -33.45 24.84
C ALA G 397 -61.90 -34.04 24.16
N HIS G 398 -61.75 -35.36 24.22
CA HIS G 398 -60.67 -36.08 23.51
C HIS G 398 -60.99 -36.40 22.06
N THR G 399 -62.23 -36.17 21.69
CA THR G 399 -62.72 -36.42 20.35
C THR G 399 -62.68 -35.14 19.51
N GLU G 400 -62.30 -35.28 18.24
CA GLU G 400 -62.47 -34.18 17.29
C GLU G 400 -63.90 -34.13 16.75
N THR G 401 -64.63 -33.10 17.17
CA THR G 401 -65.92 -32.79 16.57
C THR G 401 -65.70 -31.53 15.76
N PHE G 402 -65.98 -31.66 14.47
CA PHE G 402 -65.57 -30.67 13.48
C PHE G 402 -66.63 -29.58 13.38
N ALA G 403 -66.72 -28.84 14.48
CA ALA G 403 -67.77 -27.84 14.75
C ALA G 403 -67.20 -26.84 15.77
N PRO G 404 -67.82 -25.65 15.89
CA PRO G 404 -67.29 -24.65 16.81
C PRO G 404 -67.76 -24.87 18.24
N ILE G 405 -67.14 -25.84 18.89
CA ILE G 405 -67.31 -26.08 20.33
C ILE G 405 -65.94 -26.02 21.01
N LEU G 406 -65.83 -25.13 21.97
CA LEU G 406 -64.60 -24.88 22.70
C LEU G 406 -64.80 -25.40 24.11
N TYR G 407 -64.00 -26.39 24.49
CA TYR G 407 -64.03 -26.93 25.85
C TYR G 407 -62.99 -26.18 26.68
N VAL G 408 -63.44 -25.59 27.80
CA VAL G 408 -62.58 -24.78 28.66
C VAL G 408 -62.29 -25.50 29.96
N PHE G 409 -61.02 -25.50 30.35
CA PHE G 409 -60.54 -26.22 31.51
C PHE G 409 -59.73 -25.26 32.37
N LYS G 410 -59.79 -25.49 33.68
CA LYS G 410 -58.85 -24.86 34.62
C LYS G 410 -57.56 -25.67 34.77
N PHE G 411 -56.47 -25.00 35.10
CA PHE G 411 -55.24 -25.67 35.55
C PHE G 411 -54.53 -24.82 36.61
N GLN G 412 -53.59 -25.44 37.31
CA GLN G 412 -52.72 -24.78 38.27
C GLN G 412 -51.28 -24.68 37.80
N ASN G 413 -50.70 -25.81 37.46
CA ASN G 413 -49.29 -25.85 37.14
C ASN G 413 -48.94 -26.28 35.73
N GLU G 414 -47.72 -25.93 35.34
CA GLU G 414 -47.20 -26.08 34.00
C GLU G 414 -47.03 -27.55 33.62
N GLU G 415 -46.54 -28.36 34.56
CA GLU G 415 -46.31 -29.77 34.26
C GLU G 415 -47.61 -30.49 33.92
N GLU G 416 -48.64 -30.30 34.74
CA GLU G 416 -49.92 -30.97 34.49
C GLU G 416 -50.55 -30.50 33.18
N VAL G 417 -50.47 -29.22 32.88
CA VAL G 417 -51.16 -28.72 31.70
C VAL G 417 -50.45 -29.12 30.40
N PHE G 418 -49.12 -29.24 30.45
CA PHE G 418 -48.37 -29.74 29.29
C PHE G 418 -48.77 -31.19 29.05
N ALA G 419 -48.86 -31.94 30.15
CA ALA G 419 -49.36 -33.31 30.07
C ALA G 419 -50.76 -33.35 29.46
N TRP G 420 -51.63 -32.42 29.83
CA TRP G 420 -53.00 -32.46 29.34
C TRP G 420 -53.07 -32.07 27.86
N ASN G 421 -52.21 -31.16 27.44
CA ASN G 421 -52.06 -30.89 26.00
C ASN G 421 -51.78 -32.20 25.26
N ASN G 422 -50.86 -32.96 25.81
CA ASN G 422 -50.29 -34.13 25.14
C ASN G 422 -51.08 -35.41 25.24
N GLU G 423 -52.06 -35.44 26.14
CA GLU G 423 -52.71 -36.71 26.51
C GLU G 423 -53.65 -37.28 25.47
N VAL G 424 -54.10 -36.43 24.55
CA VAL G 424 -55.00 -36.87 23.49
C VAL G 424 -54.26 -37.64 22.41
N LYS G 425 -55.00 -38.22 21.47
CA LYS G 425 -54.36 -39.02 20.42
C LYS G 425 -53.93 -38.16 19.24
N GLN G 426 -54.58 -37.00 19.07
CA GLN G 426 -54.21 -36.07 18.01
C GLN G 426 -52.91 -35.35 18.39
N GLY G 427 -52.20 -34.84 17.39
CA GLY G 427 -50.94 -34.12 17.61
C GLY G 427 -50.61 -33.02 16.60
N LEU G 428 -51.62 -32.22 16.25
CA LEU G 428 -51.44 -31.27 15.15
C LEU G 428 -50.84 -29.97 15.65
N SER G 429 -51.66 -29.16 16.30
CA SER G 429 -51.20 -27.82 16.76
C SER G 429 -51.46 -27.59 18.22
N SER G 430 -50.79 -26.57 18.78
CA SER G 430 -50.78 -26.30 20.20
C SER G 430 -50.26 -24.88 20.39
N SER G 431 -50.74 -24.19 21.42
CA SER G 431 -50.26 -22.84 21.71
C SER G 431 -50.24 -22.60 23.21
N ILE G 432 -49.20 -21.91 23.71
CA ILE G 432 -49.23 -21.33 25.07
C ILE G 432 -49.15 -19.80 24.97
N PHE G 433 -49.86 -19.14 25.88
CA PHE G 433 -49.79 -17.68 26.10
C PHE G 433 -49.14 -17.46 27.46
N THR G 434 -47.98 -16.80 27.40
CA THR G 434 -47.16 -16.59 28.58
C THR G 434 -46.06 -15.61 28.23
N LYS G 435 -45.47 -15.01 29.25
CA LYS G 435 -44.33 -14.13 29.09
C LYS G 435 -43.05 -14.79 29.62
N ASP G 436 -43.17 -15.99 30.21
CA ASP G 436 -42.08 -16.62 30.94
C ASP G 436 -41.11 -17.29 29.97
N LEU G 437 -39.88 -16.76 29.91
CA LEU G 437 -38.84 -17.22 28.99
C LEU G 437 -38.54 -18.73 29.13
N GLY G 438 -38.36 -19.19 30.36
CA GLY G 438 -38.01 -20.59 30.58
C GLY G 438 -39.14 -21.52 30.18
N ARG G 439 -40.35 -21.10 30.48
CA ARG G 439 -41.54 -21.87 30.15
C ARG G 439 -41.65 -22.03 28.64
N ILE G 440 -41.35 -20.96 27.92
CA ILE G 440 -41.39 -20.97 26.46
C ILE G 440 -40.40 -22.01 25.90
N PHE G 441 -39.16 -21.97 26.35
CA PHE G 441 -38.20 -22.97 25.87
C PHE G 441 -38.48 -24.37 26.38
N ARG G 442 -39.04 -24.52 27.58
CA ARG G 442 -39.50 -25.87 27.98
C ARG G 442 -40.62 -26.40 27.08
N TRP G 443 -41.53 -25.51 26.71
CA TRP G 443 -42.63 -25.88 25.80
C TRP G 443 -42.13 -26.41 24.44
N LEU G 444 -41.05 -25.80 23.96
CA LEU G 444 -40.41 -26.17 22.72
C LEU G 444 -39.46 -27.37 22.82
N GLY G 445 -39.19 -27.85 24.05
CA GLY G 445 -38.21 -28.88 24.29
C GLY G 445 -38.83 -30.26 24.45
N PRO G 446 -38.01 -31.24 24.89
CA PRO G 446 -38.44 -32.65 24.85
C PRO G 446 -39.53 -33.03 25.85
N LYS G 447 -39.72 -32.20 26.87
CA LYS G 447 -40.79 -32.37 27.86
C LYS G 447 -41.93 -31.34 27.61
N GLY G 448 -41.92 -30.74 26.44
CA GLY G 448 -42.95 -29.79 26.06
C GLY G 448 -44.05 -30.38 25.20
N SER G 449 -44.58 -29.58 24.30
CA SER G 449 -45.67 -30.02 23.44
C SER G 449 -45.21 -31.15 22.55
N ASP G 450 -46.12 -32.10 22.33
CA ASP G 450 -45.81 -33.27 21.48
C ASP G 450 -46.37 -33.09 20.04
N CYS G 451 -46.81 -31.87 19.71
CA CYS G 451 -47.49 -31.56 18.45
C CYS G 451 -46.49 -31.17 17.32
N GLY G 452 -46.98 -31.21 16.09
CA GLY G 452 -46.17 -30.77 14.97
C GLY G 452 -46.05 -29.27 14.82
N ILE G 453 -47.02 -28.55 15.41
CA ILE G 453 -47.01 -27.08 15.40
C ILE G 453 -47.07 -26.66 16.86
N VAL G 454 -46.04 -25.92 17.27
CA VAL G 454 -45.84 -25.59 18.68
C VAL G 454 -45.66 -24.07 18.80
N ASN G 455 -46.74 -23.39 19.18
CA ASN G 455 -46.83 -21.93 19.09
C ASN G 455 -46.79 -21.21 20.44
N VAL G 456 -46.40 -19.94 20.42
CA VAL G 456 -46.31 -19.13 21.64
C VAL G 456 -46.91 -17.75 21.31
N ASN G 457 -47.93 -17.36 22.07
CA ASN G 457 -48.59 -16.05 21.98
C ASN G 457 -49.25 -15.79 20.63
N ILE G 458 -49.52 -16.88 19.92
CA ILE G 458 -50.26 -16.87 18.69
C ILE G 458 -51.06 -18.16 18.73
N PRO G 459 -52.28 -18.13 18.21
CA PRO G 459 -53.07 -19.35 18.45
C PRO G 459 -52.79 -20.50 17.48
N THR G 460 -53.63 -21.52 17.57
CA THR G 460 -53.33 -22.83 17.01
C THR G 460 -53.36 -22.84 15.48
N SER G 461 -54.08 -21.87 14.92
CA SER G 461 -54.18 -21.75 13.48
C SER G 461 -53.03 -20.96 12.86
N GLY G 462 -52.04 -20.57 13.70
CA GLY G 462 -50.81 -19.89 13.24
C GLY G 462 -49.77 -20.78 12.57
N ALA G 463 -49.67 -20.62 11.24
CA ALA G 463 -48.70 -21.34 10.41
C ALA G 463 -48.44 -20.50 9.14
N GLU G 464 -47.32 -20.74 8.48
CA GLU G 464 -46.94 -20.04 7.25
C GLU G 464 -46.19 -20.99 6.32
N ILE G 465 -46.10 -20.60 5.04
CA ILE G 465 -45.60 -21.56 4.06
C ILE G 465 -44.14 -21.92 4.24
N GLY G 466 -43.35 -21.06 4.89
CA GLY G 466 -41.90 -21.29 5.00
C GLY G 466 -41.52 -22.50 5.86
N GLY G 467 -42.43 -22.90 6.75
CA GLY G 467 -42.25 -24.03 7.62
C GLY G 467 -42.94 -25.30 7.13
N ALA G 468 -42.46 -26.46 7.59
CA ALA G 468 -43.17 -27.70 7.36
C ALA G 468 -44.46 -27.77 8.16
N PHE G 469 -45.55 -28.24 7.54
CA PHE G 469 -46.86 -28.23 8.14
C PHE G 469 -47.36 -29.67 8.32
N GLY G 470 -47.70 -30.04 9.54
CA GLY G 470 -48.30 -31.33 9.79
C GLY G 470 -48.20 -31.67 11.26
N GLY G 471 -48.61 -32.89 11.64
CA GLY G 471 -48.62 -33.23 13.06
C GLY G 471 -48.11 -34.62 13.33
N GLU G 472 -48.22 -34.99 14.60
CA GLU G 472 -47.69 -36.25 15.09
C GLU G 472 -48.82 -37.16 15.56
N LYS G 473 -48.46 -38.34 16.05
CA LYS G 473 -49.47 -39.20 16.68
C LYS G 473 -50.61 -39.53 15.67
N HIS G 474 -51.88 -39.44 16.08
CA HIS G 474 -52.97 -39.77 15.15
C HIS G 474 -53.18 -38.75 14.02
N THR G 475 -52.45 -37.65 14.07
CA THR G 475 -52.46 -36.69 12.97
C THR G 475 -51.66 -37.24 11.78
N GLY G 476 -50.85 -38.27 12.00
CA GLY G 476 -50.34 -39.07 10.86
C GLY G 476 -48.92 -38.90 10.39
N GLY G 477 -48.24 -37.82 10.80
CA GLY G 477 -46.79 -37.67 10.59
C GLY G 477 -46.31 -37.00 9.32
N GLY G 478 -47.19 -36.83 8.34
CA GLY G 478 -46.77 -36.19 7.11
C GLY G 478 -46.49 -34.72 7.31
N ARG G 479 -45.71 -34.16 6.37
CA ARG G 479 -45.50 -32.69 6.29
C ARG G 479 -45.70 -32.17 4.87
N GLU G 480 -46.20 -30.94 4.83
CA GLU G 480 -46.38 -30.22 3.59
C GLU G 480 -45.67 -28.86 3.64
N SER G 481 -45.53 -28.29 2.46
CA SER G 481 -45.08 -26.89 2.28
C SER G 481 -43.58 -26.71 2.46
N GLY G 482 -43.13 -26.10 3.56
CA GLY G 482 -41.78 -25.62 3.67
C GLY G 482 -40.74 -26.53 4.28
N SER G 483 -39.65 -25.89 4.70
CA SER G 483 -38.45 -26.57 5.12
C SER G 483 -38.12 -27.65 4.10
N ASP G 484 -37.76 -28.87 4.54
CA ASP G 484 -37.44 -29.94 3.62
C ASP G 484 -38.59 -30.92 3.41
N ALA G 485 -39.84 -30.43 3.54
CA ALA G 485 -41.04 -31.28 3.26
C ALA G 485 -40.93 -31.92 1.83
N TRP G 486 -40.30 -31.19 0.91
CA TRP G 486 -40.14 -31.65 -0.49
C TRP G 486 -39.54 -33.06 -0.60
N LYS G 487 -38.73 -33.47 0.38
CA LYS G 487 -38.10 -34.78 0.33
C LYS G 487 -39.15 -35.91 0.35
N GLN G 488 -40.32 -35.64 0.92
CA GLN G 488 -41.37 -36.67 0.92
C GLN G 488 -41.89 -36.96 -0.47
N TYR G 489 -41.64 -36.06 -1.40
CA TYR G 489 -42.14 -36.21 -2.79
C TYR G 489 -41.06 -36.77 -3.71
N MET G 490 -39.93 -37.21 -3.14
CA MET G 490 -38.78 -37.65 -3.94
C MET G 490 -38.15 -38.90 -3.34
N ARG G 491 -37.39 -39.62 -4.15
CA ARG G 491 -36.59 -40.76 -3.68
C ARG G 491 -35.13 -40.39 -3.59
N ARG G 492 -34.57 -40.66 -2.42
CA ARG G 492 -33.16 -40.55 -2.15
C ARG G 492 -32.38 -41.75 -2.67
N SER G 493 -31.27 -41.46 -3.35
CA SER G 493 -30.28 -42.47 -3.60
C SER G 493 -28.90 -42.03 -3.05
N THR G 494 -28.14 -43.00 -2.55
CA THR G 494 -26.77 -42.80 -2.08
C THR G 494 -25.88 -43.50 -3.11
N CYS G 495 -25.08 -42.71 -3.81
CA CYS G 495 -24.44 -43.13 -5.04
C CYS G 495 -22.92 -43.07 -4.93
N THR G 496 -22.27 -44.22 -5.05
CA THR G 496 -20.80 -44.29 -5.02
C THR G 496 -20.28 -44.52 -6.44
N ILE G 497 -19.39 -43.65 -6.89
CA ILE G 497 -18.88 -43.69 -8.27
C ILE G 497 -17.38 -43.90 -8.18
N ASN G 498 -16.92 -45.09 -8.55
CA ASN G 498 -15.52 -45.32 -8.70
C ASN G 498 -15.05 -44.80 -10.06
N TYR G 499 -14.33 -43.69 -10.06
CA TYR G 499 -13.91 -43.04 -11.32
C TYR G 499 -12.47 -43.36 -11.65
N SER G 500 -11.84 -44.19 -10.85
CA SER G 500 -10.43 -44.42 -11.02
C SER G 500 -10.09 -45.74 -11.68
N THR H 4 -19.11 -80.82 25.14
CA THR H 4 -20.24 -80.66 24.17
C THR H 4 -20.44 -79.18 23.77
N LEU H 5 -20.70 -78.27 24.72
CA LEU H 5 -20.76 -76.84 24.37
C LEU H 5 -19.37 -76.35 23.99
N LEU H 6 -19.26 -75.63 22.88
CA LEU H 6 -17.99 -75.07 22.47
C LEU H 6 -17.39 -74.17 23.54
N ILE H 7 -18.23 -73.41 24.24
CA ILE H 7 -17.75 -72.52 25.30
C ILE H 7 -17.06 -73.30 26.43
N ASN H 8 -17.41 -74.58 26.62
CA ASN H 8 -16.75 -75.40 27.62
C ASN H 8 -15.49 -76.09 27.13
N GLN H 9 -15.13 -75.87 25.86
CA GLN H 9 -13.88 -76.37 25.30
C GLN H 9 -12.80 -75.31 25.46
N PRO H 10 -11.56 -75.72 25.81
CA PRO H 10 -10.48 -74.76 26.07
C PRO H 10 -10.04 -73.92 24.85
N GLN H 11 -10.27 -74.47 23.66
CA GLN H 11 -10.02 -73.82 22.39
C GLN H 11 -10.84 -72.51 22.28
N TYR H 12 -11.99 -72.48 22.93
CA TYR H 12 -12.92 -71.34 22.87
C TYR H 12 -12.99 -70.55 24.17
N ALA H 13 -11.97 -70.68 25.03
CA ALA H 13 -11.92 -69.93 26.30
C ALA H 13 -12.02 -68.41 26.07
N TRP H 14 -11.55 -67.93 24.90
CA TRP H 14 -11.64 -66.52 24.56
C TRP H 14 -13.01 -65.90 24.64
N LEU H 15 -14.07 -66.72 24.48
CA LEU H 15 -15.46 -66.24 24.65
C LEU H 15 -15.68 -65.63 26.03
N LYS H 16 -14.91 -66.07 27.01
CA LYS H 16 -15.04 -65.57 28.37
C LYS H 16 -14.66 -64.08 28.46
N GLU H 17 -13.80 -63.63 27.54
CA GLU H 17 -13.40 -62.23 27.46
C GLU H 17 -14.57 -61.28 27.17
N LEU H 18 -15.67 -61.85 26.64
CA LEU H 18 -16.90 -61.12 26.33
C LEU H 18 -17.91 -61.26 27.46
N GLY H 19 -17.47 -61.87 28.56
CA GLY H 19 -18.35 -62.09 29.68
C GLY H 19 -19.35 -63.21 29.49
N LEU H 20 -19.17 -64.03 28.46
CA LEU H 20 -20.07 -65.15 28.21
C LEU H 20 -19.75 -66.39 29.06
N ARG H 21 -20.81 -67.12 29.41
CA ARG H 21 -20.79 -68.36 30.16
C ARG H 21 -21.64 -69.41 29.44
N GLU H 22 -21.71 -70.60 30.03
CA GLU H 22 -22.57 -71.66 29.49
C GLU H 22 -24.03 -71.26 29.29
N GLU H 23 -24.61 -70.56 30.24
CA GLU H 23 -25.96 -70.06 30.12
C GLU H 23 -25.93 -68.57 30.52
N ASN H 24 -26.46 -67.75 29.62
CA ASN H 24 -26.42 -66.29 29.74
C ASN H 24 -27.80 -65.68 29.86
N GLU H 25 -27.89 -64.60 30.64
CA GLU H 25 -29.11 -63.80 30.73
C GLU H 25 -29.25 -63.02 29.43
N GLY H 26 -30.42 -63.10 28.82
CA GLY H 26 -30.70 -62.35 27.57
C GLY H 26 -31.64 -61.16 27.73
N VAL H 27 -31.93 -60.79 28.97
CA VAL H 27 -32.66 -59.55 29.25
C VAL H 27 -31.75 -58.63 30.05
N TYR H 28 -31.58 -57.39 29.56
CA TYR H 28 -30.94 -56.33 30.33
C TYR H 28 -31.80 -55.07 30.31
N ASN H 29 -32.00 -54.50 31.51
CA ASN H 29 -32.71 -53.25 31.65
C ASN H 29 -32.16 -52.38 32.78
N GLY H 30 -30.86 -52.54 33.05
CA GLY H 30 -30.24 -52.09 34.28
C GLY H 30 -29.94 -53.27 35.19
N SER H 31 -30.80 -54.27 35.12
CA SER H 31 -30.54 -55.59 35.71
C SER H 31 -30.59 -56.65 34.62
N TRP H 32 -29.93 -57.78 34.87
CA TRP H 32 -29.87 -58.93 33.94
C TRP H 32 -30.83 -60.01 34.39
N GLY H 33 -31.49 -60.64 33.44
CA GLY H 33 -32.42 -61.69 33.70
C GLY H 33 -32.81 -62.42 32.44
N GLY H 34 -34.00 -63.01 32.49
CA GLY H 34 -34.53 -63.83 31.42
C GLY H 34 -35.27 -65.04 31.97
N ARG H 35 -36.61 -64.95 31.95
CA ARG H 35 -37.51 -66.00 32.42
C ARG H 35 -38.25 -66.73 31.32
N GLY H 36 -37.90 -66.42 30.08
CA GLY H 36 -38.50 -67.05 28.93
C GLY H 36 -37.73 -68.29 28.58
N GLU H 37 -38.00 -68.80 27.38
CA GLU H 37 -37.38 -70.04 26.95
C GLU H 37 -35.88 -69.86 26.82
N VAL H 38 -35.14 -70.89 27.23
CA VAL H 38 -33.70 -70.89 27.10
C VAL H 38 -33.35 -71.40 25.69
N ILE H 39 -32.60 -70.62 24.92
CA ILE H 39 -32.23 -70.96 23.55
C ILE H 39 -30.77 -71.36 23.51
N THR H 40 -30.45 -72.39 22.73
CA THR H 40 -29.09 -72.76 22.43
C THR H 40 -28.75 -72.26 21.05
N THR H 41 -27.59 -71.63 20.92
CA THR H 41 -27.10 -71.22 19.59
C THR H 41 -25.95 -72.13 19.16
N TYR H 42 -25.81 -72.26 17.83
CA TYR H 42 -24.95 -73.23 17.19
C TYR H 42 -23.98 -72.55 16.25
N CYS H 43 -22.81 -73.14 16.10
CA CYS H 43 -21.81 -72.67 15.16
C CYS H 43 -22.20 -73.27 13.80
N PRO H 44 -22.49 -72.43 12.80
CA PRO H 44 -22.88 -72.96 11.50
C PRO H 44 -21.75 -73.66 10.72
N ALA H 45 -20.49 -73.46 11.11
CA ALA H 45 -19.36 -74.15 10.47
C ALA H 45 -19.29 -75.62 10.86
N ASN H 46 -19.91 -76.02 11.99
CA ASN H 46 -19.81 -77.42 12.45
C ASN H 46 -21.06 -77.99 13.12
N ASN H 47 -22.12 -77.18 13.18
CA ASN H 47 -23.39 -77.53 13.78
C ASN H 47 -23.27 -77.88 15.27
N GLU H 48 -22.22 -77.44 15.93
CA GLU H 48 -22.07 -77.69 17.38
C GLU H 48 -22.65 -76.56 18.22
N PRO H 49 -23.23 -76.89 19.39
CA PRO H 49 -23.80 -75.85 20.22
C PRO H 49 -22.68 -75.04 20.88
N ILE H 50 -22.90 -73.75 21.00
CA ILE H 50 -21.89 -72.84 21.55
C ILE H 50 -22.16 -72.62 23.03
N ALA H 51 -23.38 -72.12 23.30
CA ALA H 51 -23.82 -71.76 24.64
C ALA H 51 -25.31 -71.44 24.61
N ARG H 52 -25.86 -71.06 25.75
CA ARG H 52 -27.29 -70.83 25.91
C ARG H 52 -27.61 -69.41 26.34
N VAL H 53 -28.79 -68.96 25.96
CA VAL H 53 -29.31 -67.65 26.38
C VAL H 53 -30.74 -67.75 26.88
N ARG H 54 -30.98 -67.14 28.05
CA ARG H 54 -32.29 -67.13 28.64
C ARG H 54 -33.06 -65.94 28.04
N GLN H 55 -34.12 -66.23 27.30
CA GLN H 55 -34.80 -65.17 26.58
C GLN H 55 -35.83 -64.48 27.47
N ALA H 56 -36.50 -63.47 26.90
CA ALA H 56 -37.46 -62.64 27.61
C ALA H 56 -38.85 -63.25 27.69
N SER H 57 -39.42 -63.32 28.90
CA SER H 57 -40.84 -63.54 29.05
C SER H 57 -41.64 -62.24 28.83
N VAL H 58 -42.96 -62.37 28.78
CA VAL H 58 -43.87 -61.22 28.71
C VAL H 58 -43.58 -60.27 29.88
N ALA H 59 -43.43 -60.82 31.08
CA ALA H 59 -43.19 -59.99 32.25
C ALA H 59 -41.86 -59.26 32.13
N ASP H 60 -40.85 -59.96 31.62
CA ASP H 60 -39.50 -59.36 31.40
C ASP H 60 -39.65 -58.16 30.43
N TYR H 61 -40.41 -58.36 29.37
CA TYR H 61 -40.63 -57.32 28.38
C TYR H 61 -41.31 -56.10 29.01
N GLU H 62 -42.41 -56.34 29.70
CA GLU H 62 -43.14 -55.28 30.37
C GLU H 62 -42.23 -54.52 31.31
N GLU H 63 -41.45 -55.24 32.12
CA GLU H 63 -40.56 -54.60 33.09
C GLU H 63 -39.54 -53.73 32.37
N THR H 64 -39.00 -54.23 31.27
CA THR H 64 -37.96 -53.51 30.53
C THR H 64 -38.49 -52.23 29.86
N VAL H 65 -39.62 -52.31 29.19
CA VAL H 65 -40.22 -51.13 28.53
C VAL H 65 -40.47 -50.06 29.57
N LYS H 66 -41.03 -50.44 30.71
CA LYS H 66 -41.31 -49.46 31.76
C LYS H 66 -40.02 -48.83 32.28
N LYS H 67 -38.96 -49.61 32.51
CA LYS H 67 -37.67 -49.04 32.95
C LYS H 67 -37.04 -48.14 31.91
N ALA H 68 -37.13 -48.55 30.65
CA ALA H 68 -36.60 -47.71 29.56
C ALA H 68 -37.29 -46.39 29.52
N ARG H 69 -38.60 -46.40 29.63
CA ARG H 69 -39.32 -45.13 29.55
C ARG H 69 -39.05 -44.24 30.77
N GLU H 70 -38.85 -44.82 31.94
CA GLU H 70 -38.39 -44.03 33.07
C GLU H 70 -37.00 -43.47 32.84
N ALA H 71 -36.11 -44.28 32.26
CA ALA H 71 -34.76 -43.83 31.96
C ALA H 71 -34.75 -42.70 30.94
N TRP H 72 -35.70 -42.74 30.03
CA TRP H 72 -35.81 -41.69 29.02
C TRP H 72 -35.99 -40.28 29.63
N LYS H 73 -36.68 -40.20 30.75
CA LYS H 73 -36.91 -38.93 31.37
C LYS H 73 -35.57 -38.26 31.74
N ILE H 74 -34.62 -39.06 32.19
CA ILE H 74 -33.26 -38.58 32.52
C ILE H 74 -32.47 -38.29 31.25
N TRP H 75 -32.46 -39.27 30.35
CA TRP H 75 -31.62 -39.24 29.14
C TRP H 75 -32.00 -38.07 28.24
N ALA H 76 -33.31 -37.80 28.05
CA ALA H 76 -33.72 -36.70 27.17
C ALA H 76 -33.34 -35.30 27.71
N ASP H 77 -33.06 -35.23 29.00
CA ASP H 77 -32.67 -33.99 29.65
C ASP H 77 -31.15 -33.75 29.55
N ILE H 78 -30.38 -34.75 29.09
CA ILE H 78 -28.94 -34.62 28.95
C ILE H 78 -28.65 -33.92 27.62
N PRO H 79 -27.90 -32.80 27.65
CA PRO H 79 -27.56 -32.12 26.39
C PRO H 79 -27.05 -33.07 25.31
N ALA H 80 -27.42 -32.88 24.06
CA ALA H 80 -27.03 -33.78 23.02
C ALA H 80 -25.49 -33.98 22.98
N PRO H 81 -24.68 -32.91 23.12
CA PRO H 81 -23.23 -33.10 23.08
C PRO H 81 -22.72 -34.02 24.20
N LYS H 82 -23.39 -33.99 25.36
CA LYS H 82 -23.08 -34.88 26.46
C LYS H 82 -23.54 -36.32 26.22
N ARG H 83 -24.65 -36.46 25.50
CA ARG H 83 -25.07 -37.80 24.99
C ARG H 83 -24.03 -38.32 23.99
N GLY H 84 -23.52 -37.42 23.15
CA GLY H 84 -22.42 -37.76 22.28
C GLY H 84 -21.16 -38.27 22.96
N GLU H 85 -20.86 -37.73 24.15
CA GLU H 85 -19.70 -38.17 24.92
C GLU H 85 -19.88 -39.61 25.37
N ILE H 86 -21.09 -39.98 25.74
CA ILE H 86 -21.36 -41.38 26.07
C ILE H 86 -21.13 -42.27 24.84
N VAL H 87 -21.61 -41.81 23.69
CA VAL H 87 -21.47 -42.59 22.43
C VAL H 87 -19.95 -42.71 22.06
N ARG H 88 -19.19 -41.65 22.31
CA ARG H 88 -17.74 -41.72 22.14
C ARG H 88 -17.13 -42.89 22.94
N GLN H 89 -17.56 -43.00 24.19
CA GLN H 89 -17.05 -44.01 25.09
C GLN H 89 -17.49 -45.40 24.65
N ILE H 90 -18.71 -45.53 24.15
CA ILE H 90 -19.14 -46.79 23.52
C ILE H 90 -18.17 -47.17 22.37
N GLY H 91 -17.84 -46.20 21.52
CA GLY H 91 -16.91 -46.48 20.41
C GLY H 91 -15.58 -47.02 20.91
N ASP H 92 -15.02 -46.40 21.95
CA ASP H 92 -13.73 -46.86 22.49
C ASP H 92 -13.85 -48.23 23.15
N ALA H 93 -14.97 -48.50 23.82
CA ALA H 93 -15.23 -49.79 24.48
C ALA H 93 -15.29 -50.92 23.44
N LEU H 94 -15.94 -50.64 22.32
CA LEU H 94 -15.95 -51.58 21.21
C LEU H 94 -14.56 -51.80 20.64
N ARG H 95 -13.79 -50.71 20.42
CA ARG H 95 -12.40 -50.81 19.95
C ARG H 95 -11.59 -51.79 20.77
N GLU H 96 -11.78 -51.74 22.08
CA GLU H 96 -11.00 -52.61 22.98
C GLU H 96 -11.30 -54.11 22.79
N LYS H 97 -12.52 -54.43 22.35
CA LYS H 97 -12.99 -55.81 22.22
C LYS H 97 -13.11 -56.23 20.76
N ILE H 98 -12.44 -55.53 19.86
CA ILE H 98 -12.75 -55.67 18.43
C ILE H 98 -12.43 -57.08 17.92
N GLN H 99 -11.30 -57.61 18.32
CA GLN H 99 -10.88 -58.92 17.83
C GLN H 99 -11.74 -60.02 18.39
N VAL H 100 -12.02 -59.99 19.69
CA VAL H 100 -12.82 -61.07 20.31
C VAL H 100 -14.28 -60.98 19.89
N LEU H 101 -14.80 -59.77 19.75
CA LEU H 101 -16.20 -59.64 19.31
C LEU H 101 -16.33 -60.07 17.84
N GLY H 102 -15.36 -59.70 17.01
CA GLY H 102 -15.37 -60.16 15.63
C GLY H 102 -15.25 -61.66 15.51
N SER H 103 -14.42 -62.26 16.37
CA SER H 103 -14.33 -63.73 16.46
C SER H 103 -15.66 -64.36 16.80
N LEU H 104 -16.40 -63.74 17.72
CA LEU H 104 -17.71 -64.28 18.07
C LEU H 104 -18.69 -64.17 16.87
N VAL H 105 -18.61 -63.06 16.13
CA VAL H 105 -19.45 -62.94 14.94
C VAL H 105 -19.15 -64.07 13.97
N SER H 106 -17.88 -64.34 13.73
CA SER H 106 -17.52 -65.46 12.84
C SER H 106 -18.01 -66.82 13.35
N LEU H 107 -18.00 -67.02 14.67
CA LEU H 107 -18.35 -68.30 15.28
C LEU H 107 -19.84 -68.55 15.27
N GLU H 108 -20.62 -67.57 15.77
CA GLU H 108 -22.07 -67.72 15.89
C GLU H 108 -22.83 -67.40 14.61
N MET H 109 -22.41 -66.40 13.85
CA MET H 109 -23.11 -66.06 12.59
C MET H 109 -22.51 -66.80 11.38
N GLY H 110 -21.19 -66.82 11.25
CA GLY H 110 -20.56 -67.65 10.23
C GLY H 110 -19.79 -66.92 9.13
N LYS H 111 -19.74 -65.59 9.17
CA LYS H 111 -19.00 -64.84 8.15
C LYS H 111 -17.51 -64.88 8.48
N ILE H 112 -16.68 -64.61 7.48
CA ILE H 112 -15.23 -64.68 7.68
C ILE H 112 -14.74 -63.60 8.66
N LEU H 113 -13.62 -63.87 9.29
CA LEU H 113 -13.15 -63.06 10.43
C LEU H 113 -12.97 -61.60 10.06
N VAL H 114 -12.45 -61.34 8.87
CA VAL H 114 -12.21 -59.96 8.49
C VAL H 114 -13.53 -59.18 8.44
N GLU H 115 -14.61 -59.86 8.07
CA GLU H 115 -15.91 -59.21 8.03
C GLU H 115 -16.56 -59.07 9.41
N GLY H 116 -16.30 -60.04 10.29
CA GLY H 116 -16.79 -59.95 11.66
C GLY H 116 -16.10 -58.77 12.35
N VAL H 117 -14.79 -58.72 12.26
CA VAL H 117 -14.02 -57.56 12.72
C VAL H 117 -14.49 -56.23 12.05
N GLY H 118 -14.70 -56.27 10.73
CA GLY H 118 -15.20 -55.12 9.99
C GLY H 118 -16.53 -54.58 10.46
N GLU H 119 -17.39 -55.48 10.90
CA GLU H 119 -18.70 -55.09 11.40
C GLU H 119 -18.55 -54.34 12.71
N VAL H 120 -17.66 -54.82 13.57
CA VAL H 120 -17.44 -54.11 14.82
C VAL H 120 -16.79 -52.76 14.53
N GLN H 121 -15.85 -52.72 13.58
CA GLN H 121 -15.26 -51.43 13.15
C GLN H 121 -16.32 -50.44 12.62
N GLU H 122 -17.33 -50.95 11.93
CA GLU H 122 -18.43 -50.11 11.43
C GLU H 122 -19.19 -49.43 12.59
N TYR H 123 -19.49 -50.19 13.63
CA TYR H 123 -20.10 -49.62 14.81
C TYR H 123 -19.18 -48.58 15.47
N VAL H 124 -17.91 -48.90 15.62
CA VAL H 124 -16.93 -47.94 16.13
C VAL H 124 -16.97 -46.64 15.33
N ASP H 125 -16.97 -46.79 14.01
CA ASP H 125 -16.95 -45.66 13.13
C ASP H 125 -18.22 -44.81 13.20
N ILE H 126 -19.39 -45.42 13.28
CA ILE H 126 -20.62 -44.61 13.40
C ILE H 126 -20.68 -43.94 14.77
N CYS H 127 -20.12 -44.57 15.82
CA CYS H 127 -19.98 -43.88 17.11
C CYS H 127 -19.22 -42.58 16.93
N ASP H 128 -18.08 -42.67 16.24
CA ASP H 128 -17.20 -41.49 16.09
C ASP H 128 -17.89 -40.42 15.25
N TYR H 129 -18.67 -40.84 14.24
CA TYR H 129 -19.45 -39.90 13.40
C TYR H 129 -20.52 -39.20 14.25
N ALA H 130 -21.21 -40.00 15.07
CA ALA H 130 -22.32 -39.51 15.88
C ALA H 130 -21.85 -38.47 16.95
N VAL H 131 -20.62 -38.61 17.46
CA VAL H 131 -20.05 -37.61 18.40
C VAL H 131 -20.11 -36.21 17.77
N GLY H 132 -19.67 -36.05 16.53
CA GLY H 132 -19.80 -34.72 15.85
C GLY H 132 -21.24 -34.32 15.60
N LEU H 133 -22.00 -35.28 15.10
CA LEU H 133 -23.37 -35.02 14.80
C LEU H 133 -24.13 -34.55 16.05
N SER H 134 -23.74 -35.03 17.25
CA SER H 134 -24.43 -34.61 18.48
C SER H 134 -24.34 -33.12 18.80
N ARG H 135 -23.40 -32.41 18.14
CA ARG H 135 -23.32 -30.96 18.22
C ARG H 135 -23.93 -30.23 17.03
N MET H 136 -24.57 -30.98 16.13
CA MET H 136 -25.11 -30.42 14.89
C MET H 136 -26.61 -30.58 14.70
N ILE H 137 -27.19 -31.64 15.25
CA ILE H 137 -28.57 -31.96 14.96
C ILE H 137 -29.48 -30.81 15.36
N GLY H 138 -30.45 -30.59 14.48
CA GLY H 138 -31.40 -29.52 14.73
C GLY H 138 -31.98 -29.04 13.43
N GLY H 139 -32.74 -27.95 13.52
CA GLY H 139 -33.44 -27.35 12.39
C GLY H 139 -33.11 -25.88 12.17
N PRO H 140 -33.61 -25.33 11.06
CA PRO H 140 -33.38 -23.90 10.78
C PRO H 140 -34.23 -22.96 11.63
N ILE H 141 -33.67 -21.78 11.86
CA ILE H 141 -34.43 -20.60 12.26
C ILE H 141 -34.75 -19.89 10.96
N LEU H 142 -36.04 -19.77 10.69
CA LEU H 142 -36.58 -19.28 9.41
C LEU H 142 -37.13 -17.84 9.57
N PRO H 143 -37.16 -17.07 8.48
CA PRO H 143 -37.69 -15.74 8.61
C PRO H 143 -39.24 -15.75 8.53
N SER H 144 -39.91 -15.39 9.61
CA SER H 144 -41.37 -15.31 9.63
C SER H 144 -41.84 -14.15 8.75
N GLU H 145 -42.96 -14.40 8.07
CA GLU H 145 -43.66 -13.31 7.38
C GLU H 145 -44.32 -12.30 8.33
N ARG H 146 -44.34 -12.61 9.62
CA ARG H 146 -45.04 -11.80 10.61
C ARG H 146 -44.05 -10.97 11.39
N SER H 147 -44.24 -9.65 11.37
CA SER H 147 -43.41 -8.77 12.17
C SER H 147 -43.52 -9.16 13.65
N GLY H 148 -42.39 -9.10 14.34
CA GLY H 148 -42.34 -9.40 15.76
C GLY H 148 -42.59 -10.84 16.13
N HIS H 149 -42.33 -11.74 15.16
CA HIS H 149 -42.45 -13.18 15.43
C HIS H 149 -41.18 -13.87 14.95
N ALA H 150 -40.78 -14.91 15.69
CA ALA H 150 -39.73 -15.82 15.30
C ALA H 150 -40.40 -17.10 14.79
N LEU H 151 -39.71 -17.79 13.88
CA LEU H 151 -40.17 -19.07 13.34
C LEU H 151 -38.98 -20.04 13.43
N ILE H 152 -39.16 -21.12 14.18
CA ILE H 152 -38.10 -22.07 14.44
C ILE H 152 -38.56 -23.50 14.20
N GLU H 153 -37.68 -24.24 13.56
CA GLU H 153 -37.88 -25.67 13.44
C GLU H 153 -37.02 -26.42 14.45
N GLN H 154 -37.71 -27.10 15.38
CA GLN H 154 -37.10 -27.83 16.49
C GLN H 154 -37.19 -29.30 16.21
N TRP H 155 -36.24 -30.05 16.74
CA TRP H 155 -36.24 -31.49 16.68
C TRP H 155 -36.05 -32.04 18.10
N ASN H 156 -36.84 -33.04 18.44
CA ASN H 156 -36.83 -33.63 19.79
C ASN H 156 -36.87 -35.12 19.66
N PRO H 157 -36.36 -35.83 20.68
CA PRO H 157 -36.41 -37.28 20.60
C PRO H 157 -37.83 -37.83 20.48
N VAL H 158 -37.96 -38.95 19.80
CA VAL H 158 -39.25 -39.65 19.78
C VAL H 158 -39.59 -40.37 21.08
N GLY H 159 -38.59 -40.87 21.79
CA GLY H 159 -38.81 -41.55 23.08
C GLY H 159 -38.05 -42.86 23.09
N LEU H 160 -38.79 -43.95 23.00
CA LEU H 160 -38.24 -45.30 22.97
C LEU H 160 -38.18 -45.79 21.52
N VAL H 161 -36.97 -46.13 21.10
CA VAL H 161 -36.72 -46.72 19.81
C VAL H 161 -36.50 -48.20 19.98
N GLY H 162 -37.46 -48.98 19.48
CA GLY H 162 -37.33 -50.43 19.41
C GLY H 162 -36.51 -50.76 18.19
N ILE H 163 -35.57 -51.68 18.33
CA ILE H 163 -34.64 -52.07 17.26
C ILE H 163 -34.65 -53.59 17.12
N ILE H 164 -35.22 -54.07 16.00
CA ILE H 164 -35.23 -55.49 15.66
C ILE H 164 -34.25 -55.72 14.53
N THR H 165 -33.32 -56.66 14.69
CA THR H 165 -32.23 -56.84 13.73
C THR H 165 -32.18 -58.28 13.19
N ALA H 166 -31.59 -58.41 12.02
CA ALA H 166 -31.47 -59.67 11.30
C ALA H 166 -30.22 -60.43 11.73
N PHE H 167 -30.12 -61.68 11.33
CA PHE H 167 -28.98 -62.49 11.74
C PHE H 167 -27.69 -62.08 11.07
N ASN H 168 -27.79 -61.46 9.90
CA ASN H 168 -26.64 -61.41 8.99
C ASN H 168 -25.66 -60.28 9.23
N PHE H 169 -26.14 -59.20 9.85
CA PHE H 169 -25.27 -58.14 10.41
C PHE H 169 -25.64 -57.92 11.86
N PRO H 170 -25.25 -58.89 12.71
CA PRO H 170 -25.74 -58.95 14.06
C PRO H 170 -25.13 -57.91 15.02
N VAL H 171 -24.10 -57.18 14.56
CA VAL H 171 -23.51 -56.06 15.32
C VAL H 171 -23.81 -54.70 14.69
N ALA H 172 -23.51 -54.59 13.40
CA ALA H 172 -23.52 -53.27 12.72
C ALA H 172 -24.88 -52.58 12.60
N VAL H 173 -25.91 -53.32 12.25
CA VAL H 173 -27.24 -52.73 12.11
C VAL H 173 -27.69 -52.15 13.46
N TYR H 174 -27.62 -52.95 14.51
CA TYR H 174 -27.89 -52.41 15.82
C TYR H 174 -27.07 -51.11 16.05
N GLY H 175 -25.78 -51.20 15.77
CA GLY H 175 -24.87 -50.11 16.02
C GLY H 175 -25.24 -48.81 15.29
N TRP H 176 -25.58 -48.89 14.01
CA TRP H 176 -26.06 -47.70 13.30
C TRP H 176 -27.27 -47.07 14.00
N ASN H 177 -28.22 -47.94 14.40
CA ASN H 177 -29.42 -47.46 15.05
C ASN H 177 -29.16 -46.90 16.44
N ASN H 178 -28.32 -47.60 17.19
CA ASN H 178 -27.97 -47.22 18.56
C ASN H 178 -27.28 -45.84 18.58
N ALA H 179 -26.23 -45.67 17.79
CA ALA H 179 -25.38 -44.47 17.90
C ALA H 179 -26.22 -43.24 17.56
N ILE H 180 -27.00 -43.35 16.51
CA ILE H 180 -27.86 -42.25 16.07
C ILE H 180 -29.03 -42.01 17.03
N ALA H 181 -29.77 -43.09 17.39
CA ALA H 181 -30.87 -42.97 18.34
C ALA H 181 -30.43 -42.30 19.62
N MET H 182 -29.26 -42.70 20.12
CA MET H 182 -28.73 -42.18 21.38
C MET H 182 -28.41 -40.68 21.33
N ILE H 183 -27.67 -40.22 20.32
CA ILE H 183 -27.33 -38.83 20.31
C ILE H 183 -28.62 -38.01 20.12
N CYS H 184 -29.62 -38.59 19.46
CA CYS H 184 -30.89 -37.91 19.28
C CYS H 184 -31.80 -37.90 20.52
N GLY H 185 -31.32 -38.46 21.66
CA GLY H 185 -32.06 -38.35 22.92
C GLY H 185 -33.06 -39.43 23.18
N ASN H 186 -32.94 -40.51 22.43
CA ASN H 186 -33.82 -41.66 22.61
C ASN H 186 -33.16 -42.72 23.46
N VAL H 187 -34.01 -43.53 24.12
CA VAL H 187 -33.59 -44.80 24.70
C VAL H 187 -33.91 -45.91 23.68
N CYS H 188 -33.20 -47.03 23.84
CA CYS H 188 -33.25 -48.14 22.87
C CYS H 188 -33.67 -49.42 23.52
N LEU H 189 -34.38 -50.24 22.78
CA LEU H 189 -34.76 -51.62 23.21
C LEU H 189 -34.45 -52.52 22.03
N TRP H 190 -33.48 -53.40 22.20
CA TRP H 190 -33.01 -54.30 21.16
C TRP H 190 -33.57 -55.69 21.29
N LYS H 191 -34.12 -56.23 20.18
CA LYS H 191 -34.39 -57.65 20.06
C LYS H 191 -33.66 -58.16 18.79
N GLY H 192 -32.49 -58.76 18.97
CA GLY H 192 -31.76 -59.34 17.87
C GLY H 192 -32.27 -60.67 17.37
N ALA H 193 -31.64 -61.19 16.33
CA ALA H 193 -32.05 -62.49 15.77
C ALA H 193 -31.81 -63.57 16.83
N PRO H 194 -32.79 -64.49 17.03
CA PRO H 194 -32.53 -65.55 18.02
C PRO H 194 -31.23 -66.37 17.82
N THR H 195 -30.85 -66.63 16.57
CA THR H 195 -29.66 -67.38 16.26
C THR H 195 -28.33 -66.61 16.40
N THR H 196 -28.41 -65.32 16.79
CA THR H 196 -27.23 -64.54 17.12
C THR H 196 -27.35 -63.93 18.52
N SER H 197 -28.04 -64.65 19.39
CA SER H 197 -28.27 -64.19 20.75
C SER H 197 -26.99 -63.89 21.53
N LEU H 198 -25.95 -64.73 21.38
CA LEU H 198 -24.71 -64.48 22.13
C LEU H 198 -24.07 -63.17 21.70
N ILE H 199 -24.13 -62.86 20.40
CA ILE H 199 -23.60 -61.59 19.91
C ILE H 199 -24.39 -60.43 20.53
N SER H 200 -25.72 -60.54 20.58
CA SER H 200 -26.54 -59.48 21.18
C SER H 200 -26.19 -59.27 22.66
N VAL H 201 -26.04 -60.39 23.38
CA VAL H 201 -25.62 -60.30 24.78
C VAL H 201 -24.25 -59.65 24.94
N ALA H 202 -23.28 -60.13 24.16
CA ALA H 202 -21.91 -59.63 24.23
C ALA H 202 -21.86 -58.13 23.95
N VAL H 203 -22.56 -57.68 22.92
CA VAL H 203 -22.62 -56.23 22.64
C VAL H 203 -23.26 -55.45 23.81
N THR H 204 -24.37 -55.98 24.31
CA THR H 204 -25.10 -55.35 25.41
C THR H 204 -24.22 -55.23 26.64
N LYS H 205 -23.43 -56.27 26.94
CA LYS H 205 -22.48 -56.19 28.07
C LYS H 205 -21.48 -55.07 27.88
N ILE H 206 -21.01 -54.86 26.67
CA ILE H 206 -20.02 -53.79 26.44
C ILE H 206 -20.65 -52.39 26.70
N ILE H 207 -21.82 -52.16 26.14
CA ILE H 207 -22.54 -50.90 26.31
C ILE H 207 -23.00 -50.68 27.75
N ALA H 208 -23.47 -51.76 28.38
CA ALA H 208 -23.94 -51.65 29.77
C ALA H 208 -22.84 -51.13 30.65
N LYS H 209 -21.63 -51.65 30.44
CA LYS H 209 -20.50 -51.22 31.30
C LYS H 209 -20.20 -49.71 31.15
N VAL H 210 -20.30 -49.18 29.91
CA VAL H 210 -20.12 -47.77 29.68
C VAL H 210 -21.22 -46.98 30.39
N LEU H 211 -22.48 -47.40 30.27
CA LEU H 211 -23.58 -46.69 30.96
C LEU H 211 -23.35 -46.73 32.48
N GLU H 212 -22.98 -47.89 32.99
CA GLU H 212 -22.73 -48.06 34.43
C GLU H 212 -21.62 -47.15 34.90
N ASP H 213 -20.54 -47.10 34.13
CA ASP H 213 -19.37 -46.33 34.53
C ASP H 213 -19.68 -44.83 34.53
N ASN H 214 -20.66 -44.41 33.72
CA ASN H 214 -21.14 -43.04 33.68
C ASN H 214 -22.32 -42.78 34.62
N LYS H 215 -22.63 -43.74 35.49
CA LYS H 215 -23.70 -43.60 36.49
C LYS H 215 -25.05 -43.27 35.84
N LEU H 216 -25.27 -43.82 34.65
CA LEU H 216 -26.54 -43.69 33.96
C LEU H 216 -27.38 -44.97 34.04
N PRO H 217 -28.71 -44.85 33.95
CA PRO H 217 -29.57 -46.03 33.93
C PRO H 217 -29.31 -46.93 32.75
N GLY H 218 -29.14 -48.22 33.01
CA GLY H 218 -28.75 -49.10 31.94
C GLY H 218 -29.86 -49.32 30.94
N ALA H 219 -31.12 -49.07 31.34
CA ALA H 219 -32.26 -49.24 30.41
C ALA H 219 -32.26 -48.28 29.22
N ILE H 220 -31.33 -47.32 29.20
CA ILE H 220 -31.07 -46.49 28.03
C ILE H 220 -30.74 -47.36 26.81
N CYS H 221 -30.06 -48.48 27.03
CA CYS H 221 -29.79 -49.45 25.98
C CYS H 221 -30.21 -50.81 26.50
N SER H 222 -31.52 -51.02 26.46
CA SER H 222 -32.13 -52.25 26.93
C SER H 222 -32.06 -53.41 25.90
N LEU H 223 -32.10 -54.65 26.42
CA LEU H 223 -32.07 -55.86 25.59
C LEU H 223 -33.15 -56.78 26.05
N THR H 224 -33.98 -57.25 25.12
CA THR H 224 -34.93 -58.32 25.40
C THR H 224 -34.79 -59.37 24.28
N CYS H 225 -33.92 -60.35 24.53
CA CYS H 225 -33.76 -61.46 23.56
C CYS H 225 -35.07 -62.23 23.36
N GLY H 226 -35.37 -62.58 22.13
CA GLY H 226 -36.57 -63.31 21.83
C GLY H 226 -36.76 -63.46 20.34
N GLY H 227 -37.88 -64.09 19.98
CA GLY H 227 -38.20 -64.32 18.58
C GLY H 227 -39.40 -63.52 18.12
N ALA H 228 -40.25 -64.14 17.30
CA ALA H 228 -41.41 -63.43 16.77
C ALA H 228 -42.36 -62.93 17.85
N ASP H 229 -42.49 -63.63 18.97
CA ASP H 229 -43.37 -63.18 20.05
C ASP H 229 -42.98 -61.78 20.57
N ILE H 230 -41.72 -61.62 20.90
CA ILE H 230 -41.26 -60.34 21.42
C ILE H 230 -41.26 -59.28 20.33
N GLY H 231 -40.88 -59.66 19.11
CA GLY H 231 -40.93 -58.71 18.00
C GLY H 231 -42.31 -58.20 17.71
N THR H 232 -43.29 -59.12 17.76
CA THR H 232 -44.69 -58.76 17.55
C THR H 232 -45.17 -57.82 18.66
N ALA H 233 -44.81 -58.13 19.91
CA ALA H 233 -45.12 -57.23 21.04
C ALA H 233 -44.64 -55.80 20.76
N MET H 234 -43.40 -55.70 20.31
CA MET H 234 -42.82 -54.39 19.98
C MET H 234 -43.58 -53.66 18.88
N ALA H 235 -43.95 -54.38 17.83
CA ALA H 235 -44.73 -53.83 16.70
C ALA H 235 -46.10 -53.29 17.13
N LYS H 236 -46.68 -53.95 18.13
CA LYS H 236 -48.01 -53.56 18.62
C LYS H 236 -48.00 -52.57 19.80
N ASP H 237 -46.82 -52.28 20.34
CA ASP H 237 -46.68 -51.56 21.61
C ASP H 237 -46.67 -50.06 21.38
N GLU H 238 -47.74 -49.40 21.83
CA GLU H 238 -47.82 -47.97 21.73
C GLU H 238 -46.69 -47.25 22.50
N ARG H 239 -46.05 -47.92 23.46
CA ARG H 239 -44.90 -47.32 24.18
C ARG H 239 -43.61 -47.30 23.34
N VAL H 240 -43.62 -48.02 22.22
CA VAL H 240 -42.47 -48.04 21.30
C VAL H 240 -42.72 -46.99 20.22
N ASN H 241 -42.06 -45.84 20.35
CA ASN H 241 -42.43 -44.67 19.55
C ASN H 241 -41.95 -44.83 18.11
N LEU H 242 -40.77 -45.38 17.97
CA LEU H 242 -40.19 -45.77 16.66
C LEU H 242 -39.75 -47.22 16.72
N LEU H 243 -40.11 -48.00 15.72
CA LEU H 243 -39.62 -49.36 15.56
C LEU H 243 -38.79 -49.43 14.31
N SER H 244 -37.50 -49.63 14.51
CA SER H 244 -36.55 -49.88 13.43
C SER H 244 -36.47 -51.38 13.24
N PHE H 245 -36.87 -51.85 12.07
CA PHE H 245 -36.92 -53.28 11.76
C PHE H 245 -36.04 -53.57 10.54
N THR H 246 -35.06 -54.48 10.73
CA THR H 246 -34.21 -54.99 9.67
C THR H 246 -34.45 -56.47 9.53
N GLY H 247 -34.86 -56.89 8.35
CA GLY H 247 -35.31 -58.28 8.19
C GLY H 247 -35.95 -58.49 6.84
N SER H 248 -36.61 -59.62 6.71
CA SER H 248 -37.23 -59.97 5.43
C SER H 248 -38.40 -59.05 5.10
N THR H 249 -38.68 -58.94 3.81
CA THR H 249 -39.83 -58.16 3.39
C THR H 249 -41.14 -58.79 3.95
N GLN H 250 -41.24 -60.12 4.00
CA GLN H 250 -42.43 -60.81 4.46
C GLN H 250 -42.77 -60.43 5.91
N VAL H 251 -41.77 -60.53 6.80
CA VAL H 251 -42.00 -60.13 8.20
C VAL H 251 -42.15 -58.59 8.31
N GLY H 252 -41.31 -57.84 7.61
CA GLY H 252 -41.38 -56.39 7.63
C GLY H 252 -42.69 -55.81 7.19
N LYS H 253 -43.34 -56.43 6.22
CA LYS H 253 -44.68 -55.94 5.82
C LYS H 253 -45.65 -56.00 7.00
N GLN H 254 -45.63 -57.13 7.72
CA GLN H 254 -46.48 -57.29 8.90
C GLN H 254 -46.15 -56.31 10.04
N VAL H 255 -44.88 -56.12 10.32
CA VAL H 255 -44.46 -55.16 11.30
C VAL H 255 -44.93 -53.77 10.90
N GLY H 256 -44.72 -53.40 9.64
CA GLY H 256 -45.14 -52.09 9.21
C GLY H 256 -46.63 -51.83 9.33
N LEU H 257 -47.46 -52.84 9.03
CA LEU H 257 -48.89 -52.75 9.19
C LEU H 257 -49.30 -52.58 10.65
N MET H 258 -48.69 -53.35 11.55
CA MET H 258 -49.02 -53.27 12.97
C MET H 258 -48.61 -51.90 13.52
N VAL H 259 -47.50 -51.34 13.05
CA VAL H 259 -47.08 -50.01 13.57
C VAL H 259 -48.05 -48.94 13.01
N GLN H 260 -48.39 -49.07 11.73
CA GLN H 260 -49.36 -48.15 11.15
C GLN H 260 -50.73 -48.17 11.84
N GLU H 261 -51.18 -49.36 12.24
CA GLU H 261 -52.49 -49.50 12.88
C GLU H 261 -52.61 -48.65 14.16
N ARG H 262 -51.49 -48.51 14.85
CA ARG H 262 -51.42 -47.74 16.12
C ARG H 262 -50.81 -46.33 15.95
N PHE H 263 -50.70 -45.85 14.71
CA PHE H 263 -50.02 -44.60 14.42
C PHE H 263 -48.67 -44.41 15.11
N GLY H 264 -47.86 -45.47 15.11
CA GLY H 264 -46.48 -45.37 15.48
C GLY H 264 -45.63 -45.00 14.27
N ARG H 265 -44.30 -44.99 14.46
CA ARG H 265 -43.34 -44.76 13.39
C ARG H 265 -42.59 -46.05 13.17
N SER H 266 -42.38 -46.42 11.90
CA SER H 266 -41.50 -47.51 11.55
C SER H 266 -40.40 -47.01 10.62
N LEU H 267 -39.26 -47.70 10.73
CA LEU H 267 -38.11 -47.54 9.87
C LEU H 267 -37.81 -48.96 9.38
N LEU H 268 -38.15 -49.24 8.13
CA LEU H 268 -38.09 -50.56 7.57
C LEU H 268 -36.92 -50.70 6.60
N GLU H 269 -36.13 -51.73 6.89
CA GLU H 269 -34.92 -52.08 6.13
C GLU H 269 -35.04 -53.53 5.72
N LEU H 270 -35.59 -53.76 4.53
CA LEU H 270 -36.07 -55.11 4.19
C LEU H 270 -35.24 -55.71 3.05
N GLY H 271 -35.83 -56.57 2.25
CA GLY H 271 -35.02 -57.37 1.37
C GLY H 271 -34.50 -56.72 0.12
N GLY H 272 -33.55 -57.41 -0.50
CA GLY H 272 -32.96 -56.95 -1.73
C GLY H 272 -32.92 -58.02 -2.81
N ASN H 273 -32.69 -57.59 -4.04
CA ASN H 273 -32.54 -58.47 -5.18
C ASN H 273 -31.68 -57.72 -6.16
N ASN H 274 -30.43 -57.55 -5.75
CA ASN H 274 -29.61 -56.50 -6.29
C ASN H 274 -28.92 -56.94 -7.57
N ALA H 275 -28.94 -56.04 -8.56
CA ALA H 275 -28.34 -56.31 -9.86
C ALA H 275 -27.03 -55.55 -10.09
N ILE H 276 -26.13 -56.23 -10.82
CA ILE H 276 -24.95 -55.66 -11.42
C ILE H 276 -25.18 -55.70 -12.92
N ILE H 277 -24.91 -54.58 -13.60
CA ILE H 277 -25.01 -54.50 -15.06
C ILE H 277 -23.66 -54.21 -15.67
N ALA H 278 -23.12 -55.11 -16.52
CA ALA H 278 -21.83 -54.89 -17.19
C ALA H 278 -22.07 -54.55 -18.65
N PHE H 279 -21.77 -53.30 -19.01
CA PHE H 279 -21.88 -52.82 -20.40
C PHE H 279 -20.68 -53.23 -21.21
N GLU H 280 -20.81 -53.12 -22.55
CA GLU H 280 -19.76 -53.61 -23.47
C GLU H 280 -18.42 -52.95 -23.22
N ASP H 281 -18.44 -51.71 -22.72
CA ASP H 281 -17.20 -50.96 -22.48
C ASP H 281 -16.62 -51.15 -21.07
N ALA H 282 -17.21 -52.04 -20.27
CA ALA H 282 -16.74 -52.26 -18.89
C ALA H 282 -15.32 -52.84 -18.85
N ASP H 283 -14.58 -52.47 -17.81
CA ASP H 283 -13.27 -53.07 -17.52
C ASP H 283 -13.52 -54.46 -16.96
N LEU H 284 -13.26 -55.50 -17.74
CA LEU H 284 -13.59 -56.87 -17.33
C LEU H 284 -12.71 -57.29 -16.14
N SER H 285 -11.52 -56.72 -16.04
CA SER H 285 -10.60 -57.05 -14.94
C SER H 285 -11.12 -56.47 -13.60
N LEU H 286 -12.09 -55.55 -13.70
CA LEU H 286 -12.81 -55.05 -12.54
C LEU H 286 -14.11 -55.79 -12.35
N VAL H 287 -14.83 -56.01 -13.46
CA VAL H 287 -16.11 -56.67 -13.37
C VAL H 287 -16.05 -58.04 -12.72
N VAL H 288 -15.07 -58.84 -13.10
CA VAL H 288 -15.06 -60.25 -12.62
C VAL H 288 -14.86 -60.35 -11.12
N PRO H 289 -13.77 -59.78 -10.59
CA PRO H 289 -13.65 -59.81 -9.12
C PRO H 289 -14.76 -59.07 -8.34
N SER H 290 -15.28 -57.97 -8.89
CA SER H 290 -16.38 -57.23 -8.27
C SER H 290 -17.63 -58.12 -8.14
N ALA H 291 -17.96 -58.78 -9.23
CA ALA H 291 -19.13 -59.67 -9.29
C ALA H 291 -18.94 -60.87 -8.33
N LEU H 292 -17.75 -61.46 -8.32
CA LEU H 292 -17.47 -62.56 -7.42
C LEU H 292 -17.66 -62.13 -5.97
N PHE H 293 -17.00 -61.07 -5.56
CA PHE H 293 -17.12 -60.57 -4.16
C PHE H 293 -18.59 -60.24 -3.82
N ALA H 294 -19.27 -59.56 -4.72
CA ALA H 294 -20.62 -59.09 -4.47
C ALA H 294 -21.63 -60.25 -4.38
N ALA H 295 -21.41 -61.27 -5.20
CA ALA H 295 -22.27 -62.47 -5.23
C ALA H 295 -21.99 -63.48 -4.12
N VAL H 296 -20.71 -63.71 -3.84
CA VAL H 296 -20.34 -64.81 -2.95
C VAL H 296 -19.82 -64.35 -1.58
N GLY H 297 -19.46 -63.07 -1.44
CA GLY H 297 -19.08 -62.55 -0.12
C GLY H 297 -20.17 -62.86 0.91
N THR H 298 -19.74 -63.25 2.12
CA THR H 298 -20.66 -63.56 3.22
C THR H 298 -21.58 -64.72 2.83
N ALA H 299 -21.07 -65.60 1.96
CA ALA H 299 -21.84 -66.72 1.39
C ALA H 299 -23.23 -66.32 0.87
N GLY H 300 -23.28 -65.15 0.22
CA GLY H 300 -24.49 -64.68 -0.42
C GLY H 300 -25.55 -64.18 0.53
N GLN H 301 -25.14 -63.85 1.76
CA GLN H 301 -26.08 -63.51 2.84
C GLN H 301 -25.94 -62.05 3.29
N ARG H 302 -25.62 -61.12 2.39
CA ARG H 302 -25.75 -59.71 2.68
C ARG H 302 -27.05 -59.25 2.06
N CYS H 303 -27.71 -58.28 2.68
CA CYS H 303 -28.90 -57.72 2.04
C CYS H 303 -28.58 -57.10 0.67
N THR H 304 -27.33 -56.62 0.51
CA THR H 304 -26.82 -55.97 -0.69
C THR H 304 -26.10 -56.96 -1.63
N THR H 305 -26.21 -58.26 -1.35
CA THR H 305 -25.58 -59.25 -2.22
C THR H 305 -26.08 -59.16 -3.66
N ALA H 306 -25.18 -59.37 -4.62
CA ALA H 306 -25.56 -59.36 -6.02
C ALA H 306 -26.24 -60.69 -6.31
N ARG H 307 -27.49 -60.61 -6.78
CA ARG H 307 -28.26 -61.81 -7.11
C ARG H 307 -28.61 -61.88 -8.61
N ARG H 308 -28.53 -60.74 -9.31
CA ARG H 308 -28.75 -60.68 -10.76
C ARG H 308 -27.57 -60.01 -11.42
N LEU H 309 -27.05 -60.65 -12.46
CA LEU H 309 -25.94 -60.10 -13.21
C LEU H 309 -26.36 -60.04 -14.68
N PHE H 310 -26.53 -58.82 -15.15
CA PHE H 310 -26.81 -58.55 -16.57
C PHE H 310 -25.55 -58.24 -17.28
N ILE H 311 -25.31 -58.92 -18.39
CA ILE H 311 -24.04 -58.76 -19.13
C ILE H 311 -24.33 -58.49 -20.59
N HIS H 312 -23.72 -57.46 -21.15
CA HIS H 312 -23.93 -57.20 -22.56
C HIS H 312 -23.59 -58.42 -23.39
N GLU H 313 -24.38 -58.64 -24.44
CA GLU H 313 -24.27 -59.86 -25.23
C GLU H 313 -22.90 -60.11 -25.80
N SER H 314 -22.17 -59.04 -26.09
CA SER H 314 -20.82 -59.12 -26.63
C SER H 314 -19.81 -59.74 -25.68
N ILE H 315 -20.00 -59.52 -24.39
CA ILE H 315 -19.05 -59.95 -23.37
C ILE H 315 -19.57 -61.01 -22.40
N HIS H 316 -20.82 -61.42 -22.57
CA HIS H 316 -21.48 -62.36 -21.67
C HIS H 316 -20.70 -63.67 -21.47
N ASP H 317 -20.37 -64.36 -22.56
CA ASP H 317 -19.72 -65.66 -22.40
C ASP H 317 -18.36 -65.54 -21.77
N GLU H 318 -17.58 -64.52 -22.15
CA GLU H 318 -16.26 -64.32 -21.56
C GLU H 318 -16.38 -64.11 -20.05
N VAL H 319 -17.35 -63.29 -19.64
CA VAL H 319 -17.51 -62.94 -18.24
C VAL H 319 -17.97 -64.16 -17.45
N VAL H 320 -18.93 -64.92 -17.98
CA VAL H 320 -19.39 -66.14 -17.30
C VAL H 320 -18.25 -67.16 -17.19
N ASN H 321 -17.47 -67.31 -18.27
CA ASN H 321 -16.33 -68.25 -18.21
C ASN H 321 -15.33 -67.85 -17.16
N ARG H 322 -15.00 -66.56 -17.07
CA ARG H 322 -14.03 -66.11 -16.09
C ARG H 322 -14.56 -66.27 -14.67
N LEU H 323 -15.87 -66.02 -14.50
CA LEU H 323 -16.50 -66.21 -13.19
C LEU H 323 -16.49 -67.66 -12.73
N LYS H 324 -16.83 -68.60 -13.63
CA LYS H 324 -16.78 -70.03 -13.30
C LYS H 324 -15.42 -70.44 -12.79
N LYS H 325 -14.39 -69.99 -13.49
CA LYS H 325 -13.00 -70.27 -13.08
C LYS H 325 -12.68 -69.67 -11.74
N ALA H 326 -13.12 -68.43 -11.52
CA ALA H 326 -12.97 -67.79 -10.20
C ALA H 326 -13.74 -68.48 -9.07
N TYR H 327 -14.97 -68.90 -9.32
CA TYR H 327 -15.75 -69.67 -8.35
C TYR H 327 -15.00 -70.93 -7.91
N ALA H 328 -14.38 -71.61 -8.88
CA ALA H 328 -13.67 -72.86 -8.59
C ALA H 328 -12.46 -72.62 -7.66
N GLN H 329 -11.93 -71.40 -7.64
CA GLN H 329 -10.74 -71.02 -6.89
C GLN H 329 -10.99 -70.44 -5.50
N ILE H 330 -12.25 -70.30 -5.13
CA ILE H 330 -12.59 -69.72 -3.85
C ILE H 330 -12.05 -70.55 -2.69
N ARG H 331 -11.40 -69.89 -1.74
CA ARG H 331 -10.83 -70.58 -0.55
C ARG H 331 -11.90 -70.84 0.54
N VAL H 332 -12.24 -72.10 0.72
CA VAL H 332 -13.31 -72.50 1.62
C VAL H 332 -12.69 -73.04 2.91
N GLY H 333 -13.35 -72.81 4.04
CA GLY H 333 -12.89 -73.39 5.30
C GLY H 333 -13.68 -72.89 6.47
N ASN H 334 -13.18 -73.10 7.68
CA ASN H 334 -13.75 -72.45 8.84
C ASN H 334 -13.60 -70.95 8.68
N PRO H 335 -14.70 -70.21 8.92
CA PRO H 335 -14.65 -68.76 8.61
C PRO H 335 -13.68 -67.93 9.49
N TRP H 336 -13.19 -68.49 10.58
CA TRP H 336 -12.18 -67.83 11.42
C TRP H 336 -10.73 -68.20 11.06
N ASP H 337 -10.56 -69.15 10.14
CA ASP H 337 -9.21 -69.61 9.81
C ASP H 337 -8.56 -68.71 8.80
N PRO H 338 -7.22 -68.64 8.86
CA PRO H 338 -6.55 -67.70 7.97
C PRO H 338 -6.73 -68.16 6.52
N ASN H 339 -6.78 -67.18 5.64
CA ASN H 339 -6.91 -67.37 4.18
C ASN H 339 -8.28 -67.76 3.69
N VAL H 340 -9.19 -68.07 4.61
CA VAL H 340 -10.53 -68.50 4.23
C VAL H 340 -11.35 -67.30 3.72
N LEU H 341 -12.00 -67.47 2.57
CA LEU H 341 -12.85 -66.43 1.97
C LEU H 341 -14.33 -66.82 1.89
N TYR H 342 -14.65 -68.06 2.26
CA TYR H 342 -15.99 -68.59 2.09
C TYR H 342 -16.31 -69.58 3.20
N GLY H 343 -17.31 -69.21 3.99
CA GLY H 343 -17.83 -69.98 5.07
C GLY H 343 -19.21 -70.55 4.78
N PRO H 344 -19.90 -71.00 5.86
CA PRO H 344 -21.19 -71.68 5.73
C PRO H 344 -22.38 -70.71 5.63
N LEU H 345 -23.51 -71.24 5.16
CA LEU H 345 -24.81 -70.57 5.34
C LEU H 345 -25.18 -70.63 6.82
N HIS H 346 -26.08 -69.75 7.23
CA HIS H 346 -26.27 -69.51 8.66
C HIS H 346 -27.03 -70.63 9.35
N THR H 347 -27.93 -71.28 8.61
CA THR H 347 -28.75 -72.34 9.15
C THR H 347 -28.93 -73.50 8.20
N LYS H 348 -29.40 -74.62 8.75
CA LYS H 348 -29.83 -75.76 7.95
C LYS H 348 -31.02 -75.41 7.05
N GLN H 349 -31.92 -74.56 7.53
CA GLN H 349 -33.08 -74.16 6.72
C GLN H 349 -32.62 -73.38 5.48
N ALA H 350 -31.58 -72.57 5.63
CA ALA H 350 -31.02 -71.80 4.52
C ALA H 350 -30.50 -72.75 3.43
N VAL H 351 -29.91 -73.87 3.85
CA VAL H 351 -29.44 -74.90 2.92
C VAL H 351 -30.61 -75.47 2.13
N SER H 352 -31.69 -75.79 2.84
CA SER H 352 -32.90 -76.32 2.19
C SER H 352 -33.48 -75.31 1.19
N MET H 353 -33.49 -74.02 1.55
CA MET H 353 -34.02 -72.99 0.67
C MET H 353 -33.14 -72.84 -0.57
N PHE H 354 -31.84 -72.94 -0.37
CA PHE H 354 -30.90 -72.89 -1.46
C PHE H 354 -31.20 -74.01 -2.47
N LEU H 355 -31.28 -75.23 -1.98
CA LEU H 355 -31.61 -76.34 -2.88
C LEU H 355 -32.96 -76.20 -3.56
N GLY H 356 -33.96 -75.70 -2.85
CA GLY H 356 -35.26 -75.43 -3.43
C GLY H 356 -35.22 -74.46 -4.61
N ALA H 357 -34.45 -73.37 -4.46
CA ALA H 357 -34.29 -72.36 -5.49
C ALA H 357 -33.56 -72.89 -6.69
N VAL H 358 -32.48 -73.65 -6.47
CA VAL H 358 -31.75 -74.29 -7.53
C VAL H 358 -32.69 -75.18 -8.36
N GLU H 359 -33.51 -75.96 -7.68
CA GLU H 359 -34.46 -76.81 -8.42
C GLU H 359 -35.46 -75.96 -9.21
N GLU H 360 -36.01 -74.92 -8.60
CA GLU H 360 -36.94 -74.02 -9.28
C GLU H 360 -36.30 -73.33 -10.51
N ALA H 361 -35.05 -72.91 -10.35
CA ALA H 361 -34.29 -72.30 -11.45
C ALA H 361 -34.23 -73.23 -12.65
N LYS H 362 -33.90 -74.50 -12.41
CA LYS H 362 -33.84 -75.49 -13.50
C LYS H 362 -35.22 -75.70 -14.14
N LYS H 363 -36.24 -75.84 -13.31
CA LYS H 363 -37.62 -75.98 -13.82
C LYS H 363 -38.08 -74.82 -14.69
N GLU H 364 -37.58 -73.60 -14.37
CA GLU H 364 -37.97 -72.37 -15.07
C GLU H 364 -37.11 -72.14 -16.31
N GLY H 365 -36.21 -73.09 -16.62
CA GLY H 365 -35.40 -73.00 -17.85
C GLY H 365 -33.93 -72.68 -17.69
N GLY H 366 -33.49 -72.50 -16.45
CA GLY H 366 -32.11 -72.18 -16.21
C GLY H 366 -31.15 -73.36 -16.26
N THR H 367 -29.89 -73.06 -16.51
CA THR H 367 -28.80 -74.02 -16.48
C THR H 367 -27.81 -73.63 -15.39
N VAL H 368 -27.54 -74.58 -14.51
CA VAL H 368 -26.53 -74.41 -13.49
C VAL H 368 -25.18 -74.66 -14.14
N VAL H 369 -24.43 -73.58 -14.33
CA VAL H 369 -23.13 -73.66 -14.99
C VAL H 369 -21.99 -73.78 -13.97
N TYR H 370 -22.27 -73.48 -12.70
CA TYR H 370 -21.34 -73.77 -11.63
C TYR H 370 -22.14 -73.97 -10.36
N GLY H 371 -21.76 -74.98 -9.56
CA GLY H 371 -22.33 -75.16 -8.24
C GLY H 371 -23.66 -75.91 -8.23
N GLY H 372 -24.59 -75.43 -7.40
CA GLY H 372 -25.94 -76.01 -7.29
C GLY H 372 -26.16 -77.05 -6.20
N LYS H 373 -25.08 -77.53 -5.60
CA LYS H 373 -25.15 -78.60 -4.60
C LYS H 373 -24.65 -78.16 -3.23
N VAL H 374 -24.93 -78.99 -2.23
CA VAL H 374 -24.32 -78.83 -0.91
C VAL H 374 -22.90 -79.35 -0.97
N MET H 375 -22.01 -78.75 -0.17
CA MET H 375 -20.64 -79.21 -0.03
C MET H 375 -20.67 -80.37 0.99
N ASP H 376 -19.90 -81.39 0.69
CA ASP H 376 -19.84 -82.60 1.51
C ASP H 376 -18.86 -82.41 2.66
N ARG H 377 -19.30 -81.72 3.70
CA ARG H 377 -18.49 -81.42 4.89
C ARG H 377 -19.38 -80.97 6.03
N PRO H 378 -18.85 -80.96 7.26
CA PRO H 378 -19.67 -80.48 8.37
C PRO H 378 -20.10 -79.03 8.19
N GLY H 379 -21.19 -78.69 8.83
CA GLY H 379 -21.64 -77.32 8.78
C GLY H 379 -22.58 -77.12 7.60
N ASN H 380 -23.03 -75.89 7.38
CA ASN H 380 -24.08 -75.56 6.42
C ASN H 380 -23.48 -74.99 5.13
N TYR H 381 -22.49 -75.70 4.57
CA TYR H 381 -21.78 -75.23 3.37
C TYR H 381 -22.51 -75.65 2.08
N VAL H 382 -22.67 -74.69 1.19
CA VAL H 382 -23.20 -74.96 -0.15
C VAL H 382 -22.25 -74.42 -1.17
N GLU H 383 -22.37 -74.94 -2.40
CA GLU H 383 -21.55 -74.42 -3.46
C GLU H 383 -22.12 -73.08 -3.92
N PRO H 384 -21.23 -72.06 -4.05
CA PRO H 384 -21.67 -70.81 -4.66
C PRO H 384 -22.07 -71.17 -6.10
N THR H 385 -23.19 -70.61 -6.55
CA THR H 385 -23.87 -71.11 -7.74
C THR H 385 -24.11 -69.98 -8.77
N ILE H 386 -23.90 -70.32 -10.06
CA ILE H 386 -24.20 -69.47 -11.23
C ILE H 386 -25.24 -70.18 -12.13
N VAL H 387 -26.33 -69.48 -12.47
CA VAL H 387 -27.40 -69.99 -13.34
C VAL H 387 -27.52 -69.05 -14.55
N THR H 388 -27.40 -69.61 -15.75
CA THR H 388 -27.60 -68.88 -17.00
C THR H 388 -28.94 -69.34 -17.65
N GLY H 389 -29.43 -68.57 -18.62
CA GLY H 389 -30.51 -68.98 -19.47
C GLY H 389 -31.92 -68.66 -19.02
N LEU H 390 -32.08 -68.20 -17.78
CA LEU H 390 -33.39 -67.79 -17.33
C LEU H 390 -33.81 -66.49 -18.01
N GLY H 391 -35.10 -66.35 -18.26
CA GLY H 391 -35.64 -65.04 -18.62
C GLY H 391 -35.49 -64.08 -17.44
N HIS H 392 -35.23 -62.80 -17.72
CA HIS H 392 -35.13 -61.78 -16.65
C HIS H 392 -36.38 -61.74 -15.74
N ASP H 393 -37.53 -62.15 -16.28
CA ASP H 393 -38.77 -62.11 -15.51
C ASP H 393 -39.14 -63.48 -14.93
N ALA H 394 -38.21 -64.44 -14.89
CA ALA H 394 -38.46 -65.70 -14.20
C ALA H 394 -38.79 -65.41 -12.74
N SER H 395 -39.83 -66.08 -12.24
CA SER H 395 -40.27 -65.97 -10.85
C SER H 395 -39.12 -66.10 -9.86
N ILE H 396 -38.31 -67.13 -10.02
CA ILE H 396 -37.23 -67.38 -9.05
C ILE H 396 -36.21 -66.22 -9.02
N ALA H 397 -35.98 -65.62 -10.18
CA ALA H 397 -35.07 -64.47 -10.29
C ALA H 397 -35.64 -63.18 -9.69
N HIS H 398 -36.95 -63.11 -9.51
CA HIS H 398 -37.60 -61.97 -8.91
C HIS H 398 -37.72 -62.14 -7.40
N THR H 399 -37.45 -63.36 -6.91
CA THR H 399 -37.52 -63.71 -5.49
C THR H 399 -36.15 -63.57 -4.82
N GLU H 400 -36.14 -63.02 -3.61
CA GLU H 400 -34.91 -63.06 -2.83
C GLU H 400 -34.74 -64.42 -2.16
N THR H 401 -33.76 -65.18 -2.64
CA THR H 401 -33.30 -66.36 -1.94
C THR H 401 -31.97 -66.01 -1.30
N PHE H 402 -31.93 -66.12 0.04
CA PHE H 402 -30.81 -65.63 0.86
C PHE H 402 -29.70 -66.69 0.90
N ALA H 403 -29.09 -66.83 -0.27
CA ALA H 403 -28.09 -67.85 -0.56
C ALA H 403 -27.30 -67.45 -1.80
N PRO H 404 -26.11 -68.03 -1.97
CA PRO H 404 -25.25 -67.60 -3.07
C PRO H 404 -25.68 -68.25 -4.41
N ILE H 405 -26.70 -67.68 -5.01
CA ILE H 405 -27.15 -68.04 -6.34
C ILE H 405 -27.20 -66.75 -7.14
N LEU H 406 -26.47 -66.75 -8.24
CA LEU H 406 -26.36 -65.61 -9.12
C LEU H 406 -26.99 -65.94 -10.47
N TYR H 407 -28.04 -65.20 -10.80
CA TYR H 407 -28.79 -65.38 -12.05
C TYR H 407 -28.18 -64.42 -13.07
N VAL H 408 -27.74 -64.98 -14.19
CA VAL H 408 -27.03 -64.25 -15.23
C VAL H 408 -27.91 -64.08 -16.46
N PHE H 409 -27.94 -62.86 -17.00
CA PHE H 409 -28.78 -62.48 -18.13
C PHE H 409 -28.00 -61.73 -19.16
N LYS H 410 -28.33 -61.96 -20.44
CA LYS H 410 -27.83 -61.12 -21.54
C LYS H 410 -28.72 -59.89 -21.70
N PHE H 411 -28.11 -58.83 -22.19
CA PHE H 411 -28.87 -57.67 -22.67
C PHE H 411 -28.13 -57.05 -23.85
N GLN H 412 -28.85 -56.18 -24.58
CA GLN H 412 -28.28 -55.43 -25.70
C GLN H 412 -28.25 -53.96 -25.41
N ASN H 413 -29.35 -53.37 -24.94
CA ASN H 413 -29.41 -51.89 -24.82
C ASN H 413 -29.67 -51.37 -23.42
N GLU H 414 -29.26 -50.13 -23.21
CA GLU H 414 -29.32 -49.46 -21.94
C GLU H 414 -30.74 -49.31 -21.41
N GLU H 415 -31.67 -48.86 -22.25
CA GLU H 415 -33.01 -48.63 -21.79
C GLU H 415 -33.61 -49.94 -21.25
N GLU H 416 -33.47 -51.05 -21.98
CA GLU H 416 -34.10 -52.32 -21.53
C GLU H 416 -33.50 -52.83 -20.21
N VAL H 417 -32.16 -52.75 -20.07
CA VAL H 417 -31.48 -53.28 -18.89
C VAL H 417 -31.73 -52.41 -17.68
N PHE H 418 -31.87 -51.08 -17.86
CA PHE H 418 -32.27 -50.25 -16.70
C PHE H 418 -33.69 -50.66 -16.22
N ALA H 419 -34.60 -50.90 -17.18
CA ALA H 419 -35.94 -51.39 -16.86
C ALA H 419 -35.93 -52.73 -16.14
N TRP H 420 -35.04 -53.63 -16.56
CA TRP H 420 -34.90 -54.93 -15.93
C TRP H 420 -34.33 -54.79 -14.51
N ASN H 421 -33.39 -53.88 -14.30
CA ASN H 421 -32.96 -53.59 -12.93
C ASN H 421 -34.16 -53.25 -12.07
N ASN H 422 -35.04 -52.37 -12.62
CA ASN H 422 -36.14 -51.75 -11.87
C ASN H 422 -37.42 -52.58 -11.75
N GLU H 423 -37.53 -53.65 -12.52
CA GLU H 423 -38.80 -54.37 -12.64
C GLU H 423 -39.19 -55.23 -11.43
N VAL H 424 -38.22 -55.58 -10.61
CA VAL H 424 -38.46 -56.36 -9.40
C VAL H 424 -39.13 -55.51 -8.32
N LYS H 425 -39.59 -56.15 -7.26
CA LYS H 425 -40.27 -55.45 -6.18
C LYS H 425 -39.29 -54.87 -5.18
N GLN H 426 -38.10 -55.45 -5.05
CA GLN H 426 -37.06 -54.97 -4.15
C GLN H 426 -36.41 -53.72 -4.76
N GLY H 427 -35.75 -52.93 -3.92
CA GLY H 427 -35.14 -51.67 -4.36
C GLY H 427 -33.98 -51.22 -3.51
N LEU H 428 -33.08 -52.15 -3.16
CA LEU H 428 -32.02 -51.83 -2.21
C LEU H 428 -30.81 -51.26 -2.92
N SER H 429 -30.02 -52.11 -3.58
CA SER H 429 -28.78 -51.67 -4.23
C SER H 429 -28.72 -52.09 -5.69
N SER H 430 -27.84 -51.42 -6.42
CA SER H 430 -27.70 -51.61 -7.86
C SER H 430 -26.33 -51.06 -8.29
N SER H 431 -25.74 -51.65 -9.33
CA SER H 431 -24.48 -51.20 -9.83
C SER H 431 -24.40 -51.35 -11.35
N ILE H 432 -23.82 -50.34 -12.00
CA ILE H 432 -23.40 -50.50 -13.39
C ILE H 432 -21.89 -50.44 -13.49
N PHE H 433 -21.38 -51.17 -14.48
CA PHE H 433 -19.97 -51.13 -14.86
C PHE H 433 -19.88 -50.61 -16.27
N THR H 434 -19.28 -49.44 -16.42
CA THR H 434 -19.20 -48.75 -17.70
C THR H 434 -18.21 -47.62 -17.58
N LYS H 435 -17.75 -47.12 -18.72
CA LYS H 435 -16.92 -45.92 -18.77
C LYS H 435 -17.68 -44.71 -19.35
N ASP H 436 -18.91 -44.94 -19.77
CA ASP H 436 -19.64 -43.95 -20.57
C ASP H 436 -20.24 -42.89 -19.65
N LEU H 437 -19.74 -41.66 -19.80
CA LEU H 437 -20.16 -40.53 -18.96
C LEU H 437 -21.68 -40.30 -18.94
N GLY H 438 -22.28 -40.26 -20.14
CA GLY H 438 -23.73 -40.03 -20.26
C GLY H 438 -24.53 -41.12 -19.60
N ARG H 439 -24.13 -42.35 -19.83
CA ARG H 439 -24.77 -43.49 -19.22
C ARG H 439 -24.74 -43.43 -17.70
N ILE H 440 -23.60 -43.02 -17.17
CA ILE H 440 -23.43 -42.89 -15.72
C ILE H 440 -24.41 -41.87 -15.14
N PHE H 441 -24.51 -40.69 -15.74
CA PHE H 441 -25.44 -39.67 -15.23
C PHE H 441 -26.91 -40.05 -15.47
N ARG H 442 -27.19 -40.81 -16.52
CA ARG H 442 -28.55 -41.28 -16.75
C ARG H 442 -28.94 -42.33 -15.70
N TRP H 443 -28.00 -43.21 -15.35
CA TRP H 443 -28.22 -44.19 -14.29
C TRP H 443 -28.58 -43.53 -12.95
N LEU H 444 -27.95 -42.40 -12.68
CA LEU H 444 -28.18 -41.60 -11.48
C LEU H 444 -29.42 -40.72 -11.52
N GLY H 445 -30.03 -40.57 -12.69
CA GLY H 445 -31.17 -39.67 -12.88
C GLY H 445 -32.52 -40.37 -12.82
N PRO H 446 -33.56 -39.67 -13.26
CA PRO H 446 -34.92 -40.11 -13.06
C PRO H 446 -35.33 -41.34 -13.86
N LYS H 447 -34.60 -41.62 -14.95
CA LYS H 447 -34.86 -42.77 -15.78
C LYS H 447 -33.80 -43.86 -15.54
N GLY H 448 -33.03 -43.70 -14.47
CA GLY H 448 -32.01 -44.68 -14.12
C GLY H 448 -32.47 -45.66 -13.06
N SER H 449 -31.55 -46.04 -12.19
CA SER H 449 -31.90 -47.00 -11.14
C SER H 449 -32.94 -46.44 -10.18
N ASP H 450 -33.89 -47.29 -9.78
CA ASP H 450 -34.92 -46.88 -8.81
C ASP H 450 -34.53 -47.27 -7.38
N CYS H 451 -33.27 -47.67 -7.18
CA CYS H 451 -32.83 -48.23 -5.88
C CYS H 451 -32.33 -47.12 -4.93
N GLY H 452 -32.21 -47.46 -3.65
CA GLY H 452 -31.66 -46.50 -2.68
C GLY H 452 -30.14 -46.38 -2.73
N ILE H 453 -29.49 -47.41 -3.26
CA ILE H 453 -28.04 -47.40 -3.45
C ILE H 453 -27.80 -47.59 -4.94
N VAL H 454 -27.09 -46.63 -5.54
CA VAL H 454 -26.92 -46.59 -6.99
C VAL H 454 -25.45 -46.34 -7.31
N ASN H 455 -24.77 -47.43 -7.68
CA ASN H 455 -23.32 -47.46 -7.72
C ASN H 455 -22.82 -47.58 -9.14
N VAL H 456 -21.60 -47.13 -9.32
CA VAL H 456 -20.91 -47.17 -10.62
C VAL H 456 -19.49 -47.70 -10.43
N ASN H 457 -19.18 -48.80 -11.11
CA ASN H 457 -17.83 -49.41 -11.12
C ASN H 457 -17.39 -49.89 -9.73
N ILE H 458 -18.36 -50.08 -8.86
CA ILE H 458 -18.17 -50.69 -7.55
C ILE H 458 -19.44 -51.51 -7.36
N PRO H 459 -19.31 -52.71 -6.77
CA PRO H 459 -20.45 -53.57 -6.70
C PRO H 459 -21.52 -53.15 -5.70
N THR H 460 -22.50 -54.02 -5.52
CA THR H 460 -23.77 -53.70 -4.85
C THR H 460 -23.61 -53.52 -3.34
N SER H 461 -22.55 -54.07 -2.74
CA SER H 461 -22.27 -53.78 -1.33
C SER H 461 -21.49 -52.49 -1.02
N GLY H 462 -21.22 -51.67 -2.04
CA GLY H 462 -20.51 -50.40 -1.85
C GLY H 462 -21.38 -49.37 -1.14
N ALA H 463 -21.03 -49.10 0.13
CA ALA H 463 -21.73 -48.16 1.00
C ALA H 463 -20.76 -47.79 2.15
N GLU H 464 -20.92 -46.61 2.69
CA GLU H 464 -20.07 -46.17 3.80
C GLU H 464 -20.90 -45.31 4.73
N ILE H 465 -20.39 -45.05 5.93
CA ILE H 465 -21.29 -44.52 6.98
C ILE H 465 -21.75 -43.08 6.69
N GLY H 466 -20.99 -42.31 5.90
CA GLY H 466 -21.37 -40.93 5.65
C GLY H 466 -22.67 -40.73 4.89
N GLY H 467 -23.08 -41.76 4.15
CA GLY H 467 -24.37 -41.72 3.43
C GLY H 467 -25.50 -42.39 4.17
N ALA H 468 -26.71 -42.05 3.76
CA ALA H 468 -27.91 -42.73 4.26
C ALA H 468 -28.00 -44.11 3.57
N PHE H 469 -28.29 -45.12 4.35
CA PHE H 469 -28.35 -46.50 3.88
C PHE H 469 -29.77 -47.07 3.95
N GLY H 470 -30.26 -47.53 2.80
CA GLY H 470 -31.55 -48.18 2.75
C GLY H 470 -32.05 -48.23 1.34
N GLY H 471 -33.27 -48.69 1.17
CA GLY H 471 -33.84 -48.88 -0.17
C GLY H 471 -35.27 -48.43 -0.32
N GLU H 472 -35.83 -48.69 -1.50
CA GLU H 472 -37.15 -48.26 -1.87
C GLU H 472 -38.05 -49.45 -2.16
N LYS H 473 -39.32 -49.19 -2.46
CA LYS H 473 -40.26 -50.25 -2.86
C LYS H 473 -40.34 -51.28 -1.72
N HIS H 474 -40.18 -52.57 -2.04
CA HIS H 474 -40.34 -53.61 -1.00
C HIS H 474 -39.21 -53.65 -0.01
N THR H 475 -38.13 -52.89 -0.26
CA THR H 475 -37.05 -52.71 0.72
C THR H 475 -37.51 -51.85 1.91
N GLY H 476 -38.60 -51.11 1.74
CA GLY H 476 -39.30 -50.54 2.89
C GLY H 476 -39.18 -49.05 3.20
N GLY H 477 -38.17 -48.42 2.62
CA GLY H 477 -38.08 -46.98 2.60
C GLY H 477 -37.28 -46.31 3.70
N GLY H 478 -36.95 -47.04 4.76
CA GLY H 478 -36.19 -46.43 5.84
C GLY H 478 -34.74 -46.17 5.45
N ARG H 479 -34.06 -45.32 6.23
CA ARG H 479 -32.64 -45.09 6.07
C ARG H 479 -31.95 -45.12 7.45
N GLU H 480 -30.68 -45.48 7.42
CA GLU H 480 -29.85 -45.55 8.58
C GLU H 480 -28.51 -44.86 8.30
N SER H 481 -27.80 -44.54 9.37
CA SER H 481 -26.42 -44.10 9.34
C SER H 481 -26.31 -42.61 9.00
N GLY H 482 -25.91 -42.24 7.77
CA GLY H 482 -25.45 -40.89 7.48
C GLY H 482 -26.47 -39.93 6.88
N SER H 483 -25.94 -38.88 6.29
CA SER H 483 -26.75 -37.77 5.80
C SER H 483 -27.72 -37.36 6.92
N ASP H 484 -28.98 -37.06 6.58
CA ASP H 484 -29.97 -36.72 7.63
C ASP H 484 -30.89 -37.87 8.05
N ALA H 485 -30.36 -39.08 7.99
CA ALA H 485 -31.10 -40.24 8.48
C ALA H 485 -31.53 -40.02 9.94
N TRP H 486 -30.77 -39.21 10.69
CA TRP H 486 -31.08 -38.98 12.09
C TRP H 486 -32.50 -38.41 12.33
N LYS H 487 -33.03 -37.67 11.34
CA LYS H 487 -34.36 -37.10 11.46
C LYS H 487 -35.44 -38.15 11.69
N GLN H 488 -35.19 -39.40 11.28
CA GLN H 488 -36.16 -40.47 11.48
C GLN H 488 -36.32 -40.85 12.93
N TYR H 489 -35.32 -40.49 13.73
CA TYR H 489 -35.30 -40.83 15.14
C TYR H 489 -35.73 -39.64 16.03
N MET H 490 -36.33 -38.62 15.41
CA MET H 490 -36.73 -37.42 16.13
C MET H 490 -38.03 -36.91 15.56
N ARG H 491 -38.72 -36.07 16.33
CA ARG H 491 -39.94 -35.41 15.88
C ARG H 491 -39.69 -33.93 15.60
N ARG H 492 -40.20 -33.51 14.46
CA ARG H 492 -40.10 -32.14 13.98
C ARG H 492 -41.26 -31.35 14.55
N SER H 493 -40.94 -30.14 15.02
CA SER H 493 -41.94 -29.16 15.32
C SER H 493 -41.63 -27.87 14.61
N THR H 494 -42.71 -27.22 14.18
CA THR H 494 -42.65 -25.92 13.51
C THR H 494 -43.24 -24.92 14.48
N CYS H 495 -42.41 -23.97 14.93
CA CYS H 495 -42.73 -23.20 16.13
C CYS H 495 -42.71 -21.71 15.85
N THR H 496 -43.85 -21.08 16.06
CA THR H 496 -44.00 -19.65 15.84
C THR H 496 -44.10 -18.98 17.20
N ILE H 497 -43.20 -18.04 17.48
CA ILE H 497 -43.16 -17.33 18.76
C ILE H 497 -43.44 -15.84 18.49
N ASN H 498 -44.58 -15.38 18.96
CA ASN H 498 -44.90 -13.97 19.00
C ASN H 498 -44.29 -13.34 20.24
N TYR H 499 -43.20 -12.59 20.04
CA TYR H 499 -42.50 -11.94 21.15
C TYR H 499 -42.84 -10.47 21.30
N SER H 500 -43.72 -9.97 20.46
CA SER H 500 -43.97 -8.56 20.44
C SER H 500 -45.18 -8.17 21.24
#